data_7M2W
#
_entry.id   7M2W
#
loop_
_entity.id
_entity.type
_entity.pdbx_description
1 polymer 'Tubulin gamma chain'
2 polymer 'Spindle pole body component SPC97'
3 polymer 'Spindle pole body component SPC98'
4 polymer 'Spindle pole body component 110'
5 non-polymer "GUANOSINE-5'-TRIPHOSPHATE"
#
loop_
_entity_poly.entity_id
_entity_poly.type
_entity_poly.pdbx_seq_one_letter_code
_entity_poly.pdbx_strand_id
1 'polypeptide(L)'
;MGGEIITLQAGQCGNHVGKFLWSQLAKEHAIGTDGLSQLPDSSTERDDDTKPFFRENCRNKFTPRAIMMDSEPSVIADVE
NTFRGFFDPRNTWVASDGASAGNSWANGYDIGTRNQDDILNKIDKEIDSTDNFEGFQLLHSVAGGTGSGLGSNLLEALCD
RYPKKILTTYSVFPARSSEVVVQSYNTILALRRLIEDSDATVVFDNASLLNISGKVFRNPNIDLQHTNQLISTIISSVTN
SIRFPSYMYSSMSSIYSTLIPSPELHFLSPSFTPFTSDYIHDDIAHKCHSSYDVMLDLLDPSNSLVSTAMNNPTYFNVYN
TIIGNVEPRQISRAMTKLQQRIKFPSWSSSAMHVNIGRRSPYLPLQPNENEVSGMMLSNMSTVVNVFENACNTFDKVFAK
GAFLNNYNVGDLFQSMQNVQDEFAESREVVQSLMEDYVAAEQDSYLDDVLVDDENMVGELEEDLDADGDHKLV
;
B,A,C,D
2 'polypeptide(L)'
;MEIKEVDDRAELLRYTNNIPLLGKLVNHQPLWSTNPKLKSFSLEKISAPDQRRVQEALVVKDLLNVLIGLEGTYIRYFND
YEPSDPETPIEFKIAKKMDPSFKTFSRRIVRYGKQYMILTRAYEKWSDTSFGMVLQRFAYEIRRFLEDVYLKTLVERLER
DFNKVPNFSIRELEQIINETEVNKQMELLYNIYEEIFREIEERRTNQSSQEDFNNFMDSMKNESSLHLRLMVAFDTTVYP
VPKGGAILKIFQQKILENLGDRSSVMFLKKLLNNISQDYCTMLYEWLTQGILNDPYQEFMTYDDLEGKTDNIFDTRDRAW
DTQYFIRKDVLLRDCDSEEDKNLLFKMLRTGILLKVVRASLQIPTIPSNSSDITIQEINDFADLMEGSNLELYVDKCYSR
ANEIFLKLFFQGYDLINVLKHLQQIFLGYQSGHNVLKFLTKNMGELTKHYRNDNNANYDKLLQNFELERQSENPNNLMRQ
LLMIQFDTETLPQVLSHYLQIYPEVPENNSANDDSDPLMHANNFKNMNAILFDELSKERTGAYHGSNLELYTPKSAIYHL
KFDINIPYPLNIIISRTCMIKYQIILRYQLVLQYHSRLLDETWMDLNKTPSWKYRGYSHTVKRRIVRATRVLHAKMNHFI
KTIMEYFNQNVIDKEVYSLEKCYRNPTLAVAIQNELEGGLTNIMTNRCLSDLIPLQLQIFDIVYKFCKFIKSMRAKLCQL
DPVLYEKHKSGMMKTLNEGYRTNNGGQEDVGYQEDAALELIQKLIEYISNASSIFRKCLINFTQELSTEKFDFYDSSSVD
AAGIERVLYSIVPPRSASASSQR
;
E,G
3 'polypeptide(L)'
;MELEPTLFGIIEALAPQLLSQSHLQTFVSDVVNLLRSSTKSATQLGPLIDFYKLQSLDSPETTIMWHKIEKFLDALFGIQ
NTDDMVKYLSVFQSLLPSNYRAKIVQKSSGLNMENLANHEHLLSPVRAPSIYTEASFENMDRFSERRSMVSSPNRYVPSS
TYSSVTLRQLSNPYYVNTIPEEDILKYVSYTLLATTSALFPFDHEQIQIPSKIPNFESGLLHLIFEAGLLYQSLGYKVEK
FRMLNISPMKKALIIEISEELQNYTAFVNNLVSSGTVVSLKSLYREIYENIIRLRIYCRFTEHLEELSGDTFLIELNIFK
SHGDLTIRKIATNLFNSMISLYYEYLMNWLTKGLLRATYGEFFIAENTDTNGTDDDFIYHIPIEFNQERVPAFIPKELAY
KIFMIGKSYIFLEKYCKEVQWTNEFSKKYHVLYQSNSYRGISTNFFEIINDQYSEIVNHTNQILNQKFHYRDVVFALKNI
LLMGKSDFMDALIEKANDILATPSDSLPNYKLTRVLQEAVQLSSLRHLMNSPRNSSVINGLDARVLDLGHGSVGWDVFTL
DYILYPPLSLVLNVNRPFGRKEYLRIFNFLWRFKKNNYFYQKEMLKSNDIIRSFKKIRGYNPLIRDIINKLSRISILRTQ
FQQFNSKMESYYLNCIIEENFKEMTRKLQRTENKSQNQFDLIRLNNGTIELNGILTPKAEVLTKSSSSKPQKHAIEKTLN
IDELESVHNTFLTNILSHKLFATNTSEISVGDYSGQPYPTSLVLLLNSVYEFVKVYCNLNDIGYEIFIKMNLNDHEASNG
LLGKFNTNLKEIVSQYKNFKDRLYIFRADLKNDGDEELFLLSKSLR
;
F,H
4 'polypeptide(L)'
;MDEASHLPNGSLKNMEFTPVGFIKSKRNTTQTQVVSPTKVPNANNGDENEGPVKKRQRRSIDDTIDSTRLFSEASQFDDS
FPEIKANIPPSPRSGNVDKSRKRNLIDDLKKDVPMSQPLKEQEVREHQMKKERFDRALESKLLGKRHITYANSDISNKEL
YINEIKSLKHEIKELRKEKNDTLNNYDTLEEETDDLKNRLQALEKELDAKNKIVNSRKVD
;
U,K,X,Y
#
loop_
_chem_comp.id
_chem_comp.type
_chem_comp.name
_chem_comp.formula
GTP non-polymer GUANOSINE-5'-TRIPHOSPHATE 'C10 H16 N5 O14 P3'
#
# COMPACT_ATOMS: atom_id res chain seq x y z
N GLY A 3 -55.11 4.62 -31.21
CA GLY A 3 -56.46 4.26 -30.85
C GLY A 3 -56.62 2.79 -30.51
N GLU A 4 -56.33 2.45 -29.26
CA GLU A 4 -56.40 1.06 -28.83
C GLU A 4 -57.84 0.57 -28.78
N ILE A 5 -58.02 -0.74 -28.93
CA ILE A 5 -59.33 -1.36 -28.97
C ILE A 5 -59.34 -2.54 -27.99
N ILE A 6 -60.42 -2.66 -27.23
CA ILE A 6 -60.60 -3.74 -26.26
C ILE A 6 -61.55 -4.77 -26.88
N THR A 7 -61.23 -6.04 -26.70
CA THR A 7 -62.02 -7.12 -27.30
C THR A 7 -62.88 -7.79 -26.23
N LEU A 8 -64.20 -7.76 -26.44
CA LEU A 8 -65.17 -8.36 -25.54
C LEU A 8 -65.81 -9.54 -26.24
N GLN A 9 -65.71 -10.72 -25.63
CA GLN A 9 -66.15 -11.97 -26.27
C GLN A 9 -67.20 -12.63 -25.38
N ALA A 10 -68.47 -12.40 -25.69
CA ALA A 10 -69.59 -12.89 -24.91
C ALA A 10 -70.26 -14.05 -25.64
N GLY A 11 -70.42 -15.17 -24.95
CA GLY A 11 -71.06 -16.34 -25.54
C GLY A 11 -70.05 -17.28 -26.16
N GLN A 12 -70.49 -18.51 -26.42
CA GLN A 12 -69.59 -19.49 -27.01
C GLN A 12 -69.27 -19.13 -28.46
N CYS A 13 -70.25 -18.59 -29.17
CA CYS A 13 -69.99 -18.09 -30.53
C CYS A 13 -68.89 -17.03 -30.52
N GLY A 14 -69.06 -16.00 -29.70
CA GLY A 14 -68.04 -14.98 -29.59
C GLY A 14 -66.71 -15.52 -29.14
N ASN A 15 -66.72 -16.51 -28.24
CA ASN A 15 -65.47 -17.05 -27.73
C ASN A 15 -64.74 -17.87 -28.78
N HIS A 16 -65.48 -18.62 -29.61
CA HIS A 16 -64.85 -19.36 -30.69
C HIS A 16 -64.30 -18.42 -31.74
N VAL A 17 -65.10 -17.43 -32.15
CA VAL A 17 -64.63 -16.42 -33.10
C VAL A 17 -63.40 -15.73 -32.54
N GLY A 18 -63.36 -15.50 -31.22
CA GLY A 18 -62.21 -14.83 -30.64
C GLY A 18 -60.99 -15.71 -30.58
N LYS A 19 -61.17 -17.01 -30.32
CA LYS A 19 -60.05 -17.93 -30.39
C LYS A 19 -59.42 -17.93 -31.78
N PHE A 20 -60.27 -18.09 -32.80
CA PHE A 20 -59.79 -18.04 -34.17
C PHE A 20 -59.14 -16.70 -34.48
N LEU A 21 -59.75 -15.61 -33.99
CA LEU A 21 -59.25 -14.26 -34.27
C LEU A 21 -57.89 -14.03 -33.66
N TRP A 22 -57.70 -14.43 -32.40
CA TRP A 22 -56.41 -14.19 -31.75
C TRP A 22 -55.34 -15.13 -32.27
N SER A 23 -55.71 -16.33 -32.70
CA SER A 23 -54.75 -17.15 -33.44
C SER A 23 -54.30 -16.43 -34.70
N GLN A 24 -55.26 -15.98 -35.51
CA GLN A 24 -54.96 -15.19 -36.70
C GLN A 24 -54.00 -14.04 -36.38
N LEU A 25 -54.39 -13.17 -35.45
CA LEU A 25 -53.58 -11.99 -35.12
C LEU A 25 -52.19 -12.37 -34.66
N ALA A 26 -52.06 -13.34 -33.75
CA ALA A 26 -50.75 -13.75 -33.29
C ALA A 26 -49.92 -14.32 -34.43
N LYS A 27 -50.56 -14.84 -35.48
CA LYS A 27 -49.81 -15.26 -36.67
C LYS A 27 -49.36 -14.04 -37.46
N GLU A 28 -50.26 -13.08 -37.68
CA GLU A 28 -49.95 -11.96 -38.55
C GLU A 28 -48.95 -10.99 -37.93
N HIS A 29 -48.81 -11.01 -36.60
CA HIS A 29 -47.84 -10.16 -35.91
C HIS A 29 -46.67 -10.95 -35.38
N ALA A 30 -46.54 -12.23 -35.77
CA ALA A 30 -45.48 -13.10 -35.26
C ALA A 30 -45.41 -13.04 -33.73
N ILE A 31 -46.54 -13.33 -33.10
CA ILE A 31 -46.64 -13.30 -31.64
C ILE A 31 -46.62 -14.72 -31.07
N GLY A 32 -47.20 -15.67 -31.77
CA GLY A 32 -47.20 -17.05 -31.34
C GLY A 32 -48.16 -17.31 -30.19
N THR A 33 -48.49 -18.59 -30.01
CA THR A 33 -49.44 -18.98 -28.98
C THR A 33 -48.90 -18.79 -27.56
N ASP A 34 -47.58 -18.84 -27.37
CA ASP A 34 -46.99 -18.57 -26.07
C ASP A 34 -47.13 -17.11 -25.65
N GLY A 35 -47.30 -16.21 -26.61
CA GLY A 35 -47.25 -14.79 -26.33
C GLY A 35 -45.88 -14.17 -26.45
N LEU A 36 -44.83 -14.99 -26.56
CA LEU A 36 -43.46 -14.50 -26.64
C LEU A 36 -43.11 -14.17 -28.08
N SER A 37 -42.35 -13.09 -28.26
CA SER A 37 -42.03 -12.59 -29.59
C SER A 37 -41.40 -13.67 -30.46
N GLN A 38 -42.07 -13.98 -31.56
CA GLN A 38 -41.56 -14.95 -32.52
C GLN A 38 -40.41 -14.41 -33.36
N LEU A 39 -39.95 -13.20 -33.07
CA LEU A 39 -38.83 -12.57 -33.75
C LEU A 39 -37.61 -12.54 -32.86
N PRO A 40 -36.41 -12.54 -33.44
CA PRO A 40 -35.21 -12.32 -32.63
C PRO A 40 -35.10 -10.86 -32.23
N ASP A 41 -34.36 -10.62 -31.14
CA ASP A 41 -34.20 -9.29 -30.59
C ASP A 41 -33.06 -8.52 -31.28
N SER A 42 -32.67 -8.94 -32.48
CA SER A 42 -31.61 -8.27 -33.21
C SER A 42 -31.98 -6.85 -33.62
N SER A 43 -33.26 -6.59 -33.87
CA SER A 43 -33.73 -5.29 -34.32
C SER A 43 -34.62 -4.64 -33.27
N THR A 44 -34.74 -3.32 -33.35
CA THR A 44 -35.66 -2.56 -32.52
C THR A 44 -36.76 -1.89 -33.33
N GLU A 45 -36.82 -2.16 -34.63
CA GLU A 45 -37.78 -1.55 -35.54
C GLU A 45 -38.72 -2.62 -36.08
N ARG A 46 -40.02 -2.33 -36.04
CA ARG A 46 -41.05 -3.22 -36.57
C ARG A 46 -41.90 -2.44 -37.56
N ASP A 47 -42.55 -3.18 -38.46
CA ASP A 47 -43.44 -2.61 -39.46
C ASP A 47 -44.91 -2.73 -39.08
N ASP A 48 -45.21 -2.89 -37.79
CA ASP A 48 -46.57 -3.08 -37.34
C ASP A 48 -46.80 -2.27 -36.07
N ASP A 49 -47.98 -2.45 -35.48
CA ASP A 49 -48.34 -1.82 -34.21
C ASP A 49 -49.15 -2.83 -33.42
N THR A 50 -48.49 -3.59 -32.55
CA THR A 50 -49.17 -4.51 -31.66
C THR A 50 -49.90 -3.80 -30.53
N LYS A 51 -49.73 -2.49 -30.39
CA LYS A 51 -50.35 -1.75 -29.30
C LYS A 51 -51.87 -1.71 -29.36
N PRO A 52 -52.52 -1.43 -30.51
CA PRO A 52 -53.99 -1.40 -30.51
C PRO A 52 -54.65 -2.69 -30.07
N PHE A 53 -54.02 -3.85 -30.30
CA PHE A 53 -54.65 -5.12 -30.03
C PHE A 53 -53.88 -6.04 -29.10
N PHE A 54 -52.73 -5.62 -28.60
CA PHE A 54 -51.94 -6.44 -27.68
C PHE A 54 -51.23 -5.52 -26.68
N ARG A 55 -50.92 -6.07 -25.52
CA ARG A 55 -50.22 -5.34 -24.48
C ARG A 55 -48.86 -5.99 -24.24
N GLU A 56 -47.79 -5.25 -24.50
CA GLU A 56 -46.43 -5.76 -24.32
C GLU A 56 -45.94 -5.41 -22.93
N ASN A 57 -45.68 -6.43 -22.12
CA ASN A 57 -45.11 -6.26 -20.80
C ASN A 57 -43.60 -6.39 -20.86
N CYS A 58 -42.96 -6.43 -19.69
CA CYS A 58 -41.50 -6.49 -19.57
C CYS A 58 -40.75 -7.55 -20.37
N ARG A 59 -41.31 -8.75 -20.47
CA ARG A 59 -40.66 -9.86 -21.16
C ARG A 59 -40.82 -9.77 -22.68
N ASN A 60 -41.28 -8.63 -23.19
CA ASN A 60 -41.63 -8.49 -24.60
C ASN A 60 -42.71 -9.50 -24.99
N LYS A 61 -43.56 -9.84 -24.03
CA LYS A 61 -44.66 -10.76 -24.22
C LYS A 61 -45.95 -9.98 -24.39
N PHE A 62 -46.74 -10.38 -25.39
CA PHE A 62 -47.95 -9.64 -25.77
C PHE A 62 -49.15 -10.39 -25.21
N THR A 63 -49.87 -9.75 -24.29
CA THR A 63 -51.13 -10.28 -23.81
C THR A 63 -52.27 -9.65 -24.61
N PRO A 64 -53.16 -10.44 -25.20
CA PRO A 64 -54.27 -9.85 -25.96
C PRO A 64 -55.11 -8.94 -25.09
N ARG A 65 -55.54 -7.82 -25.66
CA ARG A 65 -56.48 -6.93 -24.98
C ARG A 65 -57.88 -7.47 -25.23
N ALA A 66 -58.18 -8.58 -24.55
CA ALA A 66 -59.47 -9.24 -24.68
C ALA A 66 -59.92 -9.69 -23.30
N ILE A 67 -61.22 -9.57 -23.07
CA ILE A 67 -61.86 -10.00 -21.83
C ILE A 67 -62.91 -11.03 -22.18
N MET A 68 -62.59 -12.30 -21.92
CA MET A 68 -63.45 -13.42 -22.30
C MET A 68 -64.49 -13.65 -21.21
N MET A 69 -65.73 -13.27 -21.50
CA MET A 69 -66.82 -13.41 -20.55
C MET A 69 -67.83 -14.42 -21.06
N ASP A 70 -68.28 -15.30 -20.17
CA ASP A 70 -69.28 -16.31 -20.53
C ASP A 70 -70.02 -16.73 -19.27
N SER A 71 -70.95 -17.66 -19.42
CA SER A 71 -71.64 -18.27 -18.30
C SER A 71 -71.25 -19.74 -18.08
N GLU A 72 -70.60 -20.36 -19.05
CA GLU A 72 -70.09 -21.73 -18.93
C GLU A 72 -68.57 -21.70 -19.04
N PRO A 73 -67.84 -22.18 -18.03
CA PRO A 73 -66.38 -22.12 -18.09
C PRO A 73 -65.75 -23.02 -19.14
N SER A 74 -66.54 -23.90 -19.78
CA SER A 74 -65.96 -24.90 -20.66
C SER A 74 -65.26 -24.29 -21.86
N VAL A 75 -65.95 -23.43 -22.61
CA VAL A 75 -65.39 -22.93 -23.87
C VAL A 75 -64.22 -21.98 -23.61
N ILE A 76 -64.30 -21.19 -22.55
CA ILE A 76 -63.21 -20.26 -22.26
C ILE A 76 -62.00 -21.02 -21.74
N ALA A 77 -62.22 -22.06 -20.92
CA ALA A 77 -61.12 -22.92 -20.51
C ALA A 77 -60.49 -23.59 -21.73
N ASP A 78 -61.30 -24.05 -22.67
CA ASP A 78 -60.77 -24.61 -23.91
C ASP A 78 -59.89 -23.62 -24.64
N VAL A 79 -60.39 -22.38 -24.82
CA VAL A 79 -59.60 -21.34 -25.48
C VAL A 79 -58.28 -21.14 -24.76
N GLU A 80 -58.31 -20.98 -23.44
CA GLU A 80 -57.08 -20.74 -22.69
C GLU A 80 -56.17 -21.96 -22.69
N ASN A 81 -56.69 -23.14 -23.01
CA ASN A 81 -55.84 -24.31 -23.18
C ASN A 81 -55.19 -24.31 -24.57
N THR A 82 -55.91 -23.89 -25.59
CA THR A 82 -55.32 -23.78 -26.92
C THR A 82 -54.21 -22.74 -26.93
N PHE A 83 -54.36 -21.67 -26.15
CA PHE A 83 -53.34 -20.65 -26.00
C PHE A 83 -52.92 -20.59 -24.54
N ARG A 84 -51.97 -21.42 -24.16
CA ARG A 84 -51.54 -21.49 -22.77
C ARG A 84 -50.60 -20.33 -22.46
N GLY A 85 -50.74 -19.75 -21.27
CA GLY A 85 -49.96 -18.60 -20.88
C GLY A 85 -50.18 -17.36 -21.71
N PHE A 86 -51.06 -17.41 -22.71
CA PHE A 86 -51.21 -16.31 -23.65
C PHE A 86 -52.07 -15.19 -23.06
N PHE A 87 -53.31 -15.49 -22.73
CA PHE A 87 -54.23 -14.50 -22.20
C PHE A 87 -53.94 -14.22 -20.74
N ASP A 88 -54.35 -13.04 -20.28
CA ASP A 88 -54.26 -12.69 -18.87
C ASP A 88 -55.45 -13.32 -18.14
N PRO A 89 -55.21 -14.24 -17.20
CA PRO A 89 -56.33 -14.89 -16.50
C PRO A 89 -57.21 -13.92 -15.74
N ARG A 90 -56.77 -12.68 -15.52
CA ARG A 90 -57.64 -11.68 -14.89
C ARG A 90 -58.76 -11.22 -15.80
N ASN A 91 -58.72 -11.57 -17.09
CA ASN A 91 -59.76 -11.20 -18.04
C ASN A 91 -60.73 -12.35 -18.29
N THR A 92 -60.66 -13.41 -17.49
CA THR A 92 -61.58 -14.54 -17.59
C THR A 92 -62.68 -14.37 -16.57
N TRP A 93 -63.93 -14.33 -17.04
CA TRP A 93 -65.09 -14.15 -16.17
C TRP A 93 -66.18 -15.11 -16.61
N VAL A 94 -66.26 -16.25 -15.95
CA VAL A 94 -67.25 -17.28 -16.27
C VAL A 94 -68.55 -17.03 -15.52
N ALA A 95 -68.64 -15.90 -14.83
CA ALA A 95 -69.81 -15.38 -14.12
C ALA A 95 -70.11 -16.15 -12.84
N SER A 96 -69.49 -17.32 -12.67
CA SER A 96 -69.47 -18.08 -11.41
C SER A 96 -70.77 -17.96 -10.62
N ASP A 97 -71.90 -18.10 -11.31
CA ASP A 97 -73.21 -17.87 -10.70
C ASP A 97 -74.14 -19.05 -10.96
N GLY A 98 -73.62 -20.26 -10.76
CA GLY A 98 -74.41 -21.47 -10.98
C GLY A 98 -74.73 -21.69 -12.45
N ALA A 99 -75.48 -22.75 -12.69
CA ALA A 99 -75.87 -23.10 -14.04
C ALA A 99 -76.90 -22.11 -14.59
N SER A 100 -76.81 -21.84 -15.88
CA SER A 100 -77.76 -20.95 -16.52
C SER A 100 -79.12 -21.64 -16.66
N ALA A 101 -80.18 -20.91 -16.34
CA ALA A 101 -81.54 -21.45 -16.38
C ALA A 101 -82.05 -21.43 -17.82
N GLY A 102 -81.58 -22.40 -18.60
CA GLY A 102 -81.98 -22.53 -19.98
C GLY A 102 -81.02 -21.84 -20.93
N ASN A 103 -81.60 -21.28 -21.99
CA ASN A 103 -80.85 -20.59 -23.03
C ASN A 103 -81.55 -19.31 -23.48
N SER A 104 -82.09 -18.55 -22.53
CA SER A 104 -82.88 -17.37 -22.85
C SER A 104 -82.06 -16.11 -22.69
N TRP A 105 -82.44 -15.06 -23.43
CA TRP A 105 -81.80 -13.76 -23.30
C TRP A 105 -81.89 -13.26 -21.86
N ALA A 106 -82.95 -13.62 -21.15
CA ALA A 106 -83.07 -13.24 -19.75
C ALA A 106 -81.91 -13.78 -18.92
N ASN A 107 -81.51 -15.02 -19.16
CA ASN A 107 -80.39 -15.60 -18.43
C ASN A 107 -79.14 -14.72 -18.53
N GLY A 108 -78.67 -14.47 -19.76
CA GLY A 108 -77.47 -13.67 -19.92
C GLY A 108 -77.63 -12.26 -19.42
N TYR A 109 -78.76 -11.62 -19.73
CA TYR A 109 -78.95 -10.23 -19.34
C TYR A 109 -78.94 -10.08 -17.83
N ASP A 110 -79.67 -10.94 -17.12
CA ASP A 110 -79.73 -10.83 -15.67
C ASP A 110 -78.45 -11.31 -15.01
N ILE A 111 -77.73 -12.25 -15.62
CA ILE A 111 -76.42 -12.63 -15.13
C ILE A 111 -75.47 -11.43 -15.22
N GLY A 112 -75.56 -10.69 -16.32
CA GLY A 112 -74.76 -9.48 -16.44
C GLY A 112 -75.16 -8.40 -15.45
N THR A 113 -76.45 -8.27 -15.18
CA THR A 113 -76.89 -7.29 -14.19
C THR A 113 -76.40 -7.65 -12.78
N ARG A 114 -76.42 -8.95 -12.45
CA ARG A 114 -76.01 -9.38 -11.12
C ARG A 114 -74.54 -9.10 -10.87
N ASN A 115 -73.72 -9.14 -11.92
CA ASN A 115 -72.28 -8.92 -11.78
C ASN A 115 -71.78 -7.80 -12.69
N GLN A 116 -72.65 -6.84 -13.02
CA GLN A 116 -72.24 -5.72 -13.87
C GLN A 116 -71.02 -5.00 -13.29
N ASP A 117 -70.96 -4.86 -11.98
CA ASP A 117 -69.83 -4.17 -11.36
C ASP A 117 -68.52 -4.90 -11.61
N ASP A 118 -68.52 -6.23 -11.51
CA ASP A 118 -67.28 -6.99 -11.70
C ASP A 118 -66.77 -6.89 -13.13
N ILE A 119 -67.65 -7.11 -14.12
CA ILE A 119 -67.21 -7.03 -15.51
C ILE A 119 -66.78 -5.61 -15.86
N LEU A 120 -67.55 -4.61 -15.43
CA LEU A 120 -67.16 -3.24 -15.73
C LEU A 120 -65.86 -2.85 -15.02
N ASN A 121 -65.56 -3.48 -13.88
CA ASN A 121 -64.29 -3.20 -13.23
C ASN A 121 -63.13 -3.88 -13.95
N LYS A 122 -63.35 -5.09 -14.45
CA LYS A 122 -62.35 -5.71 -15.31
C LYS A 122 -62.08 -4.84 -16.54
N ILE A 123 -63.15 -4.32 -17.15
CA ILE A 123 -63.00 -3.45 -18.32
C ILE A 123 -62.25 -2.18 -17.95
N ASP A 124 -62.60 -1.57 -16.81
CA ASP A 124 -61.95 -0.34 -16.39
C ASP A 124 -60.49 -0.58 -16.04
N LYS A 125 -60.15 -1.78 -15.56
CA LYS A 125 -58.75 -2.08 -15.29
C LYS A 125 -57.97 -2.28 -16.59
N GLU A 126 -58.55 -3.01 -17.54
CA GLU A 126 -57.88 -3.20 -18.82
C GLU A 126 -57.69 -1.87 -19.54
N ILE A 127 -58.68 -0.98 -19.46
CA ILE A 127 -58.53 0.36 -20.01
C ILE A 127 -57.51 1.16 -19.21
N ASP A 128 -57.43 0.90 -17.91
CA ASP A 128 -56.45 1.59 -17.08
C ASP A 128 -55.03 1.17 -17.41
N SER A 129 -54.84 -0.08 -17.86
CA SER A 129 -53.51 -0.55 -18.20
C SER A 129 -52.99 0.03 -19.51
N THR A 130 -53.76 0.90 -20.17
CA THR A 130 -53.34 1.58 -21.38
C THR A 130 -53.59 3.07 -21.25
N ASP A 131 -53.16 3.82 -22.26
CA ASP A 131 -53.22 5.29 -22.23
C ASP A 131 -54.17 5.83 -23.30
N ASN A 132 -53.99 5.45 -24.56
CA ASN A 132 -54.83 5.97 -25.65
C ASN A 132 -55.87 4.91 -26.03
N PHE A 133 -56.98 4.93 -25.30
CA PHE A 133 -58.08 4.01 -25.58
C PHE A 133 -59.06 4.64 -26.56
N GLU A 134 -59.63 3.82 -27.44
CA GLU A 134 -60.52 4.32 -28.48
C GLU A 134 -61.88 3.65 -28.53
N GLY A 135 -61.96 2.34 -28.31
CA GLY A 135 -63.25 1.68 -28.40
C GLY A 135 -63.14 0.19 -28.14
N PHE A 136 -64.26 -0.51 -28.34
CA PHE A 136 -64.37 -1.92 -28.00
C PHE A 136 -64.72 -2.73 -29.23
N GLN A 137 -64.39 -4.03 -29.17
CA GLN A 137 -64.77 -5.01 -30.19
C GLN A 137 -65.54 -6.14 -29.51
N LEU A 138 -66.87 -6.12 -29.60
CA LEU A 138 -67.70 -7.13 -28.96
C LEU A 138 -68.01 -8.25 -29.94
N LEU A 139 -67.57 -9.47 -29.60
CA LEU A 139 -67.79 -10.65 -30.41
C LEU A 139 -68.90 -11.49 -29.78
N HIS A 140 -69.97 -11.72 -30.53
CA HIS A 140 -71.11 -12.47 -30.00
C HIS A 140 -72.06 -12.80 -31.15
N SER A 141 -72.83 -13.86 -30.96
CA SER A 141 -74.01 -14.07 -31.78
C SER A 141 -75.20 -13.35 -31.18
N VAL A 142 -76.31 -13.37 -31.90
CA VAL A 142 -77.53 -12.74 -31.42
C VAL A 142 -78.64 -13.74 -31.11
N ALA A 143 -78.47 -15.01 -31.46
CA ALA A 143 -79.47 -16.02 -31.14
C ALA A 143 -79.24 -16.66 -29.79
N GLY A 144 -77.99 -16.78 -29.35
CA GLY A 144 -77.70 -17.39 -28.07
C GLY A 144 -78.30 -16.62 -26.91
N GLY A 145 -78.54 -17.37 -25.83
CA GLY A 145 -79.00 -16.72 -24.60
C GLY A 145 -77.92 -15.88 -23.96
N THR A 146 -76.81 -16.52 -23.60
CA THR A 146 -75.70 -15.78 -22.98
C THR A 146 -75.18 -14.71 -23.93
N GLY A 147 -75.07 -15.04 -25.23
CA GLY A 147 -74.61 -14.06 -26.19
C GLY A 147 -75.47 -12.81 -26.20
N SER A 148 -76.76 -12.98 -26.45
CA SER A 148 -77.66 -11.83 -26.55
C SER A 148 -77.71 -11.05 -25.23
N GLY A 149 -77.80 -11.77 -24.10
CA GLY A 149 -77.93 -11.09 -22.83
C GLY A 149 -76.70 -10.31 -22.44
N LEU A 150 -75.53 -10.97 -22.44
CA LEU A 150 -74.29 -10.29 -22.11
C LEU A 150 -74.01 -9.16 -23.09
N GLY A 151 -74.33 -9.35 -24.38
CA GLY A 151 -74.12 -8.29 -25.34
C GLY A 151 -75.01 -7.09 -25.08
N SER A 152 -76.28 -7.34 -24.73
CA SER A 152 -77.18 -6.25 -24.40
C SER A 152 -76.69 -5.47 -23.19
N ASN A 153 -76.33 -6.18 -22.12
CA ASN A 153 -75.88 -5.49 -20.91
C ASN A 153 -74.59 -4.73 -21.15
N LEU A 154 -73.66 -5.32 -21.90
CA LEU A 154 -72.41 -4.62 -22.23
C LEU A 154 -72.69 -3.38 -23.08
N LEU A 155 -73.55 -3.52 -24.09
CA LEU A 155 -73.88 -2.38 -24.93
C LEU A 155 -74.42 -1.22 -24.09
N GLU A 156 -75.37 -1.50 -23.19
CA GLU A 156 -75.89 -0.42 -22.36
C GLU A 156 -74.81 0.15 -21.42
N ALA A 157 -74.08 -0.73 -20.75
CA ALA A 157 -73.10 -0.30 -19.77
C ALA A 157 -71.98 0.51 -20.39
N LEU A 158 -71.63 0.21 -21.64
CA LEU A 158 -70.54 0.94 -22.29
C LEU A 158 -71.04 2.11 -23.13
N CYS A 159 -72.33 2.14 -23.44
CA CYS A 159 -72.91 3.32 -24.04
C CYS A 159 -73.08 4.43 -23.01
N ASP A 160 -73.37 4.08 -21.75
CA ASP A 160 -73.49 5.12 -20.74
C ASP A 160 -72.21 5.28 -19.91
N ARG A 161 -71.34 4.27 -19.88
CA ARG A 161 -70.13 4.35 -19.07
C ARG A 161 -69.00 5.06 -19.80
N TYR A 162 -68.71 4.64 -21.04
CA TYR A 162 -67.71 5.28 -21.89
C TYR A 162 -68.41 5.83 -23.13
N PRO A 163 -69.17 6.91 -22.97
CA PRO A 163 -69.99 7.40 -24.10
C PRO A 163 -69.20 8.14 -25.16
N LYS A 164 -67.88 8.27 -25.02
CA LYS A 164 -67.06 8.96 -25.99
C LYS A 164 -66.14 8.04 -26.78
N LYS A 165 -66.45 6.75 -26.83
CA LYS A 165 -65.61 5.78 -27.52
C LYS A 165 -66.39 5.09 -28.64
N ILE A 166 -65.66 4.49 -29.56
CA ILE A 166 -66.26 3.79 -30.69
C ILE A 166 -66.52 2.35 -30.31
N LEU A 167 -67.76 2.06 -29.90
CA LEU A 167 -68.14 0.72 -29.49
C LEU A 167 -68.77 0.02 -30.69
N THR A 168 -68.06 -0.94 -31.25
CA THR A 168 -68.52 -1.67 -32.42
C THR A 168 -68.45 -3.16 -32.16
N THR A 169 -69.47 -3.87 -32.65
CA THR A 169 -69.64 -5.28 -32.34
C THR A 169 -69.88 -6.05 -33.63
N TYR A 170 -69.44 -7.31 -33.62
CA TYR A 170 -69.66 -8.24 -34.71
C TYR A 170 -70.72 -9.24 -34.27
N SER A 171 -71.86 -9.24 -34.94
CA SER A 171 -73.02 -10.02 -34.53
C SER A 171 -73.35 -11.04 -35.60
N VAL A 172 -73.08 -12.32 -35.31
CA VAL A 172 -73.43 -13.43 -36.18
C VAL A 172 -74.94 -13.63 -36.08
N PHE A 173 -75.61 -13.68 -37.23
CA PHE A 173 -77.03 -13.92 -37.08
C PHE A 173 -77.36 -15.37 -37.46
N PRO A 174 -78.34 -15.98 -36.81
CA PRO A 174 -78.59 -17.41 -37.03
C PRO A 174 -79.21 -17.69 -38.40
N ALA A 175 -79.00 -18.93 -38.86
CA ALA A 175 -79.65 -19.40 -40.06
C ALA A 175 -81.09 -19.82 -39.76
N ARG A 176 -81.81 -20.17 -40.82
CA ARG A 176 -83.20 -20.59 -40.66
C ARG A 176 -83.25 -21.91 -39.91
N SER A 177 -84.18 -22.01 -38.96
CA SER A 177 -84.25 -23.19 -38.09
C SER A 177 -85.67 -23.33 -37.55
N SER A 178 -85.86 -24.40 -36.78
CA SER A 178 -87.15 -24.60 -36.10
C SER A 178 -87.14 -24.01 -34.70
N GLU A 179 -85.97 -24.00 -34.03
CA GLU A 179 -85.81 -23.31 -32.76
C GLU A 179 -85.83 -21.79 -32.92
N VAL A 180 -86.15 -21.30 -34.13
CA VAL A 180 -86.38 -19.88 -34.32
C VAL A 180 -87.42 -19.37 -33.33
N VAL A 181 -88.32 -20.23 -32.86
CA VAL A 181 -89.34 -19.82 -31.90
C VAL A 181 -88.76 -19.16 -30.66
N VAL A 182 -87.50 -19.43 -30.34
CA VAL A 182 -86.80 -18.75 -29.26
C VAL A 182 -85.65 -17.89 -29.78
N GLN A 183 -85.01 -18.34 -30.86
CA GLN A 183 -83.87 -17.59 -31.37
C GLN A 183 -84.29 -16.26 -31.97
N SER A 184 -85.52 -16.16 -32.49
CA SER A 184 -86.01 -14.88 -33.00
C SER A 184 -86.22 -13.88 -31.86
N TYR A 185 -86.83 -14.34 -30.77
CA TYR A 185 -86.92 -13.51 -29.58
C TYR A 185 -85.55 -13.00 -29.15
N ASN A 186 -84.59 -13.92 -29.04
CA ASN A 186 -83.23 -13.53 -28.65
C ASN A 186 -82.63 -12.52 -29.61
N THR A 187 -82.79 -12.73 -30.92
CA THR A 187 -82.17 -11.85 -31.90
C THR A 187 -82.82 -10.49 -31.91
N ILE A 188 -84.14 -10.44 -31.70
CA ILE A 188 -84.81 -9.14 -31.69
C ILE A 188 -84.45 -8.35 -30.43
N LEU A 189 -84.30 -9.03 -29.30
CA LEU A 189 -83.82 -8.34 -28.11
C LEU A 189 -82.41 -7.78 -28.33
N ALA A 190 -81.47 -8.65 -28.68
CA ALA A 190 -80.11 -8.20 -28.95
C ALA A 190 -80.09 -7.12 -30.02
N LEU A 191 -81.02 -7.19 -30.98
CA LEU A 191 -81.01 -6.26 -32.10
C LEU A 191 -81.54 -4.90 -31.70
N ARG A 192 -82.57 -4.85 -30.85
CA ARG A 192 -82.95 -3.59 -30.23
C ARG A 192 -81.76 -2.97 -29.54
N ARG A 193 -80.99 -3.77 -28.79
CA ARG A 193 -79.87 -3.21 -28.08
C ARG A 193 -78.77 -2.73 -29.03
N LEU A 194 -78.56 -3.45 -30.14
CA LEU A 194 -77.59 -2.99 -31.14
C LEU A 194 -78.04 -1.69 -31.78
N ILE A 195 -79.33 -1.57 -32.10
CA ILE A 195 -79.86 -0.37 -32.74
C ILE A 195 -79.70 0.83 -31.82
N GLU A 196 -79.92 0.63 -30.52
CA GLU A 196 -79.94 1.79 -29.62
C GLU A 196 -78.58 2.08 -29.02
N ASP A 197 -77.65 1.13 -29.07
CA ASP A 197 -76.42 1.25 -28.30
C ASP A 197 -75.16 1.32 -29.13
N SER A 198 -74.91 0.33 -30.00
CA SER A 198 -73.63 0.19 -30.64
C SER A 198 -73.42 1.26 -31.71
N ASP A 199 -72.16 1.43 -32.11
CA ASP A 199 -71.81 2.41 -33.12
C ASP A 199 -71.63 1.80 -34.49
N ALA A 200 -71.33 0.50 -34.56
CA ALA A 200 -71.17 -0.20 -35.82
C ALA A 200 -71.35 -1.69 -35.57
N THR A 201 -72.27 -2.29 -36.31
CA THR A 201 -72.58 -3.71 -36.17
C THR A 201 -72.36 -4.39 -37.51
N VAL A 202 -71.36 -5.27 -37.57
CA VAL A 202 -71.08 -6.03 -38.77
C VAL A 202 -71.93 -7.29 -38.75
N VAL A 203 -72.92 -7.34 -39.65
CA VAL A 203 -73.91 -8.41 -39.68
C VAL A 203 -73.30 -9.62 -40.37
N PHE A 204 -73.74 -10.82 -39.99
CA PHE A 204 -73.41 -12.04 -40.68
C PHE A 204 -74.59 -13.00 -40.65
N ASP A 205 -74.96 -13.52 -41.82
CA ASP A 205 -76.05 -14.49 -41.95
C ASP A 205 -75.44 -15.88 -41.98
N ASN A 206 -75.86 -16.73 -41.06
CA ASN A 206 -75.20 -18.03 -40.89
C ASN A 206 -75.51 -18.96 -42.06
N ALA A 207 -76.61 -18.72 -42.78
CA ALA A 207 -76.93 -19.56 -43.93
C ALA A 207 -75.91 -19.39 -45.05
N SER A 208 -75.72 -18.15 -45.51
CA SER A 208 -74.70 -17.89 -46.53
C SER A 208 -73.31 -18.16 -46.00
N LEU A 209 -73.07 -17.91 -44.70
CA LEU A 209 -71.79 -18.29 -44.11
C LEU A 209 -71.51 -19.78 -44.30
N LEU A 210 -72.47 -20.63 -43.94
CA LEU A 210 -72.31 -22.06 -44.09
C LEU A 210 -72.15 -22.47 -45.56
N ASN A 211 -72.92 -21.85 -46.45
CA ASN A 211 -72.82 -22.19 -47.86
C ASN A 211 -71.46 -21.82 -48.43
N ILE A 212 -70.94 -20.65 -48.08
CA ILE A 212 -69.63 -20.24 -48.57
C ILE A 212 -68.54 -21.12 -47.97
N SER A 213 -68.68 -21.48 -46.70
CA SER A 213 -67.75 -22.43 -46.11
C SER A 213 -67.76 -23.75 -46.88
N GLY A 214 -68.94 -24.22 -47.26
CA GLY A 214 -69.01 -25.42 -48.08
C GLY A 214 -68.34 -25.25 -49.43
N LYS A 215 -68.53 -24.08 -50.04
CA LYS A 215 -67.97 -23.83 -51.37
C LYS A 215 -66.45 -23.64 -51.35
N VAL A 216 -65.88 -23.22 -50.23
CA VAL A 216 -64.44 -22.99 -50.15
C VAL A 216 -63.72 -24.13 -49.45
N PHE A 217 -64.29 -24.69 -48.38
CA PHE A 217 -63.68 -25.84 -47.73
C PHE A 217 -63.98 -27.10 -48.53
N ARG A 218 -62.97 -27.96 -48.67
CA ARG A 218 -63.08 -29.15 -49.51
C ARG A 218 -63.64 -30.33 -48.73
N ASN A 219 -64.70 -30.05 -47.98
CA ASN A 219 -65.45 -31.09 -47.28
C ASN A 219 -66.84 -30.59 -46.95
N PRO A 220 -67.85 -30.87 -47.77
CA PRO A 220 -69.18 -30.28 -47.55
C PRO A 220 -69.77 -30.51 -46.16
N ASN A 221 -69.18 -31.39 -45.36
CA ASN A 221 -69.57 -31.55 -43.95
C ASN A 221 -68.96 -30.38 -43.17
N ILE A 222 -69.73 -29.30 -43.09
CA ILE A 222 -69.23 -28.05 -42.53
C ILE A 222 -69.58 -27.96 -41.05
N ASP A 223 -68.55 -27.92 -40.21
CA ASP A 223 -68.71 -27.53 -38.82
C ASP A 223 -68.72 -26.00 -38.71
N LEU A 224 -69.42 -25.49 -37.71
CA LEU A 224 -69.52 -24.05 -37.54
C LEU A 224 -68.17 -23.42 -37.19
N GLN A 225 -67.26 -24.21 -36.62
CA GLN A 225 -65.91 -23.71 -36.38
C GLN A 225 -65.22 -23.36 -37.69
N HIS A 226 -65.59 -24.03 -38.78
CA HIS A 226 -65.13 -23.62 -40.11
C HIS A 226 -65.70 -22.27 -40.47
N THR A 227 -66.96 -22.01 -40.07
CA THR A 227 -67.59 -20.73 -40.39
C THR A 227 -66.92 -19.57 -39.66
N ASN A 228 -66.59 -19.77 -38.38
CA ASN A 228 -65.97 -18.70 -37.60
C ASN A 228 -64.67 -18.21 -38.22
N GLN A 229 -64.00 -19.03 -39.03
CA GLN A 229 -62.81 -18.58 -39.74
C GLN A 229 -63.11 -17.39 -40.64
N LEU A 230 -64.26 -17.39 -41.30
CA LEU A 230 -64.63 -16.25 -42.15
C LEU A 230 -64.80 -14.99 -41.33
N ILE A 231 -65.44 -15.08 -40.17
CA ILE A 231 -65.57 -13.92 -39.30
C ILE A 231 -64.20 -13.42 -38.88
N SER A 232 -63.30 -14.33 -38.53
CA SER A 232 -61.96 -13.93 -38.11
C SER A 232 -61.22 -13.21 -39.23
N THR A 233 -61.29 -13.73 -40.45
CA THR A 233 -60.59 -13.09 -41.56
C THR A 233 -61.22 -11.75 -41.89
N ILE A 234 -62.54 -11.63 -41.75
CA ILE A 234 -63.18 -10.34 -42.00
C ILE A 234 -62.69 -9.30 -41.00
N ILE A 235 -62.66 -9.67 -39.71
CA ILE A 235 -62.23 -8.70 -38.70
C ILE A 235 -60.76 -8.35 -38.88
N SER A 236 -59.93 -9.35 -39.19
CA SER A 236 -58.51 -9.08 -39.42
C SER A 236 -58.31 -8.16 -40.61
N SER A 237 -59.05 -8.38 -41.68
CA SER A 237 -58.95 -7.50 -42.85
C SER A 237 -59.42 -6.09 -42.51
N VAL A 238 -60.45 -5.96 -41.67
CA VAL A 238 -60.92 -4.64 -41.29
C VAL A 238 -59.87 -3.91 -40.46
N THR A 239 -59.24 -4.62 -39.52
CA THR A 239 -58.29 -3.99 -38.61
C THR A 239 -56.86 -4.01 -39.13
N ASN A 240 -56.63 -4.51 -40.34
CA ASN A 240 -55.30 -4.44 -40.92
C ASN A 240 -54.85 -3.01 -41.16
N SER A 241 -55.82 -2.11 -41.39
CA SER A 241 -55.47 -0.71 -41.60
C SER A 241 -54.93 -0.06 -40.34
N ILE A 242 -55.10 -0.68 -39.18
CA ILE A 242 -54.58 -0.16 -37.91
C ILE A 242 -53.40 -0.98 -37.42
N ARG A 243 -53.49 -2.31 -37.53
CA ARG A 243 -52.38 -3.15 -37.09
C ARG A 243 -51.19 -3.01 -38.02
N PHE A 244 -51.44 -2.89 -39.32
CA PHE A 244 -50.43 -2.53 -40.32
C PHE A 244 -50.85 -1.23 -40.97
N PRO A 245 -50.61 -0.10 -40.31
CA PRO A 245 -51.05 1.18 -40.86
C PRO A 245 -50.19 1.57 -42.04
N SER A 246 -50.86 1.95 -43.12
CA SER A 246 -50.10 2.38 -44.28
C SER A 246 -49.93 3.89 -44.27
N TYR A 247 -51.01 4.65 -44.44
CA TYR A 247 -50.97 6.07 -44.17
C TYR A 247 -52.32 6.62 -43.71
N MET A 248 -53.40 5.89 -44.00
CA MET A 248 -54.70 6.53 -44.12
C MET A 248 -55.54 6.40 -42.86
N TYR A 249 -55.95 5.18 -42.51
CA TYR A 249 -56.95 4.98 -41.46
C TYR A 249 -56.31 4.24 -40.30
N SER A 250 -56.06 4.97 -39.21
CA SER A 250 -55.45 4.40 -38.02
C SER A 250 -56.43 4.32 -36.86
N SER A 251 -57.71 4.59 -37.11
CA SER A 251 -58.75 4.43 -36.11
C SER A 251 -60.01 3.93 -36.80
N MET A 252 -60.76 3.08 -36.07
CA MET A 252 -62.04 2.62 -36.59
C MET A 252 -62.99 3.78 -36.83
N SER A 253 -62.77 4.90 -36.14
CA SER A 253 -63.57 6.10 -36.37
C SER A 253 -63.55 6.53 -37.83
N SER A 254 -62.37 6.56 -38.46
CA SER A 254 -62.26 6.90 -39.88
C SER A 254 -63.05 5.97 -40.77
N ILE A 255 -62.75 4.67 -40.70
CA ILE A 255 -63.42 3.68 -41.53
C ILE A 255 -64.94 3.78 -41.37
N TYR A 256 -65.42 3.82 -40.13
CA TYR A 256 -66.86 3.87 -39.91
C TYR A 256 -67.48 5.18 -40.39
N SER A 257 -66.87 6.31 -40.06
CA SER A 257 -67.32 7.59 -40.59
C SER A 257 -67.48 7.53 -42.11
N THR A 258 -66.54 6.88 -42.79
CA THR A 258 -66.73 6.58 -44.19
C THR A 258 -68.00 5.75 -44.40
N LEU A 259 -68.16 4.70 -43.62
CA LEU A 259 -69.24 3.73 -43.84
C LEU A 259 -70.58 4.18 -43.28
N ILE A 260 -70.62 4.79 -42.11
CA ILE A 260 -71.86 5.06 -41.39
C ILE A 260 -72.23 6.53 -41.59
N PRO A 261 -73.21 6.83 -42.44
CA PRO A 261 -73.61 8.22 -42.65
C PRO A 261 -74.50 8.76 -41.54
N SER A 262 -75.39 7.95 -41.00
CA SER A 262 -76.34 8.38 -39.98
C SER A 262 -76.47 7.28 -38.94
N PRO A 263 -76.68 7.61 -37.66
CA PRO A 263 -76.66 6.60 -36.59
C PRO A 263 -77.91 5.74 -36.52
N GLU A 264 -78.39 5.31 -37.70
CA GLU A 264 -79.46 4.35 -37.78
C GLU A 264 -79.05 3.25 -38.75
N LEU A 265 -78.21 3.62 -39.72
CA LEU A 265 -77.79 2.75 -40.80
C LEU A 265 -76.37 2.25 -40.53
N HIS A 266 -76.07 2.02 -39.25
CA HIS A 266 -74.74 1.61 -38.82
C HIS A 266 -74.56 0.10 -38.80
N PHE A 267 -75.33 -0.62 -39.61
CA PHE A 267 -75.17 -2.07 -39.76
C PHE A 267 -74.48 -2.32 -41.10
N LEU A 268 -73.30 -2.94 -41.05
CA LEU A 268 -72.43 -3.07 -42.21
C LEU A 268 -72.24 -4.53 -42.56
N SER A 269 -72.57 -4.88 -43.81
CA SER A 269 -72.43 -6.24 -44.29
C SER A 269 -71.09 -6.47 -44.97
N PRO A 270 -70.48 -7.62 -44.78
CA PRO A 270 -69.15 -7.87 -45.35
C PRO A 270 -69.23 -8.47 -46.74
N SER A 271 -68.05 -8.62 -47.35
CA SER A 271 -67.85 -9.33 -48.60
C SER A 271 -66.34 -9.52 -48.77
N PHE A 272 -65.94 -10.72 -49.18
CA PHE A 272 -64.52 -11.05 -49.16
C PHE A 272 -64.23 -12.14 -50.17
N THR A 273 -63.20 -11.91 -51.00
CA THR A 273 -62.73 -12.83 -52.03
C THR A 273 -61.44 -12.32 -52.65
N PRO A 274 -60.51 -13.21 -53.04
CA PRO A 274 -60.52 -14.64 -52.80
C PRO A 274 -59.74 -14.99 -51.54
N PHE A 275 -59.78 -16.23 -51.09
CA PHE A 275 -59.16 -16.56 -49.83
C PHE A 275 -58.98 -18.06 -49.68
N THR A 276 -57.87 -18.44 -49.06
CA THR A 276 -57.66 -19.77 -48.52
C THR A 276 -58.08 -19.79 -47.05
N SER A 277 -57.79 -20.89 -46.38
CA SER A 277 -58.10 -21.02 -44.96
C SER A 277 -57.40 -22.24 -44.40
N ALA A 285 -54.59 -25.03 -54.37
CA ALA A 285 -54.93 -23.62 -54.53
C ALA A 285 -54.11 -23.00 -55.67
N HIS A 286 -54.73 -22.04 -56.37
CA HIS A 286 -54.14 -21.45 -57.56
C HIS A 286 -54.23 -19.93 -57.48
N LYS A 287 -53.27 -19.26 -58.11
CA LYS A 287 -53.24 -17.80 -58.13
C LYS A 287 -53.68 -17.26 -59.48
N CYS A 288 -54.82 -16.59 -59.51
CA CYS A 288 -55.34 -16.01 -60.74
C CYS A 288 -56.34 -14.89 -60.46
N HIS A 289 -55.99 -14.03 -59.51
CA HIS A 289 -56.84 -12.90 -59.14
C HIS A 289 -56.02 -11.64 -58.92
N SER A 290 -56.26 -10.62 -59.73
CA SER A 290 -55.53 -9.37 -59.60
C SER A 290 -56.42 -8.33 -58.93
N SER A 291 -55.95 -7.08 -58.90
CA SER A 291 -56.74 -6.02 -58.30
C SER A 291 -58.07 -5.83 -59.01
N TYR A 292 -58.07 -5.89 -60.34
CA TYR A 292 -59.33 -5.79 -61.09
C TYR A 292 -60.21 -7.01 -60.84
N ASP A 293 -59.62 -8.21 -60.91
CA ASP A 293 -60.34 -9.43 -60.60
C ASP A 293 -61.03 -9.36 -59.24
N VAL A 294 -60.30 -8.97 -58.19
CA VAL A 294 -60.91 -8.86 -56.87
C VAL A 294 -61.98 -7.77 -56.88
N MET A 295 -61.61 -6.53 -57.20
CA MET A 295 -62.55 -5.42 -57.09
C MET A 295 -63.81 -5.63 -57.94
N LEU A 296 -63.80 -6.61 -58.83
CA LEU A 296 -65.06 -7.01 -59.47
C LEU A 296 -65.68 -8.27 -58.87
N ASP A 297 -64.87 -9.12 -58.25
CA ASP A 297 -65.42 -10.31 -57.59
C ASP A 297 -66.14 -9.92 -56.29
N LEU A 298 -65.74 -8.80 -55.69
CA LEU A 298 -66.33 -8.33 -54.45
C LEU A 298 -67.84 -8.12 -54.59
N LEU A 299 -68.28 -7.53 -55.69
CA LEU A 299 -69.69 -7.25 -55.90
C LEU A 299 -70.48 -8.47 -56.34
N ASP A 300 -69.83 -9.62 -56.44
CA ASP A 300 -70.51 -10.83 -56.89
C ASP A 300 -71.33 -11.42 -55.73
N PRO A 301 -72.64 -11.66 -55.93
CA PRO A 301 -73.48 -12.11 -54.81
C PRO A 301 -72.96 -13.33 -54.07
N SER A 302 -72.19 -14.19 -54.75
CA SER A 302 -71.69 -15.40 -54.12
C SER A 302 -70.70 -15.11 -53.00
N ASN A 303 -70.25 -13.87 -52.85
CA ASN A 303 -69.26 -13.52 -51.84
C ASN A 303 -69.83 -12.80 -50.63
N SER A 304 -71.01 -12.22 -50.74
CA SER A 304 -71.63 -11.57 -49.59
C SER A 304 -71.95 -12.60 -48.53
N LEU A 305 -71.38 -12.42 -47.34
CA LEU A 305 -71.56 -13.35 -46.23
C LEU A 305 -72.94 -13.25 -45.60
N VAL A 306 -73.81 -12.39 -46.12
CA VAL A 306 -75.20 -12.32 -45.70
C VAL A 306 -76.07 -12.51 -46.94
N SER A 307 -77.06 -13.39 -46.85
CA SER A 307 -77.96 -13.62 -47.96
C SER A 307 -78.94 -12.47 -48.06
N THR A 308 -78.71 -11.57 -49.02
CA THR A 308 -79.66 -10.52 -49.32
C THR A 308 -80.69 -10.93 -50.36
N ALA A 309 -80.31 -11.78 -51.31
CA ALA A 309 -81.22 -12.40 -52.27
C ALA A 309 -82.02 -11.38 -53.08
N MET A 310 -81.60 -10.11 -53.07
CA MET A 310 -82.28 -9.07 -53.80
C MET A 310 -81.54 -8.82 -55.11
N ASN A 311 -82.27 -8.83 -56.23
CA ASN A 311 -81.67 -8.57 -57.53
C ASN A 311 -81.42 -7.08 -57.78
N ASN A 312 -81.77 -6.23 -56.83
CA ASN A 312 -81.48 -4.80 -56.92
C ASN A 312 -81.21 -4.23 -55.53
N PRO A 313 -80.12 -4.61 -54.88
CA PRO A 313 -79.78 -3.99 -53.59
C PRO A 313 -79.22 -2.60 -53.80
N THR A 314 -79.62 -1.69 -52.92
CA THR A 314 -79.20 -0.30 -52.99
C THR A 314 -78.18 -0.03 -51.89
N TYR A 315 -77.03 0.50 -52.28
CA TYR A 315 -75.92 0.74 -51.36
C TYR A 315 -75.89 2.21 -50.98
N PHE A 316 -75.36 2.50 -49.80
CA PHE A 316 -75.19 3.87 -49.33
C PHE A 316 -73.74 4.21 -49.03
N ASN A 317 -72.97 3.24 -48.54
CA ASN A 317 -71.53 3.40 -48.36
C ASN A 317 -70.88 2.04 -48.55
N VAL A 318 -69.92 1.96 -49.49
CA VAL A 318 -69.17 0.75 -49.76
C VAL A 318 -67.69 1.06 -49.55
N TYR A 319 -66.98 0.12 -48.94
CA TYR A 319 -65.59 0.32 -48.57
C TYR A 319 -64.82 -0.97 -48.77
N ASN A 320 -63.93 -0.97 -49.77
CA ASN A 320 -63.16 -2.16 -50.14
C ASN A 320 -61.76 -2.03 -49.56
N THR A 321 -61.33 -3.03 -48.81
CA THR A 321 -59.96 -3.10 -48.32
C THR A 321 -59.21 -4.13 -49.15
N ILE A 322 -58.28 -3.67 -49.97
CA ILE A 322 -57.47 -4.52 -50.84
C ILE A 322 -56.11 -4.71 -50.19
N ILE A 323 -55.73 -5.95 -49.96
CA ILE A 323 -54.52 -6.29 -49.22
C ILE A 323 -53.58 -7.05 -50.14
N GLY A 324 -52.29 -6.68 -50.12
CA GLY A 324 -51.26 -7.36 -50.87
C GLY A 324 -50.63 -6.43 -51.89
N ASN A 325 -50.11 -7.02 -52.96
CA ASN A 325 -49.46 -6.26 -54.02
C ASN A 325 -50.54 -5.76 -54.97
N VAL A 326 -50.69 -4.44 -55.05
CA VAL A 326 -51.80 -3.81 -55.75
C VAL A 326 -51.25 -2.76 -56.71
N GLU A 327 -51.74 -2.78 -57.94
CA GLU A 327 -51.43 -1.73 -58.90
C GLU A 327 -52.65 -0.83 -59.09
N PRO A 328 -52.61 0.42 -58.61
CA PRO A 328 -53.84 1.23 -58.57
C PRO A 328 -54.50 1.48 -59.92
N ARG A 329 -53.78 1.33 -61.03
CA ARG A 329 -54.44 1.43 -62.33
C ARG A 329 -55.55 0.40 -62.46
N GLN A 330 -55.27 -0.84 -62.05
CA GLN A 330 -56.31 -1.87 -62.02
C GLN A 330 -57.43 -1.50 -61.06
N ILE A 331 -57.08 -0.91 -59.92
CA ILE A 331 -58.08 -0.47 -58.96
C ILE A 331 -59.05 0.50 -59.60
N SER A 332 -58.52 1.47 -60.36
CA SER A 332 -59.39 2.49 -60.94
C SER A 332 -60.16 1.96 -62.14
N ARG A 333 -59.58 1.06 -62.93
CA ARG A 333 -60.37 0.39 -63.97
C ARG A 333 -61.58 -0.30 -63.35
N ALA A 334 -61.34 -1.12 -62.33
CA ALA A 334 -62.43 -1.78 -61.61
C ALA A 334 -63.40 -0.77 -61.02
N MET A 335 -62.88 0.36 -60.52
CA MET A 335 -63.74 1.36 -59.89
C MET A 335 -64.66 2.03 -60.91
N THR A 336 -64.15 2.29 -62.11
CA THR A 336 -65.01 2.80 -63.18
C THR A 336 -66.08 1.78 -63.56
N LYS A 337 -65.68 0.51 -63.68
CA LYS A 337 -66.68 -0.52 -63.97
C LYS A 337 -67.74 -0.58 -62.86
N LEU A 338 -67.33 -0.39 -61.61
CA LEU A 338 -68.28 -0.41 -60.50
C LEU A 338 -69.20 0.81 -60.53
N GLN A 339 -68.62 1.99 -60.74
CA GLN A 339 -69.43 3.21 -60.90
C GLN A 339 -70.46 3.03 -62.01
N GLN A 340 -70.13 2.23 -63.03
CA GLN A 340 -71.12 1.88 -64.03
C GLN A 340 -72.05 0.77 -63.54
N ARG A 341 -71.66 0.02 -62.52
CA ARG A 341 -72.47 -1.08 -62.02
C ARG A 341 -73.30 -0.72 -60.80
N ILE A 342 -72.65 -0.28 -59.71
CA ILE A 342 -73.28 -0.20 -58.40
C ILE A 342 -74.34 0.89 -58.40
N LYS A 343 -75.47 0.62 -57.74
CA LYS A 343 -76.55 1.59 -57.62
C LYS A 343 -76.43 2.35 -56.30
N PHE A 344 -76.14 3.64 -56.41
CA PHE A 344 -76.03 4.53 -55.26
C PHE A 344 -77.28 5.39 -55.17
N PRO A 345 -77.51 6.05 -54.03
CA PRO A 345 -78.66 6.93 -53.91
C PRO A 345 -78.60 8.07 -54.92
N SER A 346 -79.76 8.38 -55.51
CA SER A 346 -79.86 9.52 -56.40
C SER A 346 -79.77 10.85 -55.67
N TRP A 347 -79.66 10.82 -54.34
CA TRP A 347 -79.55 12.04 -53.55
C TRP A 347 -78.17 12.28 -52.98
N SER A 348 -77.33 11.25 -52.90
CA SER A 348 -76.00 11.37 -52.30
C SER A 348 -74.93 11.09 -53.35
N SER A 349 -73.68 11.04 -52.89
CA SER A 349 -72.54 10.77 -53.76
C SER A 349 -72.40 9.27 -53.98
N SER A 350 -71.67 8.93 -55.05
CA SER A 350 -71.41 7.54 -55.40
C SER A 350 -69.96 7.17 -55.14
N ALA A 351 -69.39 7.63 -54.04
CA ALA A 351 -67.98 7.41 -53.77
C ALA A 351 -67.75 6.05 -53.13
N MET A 352 -66.88 5.26 -53.74
CA MET A 352 -66.47 3.97 -53.21
C MET A 352 -65.04 4.09 -52.70
N HIS A 353 -64.89 4.05 -51.39
CA HIS A 353 -63.61 4.23 -50.73
C HIS A 353 -62.84 2.92 -50.73
N VAL A 354 -61.76 2.87 -51.50
CA VAL A 354 -60.92 1.69 -51.61
C VAL A 354 -59.69 1.92 -50.75
N ASN A 355 -59.33 0.93 -49.94
CA ASN A 355 -58.17 1.00 -49.06
C ASN A 355 -57.14 -0.01 -49.54
N ILE A 356 -55.98 0.48 -49.95
CA ILE A 356 -54.86 -0.36 -50.35
C ILE A 356 -54.01 -0.61 -49.12
N GLY A 357 -54.06 -1.83 -48.59
CA GLY A 357 -53.41 -2.17 -47.36
C GLY A 357 -52.10 -2.91 -47.56
N ARG A 358 -51.44 -3.20 -46.44
CA ARG A 358 -50.17 -3.90 -46.42
C ARG A 358 -50.36 -5.26 -45.78
N ARG A 359 -50.16 -6.31 -46.56
CA ARG A 359 -50.19 -7.66 -46.01
C ARG A 359 -49.01 -7.83 -45.06
N SER A 360 -49.18 -8.72 -44.09
CA SER A 360 -48.23 -8.83 -43.00
C SER A 360 -46.83 -9.14 -43.51
N PRO A 361 -45.83 -8.32 -43.21
CA PRO A 361 -44.44 -8.70 -43.50
C PRO A 361 -43.93 -9.86 -42.66
N TYR A 362 -44.69 -10.28 -41.66
CA TYR A 362 -44.32 -11.41 -40.81
C TYR A 362 -44.99 -12.70 -41.22
N LEU A 363 -46.08 -12.64 -41.96
CA LEU A 363 -46.79 -13.83 -42.39
C LEU A 363 -46.25 -14.32 -43.72
N PRO A 364 -45.63 -15.50 -43.78
CA PRO A 364 -45.13 -16.01 -45.05
C PRO A 364 -46.25 -16.24 -46.04
N LEU A 365 -45.89 -16.25 -47.32
CA LEU A 365 -46.88 -16.34 -48.38
C LEU A 365 -47.65 -17.65 -48.31
N GLN A 366 -48.92 -17.53 -47.95
CA GLN A 366 -49.88 -18.63 -47.85
C GLN A 366 -50.15 -19.14 -49.26
N PRO A 367 -50.76 -20.33 -49.42
CA PRO A 367 -51.23 -20.74 -50.74
C PRO A 367 -52.00 -19.62 -51.45
N ASN A 368 -52.03 -19.70 -52.79
CA ASN A 368 -52.19 -18.53 -53.65
C ASN A 368 -51.04 -17.56 -53.39
N GLU A 369 -49.83 -18.00 -53.70
CA GLU A 369 -48.64 -17.19 -53.47
C GLU A 369 -48.71 -15.90 -54.26
N ASN A 370 -48.22 -14.82 -53.65
CA ASN A 370 -48.17 -13.48 -54.23
C ASN A 370 -49.55 -12.97 -54.63
N GLU A 371 -50.61 -13.53 -54.09
CA GLU A 371 -51.96 -13.12 -54.47
C GLU A 371 -52.37 -11.86 -53.74
N VAL A 372 -53.29 -11.11 -54.33
CA VAL A 372 -53.97 -10.00 -53.68
C VAL A 372 -55.30 -10.52 -53.15
N SER A 373 -55.68 -10.05 -51.96
CA SER A 373 -56.94 -10.43 -51.35
C SER A 373 -57.63 -9.19 -50.83
N GLY A 374 -58.95 -9.14 -51.02
CA GLY A 374 -59.67 -7.91 -50.73
C GLY A 374 -61.02 -8.18 -50.09
N MET A 375 -61.31 -7.37 -49.08
CA MET A 375 -62.54 -7.46 -48.32
C MET A 375 -63.38 -6.21 -48.55
N MET A 376 -64.66 -6.41 -48.81
CA MET A 376 -65.61 -5.31 -48.95
C MET A 376 -66.56 -5.29 -47.76
N LEU A 377 -66.74 -4.11 -47.19
CA LEU A 377 -67.84 -3.86 -46.26
C LEU A 377 -68.90 -3.06 -47.01
N SER A 378 -70.13 -3.10 -46.50
CA SER A 378 -71.22 -2.48 -47.24
C SER A 378 -72.34 -2.06 -46.30
N ASN A 379 -72.91 -0.90 -46.59
CA ASN A 379 -74.14 -0.43 -45.94
C ASN A 379 -75.22 -0.42 -47.01
N MET A 380 -75.88 -1.55 -47.20
CA MET A 380 -76.81 -1.73 -48.32
C MET A 380 -78.22 -1.97 -47.79
N SER A 381 -79.19 -1.40 -48.51
CA SER A 381 -80.58 -1.35 -48.05
C SER A 381 -81.15 -2.73 -47.75
N THR A 382 -80.79 -3.75 -48.51
CA THR A 382 -81.42 -5.06 -48.38
C THR A 382 -80.72 -5.97 -47.40
N VAL A 383 -80.05 -5.40 -46.39
CA VAL A 383 -79.50 -6.22 -45.32
C VAL A 383 -80.61 -6.63 -44.36
N VAL A 384 -81.75 -5.92 -44.40
CA VAL A 384 -82.90 -6.23 -43.56
C VAL A 384 -83.43 -7.63 -43.80
N ASN A 385 -82.99 -8.31 -44.87
CA ASN A 385 -83.44 -9.67 -45.09
C ASN A 385 -82.84 -10.66 -44.10
N VAL A 386 -81.82 -10.26 -43.34
CA VAL A 386 -81.34 -11.11 -42.26
C VAL A 386 -82.16 -10.88 -40.99
N PHE A 387 -82.81 -9.73 -40.88
CA PHE A 387 -83.73 -9.49 -39.78
C PHE A 387 -85.11 -10.08 -40.06
N GLU A 388 -85.53 -10.04 -41.32
CA GLU A 388 -86.92 -10.37 -41.66
C GLU A 388 -87.27 -11.81 -41.28
N ASN A 389 -86.30 -12.71 -41.24
CA ASN A 389 -86.58 -14.07 -40.77
C ASN A 389 -87.12 -14.04 -39.35
N ALA A 390 -86.33 -13.49 -38.42
CA ALA A 390 -86.74 -13.41 -37.03
C ALA A 390 -87.97 -12.54 -36.86
N CYS A 391 -88.09 -11.48 -37.66
CA CYS A 391 -89.24 -10.58 -37.53
C CYS A 391 -90.54 -11.26 -37.95
N ASN A 392 -90.52 -11.95 -39.09
CA ASN A 392 -91.69 -12.71 -39.54
C ASN A 392 -92.04 -13.79 -38.54
N THR A 393 -91.04 -14.53 -38.05
CA THR A 393 -91.31 -15.52 -37.02
C THR A 393 -91.99 -14.89 -35.81
N PHE A 394 -91.40 -13.80 -35.30
CA PHE A 394 -91.93 -13.09 -34.14
C PHE A 394 -93.40 -12.70 -34.35
N ASP A 395 -93.68 -11.98 -35.43
CA ASP A 395 -95.04 -11.46 -35.63
C ASP A 395 -96.08 -12.58 -35.71
N LYS A 396 -95.65 -13.84 -35.82
CA LYS A 396 -96.58 -14.95 -35.86
C LYS A 396 -96.46 -15.88 -34.65
N VAL A 397 -95.56 -15.60 -33.71
CA VAL A 397 -95.43 -16.36 -32.47
C VAL A 397 -95.69 -15.49 -31.25
N PHE A 398 -95.45 -14.17 -31.39
CA PHE A 398 -95.56 -13.26 -30.25
C PHE A 398 -96.99 -13.23 -29.69
N ALA A 399 -97.98 -13.39 -30.56
CA ALA A 399 -99.37 -13.24 -30.14
C ALA A 399 -100.02 -14.53 -29.66
N LYS A 400 -99.77 -15.66 -30.31
CA LYS A 400 -100.49 -16.89 -29.99
C LYS A 400 -99.57 -17.92 -29.35
N GLY A 401 -98.41 -18.16 -29.94
CA GLY A 401 -97.44 -19.07 -29.35
C GLY A 401 -96.65 -18.41 -28.25
N ALA A 402 -97.35 -17.71 -27.36
CA ALA A 402 -96.74 -16.85 -26.35
C ALA A 402 -96.22 -17.69 -25.18
N PHE A 403 -95.17 -18.46 -25.46
CA PHE A 403 -94.36 -19.03 -24.39
C PHE A 403 -93.11 -18.21 -24.12
N LEU A 404 -93.06 -16.97 -24.64
CA LEU A 404 -91.95 -16.06 -24.36
C LEU A 404 -91.82 -15.77 -22.88
N ASN A 405 -92.94 -15.71 -22.16
CA ASN A 405 -92.92 -15.39 -20.73
C ASN A 405 -92.34 -16.51 -19.88
N ASN A 406 -92.24 -17.73 -20.41
CA ASN A 406 -91.83 -18.90 -19.64
C ASN A 406 -90.32 -19.03 -19.48
N TYR A 407 -89.54 -18.06 -19.94
CA TYR A 407 -88.08 -18.14 -19.88
C TYR A 407 -87.45 -16.85 -19.38
N ASN A 408 -87.97 -16.28 -18.30
CA ASN A 408 -87.45 -15.03 -17.77
C ASN A 408 -86.97 -15.18 -16.34
N VAL A 409 -86.04 -14.31 -15.95
CA VAL A 409 -85.47 -14.27 -14.62
C VAL A 409 -85.36 -12.80 -14.20
N GLY A 410 -85.19 -12.57 -12.91
CA GLY A 410 -84.88 -11.24 -12.43
C GLY A 410 -86.04 -10.27 -12.57
N ASP A 411 -85.71 -9.01 -12.87
CA ASP A 411 -86.68 -7.93 -12.83
C ASP A 411 -87.75 -8.10 -13.90
N LEU A 412 -87.37 -8.57 -15.09
CA LEU A 412 -88.36 -8.76 -16.15
C LEU A 412 -89.31 -9.90 -15.80
N PHE A 413 -88.82 -10.90 -15.05
CA PHE A 413 -89.68 -11.99 -14.60
C PHE A 413 -90.68 -11.55 -13.54
N GLN A 414 -90.61 -10.29 -13.10
CA GLN A 414 -91.56 -9.81 -12.09
C GLN A 414 -92.97 -9.70 -12.65
N SER A 415 -93.11 -9.52 -13.96
CA SER A 415 -94.41 -9.37 -14.60
C SER A 415 -94.30 -9.75 -16.07
N MET A 416 -95.20 -10.62 -16.51
CA MET A 416 -95.26 -10.96 -17.92
C MET A 416 -95.83 -9.83 -18.77
N GLN A 417 -96.58 -8.91 -18.16
CA GLN A 417 -96.95 -7.70 -18.86
C GLN A 417 -95.73 -6.87 -19.23
N ASN A 418 -94.74 -6.82 -18.32
CA ASN A 418 -93.46 -6.22 -18.69
C ASN A 418 -92.82 -6.94 -19.86
N VAL A 419 -92.97 -8.26 -19.94
CA VAL A 419 -92.45 -9.00 -21.09
C VAL A 419 -93.11 -8.51 -22.37
N GLN A 420 -94.44 -8.41 -22.36
CA GLN A 420 -95.16 -7.90 -23.52
C GLN A 420 -94.68 -6.51 -23.90
N ASP A 421 -94.51 -5.64 -22.90
CA ASP A 421 -94.07 -4.27 -23.18
C ASP A 421 -92.69 -4.22 -23.81
N GLU A 422 -91.72 -4.94 -23.22
CA GLU A 422 -90.35 -4.90 -23.76
C GLU A 422 -90.30 -5.51 -25.15
N PHE A 423 -91.00 -6.63 -25.38
CA PHE A 423 -90.97 -7.23 -26.70
C PHE A 423 -91.66 -6.35 -27.73
N ALA A 424 -92.71 -5.63 -27.31
CA ALA A 424 -93.38 -4.71 -28.23
C ALA A 424 -92.47 -3.53 -28.56
N GLU A 425 -91.70 -3.06 -27.58
CA GLU A 425 -90.76 -1.97 -27.84
C GLU A 425 -89.66 -2.42 -28.79
N SER A 426 -89.19 -3.67 -28.63
CA SER A 426 -88.23 -4.24 -29.57
C SER A 426 -88.81 -4.33 -30.98
N ARG A 427 -90.05 -4.84 -31.09
CA ARG A 427 -90.70 -4.88 -32.39
C ARG A 427 -90.83 -3.49 -32.99
N GLU A 428 -91.08 -2.49 -32.16
CA GLU A 428 -91.22 -1.12 -32.65
C GLU A 428 -89.90 -0.60 -33.19
N VAL A 429 -88.80 -0.82 -32.44
CA VAL A 429 -87.52 -0.28 -32.89
C VAL A 429 -87.06 -0.99 -34.17
N VAL A 430 -87.35 -2.29 -34.29
CA VAL A 430 -86.92 -2.99 -35.51
C VAL A 430 -87.80 -2.57 -36.69
N GLN A 431 -89.07 -2.27 -36.42
CA GLN A 431 -89.91 -1.69 -37.46
C GLN A 431 -89.37 -0.35 -37.92
N SER A 432 -88.97 0.51 -36.98
CA SER A 432 -88.43 1.81 -37.35
C SER A 432 -87.14 1.66 -38.15
N LEU A 433 -86.29 0.70 -37.76
CA LEU A 433 -85.09 0.42 -38.54
C LEU A 433 -85.43 0.04 -39.98
N MET A 434 -86.26 -0.99 -40.16
CA MET A 434 -86.58 -1.45 -41.51
C MET A 434 -87.21 -0.33 -42.33
N GLU A 435 -88.10 0.46 -41.71
CA GLU A 435 -88.72 1.56 -42.42
C GLU A 435 -87.70 2.63 -42.80
N ASP A 436 -86.72 2.88 -41.92
CA ASP A 436 -85.69 3.85 -42.26
C ASP A 436 -84.83 3.38 -43.43
N TYR A 437 -84.46 2.10 -43.44
CA TYR A 437 -83.68 1.59 -44.57
C TYR A 437 -84.47 1.70 -45.87
N VAL A 438 -85.73 1.23 -45.88
CA VAL A 438 -86.49 1.28 -47.13
C VAL A 438 -86.74 2.73 -47.54
N ALA A 439 -86.84 3.64 -46.58
CA ALA A 439 -87.03 5.04 -46.90
C ALA A 439 -85.76 5.67 -47.46
N ALA A 440 -84.60 5.13 -47.06
CA ALA A 440 -83.34 5.62 -47.59
C ALA A 440 -83.27 5.52 -49.11
N GLU A 441 -83.85 4.46 -49.68
CA GLU A 441 -83.92 4.32 -51.13
C GLU A 441 -84.74 5.40 -51.80
N GLN A 442 -85.57 6.13 -51.05
CA GLN A 442 -86.49 7.09 -51.64
C GLN A 442 -85.78 8.42 -51.92
N ASP A 443 -85.98 8.92 -53.15
CA ASP A 443 -85.45 10.23 -53.51
C ASP A 443 -85.92 11.32 -52.57
N SER A 444 -87.11 11.15 -51.97
CA SER A 444 -87.62 12.11 -51.00
C SER A 444 -86.80 12.18 -49.73
N TYR A 445 -85.82 11.29 -49.55
CA TYR A 445 -84.99 11.33 -48.35
C TYR A 445 -84.31 12.69 -48.18
N LEU A 446 -84.04 13.38 -49.29
CA LEU A 446 -83.37 14.67 -49.27
C LEU A 446 -84.22 15.78 -49.87
N ASP A 447 -85.50 15.51 -50.19
CA ASP A 447 -86.36 16.55 -50.72
C ASP A 447 -86.59 17.67 -49.70
N ASP A 448 -86.63 17.31 -48.42
CA ASP A 448 -86.85 18.31 -47.37
C ASP A 448 -85.68 19.27 -47.22
N VAL A 449 -84.45 18.83 -47.44
CA VAL A 449 -83.27 19.66 -47.26
C VAL A 449 -82.86 20.35 -48.56
N LEU A 450 -83.13 19.73 -49.71
CA LEU A 450 -82.67 20.29 -50.98
C LEU A 450 -83.73 21.13 -51.69
N MET B 1 -31.30 10.35 15.59
CA MET B 1 -32.21 10.30 14.45
C MET B 1 -32.56 8.86 14.12
N GLY B 2 -31.88 7.92 14.77
CA GLY B 2 -32.12 6.51 14.53
C GLY B 2 -31.65 5.68 15.69
N GLY B 3 -31.33 4.44 15.41
CA GLY B 3 -30.83 3.53 16.43
C GLY B 3 -31.11 2.09 16.06
N GLU B 4 -31.63 1.35 17.04
CA GLU B 4 -31.91 -0.06 16.86
C GLU B 4 -33.34 -0.39 17.26
N ILE B 5 -33.82 -1.53 16.79
CA ILE B 5 -35.18 -2.00 17.04
C ILE B 5 -35.10 -3.34 17.75
N ILE B 6 -35.66 -3.40 18.96
CA ILE B 6 -35.73 -4.63 19.74
C ILE B 6 -37.09 -5.27 19.52
N THR B 7 -37.10 -6.54 19.15
CA THR B 7 -38.33 -7.24 18.79
C THR B 7 -38.87 -8.01 19.98
N LEU B 8 -40.15 -7.78 20.29
CA LEU B 8 -40.85 -8.51 21.33
C LEU B 8 -41.84 -9.46 20.68
N GLN B 9 -41.80 -10.72 21.08
CA GLN B 9 -42.67 -11.75 20.51
C GLN B 9 -43.51 -12.35 21.62
N ALA B 10 -44.73 -11.83 21.80
CA ALA B 10 -45.64 -12.24 22.87
C ALA B 10 -46.79 -13.04 22.27
N GLY B 11 -46.79 -14.35 22.52
CA GLY B 11 -47.87 -15.20 22.09
C GLY B 11 -47.46 -16.23 21.06
N GLN B 12 -48.38 -17.16 20.80
CA GLN B 12 -48.10 -18.23 19.86
C GLN B 12 -48.02 -17.71 18.43
N CYS B 13 -48.98 -16.87 18.04
CA CYS B 13 -48.91 -16.25 16.72
C CYS B 13 -47.80 -15.22 16.66
N GLY B 14 -47.59 -14.50 17.76
CA GLY B 14 -46.44 -13.61 17.84
C GLY B 14 -45.14 -14.32 17.52
N ASN B 15 -44.97 -15.53 18.03
CA ASN B 15 -43.73 -16.25 17.79
C ASN B 15 -43.74 -17.02 16.47
N HIS B 16 -44.92 -17.35 15.94
CA HIS B 16 -44.98 -17.78 14.54
C HIS B 16 -44.43 -16.70 13.62
N VAL B 17 -44.99 -15.50 13.71
CA VAL B 17 -44.53 -14.39 12.91
C VAL B 17 -43.08 -14.06 13.24
N GLY B 18 -42.65 -14.29 14.48
CA GLY B 18 -41.27 -14.05 14.83
C GLY B 18 -40.32 -15.00 14.13
N LYS B 19 -40.63 -16.30 14.15
CA LYS B 19 -39.84 -17.28 13.42
C LYS B 19 -39.74 -16.90 11.95
N PHE B 20 -40.89 -16.57 11.34
CA PHE B 20 -40.87 -16.24 9.92
C PHE B 20 -40.10 -14.95 9.66
N LEU B 21 -40.27 -13.94 10.51
CA LEU B 21 -39.58 -12.67 10.35
C LEU B 21 -38.08 -12.84 10.45
N TRP B 22 -37.61 -13.62 11.42
CA TRP B 22 -36.17 -13.76 11.59
C TRP B 22 -35.57 -14.68 10.54
N SER B 23 -36.32 -15.68 10.06
CA SER B 23 -35.84 -16.43 8.90
C SER B 23 -35.69 -15.50 7.70
N GLN B 24 -36.67 -14.63 7.48
CA GLN B 24 -36.61 -13.70 6.37
C GLN B 24 -35.42 -12.75 6.50
N LEU B 25 -35.25 -12.13 7.67
CA LEU B 25 -34.14 -11.22 7.87
C LEU B 25 -32.80 -11.92 7.69
N ALA B 26 -32.60 -13.08 8.33
CA ALA B 26 -31.35 -13.81 8.16
C ALA B 26 -31.16 -14.24 6.71
N LYS B 27 -32.24 -14.37 5.95
CA LYS B 27 -32.12 -14.69 4.54
C LYS B 27 -31.64 -13.49 3.74
N GLU B 28 -32.23 -12.32 4.00
CA GLU B 28 -31.88 -11.13 3.23
C GLU B 28 -30.46 -10.65 3.53
N HIS B 29 -30.02 -10.77 4.78
CA HIS B 29 -28.67 -10.35 5.16
C HIS B 29 -27.67 -11.49 5.07
N ALA B 30 -28.05 -12.62 4.48
CA ALA B 30 -27.16 -13.76 4.32
C ALA B 30 -26.56 -14.20 5.66
N ILE B 31 -27.42 -14.25 6.67
CA ILE B 31 -27.03 -14.66 8.01
C ILE B 31 -27.30 -16.15 8.24
N GLY B 32 -28.41 -16.66 7.74
CA GLY B 32 -28.69 -18.08 7.81
C GLY B 32 -29.32 -18.51 9.13
N THR B 33 -29.35 -19.82 9.31
CA THR B 33 -30.07 -20.39 10.45
C THR B 33 -29.33 -20.15 11.76
N ASP B 34 -28.08 -20.60 11.85
CA ASP B 34 -27.35 -20.59 13.11
C ASP B 34 -26.79 -19.22 13.48
N GLY B 35 -26.89 -18.24 12.58
CA GLY B 35 -26.35 -16.92 12.85
C GLY B 35 -24.98 -16.67 12.27
N LEU B 36 -24.38 -17.65 11.61
CA LEU B 36 -23.09 -17.47 10.96
C LEU B 36 -23.31 -17.00 9.53
N SER B 37 -22.78 -15.81 9.24
CA SER B 37 -23.06 -15.14 7.96
C SER B 37 -22.70 -16.04 6.79
N GLN B 38 -23.62 -16.10 5.82
CA GLN B 38 -23.43 -16.90 4.62
C GLN B 38 -22.48 -16.25 3.62
N LEU B 39 -21.79 -15.20 4.01
CA LEU B 39 -20.91 -14.58 3.04
C LEU B 39 -19.51 -15.17 3.13
N PRO B 40 -18.79 -15.20 2.00
CA PRO B 40 -17.38 -15.59 2.05
C PRO B 40 -16.51 -14.43 2.48
N ASP B 41 -15.41 -14.75 3.16
CA ASP B 41 -14.46 -13.74 3.61
C ASP B 41 -13.61 -13.17 2.48
N SER B 42 -13.92 -13.51 1.22
CA SER B 42 -13.26 -12.88 0.10
C SER B 42 -13.79 -11.48 -0.17
N SER B 43 -15.08 -11.25 0.03
CA SER B 43 -15.70 -9.94 -0.13
C SER B 43 -16.27 -9.51 1.22
N THR B 44 -15.49 -8.78 2.00
CA THR B 44 -15.90 -8.28 3.30
C THR B 44 -16.76 -7.02 3.20
N GLU B 45 -17.02 -6.53 1.99
CA GLU B 45 -17.71 -5.26 1.83
C GLU B 45 -19.22 -5.43 2.00
N ARG B 46 -19.75 -4.74 2.99
CA ARG B 46 -21.18 -4.74 3.27
C ARG B 46 -21.73 -3.33 3.10
N ASP B 47 -22.90 -3.21 2.49
CA ASP B 47 -23.63 -1.95 2.49
C ASP B 47 -24.95 -2.07 3.23
N ASP B 48 -25.26 -3.23 3.78
CA ASP B 48 -26.43 -3.42 4.64
C ASP B 48 -26.12 -2.91 6.04
N ASP B 49 -27.15 -2.90 6.88
CA ASP B 49 -27.02 -2.51 8.28
C ASP B 49 -27.80 -3.52 9.12
N THR B 50 -27.12 -4.59 9.53
CA THR B 50 -27.73 -5.56 10.43
C THR B 50 -27.76 -5.08 11.88
N LYS B 51 -26.92 -4.12 12.22
CA LYS B 51 -26.82 -3.61 13.59
C LYS B 51 -28.17 -3.18 14.19
N PRO B 52 -29.07 -2.53 13.45
CA PRO B 52 -30.37 -2.18 14.06
C PRO B 52 -31.19 -3.38 14.50
N PHE B 53 -31.02 -4.54 13.86
CA PHE B 53 -31.82 -5.71 14.18
C PHE B 53 -31.04 -6.89 14.74
N PHE B 54 -29.71 -6.90 14.61
CA PHE B 54 -28.92 -8.03 15.04
C PHE B 54 -27.82 -7.56 15.98
N ARG B 55 -27.25 -8.51 16.71
CA ARG B 55 -26.16 -8.22 17.63
C ARG B 55 -24.98 -9.11 17.30
N GLU B 56 -23.79 -8.51 17.25
CA GLU B 56 -22.60 -9.18 16.75
C GLU B 56 -21.52 -9.18 17.82
N ASN B 57 -21.12 -10.39 18.24
CA ASN B 57 -19.99 -10.55 19.16
C ASN B 57 -18.89 -11.37 18.50
N CYS B 58 -19.21 -12.53 17.92
CA CYS B 58 -18.29 -13.12 16.96
C CYS B 58 -18.32 -12.30 15.68
N ARG B 59 -17.16 -12.23 15.02
CA ARG B 59 -17.06 -11.38 13.84
C ARG B 59 -17.95 -11.86 12.69
N ASN B 60 -18.57 -13.02 12.82
CA ASN B 60 -19.51 -13.51 11.83
C ASN B 60 -20.74 -14.16 12.44
N LYS B 61 -20.99 -13.96 13.73
CA LYS B 61 -22.18 -14.51 14.37
C LYS B 61 -23.09 -13.36 14.78
N PHE B 62 -24.35 -13.44 14.37
CA PHE B 62 -25.35 -12.44 14.69
C PHE B 62 -26.46 -13.10 15.52
N THR B 63 -26.90 -12.40 16.55
CA THR B 63 -27.99 -12.86 17.41
C THR B 63 -29.13 -11.85 17.30
N PRO B 64 -30.33 -12.26 16.94
CA PRO B 64 -31.43 -11.31 16.80
C PRO B 64 -31.70 -10.58 18.10
N ARG B 65 -31.84 -9.25 18.01
CA ARG B 65 -32.21 -8.44 19.17
C ARG B 65 -33.72 -8.61 19.42
N ALA B 66 -34.08 -9.84 19.77
CA ALA B 66 -35.46 -10.20 20.00
C ALA B 66 -35.59 -10.87 21.36
N ILE B 67 -36.72 -10.65 22.00
CA ILE B 67 -37.03 -11.25 23.30
C ILE B 67 -38.31 -12.04 23.14
N MET B 68 -38.18 -13.36 23.09
CA MET B 68 -39.31 -14.27 22.90
C MET B 68 -39.96 -14.52 24.26
N MET B 69 -41.28 -14.35 24.32
CA MET B 69 -42.03 -14.45 25.57
C MET B 69 -43.34 -15.17 25.35
N ASP B 70 -43.50 -16.32 26.00
CA ASP B 70 -44.75 -17.05 25.99
C ASP B 70 -44.98 -17.63 27.38
N SER B 71 -46.09 -18.36 27.52
CA SER B 71 -46.37 -19.11 28.73
C SER B 71 -46.19 -20.61 28.55
N GLU B 72 -46.17 -21.11 27.31
CA GLU B 72 -46.00 -22.52 27.01
C GLU B 72 -44.65 -22.74 26.35
N PRO B 73 -43.83 -23.68 26.82
CA PRO B 73 -42.50 -23.86 26.24
C PRO B 73 -42.50 -24.33 24.79
N SER B 74 -43.64 -24.80 24.28
CA SER B 74 -43.63 -25.59 23.05
C SER B 74 -43.22 -24.77 21.83
N VAL B 75 -43.91 -23.65 21.57
CA VAL B 75 -43.66 -22.93 20.32
C VAL B 75 -42.31 -22.22 20.37
N ILE B 76 -41.90 -21.74 21.54
CA ILE B 76 -40.58 -21.12 21.66
C ILE B 76 -39.50 -22.16 21.46
N ALA B 77 -39.67 -23.34 22.04
CA ALA B 77 -38.71 -24.42 21.81
C ALA B 77 -38.68 -24.81 20.33
N ASP B 78 -39.83 -24.78 19.66
CA ASP B 78 -39.87 -25.09 18.24
C ASP B 78 -39.06 -24.06 17.45
N VAL B 79 -39.26 -22.77 17.73
CA VAL B 79 -38.51 -21.74 17.01
C VAL B 79 -37.02 -21.85 17.29
N GLU B 80 -36.65 -22.19 18.53
CA GLU B 80 -35.23 -22.27 18.87
C GLU B 80 -34.62 -23.57 18.38
N ASN B 81 -35.44 -24.56 18.05
CA ASN B 81 -34.91 -25.78 17.43
C ASN B 81 -34.74 -25.59 15.93
N THR B 82 -35.68 -24.88 15.29
CA THR B 82 -35.53 -24.58 13.87
C THR B 82 -34.27 -23.74 13.61
N PHE B 83 -33.97 -22.81 14.51
CA PHE B 83 -32.80 -21.94 14.41
C PHE B 83 -31.86 -22.31 15.56
N ARG B 84 -30.89 -23.17 15.27
CA ARG B 84 -29.96 -23.65 16.28
C ARG B 84 -28.95 -22.56 16.61
N GLY B 85 -28.86 -22.20 17.88
CA GLY B 85 -27.92 -21.18 18.33
C GLY B 85 -28.12 -19.81 17.73
N PHE B 86 -29.26 -19.56 17.08
CA PHE B 86 -29.52 -18.25 16.49
C PHE B 86 -29.86 -17.23 17.56
N PHE B 87 -30.89 -17.49 18.36
CA PHE B 87 -31.34 -16.60 19.40
C PHE B 87 -30.55 -16.87 20.67
N ASP B 88 -30.38 -15.82 21.48
CA ASP B 88 -29.68 -15.95 22.75
C ASP B 88 -30.64 -16.51 23.78
N PRO B 89 -30.37 -17.67 24.36
CA PRO B 89 -31.34 -18.26 25.32
C PRO B 89 -31.62 -17.38 26.52
N ARG B 90 -30.72 -16.46 26.85
CA ARG B 90 -31.01 -15.49 27.91
C ARG B 90 -32.13 -14.54 27.53
N ASN B 91 -32.56 -14.52 26.26
CA ASN B 91 -33.64 -13.67 25.80
C ASN B 91 -34.94 -14.44 25.65
N THR B 92 -35.09 -15.54 26.37
CA THR B 92 -36.31 -16.34 26.37
C THR B 92 -37.00 -16.16 27.71
N TRP B 93 -38.30 -16.44 27.75
CA TRP B 93 -39.09 -16.27 28.96
C TRP B 93 -40.37 -17.09 28.82
N VAL B 94 -40.58 -18.02 29.76
CA VAL B 94 -41.64 -19.01 29.65
C VAL B 94 -42.61 -18.91 30.84
N ALA B 95 -42.41 -17.90 31.69
CA ALA B 95 -43.36 -17.47 32.71
C ALA B 95 -43.47 -18.43 33.90
N SER B 96 -42.82 -19.60 33.81
CA SER B 96 -42.70 -20.54 34.93
C SER B 96 -44.01 -20.73 35.69
N ASP B 97 -45.13 -20.80 34.97
CA ASP B 97 -46.44 -20.94 35.59
C ASP B 97 -47.28 -22.04 34.94
N GLY B 98 -46.78 -22.64 33.86
CA GLY B 98 -47.54 -23.66 33.19
C GLY B 98 -48.52 -23.08 32.17
N ALA B 99 -49.31 -23.98 31.59
CA ALA B 99 -50.29 -23.58 30.58
C ALA B 99 -51.35 -22.67 31.19
N SER B 100 -51.74 -21.65 30.44
CA SER B 100 -52.71 -20.68 30.91
C SER B 100 -54.05 -21.35 31.18
N ALA B 101 -54.57 -21.14 32.39
CA ALA B 101 -55.89 -21.66 32.77
C ALA B 101 -56.96 -20.79 32.10
N GLY B 102 -57.05 -20.95 30.79
CA GLY B 102 -57.91 -20.15 29.95
C GLY B 102 -57.13 -19.16 29.10
N ASN B 103 -57.76 -18.79 27.98
CA ASN B 103 -57.17 -17.85 27.04
C ASN B 103 -57.68 -16.43 27.27
N SER B 104 -57.91 -16.06 28.52
CA SER B 104 -58.40 -14.73 28.85
C SER B 104 -57.26 -13.71 28.83
N TRP B 105 -57.63 -12.46 28.56
CA TRP B 105 -56.65 -11.37 28.55
C TRP B 105 -56.08 -11.14 29.95
N ALA B 106 -56.93 -11.19 30.96
CA ALA B 106 -56.48 -10.98 32.33
C ALA B 106 -55.44 -12.02 32.73
N ASN B 107 -55.58 -13.25 32.24
CA ASN B 107 -54.55 -14.27 32.45
C ASN B 107 -53.19 -13.77 31.98
N GLY B 108 -53.12 -13.25 30.75
CA GLY B 108 -51.86 -12.76 30.24
C GLY B 108 -51.34 -11.55 31.00
N TYR B 109 -52.23 -10.60 31.30
CA TYR B 109 -51.80 -9.40 32.02
C TYR B 109 -51.22 -9.76 33.38
N ASP B 110 -51.83 -10.72 34.07
CA ASP B 110 -51.31 -11.09 35.39
C ASP B 110 -50.03 -11.93 35.28
N ILE B 111 -49.99 -12.87 34.34
CA ILE B 111 -48.79 -13.70 34.21
C ILE B 111 -47.62 -12.85 33.76
N GLY B 112 -47.90 -11.67 33.19
CA GLY B 112 -46.85 -10.70 32.98
C GLY B 112 -46.54 -9.88 34.22
N THR B 113 -47.59 -9.44 34.93
CA THR B 113 -47.41 -8.61 36.11
C THR B 113 -46.58 -9.32 37.18
N ARG B 114 -46.69 -10.65 37.26
CA ARG B 114 -45.90 -11.39 38.24
C ARG B 114 -44.41 -11.29 37.93
N ASN B 115 -44.02 -11.64 36.70
CA ASN B 115 -42.63 -11.58 36.28
C ASN B 115 -42.30 -10.29 35.54
N GLN B 116 -43.10 -9.23 35.72
CA GLN B 116 -42.80 -7.96 35.10
C GLN B 116 -41.41 -7.46 35.50
N ASP B 117 -41.01 -7.73 36.74
CA ASP B 117 -39.63 -7.45 37.13
C ASP B 117 -38.64 -8.20 36.25
N ASP B 118 -38.86 -9.51 36.06
CA ASP B 118 -37.95 -10.31 35.25
C ASP B 118 -38.01 -9.90 33.78
N ILE B 119 -39.20 -9.62 33.28
CA ILE B 119 -39.35 -9.21 31.89
C ILE B 119 -38.61 -7.90 31.64
N LEU B 120 -38.85 -6.90 32.48
CA LEU B 120 -38.16 -5.62 32.35
C LEU B 120 -36.66 -5.78 32.53
N ASN B 121 -36.23 -6.68 33.42
CA ASN B 121 -34.80 -6.92 33.58
C ASN B 121 -34.19 -7.49 32.32
N LYS B 122 -34.87 -8.44 31.67
CA LYS B 122 -34.36 -9.01 30.42
C LYS B 122 -34.34 -7.96 29.32
N ILE B 123 -35.37 -7.11 29.26
CA ILE B 123 -35.40 -6.06 28.25
C ILE B 123 -34.25 -5.08 28.46
N ASP B 124 -34.01 -4.67 29.71
CA ASP B 124 -32.90 -3.78 29.99
C ASP B 124 -31.56 -4.45 29.72
N LYS B 125 -31.47 -5.76 29.92
CA LYS B 125 -30.24 -6.47 29.62
C LYS B 125 -29.97 -6.50 28.12
N GLU B 126 -31.04 -6.61 27.32
CA GLU B 126 -30.85 -6.54 25.87
C GLU B 126 -30.53 -5.12 25.43
N ILE B 127 -31.10 -4.12 26.09
CA ILE B 127 -30.83 -2.72 25.75
C ILE B 127 -29.40 -2.36 26.14
N ASP B 128 -28.86 -3.01 27.17
CA ASP B 128 -27.52 -2.71 27.64
C ASP B 128 -26.46 -2.97 26.58
N SER B 129 -26.59 -4.05 25.80
CA SER B 129 -25.57 -4.38 24.82
C SER B 129 -25.56 -3.45 23.61
N THR B 130 -26.43 -2.44 23.59
CA THR B 130 -26.40 -1.45 22.52
C THR B 130 -26.22 -0.08 23.16
N ASP B 131 -25.94 0.92 22.32
CA ASP B 131 -25.78 2.28 22.79
C ASP B 131 -26.87 3.18 22.22
N ASN B 132 -27.04 3.15 20.90
CA ASN B 132 -28.09 3.93 20.23
C ASN B 132 -29.32 3.04 20.04
N PHE B 133 -30.23 3.14 21.02
CA PHE B 133 -31.45 2.35 20.99
C PHE B 133 -32.63 3.25 20.63
N GLU B 134 -33.47 2.78 19.72
CA GLU B 134 -34.56 3.58 19.16
C GLU B 134 -35.93 3.19 19.66
N GLY B 135 -36.31 1.92 19.58
CA GLY B 135 -37.65 1.54 20.00
C GLY B 135 -37.86 0.05 19.89
N PHE B 136 -39.13 -0.34 20.01
CA PHE B 136 -39.51 -1.75 20.07
C PHE B 136 -40.44 -2.09 18.92
N GLN B 137 -40.53 -3.37 18.61
CA GLN B 137 -41.54 -3.90 17.70
C GLN B 137 -42.11 -5.18 18.30
N LEU B 138 -43.44 -5.27 18.34
CA LEU B 138 -44.13 -6.33 19.07
C LEU B 138 -45.14 -7.00 18.17
N LEU B 139 -45.17 -8.33 18.22
CA LEU B 139 -46.09 -9.14 17.42
C LEU B 139 -47.16 -9.70 18.35
N HIS B 140 -48.37 -9.13 18.27
CA HIS B 140 -49.38 -9.32 19.30
C HIS B 140 -50.19 -10.57 19.06
N SER B 141 -50.94 -10.68 17.95
CA SER B 141 -52.08 -11.59 17.88
C SER B 141 -53.07 -11.25 18.99
N VAL B 142 -53.69 -10.07 18.91
CA VAL B 142 -54.45 -9.52 20.04
C VAL B 142 -55.67 -10.37 20.37
N ALA B 143 -55.96 -11.41 19.59
CA ALA B 143 -57.10 -12.26 19.86
C ALA B 143 -56.83 -13.30 20.93
N GLY B 144 -55.66 -13.92 20.93
CA GLY B 144 -55.37 -14.97 21.88
C GLY B 144 -55.17 -14.46 23.29
N GLY B 145 -55.02 -15.39 24.22
CA GLY B 145 -54.81 -15.07 25.61
C GLY B 145 -53.48 -14.39 25.89
N THR B 146 -52.39 -15.10 25.61
CA THR B 146 -51.06 -14.55 25.87
C THR B 146 -50.81 -13.31 25.03
N GLY B 147 -51.05 -13.41 23.72
CA GLY B 147 -50.79 -12.29 22.83
C GLY B 147 -51.50 -11.01 23.25
N SER B 148 -52.70 -11.15 23.81
CA SER B 148 -53.41 -9.97 24.28
C SER B 148 -52.90 -9.51 25.64
N GLY B 149 -52.90 -10.41 26.63
CA GLY B 149 -52.57 -10.00 27.99
C GLY B 149 -51.12 -9.61 28.17
N LEU B 150 -50.20 -10.54 27.86
CA LEU B 150 -48.79 -10.26 28.03
C LEU B 150 -48.37 -9.09 27.12
N GLY B 151 -48.93 -9.02 25.92
CA GLY B 151 -48.65 -7.89 25.05
C GLY B 151 -49.07 -6.56 25.64
N SER B 152 -50.29 -6.51 26.19
CA SER B 152 -50.77 -5.29 26.81
C SER B 152 -49.92 -4.90 28.02
N ASN B 153 -49.50 -5.90 28.81
CA ASN B 153 -48.66 -5.60 29.96
C ASN B 153 -47.28 -5.08 29.52
N LEU B 154 -46.74 -5.66 28.45
CA LEU B 154 -45.49 -5.15 27.89
C LEU B 154 -45.64 -3.71 27.44
N LEU B 155 -46.74 -3.38 26.76
CA LEU B 155 -46.96 -2.00 26.35
C LEU B 155 -47.07 -1.08 27.56
N GLU B 156 -47.84 -1.48 28.57
CA GLU B 156 -47.98 -0.66 29.77
C GLU B 156 -46.64 -0.40 30.43
N ALA B 157 -45.78 -1.41 30.47
CA ALA B 157 -44.47 -1.24 31.08
C ALA B 157 -43.58 -0.32 30.26
N LEU B 158 -43.41 -0.63 28.98
CA LEU B 158 -42.43 0.09 28.16
C LEU B 158 -42.92 1.48 27.76
N CYS B 159 -44.21 1.77 27.92
CA CYS B 159 -44.69 3.12 27.66
C CYS B 159 -44.08 4.12 28.63
N ASP B 160 -44.03 3.76 29.91
CA ASP B 160 -43.48 4.66 30.92
C ASP B 160 -42.01 4.41 31.19
N ARG B 161 -41.53 3.17 31.01
CA ARG B 161 -40.13 2.89 31.31
C ARG B 161 -39.19 3.68 30.39
N TYR B 162 -39.50 3.71 29.10
CA TYR B 162 -38.67 4.41 28.11
C TYR B 162 -39.52 5.43 27.36
N PRO B 163 -39.76 6.61 27.95
CA PRO B 163 -40.57 7.64 27.30
C PRO B 163 -39.80 8.53 26.32
N LYS B 164 -38.93 7.91 25.52
CA LYS B 164 -38.33 8.59 24.39
C LYS B 164 -38.22 7.63 23.21
N LYS B 165 -38.73 6.42 23.39
CA LYS B 165 -38.67 5.39 22.38
C LYS B 165 -40.03 5.23 21.70
N ILE B 166 -40.01 4.59 20.53
CA ILE B 166 -41.21 4.39 19.74
C ILE B 166 -41.67 2.95 19.87
N LEU B 167 -42.95 2.77 20.19
CA LEU B 167 -43.55 1.45 20.34
C LEU B 167 -44.38 1.17 19.10
N THR B 168 -43.86 0.35 18.20
CA THR B 168 -44.61 -0.11 17.04
C THR B 168 -45.03 -1.55 17.28
N THR B 169 -46.25 -1.88 16.84
CA THR B 169 -46.83 -3.19 17.06
C THR B 169 -47.44 -3.72 15.77
N TYR B 170 -47.14 -4.97 15.47
CA TYR B 170 -47.71 -5.66 14.32
C TYR B 170 -48.83 -6.58 14.82
N SER B 171 -50.02 -6.02 15.00
CA SER B 171 -51.12 -6.67 15.71
C SER B 171 -51.97 -7.48 14.75
N VAL B 172 -52.02 -8.80 14.96
CA VAL B 172 -52.81 -9.71 14.16
C VAL B 172 -54.21 -9.82 14.78
N PHE B 173 -55.24 -9.75 13.94
CA PHE B 173 -56.62 -9.83 14.40
C PHE B 173 -57.28 -11.12 13.91
N PRO B 174 -58.37 -11.57 14.54
CA PRO B 174 -58.97 -12.84 14.13
C PRO B 174 -59.97 -12.67 13.00
N ALA B 175 -60.03 -13.70 12.14
CA ALA B 175 -60.96 -13.66 11.01
C ALA B 175 -62.37 -14.08 11.41
N ARG B 176 -62.52 -15.36 11.77
CA ARG B 176 -63.80 -15.90 12.18
C ARG B 176 -63.62 -16.51 13.56
N SER B 177 -64.09 -15.80 14.57
CA SER B 177 -63.91 -16.19 15.96
C SER B 177 -64.80 -17.38 16.25
N SER B 178 -64.23 -18.58 16.20
CA SER B 178 -64.92 -19.78 16.64
C SER B 178 -65.48 -19.64 18.05
N GLU B 179 -64.82 -18.84 18.89
CA GLU B 179 -65.35 -18.40 20.18
C GLU B 179 -65.40 -16.88 20.12
N VAL B 180 -66.58 -16.34 19.79
CA VAL B 180 -66.71 -14.92 19.49
C VAL B 180 -66.42 -14.07 20.73
N VAL B 181 -67.00 -14.41 21.87
CA VAL B 181 -67.03 -13.47 22.99
C VAL B 181 -65.65 -13.33 23.62
N VAL B 182 -64.95 -14.45 23.83
CA VAL B 182 -63.66 -14.36 24.51
C VAL B 182 -62.63 -13.68 23.63
N GLN B 183 -62.63 -13.99 22.32
CA GLN B 183 -61.64 -13.38 21.43
C GLN B 183 -61.94 -11.91 21.21
N SER B 184 -63.22 -11.54 21.13
CA SER B 184 -63.56 -10.12 21.04
C SER B 184 -63.17 -9.38 22.30
N TYR B 185 -63.39 -9.99 23.47
CA TYR B 185 -62.98 -9.35 24.72
C TYR B 185 -61.47 -9.15 24.77
N ASN B 186 -60.70 -10.17 24.39
CA ASN B 186 -59.25 -10.04 24.34
C ASN B 186 -58.83 -8.96 23.34
N THR B 187 -59.50 -8.89 22.19
CA THR B 187 -59.16 -7.89 21.19
C THR B 187 -59.37 -6.49 21.73
N ILE B 188 -60.47 -6.26 22.45
CA ILE B 188 -60.75 -4.92 22.95
C ILE B 188 -59.84 -4.57 24.12
N LEU B 189 -59.55 -5.54 24.98
CA LEU B 189 -58.65 -5.29 26.10
C LEU B 189 -57.24 -5.00 25.63
N ALA B 190 -56.82 -5.61 24.51
CA ALA B 190 -55.53 -5.25 23.92
C ALA B 190 -55.61 -3.93 23.17
N LEU B 191 -56.77 -3.63 22.59
CA LEU B 191 -56.91 -2.42 21.80
C LEU B 191 -56.88 -1.18 22.67
N ARG B 192 -57.34 -1.29 23.92
CA ARG B 192 -57.17 -0.17 24.83
C ARG B 192 -55.72 0.26 24.92
N ARG B 193 -54.81 -0.71 25.01
CA ARG B 193 -53.39 -0.40 25.12
C ARG B 193 -52.81 0.02 23.77
N LEU B 194 -53.25 -0.64 22.69
CA LEU B 194 -52.76 -0.25 21.37
C LEU B 194 -53.24 1.14 20.97
N ILE B 195 -54.24 1.67 21.68
CA ILE B 195 -54.64 3.05 21.49
C ILE B 195 -53.87 3.98 22.43
N GLU B 196 -53.76 3.58 23.70
CA GLU B 196 -53.23 4.47 24.73
C GLU B 196 -51.72 4.35 24.91
N ASP B 197 -51.11 3.24 24.46
CA ASP B 197 -49.69 3.02 24.73
C ASP B 197 -48.82 3.02 23.48
N SER B 198 -49.14 2.21 22.48
CA SER B 198 -48.28 2.10 21.31
C SER B 198 -48.34 3.37 20.47
N ASP B 199 -47.22 3.70 19.84
CA ASP B 199 -47.13 4.90 19.01
C ASP B 199 -47.48 4.64 17.56
N ALA B 200 -47.49 3.38 17.13
CA ALA B 200 -47.87 3.01 15.78
C ALA B 200 -48.26 1.54 15.76
N THR B 201 -49.41 1.24 15.18
CA THR B 201 -49.94 -0.11 15.14
C THR B 201 -50.14 -0.54 13.70
N VAL B 202 -49.50 -1.63 13.32
CA VAL B 202 -49.69 -2.24 12.01
C VAL B 202 -50.63 -3.44 12.19
N VAL B 203 -51.83 -3.32 11.66
CA VAL B 203 -52.90 -4.28 11.92
C VAL B 203 -52.93 -5.31 10.79
N PHE B 204 -53.36 -6.52 11.13
CA PHE B 204 -53.60 -7.56 10.13
C PHE B 204 -54.93 -8.22 10.44
N ASP B 205 -55.67 -8.54 9.37
CA ASP B 205 -56.97 -9.18 9.50
C ASP B 205 -56.86 -10.59 8.90
N ASN B 206 -57.11 -11.61 9.73
CA ASN B 206 -56.85 -12.98 9.33
C ASN B 206 -57.69 -13.41 8.12
N ALA B 207 -58.84 -12.75 7.89
CA ALA B 207 -59.67 -13.13 6.76
C ALA B 207 -58.99 -12.82 5.44
N SER B 208 -58.57 -11.56 5.27
CA SER B 208 -57.82 -11.18 4.09
C SER B 208 -56.50 -11.95 3.98
N LEU B 209 -55.85 -12.21 5.11
CA LEU B 209 -54.63 -13.02 5.08
C LEU B 209 -54.90 -14.41 4.52
N LEU B 210 -55.98 -15.05 4.95
CA LEU B 210 -56.30 -16.37 4.44
C LEU B 210 -56.68 -16.32 2.96
N ASN B 211 -57.49 -15.34 2.56
CA ASN B 211 -57.86 -15.22 1.15
C ASN B 211 -56.63 -15.03 0.27
N ILE B 212 -55.71 -14.16 0.68
CA ILE B 212 -54.54 -13.88 -0.14
C ILE B 212 -53.58 -15.07 -0.12
N SER B 213 -53.46 -15.74 1.03
CA SER B 213 -52.67 -16.96 1.08
C SER B 213 -53.22 -18.01 0.12
N GLY B 214 -54.54 -18.11 0.02
CA GLY B 214 -55.16 -19.01 -0.91
C GLY B 214 -54.85 -18.65 -2.34
N LYS B 215 -54.98 -17.36 -2.67
CA LYS B 215 -54.76 -16.93 -4.05
C LYS B 215 -53.28 -16.92 -4.44
N VAL B 216 -52.37 -16.96 -3.48
CA VAL B 216 -50.94 -17.00 -3.83
C VAL B 216 -50.40 -18.43 -3.77
N PHE B 217 -50.47 -19.06 -2.60
CA PHE B 217 -49.94 -20.40 -2.41
C PHE B 217 -50.67 -21.40 -3.29
N ARG B 218 -49.94 -22.42 -3.75
CA ARG B 218 -50.51 -23.44 -4.63
C ARG B 218 -51.10 -24.59 -3.80
N ASN B 219 -51.90 -24.21 -2.81
CA ASN B 219 -52.57 -25.13 -1.92
C ASN B 219 -53.84 -24.47 -1.39
N PRO B 220 -55.01 -24.77 -1.97
CA PRO B 220 -56.26 -24.17 -1.47
C PRO B 220 -56.52 -24.45 0.00
N ASN B 221 -55.95 -25.51 0.56
CA ASN B 221 -56.01 -25.76 1.99
C ASN B 221 -54.85 -25.03 2.65
N ILE B 222 -55.16 -23.93 3.33
CA ILE B 222 -54.16 -23.01 3.86
C ILE B 222 -53.90 -23.33 5.32
N ASP B 223 -52.63 -23.26 5.71
CA ASP B 223 -52.21 -23.37 7.10
C ASP B 223 -51.78 -22.00 7.60
N LEU B 224 -52.34 -21.60 8.75
CA LEU B 224 -51.94 -20.36 9.39
C LEU B 224 -50.42 -20.26 9.58
N GLN B 225 -49.77 -21.41 9.80
CA GLN B 225 -48.31 -21.47 9.86
C GLN B 225 -47.68 -20.73 8.69
N HIS B 226 -47.96 -21.14 7.46
CA HIS B 226 -47.45 -20.41 6.31
C HIS B 226 -48.34 -19.24 5.90
N THR B 227 -49.31 -18.86 6.74
CA THR B 227 -49.99 -17.59 6.55
C THR B 227 -49.23 -16.46 7.23
N ASN B 228 -48.55 -16.76 8.33
CA ASN B 228 -47.77 -15.75 9.04
C ASN B 228 -46.67 -15.16 8.15
N GLN B 229 -46.32 -15.85 7.05
CA GLN B 229 -45.23 -15.38 6.22
C GLN B 229 -45.58 -14.06 5.54
N LEU B 230 -46.86 -13.81 5.29
CA LEU B 230 -47.26 -12.52 4.74
C LEU B 230 -46.97 -11.38 5.71
N ILE B 231 -47.33 -11.56 6.98
CA ILE B 231 -46.95 -10.59 8.01
C ILE B 231 -45.44 -10.44 8.06
N SER B 232 -44.72 -11.55 7.94
CA SER B 232 -43.26 -11.50 7.91
C SER B 232 -42.76 -10.60 6.79
N THR B 233 -43.30 -10.76 5.59
CA THR B 233 -42.84 -9.96 4.46
C THR B 233 -43.25 -8.50 4.61
N ILE B 234 -44.40 -8.24 5.23
CA ILE B 234 -44.80 -6.86 5.44
C ILE B 234 -43.84 -6.18 6.42
N ILE B 235 -43.47 -6.88 7.49
CA ILE B 235 -42.52 -6.32 8.45
C ILE B 235 -41.18 -6.08 7.76
N SER B 236 -40.70 -7.08 7.01
CA SER B 236 -39.41 -6.94 6.35
C SER B 236 -39.42 -5.80 5.34
N SER B 237 -40.54 -5.61 4.64
CA SER B 237 -40.63 -4.50 3.70
C SER B 237 -40.61 -3.16 4.42
N VAL B 238 -41.33 -3.07 5.55
CA VAL B 238 -41.30 -1.82 6.33
C VAL B 238 -39.88 -1.52 6.76
N THR B 239 -39.14 -2.54 7.18
CA THR B 239 -37.78 -2.35 7.69
C THR B 239 -36.72 -2.26 6.59
N ASN B 240 -37.07 -2.57 5.34
CA ASN B 240 -36.09 -2.56 4.26
C ASN B 240 -35.48 -1.18 4.08
N SER B 241 -36.20 -0.13 4.48
CA SER B 241 -35.62 1.20 4.44
C SER B 241 -34.59 1.42 5.54
N ILE B 242 -34.52 0.54 6.53
CA ILE B 242 -33.62 0.68 7.66
C ILE B 242 -32.46 -0.28 7.57
N ARG B 243 -32.70 -1.48 7.07
CA ARG B 243 -31.65 -2.50 7.01
C ARG B 243 -30.84 -2.41 5.72
N PHE B 244 -31.37 -1.72 4.71
CA PHE B 244 -30.63 -1.39 3.49
C PHE B 244 -30.79 0.10 3.26
N PRO B 245 -30.01 0.91 3.96
CA PRO B 245 -30.29 2.35 4.00
C PRO B 245 -30.05 3.02 2.66
N SER B 246 -30.73 4.14 2.46
CA SER B 246 -30.70 4.88 1.21
C SER B 246 -30.88 6.36 1.51
N TYR B 247 -31.25 7.14 0.50
CA TYR B 247 -31.32 8.59 0.65
C TYR B 247 -32.27 9.03 1.76
N MET B 248 -33.51 8.53 1.76
CA MET B 248 -34.56 9.24 2.49
C MET B 248 -34.80 8.74 3.91
N TYR B 249 -35.20 7.48 4.08
CA TYR B 249 -35.64 6.98 5.37
C TYR B 249 -34.69 5.91 5.88
N SER B 250 -34.29 6.03 7.15
CA SER B 250 -33.35 5.08 7.72
C SER B 250 -33.77 4.63 9.10
N SER B 251 -34.81 5.25 9.66
CA SER B 251 -35.25 4.90 11.01
C SER B 251 -36.78 4.86 11.04
N MET B 252 -37.30 4.07 12.00
CA MET B 252 -38.73 4.00 12.20
C MET B 252 -39.33 5.36 12.53
N SER B 253 -38.56 6.24 13.19
CA SER B 253 -39.07 7.55 13.50
C SER B 253 -39.42 8.34 12.25
N SER B 254 -38.56 8.27 11.23
CA SER B 254 -38.84 8.96 9.97
C SER B 254 -40.04 8.34 9.26
N ILE B 255 -40.08 7.01 9.18
CA ILE B 255 -41.19 6.33 8.53
C ILE B 255 -42.51 6.71 9.20
N TYR B 256 -42.50 6.84 10.54
CA TYR B 256 -43.73 7.10 11.25
C TYR B 256 -44.12 8.58 11.20
N SER B 257 -43.15 9.49 11.19
CA SER B 257 -43.48 10.89 10.91
C SER B 257 -44.01 11.04 9.50
N THR B 258 -43.62 10.12 8.60
CA THR B 258 -44.24 10.05 7.28
C THR B 258 -45.68 9.57 7.39
N LEU B 259 -45.92 8.54 8.20
CA LEU B 259 -47.23 7.90 8.25
C LEU B 259 -48.16 8.51 9.29
N ILE B 260 -47.65 8.78 10.49
CA ILE B 260 -48.52 9.17 11.61
C ILE B 260 -48.69 10.68 11.64
N PRO B 261 -49.87 11.22 11.30
CA PRO B 261 -50.06 12.66 11.42
C PRO B 261 -50.27 13.12 12.85
N SER B 262 -51.07 12.39 13.63
CA SER B 262 -51.37 12.74 15.01
C SER B 262 -51.39 11.46 15.82
N PRO B 263 -51.02 11.53 17.10
CA PRO B 263 -50.96 10.29 17.92
C PRO B 263 -52.29 9.57 18.02
N GLU B 264 -53.38 10.17 17.55
CA GLU B 264 -54.68 9.49 17.61
C GLU B 264 -54.86 8.54 16.44
N LEU B 265 -54.53 8.98 15.23
CA LEU B 265 -54.73 8.20 14.00
C LEU B 265 -53.42 7.50 13.67
N HIS B 266 -53.11 6.44 14.39
CA HIS B 266 -51.85 5.74 14.22
C HIS B 266 -52.02 4.24 13.98
N PHE B 267 -53.08 3.84 13.29
CA PHE B 267 -53.25 2.47 12.86
C PHE B 267 -52.99 2.41 11.35
N LEU B 268 -52.14 1.47 10.95
CA LEU B 268 -51.64 1.42 9.58
C LEU B 268 -52.11 0.15 8.90
N SER B 269 -52.61 0.30 7.67
CA SER B 269 -53.16 -0.80 6.90
C SER B 269 -52.16 -1.27 5.87
N PRO B 270 -51.58 -2.46 6.00
CA PRO B 270 -50.59 -2.92 5.02
C PRO B 270 -51.24 -3.25 3.69
N SER B 271 -50.39 -3.43 2.69
CA SER B 271 -50.78 -3.85 1.35
C SER B 271 -49.52 -4.20 0.59
N PHE B 272 -49.54 -5.33 -0.12
CA PHE B 272 -48.33 -5.84 -0.74
C PHE B 272 -48.56 -6.13 -2.21
N THR B 273 -47.45 -6.16 -2.96
CA THR B 273 -47.38 -6.41 -4.39
C THR B 273 -47.29 -7.92 -4.64
N PRO B 274 -47.19 -8.37 -5.89
CA PRO B 274 -47.01 -9.80 -6.14
C PRO B 274 -46.00 -10.44 -5.19
N PHE B 275 -46.49 -11.43 -4.43
CA PHE B 275 -45.73 -12.05 -3.35
C PHE B 275 -44.67 -12.97 -3.96
N THR B 276 -43.39 -12.64 -3.74
CA THR B 276 -42.30 -13.43 -4.28
C THR B 276 -41.20 -13.67 -3.25
N SER B 277 -41.38 -13.22 -2.02
CA SER B 277 -40.44 -13.52 -0.94
C SER B 277 -40.99 -14.52 0.06
N ASP B 278 -42.06 -15.23 -0.26
CA ASP B 278 -42.62 -16.28 0.57
C ASP B 278 -42.08 -17.64 0.11
N TYR B 279 -42.66 -18.71 0.67
CA TYR B 279 -42.20 -20.05 0.33
C TYR B 279 -42.54 -20.40 -1.12
N ILE B 280 -43.77 -20.17 -1.54
CA ILE B 280 -44.26 -20.61 -2.84
C ILE B 280 -44.56 -19.37 -3.68
N HIS B 281 -43.67 -19.05 -4.63
CA HIS B 281 -43.86 -17.92 -5.53
C HIS B 281 -43.47 -18.29 -6.95
N ASP B 282 -43.86 -19.47 -7.42
CA ASP B 282 -43.50 -19.88 -8.77
C ASP B 282 -44.39 -19.24 -9.82
N ASP B 283 -45.58 -18.78 -9.43
CA ASP B 283 -46.55 -18.24 -10.38
C ASP B 283 -46.43 -16.72 -10.50
N ILE B 284 -45.27 -16.29 -11.01
CA ILE B 284 -45.02 -14.87 -11.25
C ILE B 284 -44.46 -14.58 -12.63
N ALA B 285 -44.02 -15.59 -13.40
CA ALA B 285 -43.40 -15.33 -14.69
C ALA B 285 -44.42 -14.85 -15.72
N HIS B 286 -45.69 -15.23 -15.56
CA HIS B 286 -46.74 -14.79 -16.46
C HIS B 286 -47.26 -13.40 -16.11
N LYS B 287 -46.74 -12.77 -15.06
CA LYS B 287 -47.20 -11.44 -14.69
C LYS B 287 -46.42 -10.36 -15.43
N CYS B 288 -45.09 -10.35 -15.28
CA CYS B 288 -44.22 -9.40 -15.96
C CYS B 288 -44.60 -7.96 -15.66
N HIS B 289 -45.22 -7.73 -14.51
CA HIS B 289 -45.66 -6.41 -14.08
C HIS B 289 -44.52 -5.40 -14.10
N SER B 290 -44.88 -4.14 -14.33
CA SER B 290 -43.96 -3.03 -14.17
C SER B 290 -44.24 -2.30 -12.87
N SER B 291 -43.41 -1.30 -12.56
CA SER B 291 -43.64 -0.48 -11.37
C SER B 291 -44.95 0.29 -11.45
N TYR B 292 -45.39 0.65 -12.65
CA TYR B 292 -46.68 1.29 -12.82
C TYR B 292 -47.81 0.34 -12.44
N ASP B 293 -47.77 -0.89 -12.95
CA ASP B 293 -48.72 -1.91 -12.54
C ASP B 293 -48.67 -2.14 -11.03
N VAL B 294 -47.47 -2.12 -10.44
CA VAL B 294 -47.34 -2.28 -9.00
C VAL B 294 -48.09 -1.18 -8.26
N MET B 295 -47.82 0.08 -8.63
CA MET B 295 -48.42 1.20 -7.92
C MET B 295 -49.92 1.27 -8.17
N LEU B 296 -50.41 0.68 -9.25
CA LEU B 296 -51.85 0.67 -9.50
C LEU B 296 -52.56 -0.54 -8.92
N ASP B 297 -51.83 -1.62 -8.62
CA ASP B 297 -52.43 -2.73 -7.88
C ASP B 297 -52.42 -2.47 -6.38
N LEU B 298 -51.49 -1.64 -5.91
CA LEU B 298 -51.46 -1.34 -4.48
C LEU B 298 -52.76 -0.72 -3.98
N LEU B 299 -53.61 -0.23 -4.87
CA LEU B 299 -54.92 0.29 -4.50
C LEU B 299 -56.06 -0.68 -4.80
N ASP B 300 -55.74 -1.93 -5.14
CA ASP B 300 -56.78 -2.91 -5.41
C ASP B 300 -57.04 -3.73 -4.15
N PRO B 301 -58.27 -3.75 -3.63
CA PRO B 301 -58.54 -4.39 -2.34
C PRO B 301 -58.07 -5.83 -2.22
N SER B 302 -57.93 -6.52 -3.36
CA SER B 302 -57.54 -7.92 -3.35
C SER B 302 -56.10 -8.11 -2.86
N ASN B 303 -55.34 -7.04 -2.67
CA ASN B 303 -53.97 -7.12 -2.18
C ASN B 303 -53.83 -6.66 -0.74
N SER B 304 -54.67 -5.75 -0.28
CA SER B 304 -54.60 -5.24 1.08
C SER B 304 -54.83 -6.35 2.08
N LEU B 305 -54.04 -6.35 3.15
CA LEU B 305 -54.14 -7.36 4.20
C LEU B 305 -55.12 -6.98 5.30
N VAL B 306 -55.99 -5.99 5.06
CA VAL B 306 -57.01 -5.56 6.00
C VAL B 306 -58.36 -5.61 5.28
N SER B 307 -59.42 -5.90 6.03
CA SER B 307 -60.76 -5.93 5.47
C SER B 307 -61.02 -4.68 4.66
N THR B 308 -61.61 -4.86 3.47
CA THR B 308 -61.64 -3.75 2.51
C THR B 308 -62.75 -2.77 2.83
N ALA B 309 -64.01 -3.19 2.67
CA ALA B 309 -65.18 -2.35 2.91
C ALA B 309 -64.98 -0.95 2.35
N MET B 310 -64.29 -0.86 1.22
CA MET B 310 -63.73 0.40 0.72
C MET B 310 -64.81 1.22 0.03
N ASN B 311 -65.80 1.62 0.81
CA ASN B 311 -66.84 2.54 0.34
C ASN B 311 -66.26 3.95 0.36
N ASN B 312 -65.38 4.21 -0.62
CA ASN B 312 -64.63 5.45 -0.72
C ASN B 312 -63.86 5.70 0.56
N PRO B 313 -62.82 4.91 0.86
CA PRO B 313 -62.06 5.13 2.09
C PRO B 313 -61.24 6.40 2.02
N THR B 314 -61.22 7.12 3.13
CA THR B 314 -60.47 8.36 3.24
C THR B 314 -59.07 8.06 3.76
N TYR B 315 -58.10 8.04 2.85
CA TYR B 315 -56.70 7.86 3.20
C TYR B 315 -56.17 9.17 3.77
N PHE B 316 -55.62 9.11 4.98
CA PHE B 316 -55.04 10.29 5.61
C PHE B 316 -53.56 10.43 5.34
N ASN B 317 -52.82 9.33 5.33
CA ASN B 317 -51.41 9.33 4.94
C ASN B 317 -51.09 7.99 4.32
N VAL B 318 -50.37 8.02 3.21
CA VAL B 318 -49.95 6.81 2.51
C VAL B 318 -48.43 6.84 2.39
N TYR B 319 -47.81 5.67 2.57
CA TYR B 319 -46.37 5.53 2.44
C TYR B 319 -46.08 4.30 1.58
N ASN B 320 -45.56 4.54 0.38
CA ASN B 320 -45.27 3.47 -0.57
C ASN B 320 -43.80 3.11 -0.51
N THR B 321 -43.52 1.82 -0.59
CA THR B 321 -42.16 1.31 -0.66
C THR B 321 -42.03 0.46 -1.91
N ILE B 322 -41.10 0.83 -2.80
CA ILE B 322 -40.84 0.08 -4.01
C ILE B 322 -39.43 -0.51 -3.90
N ILE B 323 -39.32 -1.81 -4.16
CA ILE B 323 -38.09 -2.55 -3.94
C ILE B 323 -37.60 -3.09 -5.27
N GLY B 324 -36.35 -2.76 -5.61
CA GLY B 324 -35.74 -3.25 -6.83
C GLY B 324 -35.22 -2.16 -7.73
N ASN B 325 -34.88 -2.50 -8.97
CA ASN B 325 -34.49 -1.51 -9.98
C ASN B 325 -35.76 -0.85 -10.48
N VAL B 326 -35.93 0.43 -10.17
CA VAL B 326 -37.17 1.15 -10.43
C VAL B 326 -36.85 2.42 -11.19
N GLU B 327 -37.69 2.76 -12.16
CA GLU B 327 -37.54 4.01 -12.90
C GLU B 327 -38.42 5.08 -12.26
N PRO B 328 -37.85 6.11 -11.63
CA PRO B 328 -38.68 7.12 -10.96
C PRO B 328 -39.75 7.75 -11.83
N ARG B 329 -39.64 7.65 -13.15
CA ARG B 329 -40.66 8.23 -14.02
C ARG B 329 -41.92 7.38 -14.07
N GLN B 330 -41.78 6.07 -14.10
CA GLN B 330 -42.94 5.19 -13.93
C GLN B 330 -43.65 5.48 -12.61
N ILE B 331 -42.87 5.67 -11.54
CA ILE B 331 -43.43 5.98 -10.24
C ILE B 331 -44.16 7.31 -10.28
N SER B 332 -43.58 8.30 -10.97
CA SER B 332 -44.23 9.61 -11.06
C SER B 332 -45.55 9.51 -11.82
N ARG B 333 -45.58 8.78 -12.94
CA ARG B 333 -46.81 8.65 -13.70
C ARG B 333 -47.88 7.93 -12.89
N ALA B 334 -47.52 6.79 -12.28
CA ALA B 334 -48.47 6.08 -11.44
C ALA B 334 -48.93 6.93 -10.27
N MET B 335 -48.06 7.80 -9.77
CA MET B 335 -48.44 8.69 -8.68
C MET B 335 -49.43 9.75 -9.14
N THR B 336 -49.27 10.26 -10.36
CA THR B 336 -50.30 11.14 -10.93
C THR B 336 -51.63 10.43 -11.02
N LYS B 337 -51.61 9.19 -11.53
CA LYS B 337 -52.85 8.42 -11.61
C LYS B 337 -53.48 8.23 -10.24
N LEU B 338 -52.65 7.99 -9.22
CA LEU B 338 -53.19 7.74 -7.88
C LEU B 338 -53.71 9.02 -7.24
N GLN B 339 -53.03 10.15 -7.48
CA GLN B 339 -53.57 11.44 -7.03
C GLN B 339 -54.89 11.74 -7.71
N GLN B 340 -55.07 11.29 -8.95
CA GLN B 340 -56.37 11.38 -9.59
C GLN B 340 -57.33 10.35 -9.03
N ARG B 341 -56.80 9.32 -8.37
CA ARG B 341 -57.60 8.17 -7.96
C ARG B 341 -57.90 8.14 -6.47
N ILE B 342 -56.88 8.22 -5.62
CA ILE B 342 -57.05 7.97 -4.19
C ILE B 342 -57.87 9.08 -3.56
N LYS B 343 -58.83 8.70 -2.72
CA LYS B 343 -59.64 9.66 -1.98
C LYS B 343 -58.86 10.18 -0.78
N PHE B 344 -58.49 11.46 -0.83
CA PHE B 344 -57.80 12.13 0.26
C PHE B 344 -58.73 13.15 0.89
N PRO B 345 -58.48 13.55 2.13
CA PRO B 345 -59.28 14.63 2.73
C PRO B 345 -58.79 15.99 2.24
N SER B 346 -59.71 16.95 2.27
CA SER B 346 -59.39 18.28 1.76
C SER B 346 -58.48 19.07 2.69
N TRP B 347 -58.17 18.53 3.87
CA TRP B 347 -57.29 19.20 4.81
C TRP B 347 -55.86 18.67 4.77
N SER B 348 -55.64 17.49 4.18
CA SER B 348 -54.30 16.91 4.07
C SER B 348 -53.60 17.56 2.88
N SER B 349 -52.89 18.66 3.14
CA SER B 349 -52.26 19.43 2.08
C SER B 349 -51.02 18.76 1.50
N SER B 350 -50.72 17.52 1.89
CA SER B 350 -49.64 16.73 1.35
C SER B 350 -50.24 15.49 0.68
N ALA B 351 -49.39 14.56 0.26
CA ALA B 351 -49.84 13.43 -0.54
C ALA B 351 -48.99 12.20 -0.21
N MET B 352 -49.10 11.20 -1.08
CA MET B 352 -48.48 9.91 -0.83
C MET B 352 -46.96 10.03 -0.87
N HIS B 353 -46.31 9.43 0.13
CA HIS B 353 -44.85 9.34 0.17
C HIS B 353 -44.43 8.03 -0.46
N VAL B 354 -43.42 8.08 -1.33
CA VAL B 354 -42.92 6.91 -2.03
C VAL B 354 -41.43 6.79 -1.76
N ASN B 355 -40.97 5.57 -1.51
CA ASN B 355 -39.57 5.30 -1.25
C ASN B 355 -39.07 4.23 -2.20
N ILE B 356 -38.02 4.55 -2.94
CA ILE B 356 -37.37 3.61 -3.85
C ILE B 356 -36.23 2.94 -3.10
N GLY B 357 -36.53 1.80 -2.48
CA GLY B 357 -35.59 1.10 -1.66
C GLY B 357 -34.74 0.12 -2.46
N ARG B 358 -33.75 -0.43 -1.78
CA ARG B 358 -32.81 -1.37 -2.39
C ARG B 358 -33.22 -2.80 -2.09
N ARG B 359 -33.33 -3.61 -3.13
CA ARG B 359 -33.47 -5.04 -2.93
C ARG B 359 -32.18 -5.57 -2.32
N SER B 360 -32.30 -6.62 -1.52
CA SER B 360 -31.14 -7.15 -0.80
C SER B 360 -30.06 -7.54 -1.80
N PRO B 361 -28.81 -7.12 -1.58
CA PRO B 361 -27.72 -7.55 -2.46
C PRO B 361 -27.36 -9.02 -2.32
N TYR B 362 -27.97 -9.72 -1.37
CA TYR B 362 -27.69 -11.13 -1.15
C TYR B 362 -28.85 -12.02 -1.54
N LEU B 363 -30.03 -11.45 -1.75
CA LEU B 363 -31.12 -12.27 -2.26
C LEU B 363 -30.84 -12.68 -3.70
N PRO B 364 -31.22 -13.88 -4.10
CA PRO B 364 -30.95 -14.32 -5.47
C PRO B 364 -31.65 -13.42 -6.48
N LEU B 365 -30.87 -12.92 -7.43
CA LEU B 365 -31.41 -12.03 -8.45
C LEU B 365 -32.47 -12.75 -9.26
N GLN B 366 -33.71 -12.32 -9.09
CA GLN B 366 -34.83 -12.88 -9.82
C GLN B 366 -34.93 -12.23 -11.19
N PRO B 367 -35.61 -12.87 -12.14
CA PRO B 367 -35.75 -12.26 -13.48
C PRO B 367 -36.42 -10.90 -13.39
N ASN B 368 -36.10 -10.04 -14.37
CA ASN B 368 -36.49 -8.64 -14.30
C ASN B 368 -37.99 -8.43 -14.46
N GLU B 369 -38.75 -9.50 -14.75
CA GLU B 369 -40.21 -9.36 -14.75
C GLU B 369 -40.74 -9.13 -13.34
N ASN B 370 -40.18 -9.85 -12.34
CA ASN B 370 -40.54 -9.64 -10.94
C ASN B 370 -39.33 -9.20 -10.13
N GLU B 371 -38.49 -8.35 -10.71
CA GLU B 371 -37.42 -7.72 -9.95
C GLU B 371 -37.94 -6.60 -9.05
N VAL B 372 -39.17 -6.16 -9.27
CA VAL B 372 -39.75 -5.05 -8.52
C VAL B 372 -40.95 -5.55 -7.74
N SER B 373 -40.90 -5.36 -6.42
CA SER B 373 -42.05 -5.60 -5.57
C SER B 373 -42.35 -4.30 -4.83
N GLY B 374 -43.27 -4.36 -3.87
CA GLY B 374 -43.61 -3.15 -3.17
C GLY B 374 -44.53 -3.42 -2.01
N MET B 375 -44.84 -2.35 -1.29
CA MET B 375 -45.67 -2.41 -0.09
C MET B 375 -46.29 -1.04 0.15
N MET B 376 -47.51 -1.04 0.67
CA MET B 376 -48.22 0.19 0.96
C MET B 376 -48.82 0.15 2.35
N LEU B 377 -48.22 0.89 3.28
CA LEU B 377 -48.83 1.17 4.56
C LEU B 377 -49.69 2.43 4.40
N SER B 378 -50.94 2.35 4.83
CA SER B 378 -51.88 3.42 4.65
C SER B 378 -52.50 3.79 5.99
N ASN B 379 -52.70 5.08 6.21
CA ASN B 379 -53.49 5.57 7.34
C ASN B 379 -54.88 5.87 6.81
N MET B 380 -55.67 4.82 6.59
CA MET B 380 -56.98 4.96 5.99
C MET B 380 -58.04 4.92 7.08
N SER B 381 -59.24 5.38 6.75
CA SER B 381 -60.30 5.49 7.74
C SER B 381 -61.00 4.16 7.95
N THR B 382 -61.08 3.32 6.93
CA THR B 382 -61.80 2.05 7.03
C THR B 382 -61.00 0.97 7.73
N VAL B 383 -59.91 1.33 8.42
CA VAL B 383 -59.20 0.34 9.23
C VAL B 383 -60.02 -0.05 10.44
N VAL B 384 -60.93 0.83 10.88
CA VAL B 384 -61.78 0.55 12.03
C VAL B 384 -62.80 -0.55 11.74
N ASN B 385 -62.83 -1.07 10.51
CA ASN B 385 -63.79 -2.11 10.19
C ASN B 385 -63.33 -3.48 10.67
N VAL B 386 -62.08 -3.59 11.10
CA VAL B 386 -61.66 -4.76 11.87
C VAL B 386 -62.08 -4.63 13.32
N PHE B 387 -62.31 -3.41 13.78
CA PHE B 387 -62.76 -3.17 15.14
C PHE B 387 -64.27 -3.24 15.26
N GLU B 388 -64.96 -2.97 14.15
CA GLU B 388 -66.42 -2.96 14.15
C GLU B 388 -66.99 -4.31 14.57
N ASN B 389 -66.39 -5.40 14.08
CA ASN B 389 -66.86 -6.73 14.44
C ASN B 389 -66.79 -6.97 15.94
N ALA B 390 -65.62 -6.74 16.55
CA ALA B 390 -65.47 -6.99 17.98
C ALA B 390 -66.28 -6.02 18.81
N CYS B 391 -66.46 -4.78 18.33
CA CYS B 391 -67.26 -3.82 19.08
C CYS B 391 -68.74 -4.16 19.05
N ASN B 392 -69.25 -4.62 17.91
CA ASN B 392 -70.64 -5.04 17.82
C ASN B 392 -70.88 -6.40 18.45
N THR B 393 -69.83 -7.03 18.99
CA THR B 393 -69.96 -8.19 19.86
C THR B 393 -69.92 -7.78 21.32
N PHE B 394 -69.01 -6.87 21.68
CA PHE B 394 -68.97 -6.34 23.04
C PHE B 394 -70.28 -5.65 23.39
N ASP B 395 -70.72 -4.72 22.54
CA ASP B 395 -71.91 -3.94 22.84
C ASP B 395 -73.15 -4.80 23.02
N LYS B 396 -73.11 -6.06 22.58
CA LYS B 396 -74.25 -6.97 22.70
C LYS B 396 -74.08 -8.03 23.77
N VAL B 397 -72.84 -8.41 24.12
CA VAL B 397 -72.66 -9.48 25.08
C VAL B 397 -72.20 -8.97 26.43
N PHE B 398 -71.70 -7.72 26.50
CA PHE B 398 -71.28 -7.18 27.79
C PHE B 398 -72.49 -6.93 28.70
N ALA B 399 -73.65 -6.67 28.10
CA ALA B 399 -74.87 -6.57 28.90
C ALA B 399 -75.30 -7.91 29.46
N LYS B 400 -74.79 -9.01 28.91
CA LYS B 400 -75.15 -10.35 29.36
C LYS B 400 -74.13 -10.94 30.32
N GLY B 401 -73.00 -10.27 30.55
CA GLY B 401 -72.04 -10.71 31.53
C GLY B 401 -71.36 -12.03 31.23
N ALA B 402 -71.35 -12.45 29.97
CA ALA B 402 -70.78 -13.75 29.62
C ALA B 402 -69.28 -13.78 29.87
N PHE B 403 -68.84 -14.82 30.58
CA PHE B 403 -67.42 -15.17 30.73
C PHE B 403 -66.62 -14.17 31.53
N LEU B 404 -67.27 -13.16 32.13
CA LEU B 404 -66.55 -12.25 33.01
C LEU B 404 -65.97 -12.93 34.25
N ASN B 405 -66.35 -14.18 34.51
CA ASN B 405 -65.73 -14.95 35.58
C ASN B 405 -64.35 -15.49 35.17
N ASN B 406 -63.98 -15.36 33.91
CA ASN B 406 -62.66 -15.75 33.42
C ASN B 406 -61.65 -14.62 33.48
N TYR B 407 -62.09 -13.42 33.84
CA TYR B 407 -61.23 -12.24 33.83
C TYR B 407 -60.99 -11.66 35.22
N ASN B 408 -61.19 -12.46 36.27
CA ASN B 408 -60.83 -12.08 37.63
C ASN B 408 -59.91 -13.12 38.26
N VAL B 409 -59.21 -13.86 37.41
CA VAL B 409 -58.28 -14.90 37.85
C VAL B 409 -56.87 -14.32 37.88
N GLY B 410 -56.10 -14.69 38.89
CA GLY B 410 -54.72 -14.20 39.01
C GLY B 410 -54.56 -12.77 39.47
N ASP B 411 -55.32 -11.85 38.87
CA ASP B 411 -55.14 -10.42 39.10
C ASP B 411 -55.66 -10.04 40.48
N LEU B 412 -55.64 -8.74 40.76
CA LEU B 412 -56.24 -8.21 41.98
C LEU B 412 -57.68 -7.76 41.78
N PHE B 413 -58.11 -7.55 40.54
CA PHE B 413 -59.48 -7.14 40.23
C PHE B 413 -60.39 -8.37 40.33
N GLN B 414 -60.58 -8.83 41.57
CA GLN B 414 -61.26 -10.10 41.81
C GLN B 414 -62.77 -10.00 41.72
N SER B 415 -63.34 -8.82 41.97
CA SER B 415 -64.79 -8.69 41.90
C SER B 415 -65.23 -8.52 40.45
N MET B 416 -66.55 -8.58 40.24
CA MET B 416 -67.09 -8.31 38.91
C MET B 416 -67.19 -6.82 38.66
N GLN B 417 -67.20 -6.01 39.73
CA GLN B 417 -67.26 -4.56 39.57
C GLN B 417 -66.01 -4.02 38.90
N ASN B 418 -64.84 -4.44 39.36
CA ASN B 418 -63.59 -4.00 38.76
C ASN B 418 -63.49 -4.46 37.31
N VAL B 419 -63.89 -5.70 37.02
CA VAL B 419 -63.77 -6.23 35.67
C VAL B 419 -64.72 -5.49 34.72
N GLN B 420 -65.95 -5.22 35.17
CA GLN B 420 -66.87 -4.48 34.30
C GLN B 420 -66.41 -3.04 34.13
N ASP B 421 -65.78 -2.46 35.16
CA ASP B 421 -65.16 -1.15 34.99
C ASP B 421 -64.10 -1.17 33.91
N GLU B 422 -63.20 -2.16 33.95
CA GLU B 422 -62.17 -2.26 32.94
C GLU B 422 -62.76 -2.41 31.54
N PHE B 423 -63.75 -3.31 31.40
CA PHE B 423 -64.34 -3.54 30.08
C PHE B 423 -65.04 -2.29 29.57
N ALA B 424 -65.75 -1.58 30.45
CA ALA B 424 -66.48 -0.39 30.03
C ALA B 424 -65.52 0.73 29.63
N GLU B 425 -64.44 0.92 30.39
CA GLU B 425 -63.46 1.94 30.03
C GLU B 425 -62.75 1.59 28.73
N SER B 426 -62.42 0.31 28.54
CA SER B 426 -61.82 -0.12 27.28
C SER B 426 -62.73 0.17 26.10
N ARG B 427 -64.03 -0.15 26.24
CA ARG B 427 -64.96 0.12 25.15
C ARG B 427 -65.10 1.62 24.92
N GLU B 428 -65.09 2.41 26.00
CA GLU B 428 -65.13 3.86 25.84
C GLU B 428 -63.95 4.37 25.03
N VAL B 429 -62.75 3.86 25.33
CA VAL B 429 -61.56 4.29 24.59
C VAL B 429 -61.63 3.86 23.14
N VAL B 430 -62.08 2.63 22.89
CA VAL B 430 -62.18 2.14 21.51
C VAL B 430 -63.20 2.95 20.73
N GLN B 431 -64.32 3.29 21.37
CA GLN B 431 -65.32 4.13 20.71
C GLN B 431 -64.76 5.51 20.43
N SER B 432 -63.96 6.06 21.36
CA SER B 432 -63.29 7.34 21.10
C SER B 432 -62.36 7.24 19.91
N LEU B 433 -61.67 6.10 19.76
CA LEU B 433 -60.82 5.89 18.60
C LEU B 433 -61.63 5.90 17.31
N MET B 434 -62.70 5.12 17.27
CA MET B 434 -63.52 5.06 16.07
C MET B 434 -64.14 6.41 15.74
N GLU B 435 -64.48 7.19 16.78
CA GLU B 435 -65.04 8.52 16.54
C GLU B 435 -63.98 9.47 16.03
N ASP B 436 -62.75 9.36 16.52
CA ASP B 436 -61.66 10.16 15.96
C ASP B 436 -61.44 9.81 14.49
N TYR B 437 -61.44 8.53 14.16
CA TYR B 437 -61.30 8.13 12.76
C TYR B 437 -62.43 8.69 11.89
N VAL B 438 -63.68 8.51 12.31
CA VAL B 438 -64.81 8.96 11.49
C VAL B 438 -64.84 10.49 11.41
N ALA B 439 -64.35 11.19 12.43
CA ALA B 439 -64.33 12.65 12.40
C ALA B 439 -63.17 13.17 11.57
N ALA B 440 -62.13 12.35 11.39
CA ALA B 440 -60.99 12.78 10.60
C ALA B 440 -61.34 13.01 9.14
N GLU B 441 -62.32 12.29 8.60
CA GLU B 441 -62.73 12.48 7.22
C GLU B 441 -63.32 13.87 6.96
N GLN B 442 -63.85 14.52 7.99
CA GLN B 442 -64.51 15.80 7.84
C GLN B 442 -63.50 16.91 7.60
N ASP B 443 -63.92 17.93 6.86
CA ASP B 443 -63.05 19.08 6.62
C ASP B 443 -62.93 19.95 7.86
N SER B 444 -64.00 20.02 8.67
CA SER B 444 -63.95 20.77 9.92
C SER B 444 -62.96 20.20 10.93
N TYR B 445 -62.38 19.04 10.64
CA TYR B 445 -61.38 18.45 11.54
C TYR B 445 -60.25 19.43 11.81
N LEU B 446 -59.84 20.19 10.79
CA LEU B 446 -58.86 21.24 10.99
C LEU B 446 -59.47 22.60 11.31
N ASP B 447 -60.70 22.87 10.88
CA ASP B 447 -61.38 24.09 11.31
C ASP B 447 -61.51 24.15 12.82
N ASP B 448 -61.45 22.99 13.47
CA ASP B 448 -61.35 22.93 14.93
C ASP B 448 -60.30 23.90 15.47
N VAL B 449 -59.15 24.03 14.82
CA VAL B 449 -58.05 24.83 15.33
C VAL B 449 -57.73 26.02 14.43
N LEU B 450 -57.77 25.82 13.10
CA LEU B 450 -57.32 26.84 12.16
C LEU B 450 -58.06 28.16 12.30
N VAL B 451 -59.29 28.14 12.81
CA VAL B 451 -60.03 29.36 13.11
C VAL B 451 -60.33 29.49 14.60
N ASP B 452 -59.64 28.71 15.44
CA ASP B 452 -59.80 28.79 16.89
C ASP B 452 -58.99 29.98 17.42
N ASP B 453 -59.37 31.16 16.95
CA ASP B 453 -58.68 32.39 17.29
C ASP B 453 -59.17 32.94 18.63
N GLY C 3 6.56 -12.40 46.21
CA GLY C 3 7.48 -13.24 46.95
C GLY C 3 7.11 -14.71 46.92
N GLU C 4 7.05 -15.32 48.11
CA GLU C 4 6.67 -16.72 48.23
C GLU C 4 5.37 -16.85 49.00
N ILE C 5 4.55 -17.81 48.60
CA ILE C 5 3.23 -18.01 49.19
C ILE C 5 3.03 -19.50 49.46
N ILE C 6 2.97 -19.87 50.74
CA ILE C 6 2.74 -21.24 51.16
C ILE C 6 1.25 -21.46 51.35
N THR C 7 0.69 -22.41 50.61
CA THR C 7 -0.71 -22.79 50.78
C THR C 7 -0.86 -23.59 52.07
N LEU C 8 -1.95 -23.35 52.78
CA LEU C 8 -2.25 -24.06 54.02
C LEU C 8 -3.66 -24.63 53.91
N GLN C 9 -3.77 -25.94 53.79
CA GLN C 9 -5.05 -26.62 53.62
C GLN C 9 -5.40 -27.30 54.93
N ALA C 10 -6.55 -26.94 55.50
CA ALA C 10 -6.97 -27.44 56.80
C ALA C 10 -8.41 -27.93 56.71
N GLY C 11 -8.59 -29.24 56.76
CA GLY C 11 -9.91 -29.84 56.72
C GLY C 11 -10.19 -30.60 55.44
N GLN C 12 -11.35 -31.26 55.42
CA GLN C 12 -11.76 -32.02 54.25
C GLN C 12 -12.07 -31.09 53.08
N CYS C 13 -12.83 -30.03 53.34
CA CYS C 13 -13.09 -29.03 52.31
C CYS C 13 -11.80 -28.34 51.89
N GLY C 14 -10.96 -28.01 52.86
CA GLY C 14 -9.68 -27.40 52.54
C GLY C 14 -8.84 -28.26 51.62
N ASN C 15 -8.81 -29.57 51.87
CA ASN C 15 -7.98 -30.45 51.05
C ASN C 15 -8.64 -30.76 49.71
N HIS C 16 -9.96 -30.69 49.62
CA HIS C 16 -10.58 -30.76 48.30
C HIS C 16 -10.26 -29.54 47.46
N VAL C 17 -10.34 -28.34 48.07
CA VAL C 17 -9.90 -27.13 47.40
C VAL C 17 -8.45 -27.26 46.99
N GLY C 18 -7.62 -27.84 47.85
CA GLY C 18 -6.22 -28.03 47.51
C GLY C 18 -6.04 -28.98 46.33
N LYS C 19 -6.77 -30.09 46.32
CA LYS C 19 -6.68 -31.02 45.21
C LYS C 19 -6.98 -30.33 43.89
N PHE C 20 -8.16 -29.69 43.79
CA PHE C 20 -8.53 -29.09 42.51
C PHE C 20 -7.64 -27.90 42.19
N LEU C 21 -7.24 -27.12 43.19
CA LEU C 21 -6.38 -25.97 42.96
C LEU C 21 -5.02 -26.38 42.44
N TRP C 22 -4.44 -27.46 42.99
CA TRP C 22 -3.13 -27.87 42.53
C TRP C 22 -3.21 -28.58 41.19
N SER C 23 -4.28 -29.32 40.92
CA SER C 23 -4.48 -29.82 39.56
C SER C 23 -4.51 -28.68 38.56
N GLN C 24 -5.23 -27.59 38.91
CA GLN C 24 -5.30 -26.43 38.03
C GLN C 24 -3.94 -25.78 37.85
N LEU C 25 -3.28 -25.43 38.96
CA LEU C 25 -1.98 -24.76 38.89
C LEU C 25 -0.96 -25.61 38.17
N ALA C 26 -1.07 -26.94 38.24
CA ALA C 26 -0.13 -27.80 37.53
C ALA C 26 -0.47 -27.84 36.04
N LYS C 27 -1.75 -27.76 35.71
CA LYS C 27 -2.12 -27.61 34.30
C LYS C 27 -1.57 -26.32 33.72
N GLU C 28 -1.69 -25.22 34.47
CA GLU C 28 -1.33 -23.90 33.95
C GLU C 28 0.17 -23.79 33.70
N HIS C 29 1.00 -24.44 34.51
CA HIS C 29 2.44 -24.38 34.34
C HIS C 29 3.02 -25.66 33.75
N ALA C 30 2.17 -26.52 33.19
CA ALA C 30 2.61 -27.77 32.55
C ALA C 30 3.49 -28.59 33.49
N ILE C 31 2.95 -28.94 34.65
CA ILE C 31 3.70 -29.68 35.65
C ILE C 31 3.30 -31.15 35.71
N GLY C 32 2.10 -31.49 35.25
CA GLY C 32 1.63 -32.86 35.33
C GLY C 32 1.18 -33.23 36.73
N THR C 33 0.92 -34.52 36.90
CA THR C 33 0.43 -35.05 38.17
C THR C 33 1.54 -35.58 39.07
N ASP C 34 2.78 -35.63 38.59
CA ASP C 34 3.91 -36.11 39.38
C ASP C 34 4.87 -34.99 39.77
N GLY C 35 4.71 -33.80 39.19
CA GLY C 35 5.62 -32.71 39.45
C GLY C 35 6.76 -32.57 38.47
N LEU C 36 6.74 -33.33 37.37
CA LEU C 36 7.79 -33.30 36.37
C LEU C 36 7.30 -32.49 35.17
N SER C 37 8.05 -31.45 34.82
CA SER C 37 7.66 -30.54 33.76
C SER C 37 7.38 -31.28 32.46
N GLN C 38 6.17 -31.13 31.95
CA GLN C 38 5.77 -31.71 30.67
C GLN C 38 6.36 -30.98 29.48
N LEU C 39 7.28 -30.03 29.72
CA LEU C 39 7.95 -29.20 28.73
C LEU C 39 9.30 -29.80 28.36
N PRO C 40 9.64 -29.81 27.08
CA PRO C 40 10.98 -30.26 26.68
C PRO C 40 12.05 -29.32 27.23
N ASP C 41 13.08 -29.93 27.81
CA ASP C 41 14.17 -29.20 28.45
C ASP C 41 15.05 -28.44 27.47
N SER C 42 14.74 -28.51 26.17
CA SER C 42 15.53 -27.84 25.14
C SER C 42 15.65 -26.33 25.36
N SER C 43 14.76 -25.72 26.13
CA SER C 43 14.79 -24.29 26.37
C SER C 43 15.03 -24.02 27.84
N THR C 44 15.76 -22.95 28.14
CA THR C 44 16.02 -22.52 29.51
C THR C 44 15.32 -21.23 29.86
N GLU C 45 14.34 -20.80 29.08
CA GLU C 45 13.62 -19.56 29.30
C GLU C 45 12.15 -19.87 29.56
N ARG C 46 11.65 -19.43 30.72
CA ARG C 46 10.25 -19.61 31.08
C ARG C 46 9.55 -18.27 31.11
N ASP C 47 8.24 -18.31 30.83
CA ASP C 47 7.42 -17.10 30.77
C ASP C 47 6.71 -16.82 32.08
N ASP C 48 6.81 -17.72 33.06
CA ASP C 48 6.04 -17.62 34.29
C ASP C 48 6.97 -17.66 35.49
N ASP C 49 6.39 -17.45 36.67
CA ASP C 49 7.13 -17.53 37.94
C ASP C 49 6.41 -18.56 38.81
N THR C 50 6.82 -19.83 38.68
CA THR C 50 6.29 -20.89 39.52
C THR C 50 6.75 -20.76 40.97
N LYS C 51 7.91 -20.16 41.20
CA LYS C 51 8.50 -20.09 42.54
C LYS C 51 7.55 -19.60 43.63
N PRO C 52 6.72 -18.58 43.41
CA PRO C 52 5.80 -18.16 44.48
C PRO C 52 4.86 -19.24 44.97
N PHE C 53 4.75 -20.37 44.27
CA PHE C 53 3.87 -21.45 44.68
C PHE C 53 4.49 -22.84 44.57
N PHE C 54 5.72 -22.97 44.07
CA PHE C 54 6.34 -24.26 43.87
C PHE C 54 7.80 -24.20 44.25
N ARG C 55 8.31 -25.31 44.79
CA ARG C 55 9.71 -25.43 45.16
C ARG C 55 10.46 -26.24 44.13
N GLU C 56 11.73 -25.88 43.91
CA GLU C 56 12.58 -26.53 42.93
C GLU C 56 13.67 -27.31 43.64
N ASN C 57 13.66 -28.63 43.45
CA ASN C 57 14.66 -29.52 44.03
C ASN C 57 15.76 -29.77 43.00
N CYS C 58 16.80 -30.50 43.41
CA CYS C 58 17.91 -30.76 42.49
C CYS C 58 17.53 -31.67 41.34
N ARG C 59 16.34 -32.27 41.36
CA ARG C 59 15.88 -33.13 40.28
C ARG C 59 15.08 -32.37 39.23
N ASN C 60 14.97 -31.05 39.37
CA ASN C 60 14.10 -30.25 38.51
C ASN C 60 12.65 -30.73 38.57
N LYS C 61 12.19 -31.06 39.77
CA LYS C 61 10.80 -31.37 40.03
C LYS C 61 10.18 -30.24 40.84
N PHE C 62 8.90 -29.96 40.58
CA PHE C 62 8.19 -28.89 41.25
C PHE C 62 7.37 -29.47 42.41
N THR C 63 7.63 -28.96 43.61
CA THR C 63 6.89 -29.37 44.79
C THR C 63 5.98 -28.24 45.22
N PRO C 64 4.66 -28.44 45.27
CA PRO C 64 3.76 -27.35 45.66
C PRO C 64 3.98 -26.97 47.11
N ARG C 65 4.22 -25.68 47.35
CA ARG C 65 4.52 -25.19 48.70
C ARG C 65 3.21 -25.20 49.49
N ALA C 66 2.77 -26.40 49.84
CA ALA C 66 1.54 -26.58 50.60
C ALA C 66 1.83 -27.45 51.81
N ILE C 67 0.99 -27.32 52.82
CA ILE C 67 1.08 -28.13 54.04
C ILE C 67 -0.33 -28.60 54.35
N MET C 68 -0.62 -29.86 54.03
CA MET C 68 -1.96 -30.40 54.14
C MET C 68 -2.26 -30.84 55.57
N MET C 69 -3.39 -30.38 56.10
CA MET C 69 -3.85 -30.71 57.43
C MET C 69 -5.20 -31.41 57.36
N ASP C 70 -5.45 -32.29 58.31
CA ASP C 70 -6.72 -33.00 58.41
C ASP C 70 -6.78 -33.70 59.76
N SER C 71 -7.97 -34.18 60.12
CA SER C 71 -8.14 -35.05 61.26
C SER C 71 -8.34 -36.51 60.86
N GLU C 72 -8.82 -36.77 59.65
CA GLU C 72 -8.92 -38.12 59.11
C GLU C 72 -7.95 -38.22 57.94
N PRO C 73 -6.90 -39.04 58.05
CA PRO C 73 -5.91 -39.13 56.97
C PRO C 73 -6.46 -39.61 55.63
N SER C 74 -7.75 -39.95 55.57
CA SER C 74 -8.32 -40.50 54.34
C SER C 74 -8.28 -39.49 53.20
N VAL C 75 -8.66 -38.24 53.46
CA VAL C 75 -8.73 -37.25 52.38
C VAL C 75 -7.33 -36.87 51.90
N ILE C 76 -6.41 -36.66 52.84
CA ILE C 76 -5.05 -36.32 52.44
C ILE C 76 -4.40 -37.48 51.70
N ALA C 77 -4.70 -38.71 52.12
CA ALA C 77 -4.18 -39.87 51.39
C ALA C 77 -4.78 -39.95 49.99
N ASP C 78 -6.07 -39.63 49.86
CA ASP C 78 -6.69 -39.54 48.54
C ASP C 78 -5.97 -38.55 47.65
N VAL C 79 -5.69 -37.35 48.19
CA VAL C 79 -4.97 -36.34 47.43
C VAL C 79 -3.59 -36.87 47.02
N GLU C 80 -2.79 -37.30 48.00
CA GLU C 80 -1.42 -37.72 47.72
C GLU C 80 -1.36 -38.95 46.82
N ASN C 81 -2.45 -39.73 46.75
CA ASN C 81 -2.49 -40.85 45.81
C ASN C 81 -2.91 -40.39 44.43
N THR C 82 -3.77 -39.37 44.36
CA THR C 82 -4.14 -38.81 43.07
C THR C 82 -2.92 -38.22 42.37
N PHE C 83 -2.06 -37.55 43.13
CA PHE C 83 -0.79 -37.01 42.61
C PHE C 83 0.34 -37.78 43.29
N ARG C 84 0.70 -38.91 42.69
CA ARG C 84 1.74 -39.77 43.25
C ARG C 84 3.10 -39.13 43.05
N GLY C 85 3.79 -38.84 44.14
CA GLY C 85 5.11 -38.25 44.08
C GLY C 85 5.13 -36.75 43.91
N PHE C 86 3.97 -36.11 43.80
CA PHE C 86 3.93 -34.66 43.59
C PHE C 86 4.22 -33.92 44.89
N PHE C 87 3.38 -34.12 45.90
CA PHE C 87 3.59 -33.47 47.20
C PHE C 87 4.72 -34.14 47.96
N ASP C 88 5.39 -33.37 48.80
CA ASP C 88 6.39 -33.91 49.71
C ASP C 88 5.67 -34.35 50.98
N PRO C 89 5.74 -35.63 51.35
CA PRO C 89 4.98 -36.09 52.52
C PRO C 89 5.47 -35.51 53.83
N ARG C 90 6.65 -34.89 53.86
CA ARG C 90 7.12 -34.25 55.09
C ARG C 90 6.33 -32.99 55.44
N ASN C 91 5.37 -32.60 54.61
CA ASN C 91 4.47 -31.50 54.92
C ASN C 91 3.09 -31.98 55.38
N THR C 92 2.64 -33.13 54.89
CA THR C 92 1.40 -33.72 55.36
C THR C 92 1.46 -33.95 56.87
N TRP C 93 0.41 -33.55 57.57
CA TRP C 93 0.36 -33.69 59.02
C TRP C 93 -1.07 -33.96 59.46
N VAL C 94 -1.27 -35.05 60.19
CA VAL C 94 -2.55 -35.32 60.84
C VAL C 94 -2.31 -35.57 62.33
N ALA C 95 -1.13 -36.10 62.66
CA ALA C 95 -0.69 -36.42 64.02
C ALA C 95 -1.47 -37.60 64.60
N SER C 96 -2.49 -38.04 63.87
CA SER C 96 -3.36 -39.15 64.27
C SER C 96 -3.68 -39.12 65.77
N ASP C 97 -4.09 -37.96 66.27
CA ASP C 97 -4.46 -37.81 67.68
C ASP C 97 -5.88 -38.36 67.90
N GLY C 98 -6.02 -39.65 67.62
CA GLY C 98 -7.30 -40.32 67.73
C GLY C 98 -8.30 -39.80 66.71
N ALA C 99 -9.48 -40.44 66.71
CA ALA C 99 -10.58 -40.00 65.88
C ALA C 99 -11.24 -38.78 66.49
N SER C 100 -11.61 -37.82 65.65
CA SER C 100 -12.24 -36.61 66.13
C SER C 100 -13.55 -36.93 66.84
N ALA C 101 -13.72 -36.37 68.04
CA ALA C 101 -14.89 -36.63 68.87
C ALA C 101 -16.06 -35.72 68.45
N GLY C 102 -16.36 -35.77 67.16
CA GLY C 102 -17.41 -34.96 66.60
C GLY C 102 -16.86 -33.85 65.70
N ASN C 103 -17.74 -33.33 64.85
CA ASN C 103 -17.39 -32.21 63.98
C ASN C 103 -17.47 -30.90 64.75
N SER C 104 -16.72 -30.81 65.85
CA SER C 104 -16.77 -29.67 66.75
C SER C 104 -15.57 -28.76 66.54
N TRP C 105 -15.80 -27.45 66.59
CA TRP C 105 -14.71 -26.48 66.51
C TRP C 105 -13.65 -26.75 67.57
N ALA C 106 -14.07 -27.20 68.75
CA ALA C 106 -13.12 -27.45 69.82
C ALA C 106 -12.21 -28.62 69.49
N ASN C 107 -12.72 -29.62 68.77
CA ASN C 107 -11.87 -30.73 68.34
C ASN C 107 -10.67 -30.23 67.54
N GLY C 108 -10.92 -29.49 66.47
CA GLY C 108 -9.83 -28.96 65.68
C GLY C 108 -8.95 -28.00 66.45
N TYR C 109 -9.57 -27.13 67.26
CA TYR C 109 -8.78 -26.16 68.01
C TYR C 109 -7.83 -26.84 68.98
N ASP C 110 -8.29 -27.93 69.61
CA ASP C 110 -7.41 -28.67 70.50
C ASP C 110 -6.37 -29.51 69.76
N ILE C 111 -6.74 -30.09 68.62
CA ILE C 111 -5.74 -30.76 67.77
C ILE C 111 -4.65 -29.77 67.40
N GLY C 112 -4.99 -28.48 67.32
CA GLY C 112 -3.98 -27.48 67.04
C GLY C 112 -3.19 -27.08 68.28
N THR C 113 -3.87 -26.91 69.41
CA THR C 113 -3.19 -26.42 70.61
C THR C 113 -2.27 -27.49 71.18
N ARG C 114 -2.52 -28.77 70.87
CA ARG C 114 -1.68 -29.83 71.39
C ARG C 114 -0.51 -30.15 70.48
N ASN C 115 -0.51 -29.66 69.24
CA ASN C 115 0.53 -29.97 68.27
C ASN C 115 1.00 -28.72 67.54
N GLN C 116 0.82 -27.55 68.15
CA GLN C 116 1.40 -26.33 67.62
C GLN C 116 2.90 -26.49 67.39
N ASP C 117 3.60 -27.18 68.29
CA ASP C 117 5.02 -27.44 68.08
C ASP C 117 5.26 -28.11 66.74
N ASP C 118 4.58 -29.23 66.48
CA ASP C 118 4.79 -29.97 65.25
C ASP C 118 4.42 -29.14 64.02
N ILE C 119 3.25 -28.49 64.05
CA ILE C 119 2.79 -27.80 62.85
C ILE C 119 3.65 -26.57 62.56
N LEU C 120 4.09 -25.87 63.61
CA LEU C 120 4.95 -24.72 63.39
C LEU C 120 6.36 -25.15 62.99
N ASN C 121 6.79 -26.34 63.42
CA ASN C 121 8.05 -26.87 62.91
C ASN C 121 7.96 -27.19 61.43
N LYS C 122 6.83 -27.78 61.00
CA LYS C 122 6.63 -28.03 59.58
C LYS C 122 6.60 -26.72 58.79
N ILE C 123 5.90 -25.72 59.31
CA ILE C 123 5.82 -24.44 58.62
C ILE C 123 7.19 -23.77 58.54
N ASP C 124 7.95 -23.81 59.64
CA ASP C 124 9.30 -23.28 59.64
C ASP C 124 10.18 -24.01 58.63
N LYS C 125 10.04 -25.33 58.54
CA LYS C 125 10.84 -26.09 57.58
C LYS C 125 10.49 -25.70 56.15
N GLU C 126 9.21 -25.55 55.84
CA GLU C 126 8.82 -25.18 54.48
C GLU C 126 9.24 -23.75 54.15
N ILE C 127 9.24 -22.87 55.16
CA ILE C 127 9.70 -21.50 54.93
C ILE C 127 11.21 -21.49 54.74
N ASP C 128 11.92 -22.38 55.44
CA ASP C 128 13.37 -22.50 55.28
C ASP C 128 13.78 -22.83 53.85
N SER C 129 12.89 -23.45 53.07
CA SER C 129 13.15 -23.70 51.66
C SER C 129 12.89 -22.49 50.78
N THR C 130 12.67 -21.31 51.37
CA THR C 130 12.46 -20.08 50.64
C THR C 130 13.40 -19.01 51.14
N ASP C 131 13.49 -17.90 50.40
CA ASP C 131 14.26 -16.74 50.83
C ASP C 131 13.36 -15.52 50.93
N ASN C 132 12.53 -15.24 49.92
CA ASN C 132 11.64 -14.08 49.94
C ASN C 132 10.20 -14.55 50.17
N PHE C 133 9.89 -14.77 51.45
CA PHE C 133 8.57 -15.26 51.82
C PHE C 133 7.60 -14.09 52.01
N GLU C 134 6.38 -14.25 51.51
CA GLU C 134 5.38 -13.19 51.53
C GLU C 134 4.19 -13.47 52.41
N GLY C 135 3.55 -14.63 52.29
CA GLY C 135 2.37 -14.89 53.08
C GLY C 135 1.86 -16.31 52.88
N PHE C 136 0.70 -16.58 53.48
CA PHE C 136 0.09 -17.90 53.46
C PHE C 136 -1.26 -17.86 52.75
N GLN C 137 -1.67 -19.01 52.24
CA GLN C 137 -3.02 -19.23 51.73
C GLN C 137 -3.68 -20.30 52.60
N LEU C 138 -4.66 -19.89 53.39
CA LEU C 138 -5.35 -20.81 54.30
C LEU C 138 -6.65 -21.28 53.64
N LEU C 139 -6.62 -22.47 53.06
CA LEU C 139 -7.79 -23.05 52.41
C LEU C 139 -8.55 -23.88 53.43
N HIS C 140 -9.80 -23.51 53.69
CA HIS C 140 -10.59 -24.18 54.72
C HIS C 140 -12.03 -23.70 54.64
N SER C 141 -12.95 -24.61 54.90
CA SER C 141 -14.34 -24.23 55.10
C SER C 141 -14.52 -23.68 56.51
N VAL C 142 -15.70 -23.11 56.75
CA VAL C 142 -16.03 -22.54 58.05
C VAL C 142 -17.10 -23.34 58.76
N ALA C 143 -17.78 -24.25 58.07
CA ALA C 143 -18.82 -25.08 58.68
C ALA C 143 -18.26 -26.21 59.53
N GLY C 144 -17.40 -27.05 58.96
CA GLY C 144 -16.91 -28.21 59.67
C GLY C 144 -16.15 -27.87 60.92
N GLY C 145 -15.84 -28.91 61.69
CA GLY C 145 -15.08 -28.75 62.92
C GLY C 145 -13.60 -28.60 62.66
N THR C 146 -13.05 -29.53 61.88
CA THR C 146 -11.63 -29.46 61.55
C THR C 146 -11.29 -28.15 60.86
N GLY C 147 -11.95 -27.85 59.75
CA GLY C 147 -11.75 -26.60 59.04
C GLY C 147 -11.79 -25.40 59.97
N SER C 148 -12.93 -25.17 60.61
CA SER C 148 -13.10 -23.99 61.45
C SER C 148 -12.04 -23.92 62.55
N GLY C 149 -11.96 -24.95 63.40
CA GLY C 149 -11.08 -24.85 64.56
C GLY C 149 -9.60 -24.83 64.20
N LEU C 150 -9.18 -25.74 63.32
CA LEU C 150 -7.78 -25.80 62.95
C LEU C 150 -7.36 -24.54 62.22
N GLY C 151 -8.22 -24.00 61.35
CA GLY C 151 -7.91 -22.74 60.70
C GLY C 151 -7.86 -21.58 61.68
N SER C 152 -8.73 -21.60 62.69
CA SER C 152 -8.70 -20.58 63.72
C SER C 152 -7.36 -20.61 64.48
N ASN C 153 -6.93 -21.81 64.88
CA ASN C 153 -5.67 -21.93 65.59
C ASN C 153 -4.50 -21.56 64.69
N LEU C 154 -4.56 -21.95 63.40
CA LEU C 154 -3.52 -21.56 62.47
C LEU C 154 -3.43 -20.05 62.35
N LEU C 155 -4.57 -19.37 62.23
CA LEU C 155 -4.58 -17.92 62.18
C LEU C 155 -4.00 -17.32 63.45
N GLU C 156 -4.37 -17.86 64.62
CA GLU C 156 -3.86 -17.34 65.87
C GLU C 156 -2.35 -17.53 65.98
N ALA C 157 -1.84 -18.64 65.45
CA ALA C 157 -0.40 -18.90 65.55
C ALA C 157 0.38 -18.07 64.54
N LEU C 158 -0.20 -17.80 63.37
CA LEU C 158 0.54 -17.15 62.31
C LEU C 158 0.34 -15.64 62.31
N CYS C 159 -0.61 -15.13 63.10
CA CYS C 159 -0.74 -13.68 63.22
C CYS C 159 0.41 -13.09 64.02
N ASP C 160 1.06 -13.91 64.86
CA ASP C 160 2.17 -13.44 65.69
C ASP C 160 3.46 -14.20 65.45
N ARG C 161 3.41 -15.50 65.15
CA ARG C 161 4.62 -16.26 64.88
C ARG C 161 5.32 -15.73 63.63
N TYR C 162 4.55 -15.22 62.66
CA TYR C 162 5.09 -14.54 61.49
C TYR C 162 4.29 -13.25 61.31
N PRO C 163 4.67 -12.18 62.02
CA PRO C 163 3.83 -10.99 62.04
C PRO C 163 4.01 -10.06 60.85
N LYS C 164 4.96 -10.34 59.95
CA LYS C 164 5.20 -9.50 58.79
C LYS C 164 4.73 -10.15 57.49
N LYS C 165 3.86 -11.16 57.56
CA LYS C 165 3.42 -11.88 56.38
C LYS C 165 1.91 -11.74 56.21
N ILE C 166 1.47 -11.92 54.96
CA ILE C 166 0.06 -11.75 54.61
C ILE C 166 -0.68 -13.06 54.84
N LEU C 167 -1.68 -13.04 55.71
CA LEU C 167 -2.50 -14.22 55.99
C LEU C 167 -3.76 -14.12 55.14
N THR C 168 -3.83 -14.95 54.11
CA THR C 168 -4.98 -14.99 53.21
C THR C 168 -5.81 -16.23 53.49
N THR C 169 -7.12 -16.03 53.64
CA THR C 169 -8.05 -17.13 53.83
C THR C 169 -9.06 -17.14 52.70
N TYR C 170 -9.30 -18.34 52.16
CA TYR C 170 -10.29 -18.53 51.10
C TYR C 170 -11.35 -19.44 51.70
N SER C 171 -12.32 -18.83 52.39
CA SER C 171 -13.24 -19.54 53.25
C SER C 171 -14.53 -19.84 52.52
N VAL C 172 -14.87 -21.12 52.43
CA VAL C 172 -16.14 -21.57 51.85
C VAL C 172 -17.15 -21.68 52.98
N PHE C 173 -18.21 -20.87 52.92
CA PHE C 173 -19.21 -20.93 53.96
C PHE C 173 -20.34 -21.88 53.56
N PRO C 174 -21.08 -22.44 54.50
CA PRO C 174 -22.05 -23.48 54.14
C PRO C 174 -23.39 -22.92 53.74
N ALA C 175 -24.09 -23.67 52.89
CA ALA C 175 -25.51 -23.47 52.69
C ALA C 175 -26.28 -24.11 53.84
N ARG C 176 -27.47 -23.59 54.10
CA ARG C 176 -28.26 -24.06 55.23
C ARG C 176 -28.48 -25.56 55.15
N SER C 177 -27.95 -26.29 56.14
CA SER C 177 -27.99 -27.74 56.16
C SER C 177 -28.62 -28.20 57.46
N SER C 178 -28.84 -29.51 57.57
CA SER C 178 -29.48 -30.08 58.75
C SER C 178 -28.67 -29.87 60.03
N GLU C 179 -27.35 -29.74 59.92
CA GLU C 179 -26.48 -29.53 61.07
C GLU C 179 -26.37 -28.05 61.43
N VAL C 180 -27.38 -27.25 61.07
CA VAL C 180 -27.32 -25.79 61.15
C VAL C 180 -26.78 -25.29 62.49
N VAL C 181 -27.06 -26.00 63.58
CA VAL C 181 -26.65 -25.50 64.89
C VAL C 181 -25.14 -25.55 65.05
N VAL C 182 -24.56 -26.75 64.96
CA VAL C 182 -23.11 -26.89 65.12
C VAL C 182 -22.39 -26.18 63.98
N GLN C 183 -22.99 -26.17 62.79
CA GLN C 183 -22.35 -25.51 61.65
C GLN C 183 -22.27 -24.00 61.89
N SER C 184 -23.36 -23.37 62.34
CA SER C 184 -23.32 -21.95 62.64
C SER C 184 -22.41 -21.64 63.81
N TYR C 185 -22.33 -22.56 64.78
CA TYR C 185 -21.44 -22.34 65.92
C TYR C 185 -19.98 -22.34 65.48
N ASN C 186 -19.58 -23.35 64.71
CA ASN C 186 -18.26 -23.36 64.12
C ASN C 186 -18.03 -22.14 63.24
N THR C 187 -19.05 -21.72 62.50
CA THR C 187 -18.91 -20.59 61.61
C THR C 187 -18.55 -19.32 62.38
N ILE C 188 -19.27 -19.04 63.46
CA ILE C 188 -19.00 -17.82 64.21
C ILE C 188 -17.70 -17.94 64.99
N LEU C 189 -17.41 -19.13 65.52
CA LEU C 189 -16.16 -19.34 66.24
C LEU C 189 -14.96 -19.07 65.33
N ALA C 190 -14.98 -19.63 64.12
CA ALA C 190 -13.88 -19.40 63.19
C ALA C 190 -13.90 -17.97 62.66
N LEU C 191 -15.09 -17.39 62.51
CA LEU C 191 -15.19 -16.05 61.97
C LEU C 191 -14.59 -15.03 62.93
N ARG C 192 -14.58 -15.35 64.23
CA ARG C 192 -13.81 -14.53 65.16
C ARG C 192 -12.38 -14.33 64.68
N ARG C 193 -11.70 -15.43 64.34
CA ARG C 193 -10.32 -15.35 63.87
C ARG C 193 -10.24 -14.76 62.47
N LEU C 194 -11.17 -15.12 61.59
CA LEU C 194 -11.19 -14.57 60.24
C LEU C 194 -11.31 -13.06 60.25
N ILE C 195 -11.99 -12.50 61.27
CA ILE C 195 -12.12 -11.05 61.38
C ILE C 195 -10.93 -10.47 62.13
N GLU C 196 -10.33 -11.25 63.02
CA GLU C 196 -9.30 -10.69 63.89
C GLU C 196 -7.89 -10.92 63.36
N ASP C 197 -7.63 -12.04 62.69
CA ASP C 197 -6.27 -12.41 62.34
C ASP C 197 -5.98 -12.40 60.85
N SER C 198 -6.90 -12.89 60.02
CA SER C 198 -6.65 -12.94 58.58
C SER C 198 -6.47 -11.54 58.03
N ASP C 199 -5.57 -11.42 57.05
CA ASP C 199 -5.33 -10.15 56.38
C ASP C 199 -6.31 -9.90 55.25
N ALA C 200 -6.71 -10.96 54.55
CA ALA C 200 -7.70 -10.87 53.49
C ALA C 200 -8.45 -12.19 53.44
N THR C 201 -9.77 -12.11 53.43
CA THR C 201 -10.61 -13.30 53.45
C THR C 201 -11.55 -13.27 52.26
N VAL C 202 -11.27 -14.10 51.26
CA VAL C 202 -12.20 -14.33 50.16
C VAL C 202 -13.28 -15.26 50.69
N VAL C 203 -14.54 -14.90 50.43
CA VAL C 203 -15.68 -15.59 51.01
C VAL C 203 -16.47 -16.27 49.90
N PHE C 204 -16.70 -17.56 50.06
CA PHE C 204 -17.54 -18.32 49.14
C PHE C 204 -18.76 -18.82 49.89
N ASP C 205 -19.93 -18.61 49.31
CA ASP C 205 -21.19 -19.07 49.88
C ASP C 205 -21.61 -20.33 49.16
N ASN C 206 -21.84 -21.41 49.91
CA ASN C 206 -22.10 -22.70 49.28
C ASN C 206 -23.42 -22.70 48.52
N ALA C 207 -24.38 -21.86 48.92
CA ALA C 207 -25.65 -21.82 48.21
C ALA C 207 -25.46 -21.37 46.76
N SER C 208 -24.82 -20.21 46.57
CA SER C 208 -24.57 -19.72 45.21
C SER C 208 -23.58 -20.61 44.47
N LEU C 209 -22.60 -21.19 45.18
CA LEU C 209 -21.69 -22.12 44.54
C LEU C 209 -22.45 -23.31 43.96
N LEU C 210 -23.31 -23.94 44.76
CA LEU C 210 -24.10 -25.06 44.25
C LEU C 210 -25.02 -24.63 43.12
N ASN C 211 -25.63 -23.44 43.25
CA ASN C 211 -26.49 -22.93 42.19
C ASN C 211 -25.75 -22.83 40.87
N ILE C 212 -24.61 -22.14 40.86
CA ILE C 212 -23.87 -21.94 39.63
C ILE C 212 -23.34 -23.27 39.09
N SER C 213 -22.80 -24.11 39.98
CA SER C 213 -22.30 -25.41 39.56
C SER C 213 -23.38 -26.24 38.89
N GLY C 214 -24.60 -26.20 39.43
CA GLY C 214 -25.71 -26.88 38.78
C GLY C 214 -26.07 -26.25 37.44
N LYS C 215 -26.10 -24.93 37.37
CA LYS C 215 -26.48 -24.25 36.14
C LYS C 215 -25.36 -24.21 35.10
N VAL C 216 -24.21 -24.82 35.38
CA VAL C 216 -23.15 -24.97 34.40
C VAL C 216 -22.89 -26.44 34.07
N PHE C 217 -22.75 -27.29 35.07
CA PHE C 217 -22.42 -28.69 34.82
C PHE C 217 -23.62 -29.43 34.24
N ARG C 218 -23.35 -30.37 33.33
CA ARG C 218 -24.39 -31.21 32.77
C ARG C 218 -24.97 -32.19 33.78
N ASN C 219 -24.27 -32.44 34.89
CA ASN C 219 -24.76 -33.35 35.91
C ASN C 219 -25.76 -32.61 36.78
N PRO C 220 -27.05 -32.97 36.77
CA PRO C 220 -28.03 -32.21 37.55
C PRO C 220 -27.81 -32.31 39.05
N ASN C 221 -27.45 -33.48 39.57
CA ASN C 221 -27.05 -33.61 40.95
C ASN C 221 -25.78 -32.81 41.19
N ILE C 222 -25.79 -31.95 42.21
CA ILE C 222 -24.69 -31.03 42.44
C ILE C 222 -23.68 -31.74 43.34
N ASP C 223 -22.69 -32.38 42.73
CA ASP C 223 -21.64 -33.04 43.49
C ASP C 223 -20.66 -31.98 43.99
N LEU C 224 -20.53 -31.87 45.30
CA LEU C 224 -19.78 -30.77 45.90
C LEU C 224 -18.34 -30.71 45.38
N GLN C 225 -17.76 -31.86 45.05
CA GLN C 225 -16.45 -31.87 44.39
C GLN C 225 -16.47 -31.07 43.10
N HIS C 226 -17.58 -31.09 42.36
CA HIS C 226 -17.70 -30.25 41.18
C HIS C 226 -17.74 -28.77 41.54
N THR C 227 -18.44 -28.43 42.63
CA THR C 227 -18.45 -27.05 43.12
C THR C 227 -17.03 -26.57 43.45
N ASN C 228 -16.19 -27.48 43.95
CA ASN C 228 -14.82 -27.13 44.31
C ASN C 228 -14.06 -26.45 43.17
N GLN C 229 -14.39 -26.78 41.92
CA GLN C 229 -13.69 -26.21 40.77
C GLN C 229 -13.86 -24.71 40.69
N LEU C 230 -14.98 -24.16 41.16
CA LEU C 230 -15.16 -22.71 41.12
C LEU C 230 -14.22 -22.01 42.09
N ILE C 231 -14.09 -22.51 43.31
CA ILE C 231 -13.11 -21.97 44.25
C ILE C 231 -11.71 -22.07 43.66
N SER C 232 -11.38 -23.22 43.06
CA SER C 232 -10.07 -23.38 42.45
C SER C 232 -9.83 -22.33 41.36
N THR C 233 -10.83 -22.12 40.50
CA THR C 233 -10.70 -21.15 39.42
C THR C 233 -10.53 -19.74 39.97
N ILE C 234 -11.26 -19.41 41.04
CA ILE C 234 -11.14 -18.07 41.61
C ILE C 234 -9.75 -17.84 42.16
N ILE C 235 -9.21 -18.82 42.89
CA ILE C 235 -7.88 -18.66 43.47
C ILE C 235 -6.83 -18.57 42.35
N SER C 236 -6.96 -19.42 41.34
CA SER C 236 -6.06 -19.37 40.19
C SER C 236 -6.11 -17.99 39.53
N SER C 237 -7.30 -17.43 39.36
CA SER C 237 -7.42 -16.13 38.72
C SER C 237 -6.79 -15.03 39.57
N VAL C 238 -7.05 -15.05 40.88
CA VAL C 238 -6.42 -14.08 41.77
C VAL C 238 -4.91 -14.11 41.62
N THR C 239 -4.31 -15.29 41.78
CA THR C 239 -2.85 -15.42 41.75
C THR C 239 -2.28 -15.47 40.33
N ASN C 240 -3.12 -15.34 39.30
CA ASN C 240 -2.63 -15.34 37.94
C ASN C 240 -1.79 -14.11 37.65
N SER C 241 -2.08 -13.00 38.32
CA SER C 241 -1.25 -11.81 38.15
C SER C 241 0.13 -11.96 38.77
N ILE C 242 0.37 -13.03 39.51
CA ILE C 242 1.65 -13.27 40.17
C ILE C 242 2.39 -14.42 39.50
N ARG C 243 1.67 -15.47 39.12
CA ARG C 243 2.33 -16.61 38.50
C ARG C 243 2.75 -16.29 37.07
N PHE C 244 1.83 -15.77 36.26
CA PHE C 244 2.14 -15.23 34.94
C PHE C 244 2.15 -13.71 35.06
N PRO C 245 3.31 -13.13 35.35
CA PRO C 245 3.35 -11.71 35.73
C PRO C 245 3.08 -10.81 34.54
N SER C 246 2.67 -9.58 34.85
CA SER C 246 2.51 -8.53 33.86
C SER C 246 3.05 -7.25 34.44
N TYR C 247 2.72 -6.11 33.83
CA TYR C 247 3.31 -4.84 34.24
C TYR C 247 2.99 -4.45 35.68
N MET C 248 1.79 -4.79 36.18
CA MET C 248 1.23 -4.07 37.32
C MET C 248 1.38 -4.77 38.66
N TYR C 249 0.80 -5.95 38.84
CA TYR C 249 0.53 -6.51 40.17
C TYR C 249 1.35 -7.77 40.39
N SER C 250 2.55 -7.62 40.94
CA SER C 250 3.41 -8.78 41.17
C SER C 250 3.35 -9.29 42.61
N SER C 251 2.40 -8.84 43.41
CA SER C 251 2.31 -9.27 44.80
C SER C 251 0.87 -9.14 45.28
N MET C 252 0.46 -10.11 46.12
CA MET C 252 -0.86 -10.02 46.76
C MET C 252 -1.01 -8.76 47.58
N SER C 253 0.10 -8.20 48.07
CA SER C 253 0.06 -6.91 48.74
C SER C 253 -0.60 -5.83 47.90
N SER C 254 -0.23 -5.73 46.62
CA SER C 254 -0.82 -4.74 45.73
C SER C 254 -2.30 -5.01 45.51
N ILE C 255 -2.65 -6.26 45.20
CA ILE C 255 -4.04 -6.65 45.02
C ILE C 255 -4.88 -6.20 46.19
N TYR C 256 -4.47 -6.59 47.41
CA TYR C 256 -5.30 -6.31 48.58
C TYR C 256 -5.29 -4.83 48.95
N SER C 257 -4.14 -4.16 48.87
CA SER C 257 -4.11 -2.72 49.04
C SER C 257 -5.09 -2.03 48.11
N THR C 258 -5.26 -2.56 46.90
CA THR C 258 -6.30 -2.08 46.02
C THR C 258 -7.68 -2.44 46.55
N LEU C 259 -7.79 -3.62 47.16
CA LEU C 259 -9.09 -4.17 47.55
C LEU C 259 -9.51 -3.84 48.97
N ILE C 260 -8.57 -3.60 49.88
CA ILE C 260 -8.89 -3.53 51.30
C ILE C 260 -8.58 -2.14 51.84
N PRO C 261 -9.59 -1.33 52.17
CA PRO C 261 -9.31 -0.01 52.75
C PRO C 261 -8.71 -0.07 54.14
N SER C 262 -9.31 -0.83 55.05
CA SER C 262 -8.91 -0.84 56.45
C SER C 262 -9.01 -2.26 56.97
N PRO C 263 -8.31 -2.59 58.07
CA PRO C 263 -8.39 -3.95 58.63
C PRO C 263 -9.67 -4.17 59.42
N GLU C 264 -10.77 -3.68 58.86
CA GLU C 264 -12.13 -4.00 59.30
C GLU C 264 -13.05 -4.36 58.15
N LEU C 265 -12.70 -4.00 56.91
CA LEU C 265 -13.46 -4.37 55.72
C LEU C 265 -12.51 -5.14 54.80
N HIS C 266 -12.41 -6.44 55.03
CA HIS C 266 -11.49 -7.29 54.27
C HIS C 266 -12.13 -8.62 53.91
N PHE C 267 -13.43 -8.63 53.68
CA PHE C 267 -14.14 -9.81 53.22
C PHE C 267 -14.53 -9.55 51.77
N LEU C 268 -13.89 -10.27 50.85
CA LEU C 268 -14.00 -10.00 49.42
C LEU C 268 -14.99 -10.99 48.80
N SER C 269 -15.83 -10.47 47.91
CA SER C 269 -16.87 -11.25 47.26
C SER C 269 -16.47 -11.58 45.83
N PRO C 270 -15.98 -12.78 45.55
CA PRO C 270 -15.53 -13.09 44.20
C PRO C 270 -16.69 -13.15 43.21
N SER C 271 -16.37 -12.93 41.95
CA SER C 271 -17.30 -13.07 40.85
C SER C 271 -16.52 -13.53 39.63
N PHE C 272 -17.15 -14.31 38.77
CA PHE C 272 -16.45 -14.87 37.62
C PHE C 272 -17.44 -15.14 36.50
N THR C 273 -16.97 -14.94 35.26
CA THR C 273 -17.76 -15.27 34.07
C THR C 273 -16.89 -15.21 32.83
N PRO C 274 -17.01 -16.18 31.91
CA PRO C 274 -17.73 -17.44 32.09
C PRO C 274 -16.77 -18.57 32.46
N PHE C 275 -17.25 -19.81 32.45
CA PHE C 275 -16.36 -20.96 32.57
C PHE C 275 -17.08 -22.20 32.07
N THR C 276 -16.31 -23.05 31.39
CA THR C 276 -16.74 -24.38 30.97
C THR C 276 -15.71 -25.38 31.48
N SER C 277 -16.18 -26.58 31.80
CA SER C 277 -15.33 -27.58 32.44
C SER C 277 -15.48 -28.90 31.72
N ASP C 278 -14.71 -29.89 32.16
CA ASP C 278 -14.66 -31.22 31.53
C ASP C 278 -16.02 -31.92 31.53
N ALA C 285 -23.69 -23.18 23.36
CA ALA C 285 -23.92 -21.93 24.08
C ALA C 285 -22.58 -21.27 24.43
N HIS C 286 -21.88 -20.81 23.39
CA HIS C 286 -20.62 -20.11 23.60
C HIS C 286 -20.83 -18.59 23.62
N LYS C 287 -21.30 -18.03 22.50
CA LYS C 287 -21.65 -16.60 22.36
C LYS C 287 -20.42 -15.71 22.38
N CYS C 288 -19.26 -16.27 22.71
CA CYS C 288 -17.94 -15.66 22.62
C CYS C 288 -17.73 -14.49 23.58
N HIS C 289 -18.81 -13.99 24.19
CA HIS C 289 -18.76 -13.06 25.32
C HIS C 289 -17.60 -12.07 25.24
N SER C 290 -17.59 -11.21 24.22
CA SER C 290 -16.49 -10.28 24.01
C SER C 290 -16.16 -9.53 25.30
N SER C 291 -14.91 -9.05 25.37
CA SER C 291 -14.37 -8.53 26.62
C SER C 291 -15.28 -7.48 27.26
N TYR C 292 -15.94 -6.66 26.44
CA TYR C 292 -16.91 -5.71 26.96
C TYR C 292 -18.07 -6.44 27.62
N ASP C 293 -18.56 -7.50 26.97
CA ASP C 293 -19.62 -8.31 27.56
C ASP C 293 -19.16 -8.94 28.87
N VAL C 294 -17.91 -9.40 28.93
CA VAL C 294 -17.41 -10.00 30.17
C VAL C 294 -17.37 -8.96 31.29
N MET C 295 -16.80 -7.78 31.01
CA MET C 295 -16.72 -6.76 32.03
C MET C 295 -18.10 -6.28 32.47
N LEU C 296 -19.09 -6.38 31.58
CA LEU C 296 -20.45 -6.03 31.99
C LEU C 296 -21.12 -7.13 32.79
N ASP C 297 -20.91 -8.39 32.39
CA ASP C 297 -21.51 -9.52 33.11
C ASP C 297 -20.88 -9.70 34.49
N LEU C 298 -19.67 -9.16 34.70
CA LEU C 298 -19.04 -9.24 36.00
C LEU C 298 -19.92 -8.66 37.10
N LEU C 299 -20.79 -7.71 36.76
CA LEU C 299 -21.65 -7.07 37.74
C LEU C 299 -23.05 -7.68 37.79
N ASP C 300 -23.28 -8.75 37.02
CA ASP C 300 -24.57 -9.41 37.06
C ASP C 300 -24.67 -10.29 38.30
N PRO C 301 -25.65 -10.06 39.18
CA PRO C 301 -25.73 -10.83 40.43
C PRO C 301 -25.84 -12.34 40.22
N SER C 302 -26.16 -12.76 39.01
CA SER C 302 -26.24 -14.19 38.70
C SER C 302 -24.88 -14.85 38.61
N ASN C 303 -23.79 -14.08 38.66
CA ASN C 303 -22.45 -14.62 38.54
C ASN C 303 -21.67 -14.61 39.85
N SER C 304 -22.10 -13.83 40.83
CA SER C 304 -21.43 -13.75 42.11
C SER C 304 -21.39 -15.12 42.79
N LEU C 305 -20.32 -15.37 43.54
CA LEU C 305 -20.20 -16.61 44.30
C LEU C 305 -20.72 -16.46 45.72
N VAL C 306 -21.29 -15.31 46.07
CA VAL C 306 -22.01 -15.12 47.32
C VAL C 306 -23.34 -14.49 46.98
N SER C 307 -24.43 -15.10 47.44
CA SER C 307 -25.76 -14.62 47.08
C SER C 307 -26.01 -13.25 47.71
N THR C 308 -26.10 -12.23 46.86
CA THR C 308 -26.47 -10.90 47.33
C THR C 308 -27.81 -10.46 46.76
N ALA C 309 -27.92 -10.37 45.43
CA ALA C 309 -29.18 -10.07 44.74
C ALA C 309 -29.84 -8.80 45.27
N MET C 310 -29.08 -7.95 45.95
CA MET C 310 -29.62 -6.77 46.59
C MET C 310 -29.66 -5.58 45.64
N ASN C 311 -30.62 -4.69 45.88
CA ASN C 311 -30.79 -3.53 45.01
C ASN C 311 -29.78 -2.43 45.32
N ASN C 312 -29.23 -2.42 46.54
CA ASN C 312 -28.20 -1.45 46.93
C ASN C 312 -26.98 -2.18 47.49
N PRO C 313 -26.28 -2.97 46.66
CA PRO C 313 -25.03 -3.58 47.13
C PRO C 313 -23.85 -2.63 46.98
N THR C 314 -23.69 -1.75 47.96
CA THR C 314 -22.66 -0.71 47.89
C THR C 314 -21.28 -1.33 47.78
N TYR C 315 -20.63 -1.11 46.63
CA TYR C 315 -19.26 -1.57 46.42
C TYR C 315 -18.28 -0.53 46.95
N PHE C 316 -17.39 -0.98 47.83
CA PHE C 316 -16.36 -0.09 48.34
C PHE C 316 -15.13 -0.15 47.45
N ASN C 317 -14.59 -1.35 47.25
CA ASN C 317 -13.48 -1.55 46.33
C ASN C 317 -13.84 -2.60 45.29
N VAL C 318 -13.35 -2.41 44.08
CA VAL C 318 -13.55 -3.36 42.98
C VAL C 318 -12.19 -3.61 42.34
N TYR C 319 -11.95 -4.85 41.93
CA TYR C 319 -10.73 -5.23 41.23
C TYR C 319 -11.04 -6.38 40.29
N ASN C 320 -11.04 -6.09 38.99
CA ASN C 320 -11.34 -7.08 37.97
C ASN C 320 -10.06 -7.60 37.35
N THR C 321 -10.04 -8.89 37.05
CA THR C 321 -8.91 -9.54 36.41
C THR C 321 -9.38 -10.16 35.11
N ILE C 322 -9.01 -9.53 34.00
CA ILE C 322 -9.43 -9.96 32.67
C ILE C 322 -8.30 -10.77 32.05
N ILE C 323 -8.63 -11.95 31.52
CA ILE C 323 -7.65 -12.91 31.05
C ILE C 323 -7.97 -13.25 29.60
N GLY C 324 -7.01 -13.00 28.71
CA GLY C 324 -7.13 -13.40 27.32
C GLY C 324 -6.83 -12.25 26.39
N ASN C 325 -7.41 -12.34 25.19
CA ASN C 325 -7.26 -11.31 24.16
C ASN C 325 -8.20 -10.15 24.53
N VAL C 326 -7.66 -9.20 25.29
CA VAL C 326 -8.46 -8.11 25.86
C VAL C 326 -8.18 -6.84 25.06
N GLU C 327 -9.26 -6.19 24.62
CA GLU C 327 -9.14 -4.95 23.87
C GLU C 327 -9.35 -3.77 24.81
N PRO C 328 -8.32 -2.98 25.11
CA PRO C 328 -8.44 -1.95 26.15
C PRO C 328 -9.52 -0.91 25.92
N ARG C 329 -9.87 -0.62 24.67
CA ARG C 329 -10.93 0.35 24.44
C ARG C 329 -12.29 -0.23 24.82
N GLN C 330 -12.48 -1.54 24.59
CA GLN C 330 -13.65 -2.21 25.13
C GLN C 330 -13.69 -2.10 26.64
N ILE C 331 -12.55 -2.28 27.29
CA ILE C 331 -12.46 -2.12 28.74
C ILE C 331 -12.88 -0.73 29.16
N SER C 332 -12.45 0.28 28.40
CA SER C 332 -12.75 1.66 28.78
C SER C 332 -14.22 1.99 28.58
N ARG C 333 -14.81 1.50 27.49
CA ARG C 333 -16.26 1.67 27.30
C ARG C 333 -17.03 0.97 28.41
N ALA C 334 -16.59 -0.23 28.78
CA ALA C 334 -17.25 -0.94 29.87
C ALA C 334 -17.09 -0.21 31.20
N MET C 335 -15.94 0.43 31.40
CA MET C 335 -15.75 1.21 32.63
C MET C 335 -16.61 2.45 32.65
N THR C 336 -16.84 3.07 31.49
CA THR C 336 -17.81 4.16 31.43
C THR C 336 -19.20 3.65 31.82
N LYS C 337 -19.62 2.55 31.20
CA LYS C 337 -20.91 1.95 31.54
C LYS C 337 -21.02 1.64 33.03
N LEU C 338 -19.97 1.08 33.62
CA LEU C 338 -20.03 0.68 35.02
C LEU C 338 -20.00 1.88 35.96
N GLN C 339 -19.09 2.84 35.72
CA GLN C 339 -19.07 4.06 36.51
C GLN C 339 -20.42 4.76 36.46
N GLN C 340 -21.17 4.59 35.36
CA GLN C 340 -22.56 5.02 35.37
C GLN C 340 -23.44 4.06 36.16
N ARG C 341 -23.06 2.78 36.19
CA ARG C 341 -23.92 1.73 36.74
C ARG C 341 -23.68 1.49 38.23
N ILE C 342 -22.44 1.20 38.60
CA ILE C 342 -22.12 0.69 39.93
C ILE C 342 -22.33 1.80 40.96
N LYS C 343 -22.93 1.43 42.09
CA LYS C 343 -23.18 2.38 43.17
C LYS C 343 -22.02 2.37 44.15
N PHE C 344 -21.19 3.41 44.08
CA PHE C 344 -20.08 3.61 45.00
C PHE C 344 -20.50 4.59 46.09
N PRO C 345 -20.03 4.40 47.32
CA PRO C 345 -20.41 5.32 48.40
C PRO C 345 -19.88 6.71 48.15
N SER C 346 -20.62 7.71 48.62
CA SER C 346 -20.32 9.10 48.34
C SER C 346 -19.14 9.64 49.13
N TRP C 347 -18.50 8.83 49.96
CA TRP C 347 -17.36 9.28 50.75
C TRP C 347 -16.02 8.84 50.18
N SER C 348 -16.01 7.94 49.21
CA SER C 348 -14.77 7.35 48.73
C SER C 348 -14.69 7.56 47.22
N SER C 349 -13.70 6.92 46.61
CA SER C 349 -13.47 7.06 45.17
C SER C 349 -14.30 6.04 44.39
N SER C 350 -14.43 6.29 43.09
CA SER C 350 -15.20 5.45 42.19
C SER C 350 -14.32 4.64 41.24
N ALA C 351 -13.11 4.31 41.67
CA ALA C 351 -12.17 3.63 40.79
C ALA C 351 -12.40 2.13 40.80
N MET C 352 -12.61 1.57 39.61
CA MET C 352 -12.60 0.13 39.41
C MET C 352 -11.27 -0.24 38.77
N HIS C 353 -10.50 -1.06 39.47
CA HIS C 353 -9.15 -1.41 39.05
C HIS C 353 -9.20 -2.62 38.13
N VAL C 354 -8.71 -2.46 36.91
CA VAL C 354 -8.72 -3.52 35.91
C VAL C 354 -7.30 -3.96 35.68
N ASN C 355 -6.97 -5.16 36.12
CA ASN C 355 -5.70 -5.79 35.82
C ASN C 355 -5.86 -6.73 34.65
N ILE C 356 -5.44 -6.29 33.46
CA ILE C 356 -5.51 -7.09 32.26
C ILE C 356 -4.40 -8.13 32.33
N GLY C 357 -4.74 -9.34 32.80
CA GLY C 357 -3.78 -10.38 33.03
C GLY C 357 -3.50 -11.19 31.79
N ARG C 358 -2.69 -12.23 31.98
CA ARG C 358 -2.27 -13.10 30.88
C ARG C 358 -2.89 -14.48 31.06
N ARG C 359 -3.19 -15.12 29.93
CA ARG C 359 -3.54 -16.53 29.94
C ARG C 359 -2.26 -17.35 30.02
N SER C 360 -2.36 -18.53 30.62
CA SER C 360 -1.22 -19.41 30.73
C SER C 360 -0.70 -19.77 29.34
N PRO C 361 0.55 -19.46 29.01
CA PRO C 361 1.08 -19.82 27.68
C PRO C 361 1.14 -21.32 27.44
N TYR C 362 1.28 -22.13 28.49
CA TYR C 362 1.33 -23.58 28.36
C TYR C 362 -0.05 -24.21 28.40
N LEU C 363 -1.09 -23.42 28.68
CA LEU C 363 -2.45 -23.93 28.72
C LEU C 363 -3.16 -23.60 27.42
N PRO C 364 -3.31 -24.56 26.50
CA PRO C 364 -3.92 -24.24 25.20
C PRO C 364 -5.38 -23.84 25.36
N LEU C 365 -5.84 -23.00 24.44
CA LEU C 365 -7.23 -22.55 24.47
C LEU C 365 -8.16 -23.72 24.18
N GLN C 366 -8.80 -24.24 25.22
CA GLN C 366 -9.67 -25.40 25.16
C GLN C 366 -10.90 -25.10 24.33
N PRO C 367 -11.34 -26.07 23.52
CA PRO C 367 -12.59 -25.88 22.76
C PRO C 367 -13.76 -25.56 23.68
N ASN C 368 -14.63 -24.66 23.19
CA ASN C 368 -15.81 -24.18 23.88
C ASN C 368 -15.49 -23.37 25.13
N GLU C 369 -14.23 -23.06 25.37
CA GLU C 369 -13.85 -22.06 26.37
C GLU C 369 -13.80 -20.70 25.69
N ASN C 370 -13.98 -19.65 26.49
CA ASN C 370 -14.09 -18.32 25.92
C ASN C 370 -12.71 -17.75 25.62
N GLU C 371 -12.67 -16.86 24.63
CA GLU C 371 -11.45 -16.11 24.35
C GLU C 371 -11.04 -15.25 25.54
N VAL C 372 -12.02 -14.66 26.23
CA VAL C 372 -11.77 -13.80 27.37
C VAL C 372 -12.53 -14.34 28.57
N SER C 373 -11.93 -14.25 29.74
CA SER C 373 -12.58 -14.63 30.99
C SER C 373 -12.15 -13.67 32.07
N GLY C 374 -13.09 -13.30 32.93
CA GLY C 374 -12.79 -12.30 33.93
C GLY C 374 -13.20 -12.74 35.32
N MET C 375 -12.44 -12.25 36.29
CA MET C 375 -12.74 -12.47 37.70
C MET C 375 -12.81 -11.12 38.39
N MET C 376 -13.76 -10.99 39.30
CA MET C 376 -13.93 -9.78 40.07
C MET C 376 -13.91 -10.10 41.56
N LEU C 377 -12.99 -9.46 42.27
CA LEU C 377 -13.03 -9.42 43.72
C LEU C 377 -13.53 -8.03 44.10
N SER C 378 -14.64 -7.98 44.82
CA SER C 378 -15.22 -6.71 45.20
C SER C 378 -15.44 -6.69 46.70
N ASN C 379 -15.38 -5.50 47.28
CA ASN C 379 -15.63 -5.32 48.70
C ASN C 379 -17.00 -4.65 48.82
N MET C 380 -18.05 -5.45 48.74
CA MET C 380 -19.42 -4.96 48.76
C MET C 380 -19.86 -4.73 50.19
N SER C 381 -20.99 -4.04 50.33
CA SER C 381 -21.61 -3.87 51.64
C SER C 381 -22.40 -5.09 52.09
N THR C 382 -22.73 -5.99 51.17
CA THR C 382 -23.63 -7.10 51.47
C THR C 382 -22.96 -8.47 51.41
N VAL C 383 -21.70 -8.61 51.81
CA VAL C 383 -21.16 -9.96 51.98
C VAL C 383 -21.55 -10.48 53.35
N VAL C 384 -21.95 -9.60 54.26
CA VAL C 384 -22.44 -9.99 55.57
C VAL C 384 -23.69 -10.86 55.48
N ASN C 385 -24.42 -10.81 54.37
CA ASN C 385 -25.59 -11.65 54.21
C ASN C 385 -25.23 -13.13 54.15
N VAL C 386 -23.96 -13.45 53.93
CA VAL C 386 -23.49 -14.82 54.13
C VAL C 386 -23.52 -15.19 55.61
N PHE C 387 -23.45 -14.19 56.48
CA PHE C 387 -23.30 -14.40 57.91
C PHE C 387 -24.62 -14.31 58.65
N GLU C 388 -25.69 -13.88 57.97
CA GLU C 388 -26.97 -13.67 58.64
C GLU C 388 -27.59 -14.99 59.08
N ASN C 389 -27.52 -16.02 58.22
CA ASN C 389 -28.02 -17.34 58.61
C ASN C 389 -27.33 -17.82 59.89
N ALA C 390 -26.00 -17.76 59.92
CA ALA C 390 -25.27 -18.23 61.09
C ALA C 390 -25.59 -17.39 62.32
N CYS C 391 -25.67 -16.07 62.17
CA CYS C 391 -25.93 -15.22 63.32
C CYS C 391 -27.33 -15.43 63.87
N ASN C 392 -28.32 -15.59 62.98
CA ASN C 392 -29.67 -15.88 63.42
C ASN C 392 -29.75 -17.22 64.14
N THR C 393 -29.17 -18.27 63.55
CA THR C 393 -29.17 -19.56 64.22
C THR C 393 -28.50 -19.49 65.57
N PHE C 394 -27.36 -18.80 65.67
CA PHE C 394 -26.64 -18.72 66.93
C PHE C 394 -27.42 -17.94 67.97
N ASP C 395 -28.10 -16.86 67.55
CA ASP C 395 -28.78 -16.02 68.53
C ASP C 395 -30.14 -16.61 68.92
N LYS C 396 -30.67 -17.51 68.11
CA LYS C 396 -31.93 -18.16 68.45
C LYS C 396 -31.77 -19.57 69.01
N VAL C 397 -30.56 -20.10 69.06
CA VAL C 397 -30.31 -21.42 69.66
C VAL C 397 -29.37 -21.33 70.85
N PHE C 398 -28.28 -20.56 70.73
CA PHE C 398 -27.34 -20.39 71.83
C PHE C 398 -28.01 -19.77 73.04
N ALA C 399 -29.09 -19.02 72.82
CA ALA C 399 -29.81 -18.41 73.95
C ALA C 399 -30.39 -19.45 74.88
N LYS C 400 -31.14 -20.41 74.36
CA LYS C 400 -31.78 -21.42 75.21
C LYS C 400 -31.28 -22.84 74.95
N GLY C 401 -31.30 -23.28 73.69
CA GLY C 401 -31.01 -24.65 73.35
C GLY C 401 -29.58 -24.92 72.94
N ALA C 402 -28.63 -24.54 73.79
CA ALA C 402 -27.22 -24.63 73.45
C ALA C 402 -26.78 -26.07 73.22
N PHE C 403 -25.98 -26.27 72.18
CA PHE C 403 -25.36 -27.56 71.87
C PHE C 403 -23.93 -27.63 72.40
N LEU C 404 -23.60 -26.86 73.44
CA LEU C 404 -22.22 -26.68 73.85
C LEU C 404 -21.62 -27.89 74.55
N ASN C 405 -22.31 -29.03 74.58
CA ASN C 405 -21.72 -30.21 75.20
C ASN C 405 -20.63 -30.83 74.36
N ASN C 406 -20.57 -30.52 73.06
CA ASN C 406 -19.55 -31.01 72.16
C ASN C 406 -18.28 -30.16 72.18
N TYR C 407 -18.40 -28.87 72.46
CA TYR C 407 -17.29 -27.93 72.37
C TYR C 407 -16.46 -27.88 73.65
N ASN C 408 -16.61 -28.85 74.55
CA ASN C 408 -15.85 -28.86 75.80
C ASN C 408 -14.62 -29.74 75.63
N VAL C 409 -13.56 -29.15 75.05
CA VAL C 409 -12.29 -29.82 74.88
C VAL C 409 -11.18 -28.82 75.21
N GLY C 410 -10.09 -29.33 75.76
CA GLY C 410 -8.94 -28.48 76.03
C GLY C 410 -9.19 -27.53 77.18
N ASP C 411 -8.99 -26.24 76.94
CA ASP C 411 -9.28 -25.23 77.96
C ASP C 411 -10.76 -24.91 78.03
N LEU C 412 -11.45 -24.91 76.88
CA LEU C 412 -12.89 -24.76 76.88
C LEU C 412 -13.57 -25.84 77.71
N PHE C 413 -12.97 -27.04 77.77
CA PHE C 413 -13.53 -28.11 78.57
C PHE C 413 -13.61 -27.75 80.05
N GLN C 414 -12.65 -26.96 80.55
CA GLN C 414 -12.54 -26.70 81.98
C GLN C 414 -13.82 -26.16 82.59
N SER C 415 -14.70 -25.54 81.79
CA SER C 415 -15.97 -25.05 82.29
C SER C 415 -16.89 -24.79 81.11
N MET C 416 -18.17 -25.14 81.28
CA MET C 416 -19.19 -24.65 80.35
C MET C 416 -19.22 -23.13 80.31
N GLN C 417 -18.89 -22.48 81.42
CA GLN C 417 -18.73 -21.04 81.44
C GLN C 417 -17.72 -20.57 80.41
N ASN C 418 -16.60 -21.29 80.28
CA ASN C 418 -15.62 -20.94 79.25
C ASN C 418 -16.23 -20.95 77.86
N VAL C 419 -16.95 -22.02 77.51
CA VAL C 419 -17.54 -22.11 76.18
C VAL C 419 -18.54 -20.98 75.97
N GLN C 420 -19.35 -20.69 76.99
CA GLN C 420 -20.30 -19.58 76.88
C GLN C 420 -19.59 -18.26 76.64
N ASP C 421 -18.48 -18.01 77.37
CA ASP C 421 -17.74 -16.76 77.20
C ASP C 421 -17.12 -16.65 75.81
N GLU C 422 -16.55 -17.75 75.31
CA GLU C 422 -15.94 -17.69 73.98
C GLU C 422 -16.99 -17.48 72.91
N PHE C 423 -18.15 -18.16 73.01
CA PHE C 423 -19.22 -17.93 72.05
C PHE C 423 -19.70 -16.49 72.11
N ALA C 424 -19.81 -15.92 73.31
CA ALA C 424 -20.24 -14.53 73.43
C ALA C 424 -19.24 -13.58 72.79
N GLU C 425 -17.95 -13.78 73.04
CA GLU C 425 -16.93 -12.90 72.46
C GLU C 425 -16.90 -13.01 70.94
N SER C 426 -17.02 -14.24 70.42
CA SER C 426 -17.05 -14.42 68.97
C SER C 426 -18.25 -13.74 68.36
N ARG C 427 -19.43 -13.87 68.98
CA ARG C 427 -20.60 -13.17 68.46
C ARG C 427 -20.41 -11.66 68.53
N GLU C 428 -19.71 -11.18 69.56
CA GLU C 428 -19.48 -9.75 69.69
C GLU C 428 -18.58 -9.23 68.58
N VAL C 429 -17.52 -9.98 68.24
CA VAL C 429 -16.64 -9.51 67.17
C VAL C 429 -17.32 -9.63 65.80
N VAL C 430 -18.17 -10.64 65.63
CA VAL C 430 -18.93 -10.73 64.37
C VAL C 430 -19.90 -9.56 64.26
N GLN C 431 -20.55 -9.20 65.36
CA GLN C 431 -21.41 -8.02 65.37
C GLN C 431 -20.60 -6.77 65.06
N SER C 432 -19.37 -6.69 65.58
CA SER C 432 -18.51 -5.56 65.26
C SER C 432 -18.23 -5.48 63.78
N LEU C 433 -17.93 -6.62 63.13
CA LEU C 433 -17.71 -6.63 61.70
C LEU C 433 -18.94 -6.13 60.95
N MET C 434 -20.13 -6.60 61.34
CA MET C 434 -21.35 -6.18 60.65
C MET C 434 -21.62 -4.69 60.87
N GLU C 435 -21.36 -4.19 62.07
CA GLU C 435 -21.47 -2.75 62.31
C GLU C 435 -20.51 -1.98 61.41
N ASP C 436 -19.29 -2.48 61.24
CA ASP C 436 -18.33 -1.81 60.37
C ASP C 436 -18.84 -1.75 58.94
N TYR C 437 -19.37 -2.85 58.43
CA TYR C 437 -19.87 -2.84 57.06
C TYR C 437 -21.07 -1.93 56.89
N VAL C 438 -22.01 -1.92 57.85
CA VAL C 438 -23.19 -1.08 57.69
C VAL C 438 -22.81 0.39 57.88
N ALA C 439 -21.77 0.67 58.66
CA ALA C 439 -21.37 2.04 58.91
C ALA C 439 -20.63 2.62 57.72
N ALA C 440 -19.63 1.89 57.19
CA ALA C 440 -18.84 2.40 56.09
C ALA C 440 -19.65 2.62 54.82
N GLU C 441 -20.91 2.21 54.82
CA GLU C 441 -21.81 2.46 53.69
C GLU C 441 -22.34 3.89 53.66
N GLN C 442 -22.47 4.53 54.82
CA GLN C 442 -23.08 5.85 54.90
C GLN C 442 -22.08 6.94 54.56
N ASP C 443 -22.60 8.08 54.11
CA ASP C 443 -21.76 9.25 53.88
C ASP C 443 -21.17 9.77 55.18
N SER C 444 -21.83 9.51 56.31
CA SER C 444 -21.35 9.98 57.61
C SER C 444 -20.07 9.26 58.05
N TYR C 445 -19.54 8.34 57.24
CA TYR C 445 -18.30 7.68 57.59
C TYR C 445 -17.14 8.66 57.67
N LEU C 446 -17.19 9.72 56.86
CA LEU C 446 -16.11 10.70 56.79
C LEU C 446 -16.53 12.08 57.24
N ASP C 447 -17.76 12.25 57.70
CA ASP C 447 -18.18 13.55 58.25
C ASP C 447 -17.29 13.96 59.41
N ASP C 448 -17.30 13.19 60.49
CA ASP C 448 -16.49 13.46 61.67
C ASP C 448 -15.02 13.15 61.46
N VAL C 449 -14.61 12.95 60.20
CA VAL C 449 -13.21 12.69 59.86
C VAL C 449 -12.61 13.87 59.10
N LEU C 450 -13.28 14.34 58.06
CA LEU C 450 -12.77 15.47 57.27
C LEU C 450 -13.62 16.73 57.38
N VAL C 451 -14.94 16.61 57.58
CA VAL C 451 -15.77 17.79 57.71
C VAL C 451 -15.56 18.46 59.06
N ASP C 452 -15.57 17.67 60.14
CA ASP C 452 -15.30 18.18 61.48
C ASP C 452 -13.79 18.35 61.65
N ASP C 453 -13.26 19.33 60.91
CA ASP C 453 -11.83 19.57 60.88
C ASP C 453 -11.50 20.95 61.45
N MET D 1 49.72 -36.95 63.99
CA MET D 1 49.59 -36.08 62.83
C MET D 1 49.23 -36.85 61.56
N GLY D 2 49.76 -38.07 61.46
CA GLY D 2 49.51 -38.90 60.29
C GLY D 2 50.13 -40.27 60.45
N GLY D 3 49.45 -41.29 59.95
CA GLY D 3 49.91 -42.65 60.10
C GLY D 3 48.77 -43.63 59.91
N GLU D 4 48.99 -44.84 60.40
CA GLU D 4 48.00 -45.90 60.24
C GLU D 4 47.20 -46.09 61.52
N ILE D 5 46.09 -46.79 61.40
CA ILE D 5 45.16 -47.00 62.50
C ILE D 5 44.79 -48.48 62.59
N ILE D 6 45.12 -49.10 63.72
CA ILE D 6 44.72 -50.47 64.03
C ILE D 6 43.26 -50.43 64.46
N THR D 7 42.48 -51.43 64.05
CA THR D 7 41.07 -51.51 64.44
C THR D 7 40.86 -52.70 65.36
N LEU D 8 40.62 -52.42 66.64
CA LEU D 8 40.40 -53.47 67.64
C LEU D 8 38.90 -53.69 67.78
N GLN D 9 38.46 -54.91 67.49
CA GLN D 9 37.06 -55.28 67.61
C GLN D 9 36.91 -56.20 68.82
N ALA D 10 36.09 -55.79 69.78
CA ALA D 10 35.92 -56.50 71.05
C ALA D 10 34.43 -56.64 71.34
N GLY D 11 34.02 -57.87 71.67
CA GLY D 11 32.63 -58.13 71.99
C GLY D 11 31.80 -58.43 70.77
N GLN D 12 30.60 -58.97 71.02
CA GLN D 12 29.72 -59.38 69.93
C GLN D 12 29.30 -58.20 69.08
N CYS D 13 28.82 -57.13 69.70
CA CYS D 13 28.35 -55.97 68.95
C CYS D 13 29.51 -55.26 68.27
N GLY D 14 30.63 -55.12 68.98
CA GLY D 14 31.83 -54.59 68.35
C GLY D 14 32.22 -55.35 67.09
N ASN D 15 32.17 -56.68 67.14
CA ASN D 15 32.54 -57.48 65.98
C ASN D 15 31.49 -57.39 64.88
N HIS D 16 30.21 -57.21 65.23
CA HIS D 16 29.20 -57.02 64.19
C HIS D 16 29.42 -55.70 63.46
N VAL D 17 29.60 -54.62 64.23
CA VAL D 17 29.97 -53.34 63.63
C VAL D 17 31.22 -53.47 62.79
N GLY D 18 32.20 -54.26 63.26
CA GLY D 18 33.42 -54.45 62.49
C GLY D 18 33.16 -55.15 61.17
N LYS D 19 32.35 -56.20 61.18
CA LYS D 19 31.98 -56.87 59.94
C LYS D 19 31.37 -55.89 58.95
N PHE D 20 30.43 -55.07 59.42
CA PHE D 20 29.78 -54.13 58.51
C PHE D 20 30.73 -53.02 58.09
N LEU D 21 31.63 -52.60 58.98
CA LEU D 21 32.60 -51.57 58.66
C LEU D 21 33.58 -52.04 57.59
N TRP D 22 34.01 -53.30 57.68
CA TRP D 22 34.94 -53.82 56.68
C TRP D 22 34.23 -54.10 55.36
N SER D 23 32.99 -54.58 55.39
CA SER D 23 32.22 -54.66 54.15
C SER D 23 32.10 -53.29 53.50
N GLN D 24 31.86 -52.26 54.30
CA GLN D 24 31.75 -50.90 53.76
C GLN D 24 33.06 -50.43 53.16
N LEU D 25 34.14 -50.46 53.95
CA LEU D 25 35.44 -50.05 53.44
C LEU D 25 35.83 -50.81 52.17
N ALA D 26 35.47 -52.08 52.10
CA ALA D 26 35.70 -52.83 50.86
C ALA D 26 34.88 -52.27 49.72
N LYS D 27 33.62 -51.92 49.99
CA LYS D 27 32.77 -51.33 48.95
C LYS D 27 33.35 -50.01 48.45
N GLU D 28 33.93 -49.22 49.37
CA GLU D 28 34.39 -47.89 49.00
C GLU D 28 35.79 -47.90 48.43
N HIS D 29 36.40 -49.08 48.28
CA HIS D 29 37.74 -49.18 47.73
C HIS D 29 37.89 -50.34 46.76
N ALA D 30 36.80 -51.04 46.45
CA ALA D 30 36.83 -52.24 45.61
C ALA D 30 37.90 -53.21 46.08
N ILE D 31 37.74 -53.70 47.30
CA ILE D 31 38.68 -54.66 47.87
C ILE D 31 38.10 -56.07 47.91
N GLY D 32 36.79 -56.20 47.77
CA GLY D 32 36.15 -57.49 47.80
C GLY D 32 36.18 -58.12 49.18
N THR D 33 35.53 -59.28 49.27
CA THR D 33 35.39 -59.98 50.54
C THR D 33 36.63 -60.77 50.95
N ASP D 34 37.61 -60.92 50.04
CA ASP D 34 38.79 -61.72 50.31
C ASP D 34 40.07 -60.89 50.32
N GLY D 35 39.97 -59.57 50.18
CA GLY D 35 41.14 -58.74 50.08
C GLY D 35 41.74 -58.66 48.70
N LEU D 36 41.06 -59.18 47.69
CA LEU D 36 41.54 -59.16 46.31
C LEU D 36 40.94 -57.96 45.59
N SER D 37 41.80 -57.03 45.17
CA SER D 37 41.34 -55.83 44.49
C SER D 37 40.50 -56.19 43.26
N GLN D 38 39.23 -55.80 43.29
CA GLN D 38 38.33 -55.99 42.17
C GLN D 38 38.66 -55.06 41.00
N LEU D 39 39.70 -54.26 41.12
CA LEU D 39 40.12 -53.31 40.10
C LEU D 39 41.00 -54.00 39.07
N PRO D 40 40.68 -53.84 37.78
CA PRO D 40 41.51 -54.45 36.75
C PRO D 40 42.88 -53.79 36.68
N ASP D 41 43.87 -54.56 36.26
CA ASP D 41 45.24 -54.08 36.13
C ASP D 41 45.39 -53.04 35.02
N SER D 42 44.34 -52.80 34.23
CA SER D 42 44.39 -51.74 33.23
C SER D 42 44.31 -50.35 33.86
N SER D 43 43.75 -50.24 35.06
CA SER D 43 43.63 -48.96 35.76
C SER D 43 44.50 -49.04 37.01
N THR D 44 45.79 -48.71 36.85
CA THR D 44 46.75 -48.71 37.94
C THR D 44 46.83 -47.37 38.66
N GLU D 45 45.85 -46.49 38.46
CA GLU D 45 45.86 -45.16 39.04
C GLU D 45 44.89 -45.10 40.22
N ARG D 46 45.43 -45.14 41.43
CA ARG D 46 44.63 -45.05 42.64
C ARG D 46 44.78 -43.66 43.24
N ASP D 47 43.64 -43.02 43.50
CA ASP D 47 43.61 -41.72 44.16
C ASP D 47 43.30 -41.84 45.65
N ASP D 48 43.27 -43.05 46.19
CA ASP D 48 42.91 -43.29 47.58
C ASP D 48 44.12 -43.77 48.36
N ASP D 49 43.90 -44.07 49.62
CA ASP D 49 44.94 -44.65 50.48
C ASP D 49 44.27 -45.67 51.39
N THR D 50 44.25 -46.93 50.95
CA THR D 50 43.79 -48.02 51.80
C THR D 50 44.82 -48.43 52.84
N LYS D 51 46.06 -47.99 52.69
CA LYS D 51 47.14 -48.35 53.60
C LYS D 51 46.85 -48.05 55.07
N PRO D 52 46.21 -46.94 55.44
CA PRO D 52 45.88 -46.73 56.86
C PRO D 52 45.00 -47.81 57.46
N PHE D 53 44.00 -48.29 56.74
CA PHE D 53 43.08 -49.29 57.28
C PHE D 53 43.19 -50.65 56.63
N PHE D 54 44.22 -50.90 55.83
CA PHE D 54 44.49 -52.23 55.28
C PHE D 54 46.00 -52.41 55.17
N ARG D 55 46.46 -53.61 55.49
CA ARG D 55 47.86 -53.95 55.20
C ARG D 55 47.93 -54.60 53.83
N GLU D 56 48.73 -54.01 52.94
CA GLU D 56 48.90 -54.53 51.59
C GLU D 56 50.07 -55.50 51.58
N ASN D 57 49.78 -56.78 51.72
CA ASN D 57 50.79 -57.81 51.53
C ASN D 57 51.28 -57.79 50.09
N CYS D 58 52.50 -58.25 49.88
CA CYS D 58 53.10 -58.27 48.55
C CYS D 58 52.31 -59.11 47.55
N ARG D 59 51.35 -59.88 48.04
CA ARG D 59 50.52 -60.74 47.20
C ARG D 59 49.34 -60.00 46.58
N ASN D 60 49.38 -58.67 46.53
CA ASN D 60 48.27 -57.86 46.02
C ASN D 60 46.98 -58.14 46.78
N LYS D 61 47.12 -58.44 48.06
CA LYS D 61 46.00 -58.75 48.93
C LYS D 61 46.07 -57.85 50.17
N PHE D 62 44.93 -57.24 50.48
CA PHE D 62 44.82 -56.34 51.63
C PHE D 62 44.26 -57.11 52.81
N THR D 63 45.04 -57.19 53.89
CA THR D 63 44.53 -57.64 55.17
C THR D 63 44.07 -56.43 55.97
N PRO D 64 42.83 -56.37 56.43
CA PRO D 64 42.41 -55.22 57.22
C PRO D 64 43.17 -55.16 58.53
N ARG D 65 43.68 -53.97 58.87
CA ARG D 65 44.48 -53.80 60.07
C ARG D 65 43.54 -53.87 61.26
N ALA D 66 43.21 -55.10 61.64
CA ALA D 66 42.26 -55.37 62.69
C ALA D 66 42.77 -56.48 63.59
N ILE D 67 42.32 -56.47 64.85
CA ILE D 67 42.54 -57.56 65.79
C ILE D 67 41.21 -57.92 66.40
N MET D 68 40.55 -58.93 65.84
CA MET D 68 39.27 -59.40 66.34
C MET D 68 39.49 -60.20 67.61
N MET D 69 38.92 -59.73 68.72
CA MET D 69 39.06 -60.38 70.02
C MET D 69 37.68 -60.52 70.65
N ASP D 70 37.52 -61.57 71.45
CA ASP D 70 36.24 -61.85 72.08
C ASP D 70 36.43 -62.96 73.10
N SER D 71 35.33 -63.38 73.71
CA SER D 71 35.28 -64.55 74.57
C SER D 71 34.41 -65.67 74.01
N GLU D 72 33.37 -65.33 73.25
CA GLU D 72 32.50 -66.30 72.58
C GLU D 72 32.96 -66.36 71.13
N PRO D 73 33.68 -67.41 70.74
CA PRO D 73 34.30 -67.44 69.41
C PRO D 73 33.31 -67.49 68.25
N SER D 74 32.03 -67.76 68.50
CA SER D 74 31.11 -68.02 67.40
C SER D 74 30.92 -66.80 66.49
N VAL D 75 30.88 -65.60 67.06
CA VAL D 75 30.59 -64.42 66.24
C VAL D 75 31.79 -64.05 65.37
N ILE D 76 32.99 -64.07 65.93
CA ILE D 76 34.18 -63.81 65.12
C ILE D 76 34.36 -64.90 64.08
N ALA D 77 34.03 -66.14 64.44
CA ALA D 77 34.12 -67.23 63.47
C ALA D 77 33.14 -67.02 62.32
N ASP D 78 31.93 -66.56 62.62
CA ASP D 78 30.96 -66.26 61.56
C ASP D 78 31.45 -65.13 60.67
N VAL D 79 32.02 -64.09 61.28
CA VAL D 79 32.63 -63.01 60.50
C VAL D 79 33.69 -63.56 59.56
N GLU D 80 34.54 -64.45 60.07
CA GLU D 80 35.61 -65.02 59.24
C GLU D 80 35.06 -65.91 58.15
N ASN D 81 33.91 -66.56 58.39
CA ASN D 81 33.27 -67.31 57.32
C ASN D 81 32.71 -66.38 56.25
N THR D 82 32.25 -65.20 56.66
CA THR D 82 31.74 -64.25 55.67
C THR D 82 32.88 -63.58 54.91
N PHE D 83 33.97 -63.26 55.61
CA PHE D 83 35.17 -62.72 54.99
C PHE D 83 36.20 -63.84 54.94
N ARG D 84 36.10 -64.67 53.90
CA ARG D 84 36.93 -65.86 53.77
C ARG D 84 38.38 -65.47 53.48
N GLY D 85 39.25 -65.74 54.45
CA GLY D 85 40.66 -65.43 54.33
C GLY D 85 41.00 -63.95 54.36
N PHE D 86 40.02 -63.08 54.53
CA PHE D 86 40.26 -61.64 54.55
C PHE D 86 41.07 -61.22 55.77
N PHE D 87 40.55 -61.48 56.97
CA PHE D 87 41.30 -61.25 58.19
C PHE D 87 42.36 -62.33 58.36
N ASP D 88 43.47 -61.96 59.00
CA ASP D 88 44.49 -62.93 59.32
C ASP D 88 44.06 -63.73 60.55
N PRO D 89 43.85 -65.04 60.43
CA PRO D 89 43.52 -65.84 61.63
C PRO D 89 44.63 -65.84 62.66
N ARG D 90 45.78 -65.23 62.38
CA ARG D 90 46.81 -65.02 63.38
C ARG D 90 46.52 -63.78 64.23
N ASN D 91 45.49 -63.01 63.90
CA ASN D 91 45.06 -61.87 64.69
C ASN D 91 43.92 -62.21 65.64
N THR D 92 43.10 -63.20 65.29
CA THR D 92 41.98 -63.62 66.13
C THR D 92 42.49 -64.08 67.49
N TRP D 93 41.61 -64.05 68.49
CA TRP D 93 41.95 -64.45 69.85
C TRP D 93 40.66 -64.65 70.64
N VAL D 94 40.52 -65.81 71.27
CA VAL D 94 39.31 -66.15 72.02
C VAL D 94 39.60 -66.67 73.41
N ALA D 95 40.85 -67.08 73.70
CA ALA D 95 41.33 -67.52 75.00
C ALA D 95 40.79 -68.89 75.40
N SER D 96 39.84 -69.41 74.62
CA SER D 96 39.39 -70.81 74.70
C SER D 96 39.17 -71.29 76.14
N ASP D 97 38.69 -70.41 77.00
CA ASP D 97 38.41 -70.77 78.40
C ASP D 97 36.94 -71.08 78.62
N GLY D 98 36.15 -71.21 77.57
CA GLY D 98 34.74 -71.49 77.67
C GLY D 98 33.90 -70.23 77.51
N ALA D 99 32.59 -70.44 77.60
CA ALA D 99 31.66 -69.32 77.58
C ALA D 99 31.86 -68.46 78.82
N SER D 100 31.63 -67.16 78.66
CA SER D 100 31.83 -66.23 79.77
C SER D 100 30.90 -66.56 80.93
N ALA D 101 31.47 -66.62 82.13
CA ALA D 101 30.71 -66.91 83.35
C ALA D 101 29.88 -65.68 83.71
N GLY D 102 28.86 -65.43 82.89
CA GLY D 102 28.03 -64.25 83.03
C GLY D 102 28.40 -63.19 82.00
N ASN D 103 27.49 -62.21 81.89
CA ASN D 103 27.64 -61.10 80.96
C ASN D 103 28.05 -59.81 81.67
N SER D 104 28.94 -59.90 82.66
CA SER D 104 29.31 -58.76 83.46
C SER D 104 30.69 -58.25 83.10
N TRP D 105 31.01 -57.07 83.63
CA TRP D 105 32.31 -56.43 83.38
C TRP D 105 33.46 -57.24 83.95
N ALA D 106 33.21 -57.91 85.08
CA ALA D 106 34.28 -58.67 85.73
C ALA D 106 34.84 -59.76 84.82
N ASN D 107 33.96 -60.48 84.12
CA ASN D 107 34.42 -61.54 83.24
C ASN D 107 35.32 -61.00 82.13
N GLY D 108 34.87 -59.93 81.47
CA GLY D 108 35.69 -59.32 80.43
C GLY D 108 37.03 -58.84 80.94
N TYR D 109 37.03 -58.06 82.01
CA TYR D 109 38.29 -57.53 82.51
C TYR D 109 39.21 -58.64 82.99
N ASP D 110 38.63 -59.75 83.48
CA ASP D 110 39.46 -60.83 83.97
C ASP D 110 40.06 -61.65 82.84
N ILE D 111 39.28 -61.95 81.80
CA ILE D 111 39.83 -62.63 80.63
C ILE D 111 40.88 -61.75 79.97
N GLY D 112 40.73 -60.43 80.09
CA GLY D 112 41.76 -59.54 79.60
C GLY D 112 43.02 -59.56 80.44
N THR D 113 42.86 -59.55 81.77
CA THR D 113 44.02 -59.44 82.64
C THR D 113 44.77 -60.76 82.72
N ARG D 114 44.10 -61.88 82.46
CA ARG D 114 44.78 -63.17 82.46
C ARG D 114 45.60 -63.41 81.20
N ASN D 115 45.31 -62.71 80.11
CA ASN D 115 45.96 -62.90 78.82
C ASN D 115 46.44 -61.56 78.25
N GLN D 116 46.70 -60.61 79.16
CA GLN D 116 47.41 -59.38 78.80
C GLN D 116 48.60 -59.66 77.88
N ASP D 117 49.35 -60.72 78.17
CA ASP D 117 50.49 -61.05 77.32
C ASP D 117 50.06 -61.34 75.89
N ASP D 118 49.07 -62.21 75.70
CA ASP D 118 48.57 -62.51 74.36
C ASP D 118 48.05 -61.25 73.67
N ILE D 119 47.30 -60.41 74.39
CA ILE D 119 46.69 -59.24 73.77
C ILE D 119 47.75 -58.24 73.32
N LEU D 120 48.65 -57.87 74.22
CA LEU D 120 49.69 -56.91 73.86
C LEU D 120 50.66 -57.50 72.85
N ASN D 121 50.79 -58.83 72.81
CA ASN D 121 51.62 -59.44 71.78
C ASN D 121 50.95 -59.34 70.41
N LYS D 122 49.64 -59.58 70.34
CA LYS D 122 48.91 -59.37 69.09
C LYS D 122 49.06 -57.93 68.62
N ILE D 123 48.93 -56.96 69.53
CA ILE D 123 48.95 -55.57 69.10
C ILE D 123 50.36 -55.13 68.72
N ASP D 124 51.37 -55.63 69.42
CA ASP D 124 52.75 -55.37 69.02
C ASP D 124 53.07 -56.02 67.68
N LYS D 125 52.51 -57.21 67.43
CA LYS D 125 52.69 -57.87 66.14
C LYS D 125 52.05 -57.06 65.02
N GLU D 126 50.91 -56.43 65.30
CA GLU D 126 50.31 -55.60 64.27
C GLU D 126 51.02 -54.26 64.10
N ILE D 127 51.69 -53.77 65.15
CA ILE D 127 52.38 -52.49 65.04
C ILE D 127 53.74 -52.64 64.37
N ASP D 128 54.48 -53.71 64.68
CA ASP D 128 55.78 -53.87 64.03
C ASP D 128 55.62 -54.17 62.54
N SER D 129 54.45 -54.61 62.12
CA SER D 129 54.12 -54.79 60.71
C SER D 129 53.72 -53.49 60.04
N THR D 130 53.99 -52.35 60.68
CA THR D 130 53.86 -51.06 60.03
C THR D 130 55.00 -50.14 60.47
N ASP D 131 55.03 -48.92 59.95
CA ASP D 131 56.07 -47.98 60.33
C ASP D 131 55.48 -46.78 61.06
N ASN D 132 54.52 -46.10 60.43
CA ASN D 132 53.94 -44.88 60.99
C ASN D 132 52.57 -45.22 61.56
N PHE D 133 52.50 -45.36 62.88
CA PHE D 133 51.27 -45.73 63.57
C PHE D 133 50.73 -44.54 64.35
N GLU D 134 49.43 -44.31 64.25
CA GLU D 134 48.81 -43.12 64.85
C GLU D 134 47.81 -43.45 65.95
N GLY D 135 46.97 -44.46 65.80
CA GLY D 135 45.96 -44.70 66.81
C GLY D 135 45.17 -45.96 66.54
N PHE D 136 44.06 -46.09 67.27
CA PHE D 136 43.25 -47.30 67.27
C PHE D 136 41.80 -46.96 66.96
N GLN D 137 41.03 -47.99 66.61
CA GLN D 137 39.59 -47.87 66.38
C GLN D 137 38.89 -49.02 67.09
N LEU D 138 38.54 -48.81 68.36
CA LEU D 138 37.85 -49.82 69.16
C LEU D 138 36.35 -49.70 68.96
N LEU D 139 35.72 -50.78 68.54
CA LEU D 139 34.27 -50.89 68.52
C LEU D 139 33.85 -51.55 69.82
N HIS D 140 32.97 -50.89 70.58
CA HIS D 140 32.89 -51.17 72.00
C HIS D 140 31.59 -51.80 72.49
N SER D 141 30.46 -51.15 72.23
CA SER D 141 29.18 -51.55 72.84
C SER D 141 29.30 -51.55 74.36
N VAL D 142 29.53 -50.36 74.93
CA VAL D 142 30.00 -50.18 76.30
C VAL D 142 29.24 -51.03 77.32
N ALA D 143 27.92 -51.22 77.14
CA ALA D 143 27.10 -51.79 78.19
C ALA D 143 27.00 -53.30 78.12
N GLY D 144 27.82 -53.95 77.30
CA GLY D 144 27.89 -55.40 77.34
C GLY D 144 28.98 -55.89 78.28
N GLY D 145 28.93 -57.18 78.59
CA GLY D 145 29.94 -57.76 79.45
C GLY D 145 31.30 -57.80 78.76
N THR D 146 31.37 -58.54 77.66
CA THR D 146 32.59 -58.58 76.85
C THR D 146 33.02 -57.17 76.48
N GLY D 147 32.12 -56.38 75.91
CA GLY D 147 32.43 -55.02 75.53
C GLY D 147 33.09 -54.24 76.66
N SER D 148 32.39 -54.12 77.79
CA SER D 148 32.91 -53.33 78.90
C SER D 148 34.27 -53.85 79.37
N GLY D 149 34.37 -55.15 79.66
CA GLY D 149 35.61 -55.66 80.24
C GLY D 149 36.79 -55.57 79.29
N LEU D 150 36.64 -56.10 78.08
CA LEU D 150 37.72 -56.02 77.11
C LEU D 150 38.11 -54.57 76.84
N GLY D 151 37.15 -53.69 76.59
CA GLY D 151 37.49 -52.30 76.33
C GLY D 151 38.17 -51.64 77.50
N SER D 152 37.77 -52.00 78.73
CA SER D 152 38.39 -51.41 79.91
C SER D 152 39.84 -51.81 80.04
N ASN D 153 40.13 -53.12 79.94
CA ASN D 153 41.53 -53.54 80.05
C ASN D 153 42.34 -53.05 78.85
N LEU D 154 41.75 -53.03 77.66
CA LEU D 154 42.42 -52.47 76.49
C LEU D 154 42.83 -51.03 76.73
N LEU D 155 41.89 -50.19 77.20
CA LEU D 155 42.21 -48.80 77.46
C LEU D 155 43.28 -48.68 78.53
N GLU D 156 43.20 -49.49 79.59
CA GLU D 156 44.22 -49.46 80.63
C GLU D 156 45.60 -49.75 80.05
N ALA D 157 45.69 -50.76 79.19
CA ALA D 157 46.98 -51.12 78.62
C ALA D 157 47.49 -50.08 77.64
N LEU D 158 46.62 -49.57 76.77
CA LEU D 158 47.06 -48.72 75.67
C LEU D 158 47.05 -47.24 76.03
N CYS D 159 46.71 -46.90 77.28
CA CYS D 159 46.89 -45.52 77.71
C CYS D 159 48.35 -45.21 77.97
N ASP D 160 49.11 -46.19 78.46
CA ASP D 160 50.53 -46.01 78.74
C ASP D 160 51.43 -46.88 77.86
N ARG D 161 50.89 -47.90 77.20
CA ARG D 161 51.75 -48.78 76.42
C ARG D 161 52.17 -48.14 75.11
N TYR D 162 51.26 -47.42 74.46
CA TYR D 162 51.57 -46.61 73.29
C TYR D 162 51.23 -45.17 73.58
N PRO D 163 52.00 -44.50 74.47
CA PRO D 163 51.59 -43.21 75.01
C PRO D 163 51.97 -42.02 74.13
N LYS D 164 51.75 -42.17 72.82
CA LYS D 164 51.83 -41.04 71.89
C LYS D 164 50.70 -41.16 70.88
N LYS D 165 50.02 -42.30 70.86
CA LYS D 165 49.05 -42.62 69.83
C LYS D 165 47.63 -42.28 70.29
N ILE D 166 46.81 -41.85 69.32
CA ILE D 166 45.46 -41.37 69.58
C ILE D 166 44.50 -42.55 69.57
N LEU D 167 44.13 -43.03 70.76
CA LEU D 167 43.18 -44.12 70.91
C LEU D 167 41.78 -43.55 70.79
N THR D 168 40.90 -44.27 70.10
CA THR D 168 39.51 -43.86 69.95
C THR D 168 38.60 -45.09 69.93
N THR D 169 37.77 -45.21 70.95
CA THR D 169 36.74 -46.24 71.02
C THR D 169 35.48 -45.70 70.35
N TYR D 170 34.71 -46.61 69.75
CA TYR D 170 33.44 -46.26 69.13
C TYR D 170 32.34 -47.01 69.87
N SER D 171 31.85 -46.41 70.95
CA SER D 171 31.00 -47.09 71.92
C SER D 171 29.54 -46.94 71.54
N VAL D 172 28.84 -48.06 71.40
CA VAL D 172 27.40 -48.08 71.15
C VAL D 172 26.70 -48.20 72.50
N PHE D 173 25.54 -47.55 72.61
CA PHE D 173 24.83 -47.57 73.90
C PHE D 173 23.43 -48.13 73.74
N PRO D 174 22.97 -48.93 74.70
CA PRO D 174 21.64 -49.54 74.59
C PRO D 174 20.54 -48.57 74.95
N ALA D 175 19.30 -49.03 74.78
CA ALA D 175 18.13 -48.17 74.92
C ALA D 175 17.15 -48.62 76.00
N ARG D 176 17.10 -49.91 76.34
CA ARG D 176 16.02 -50.44 77.15
C ARG D 176 16.43 -50.49 78.61
N SER D 177 15.42 -50.45 79.48
CA SER D 177 15.60 -50.57 80.92
C SER D 177 15.26 -51.94 81.46
N SER D 178 15.17 -52.96 80.59
CA SER D 178 14.82 -54.30 81.05
C SER D 178 15.88 -54.88 81.97
N GLU D 179 17.10 -55.08 81.47
CA GLU D 179 18.22 -55.51 82.28
C GLU D 179 19.05 -54.32 82.75
N VAL D 180 18.39 -53.20 83.07
CA VAL D 180 19.06 -51.92 83.27
C VAL D 180 20.10 -51.99 84.39
N VAL D 181 19.95 -52.91 85.33
CA VAL D 181 20.82 -52.92 86.50
C VAL D 181 22.25 -53.31 86.10
N VAL D 182 22.43 -54.51 85.55
CA VAL D 182 23.76 -54.97 85.17
C VAL D 182 24.31 -54.13 84.03
N GLN D 183 23.44 -53.72 83.09
CA GLN D 183 23.91 -52.96 81.94
C GLN D 183 24.39 -51.57 82.34
N SER D 184 23.68 -50.91 83.26
CA SER D 184 24.13 -49.60 83.74
C SER D 184 25.37 -49.75 84.61
N TYR D 185 25.46 -50.83 85.38
CA TYR D 185 26.72 -51.14 86.07
C TYR D 185 27.89 -51.16 85.09
N ASN D 186 27.77 -51.98 84.03
CA ASN D 186 28.83 -52.06 83.03
C ASN D 186 29.08 -50.70 82.38
N THR D 187 28.01 -49.94 82.13
CA THR D 187 28.15 -48.64 81.49
C THR D 187 29.01 -47.71 82.31
N ILE D 188 28.72 -47.60 83.61
CA ILE D 188 29.52 -46.72 84.47
C ILE D 188 30.94 -47.25 84.60
N LEU D 189 31.08 -48.57 84.78
CA LEU D 189 32.41 -49.17 84.94
C LEU D 189 33.30 -48.89 83.75
N ALA D 190 32.74 -49.01 82.54
CA ALA D 190 33.55 -48.79 81.34
C ALA D 190 33.68 -47.32 81.01
N LEU D 191 32.71 -46.50 81.39
CA LEU D 191 32.86 -45.06 81.25
C LEU D 191 34.04 -44.56 82.08
N ARG D 192 34.32 -45.22 83.20
CA ARG D 192 35.54 -44.89 83.93
C ARG D 192 36.75 -44.86 83.00
N ARG D 193 36.85 -45.82 82.10
CA ARG D 193 37.98 -45.90 81.18
C ARG D 193 37.79 -45.05 79.93
N LEU D 194 36.56 -44.95 79.44
CA LEU D 194 36.28 -44.05 78.31
C LEU D 194 36.48 -42.60 78.69
N ILE D 195 36.68 -42.31 79.98
CA ILE D 195 37.02 -40.97 80.43
C ILE D 195 38.46 -40.89 80.91
N GLU D 196 38.97 -42.00 81.44
CA GLU D 196 40.27 -42.02 82.09
C GLU D 196 41.41 -42.24 81.11
N ASP D 197 41.26 -43.19 80.19
CA ASP D 197 42.36 -43.63 79.33
C ASP D 197 42.23 -43.17 77.88
N SER D 198 41.04 -43.28 77.30
CA SER D 198 40.87 -42.96 75.88
C SER D 198 41.24 -41.51 75.60
N ASP D 199 41.67 -41.27 74.36
CA ASP D 199 41.93 -39.91 73.88
C ASP D 199 40.76 -39.35 73.10
N ALA D 200 39.81 -40.20 72.73
CA ALA D 200 38.63 -39.80 71.99
C ALA D 200 37.64 -40.95 71.99
N THR D 201 36.36 -40.64 71.78
CA THR D 201 35.33 -41.66 71.71
C THR D 201 34.06 -41.07 71.13
N VAL D 202 33.47 -41.80 70.20
CA VAL D 202 32.17 -41.46 69.60
C VAL D 202 31.12 -42.32 70.29
N VAL D 203 29.90 -41.80 70.39
CA VAL D 203 28.82 -42.47 71.09
C VAL D 203 27.60 -42.55 70.17
N PHE D 204 26.85 -43.64 70.29
CA PHE D 204 25.58 -43.81 69.60
C PHE D 204 24.56 -44.37 70.58
N ASP D 205 23.27 -44.13 70.28
CA ASP D 205 22.17 -44.55 71.14
C ASP D 205 21.33 -45.56 70.36
N ASN D 206 21.15 -46.76 70.94
CA ASN D 206 20.31 -47.76 70.31
C ASN D 206 18.87 -47.29 70.15
N ALA D 207 18.45 -46.32 70.96
CA ALA D 207 17.10 -45.77 70.80
C ALA D 207 16.96 -45.00 69.50
N SER D 208 17.77 -43.97 69.31
CA SER D 208 17.77 -43.23 68.06
C SER D 208 18.18 -44.10 66.89
N LEU D 209 19.07 -45.07 67.12
CA LEU D 209 19.42 -46.02 66.07
C LEU D 209 18.19 -46.79 65.60
N LEU D 210 17.42 -47.34 66.54
CA LEU D 210 16.21 -48.08 66.16
C LEU D 210 15.21 -47.16 65.48
N ASN D 211 15.07 -45.94 65.98
CA ASN D 211 14.13 -44.98 65.37
C ASN D 211 14.50 -44.70 63.92
N ILE D 212 15.76 -44.34 63.66
CA ILE D 212 16.16 -43.96 62.31
C ILE D 212 16.17 -45.18 61.39
N SER D 213 16.51 -46.36 61.92
CA SER D 213 16.45 -47.56 61.10
C SER D 213 15.02 -47.88 60.70
N GLY D 214 14.09 -47.79 61.66
CA GLY D 214 12.68 -47.97 61.32
C GLY D 214 12.21 -46.97 60.28
N LYS D 215 12.71 -45.73 60.37
CA LYS D 215 12.37 -44.73 59.37
C LYS D 215 12.89 -45.12 57.99
N VAL D 216 14.21 -45.28 57.85
CA VAL D 216 14.82 -45.42 56.54
C VAL D 216 14.65 -46.83 55.98
N PHE D 217 14.65 -47.85 56.83
CA PHE D 217 14.42 -49.22 56.38
C PHE D 217 12.92 -49.49 56.33
N ARG D 218 12.47 -50.00 55.19
CA ARG D 218 11.05 -50.30 54.99
C ARG D 218 10.78 -51.73 55.46
N ASN D 219 11.16 -51.99 56.71
CA ASN D 219 11.06 -53.32 57.29
C ASN D 219 10.90 -53.24 58.80
N PRO D 220 9.70 -53.50 59.32
CA PRO D 220 9.54 -53.57 60.78
C PRO D 220 10.37 -54.67 61.44
N ASN D 221 11.03 -55.51 60.66
CA ASN D 221 11.94 -56.53 61.18
C ASN D 221 13.33 -55.88 61.29
N ILE D 222 13.42 -54.92 62.20
CA ILE D 222 14.67 -54.19 62.42
C ILE D 222 15.54 -55.02 63.35
N ASP D 223 16.66 -55.50 62.83
CA ASP D 223 17.67 -56.18 63.63
C ASP D 223 18.83 -55.24 63.91
N LEU D 224 19.48 -55.47 65.05
CA LEU D 224 20.70 -54.73 65.36
C LEU D 224 21.75 -54.86 64.26
N GLN D 225 21.68 -55.93 63.45
CA GLN D 225 22.47 -56.05 62.23
C GLN D 225 22.08 -55.03 61.18
N HIS D 226 21.09 -54.18 61.44
CA HIS D 226 20.79 -53.06 60.58
C HIS D 226 21.07 -51.71 61.24
N THR D 227 21.49 -51.72 62.51
CA THR D 227 22.00 -50.50 63.14
C THR D 227 23.51 -50.46 63.15
N ASN D 228 24.18 -51.62 63.22
CA ASN D 228 25.61 -51.64 62.96
C ASN D 228 25.91 -51.08 61.58
N GLN D 229 24.97 -51.21 60.64
CA GLN D 229 25.07 -50.56 59.35
C GLN D 229 25.28 -49.06 59.49
N LEU D 230 24.41 -48.38 60.24
CA LEU D 230 24.55 -46.93 60.45
C LEU D 230 25.81 -46.60 61.23
N ILE D 231 26.18 -47.43 62.20
CA ILE D 231 27.43 -47.20 62.92
C ILE D 231 28.60 -47.19 61.96
N SER D 232 28.69 -48.22 61.11
CA SER D 232 29.76 -48.31 60.12
C SER D 232 29.71 -47.13 59.16
N THR D 233 28.50 -46.68 58.81
CA THR D 233 28.37 -45.49 57.96
C THR D 233 29.02 -44.28 58.62
N ILE D 234 28.79 -44.10 59.92
CA ILE D 234 29.40 -42.97 60.62
C ILE D 234 30.91 -43.11 60.65
N ILE D 235 31.43 -44.30 60.94
CA ILE D 235 32.87 -44.50 60.95
C ILE D 235 33.47 -44.23 59.58
N SER D 236 32.82 -44.73 58.53
CA SER D 236 33.27 -44.53 57.17
C SER D 236 33.32 -43.04 56.82
N SER D 237 32.27 -42.30 57.15
CA SER D 237 32.27 -40.88 56.82
C SER D 237 33.27 -40.11 57.67
N VAL D 238 33.57 -40.61 58.87
CA VAL D 238 34.59 -39.97 59.71
C VAL D 238 35.96 -40.15 59.08
N THR D 239 36.30 -41.36 58.67
CA THR D 239 37.61 -41.68 58.13
C THR D 239 37.72 -41.43 56.63
N ASN D 240 36.65 -40.93 55.99
CA ASN D 240 36.70 -40.62 54.56
C ASN D 240 37.84 -39.68 54.22
N SER D 241 38.10 -38.67 55.05
CA SER D 241 39.21 -37.77 54.77
C SER D 241 40.55 -38.42 55.05
N ILE D 242 40.58 -39.71 55.34
CA ILE D 242 41.82 -40.49 55.40
C ILE D 242 41.89 -41.49 54.27
N ARG D 243 40.78 -42.15 53.97
CA ARG D 243 40.76 -43.16 52.92
C ARG D 243 40.66 -42.51 51.54
N PHE D 244 40.50 -41.20 51.48
CA PHE D 244 40.49 -40.44 50.24
C PHE D 244 41.06 -39.07 50.54
N PRO D 245 42.39 -38.97 50.66
CA PRO D 245 43.01 -37.72 51.08
C PRO D 245 42.61 -36.55 50.20
N SER D 246 42.54 -35.38 50.82
CA SER D 246 42.14 -34.16 50.13
C SER D 246 42.87 -32.97 50.74
N TYR D 247 42.35 -31.77 50.48
CA TYR D 247 43.06 -30.55 50.84
C TYR D 247 43.41 -30.46 52.32
N MET D 248 42.48 -30.78 53.23
CA MET D 248 42.60 -30.28 54.59
C MET D 248 42.92 -31.31 55.67
N TYR D 249 42.09 -32.34 55.84
CA TYR D 249 42.14 -33.16 57.06
C TYR D 249 42.68 -34.55 56.73
N SER D 250 44.00 -34.70 56.82
CA SER D 250 44.65 -35.95 56.43
C SER D 250 44.30 -37.12 57.34
N SER D 251 44.48 -36.99 58.65
CA SER D 251 44.41 -38.11 59.56
C SER D 251 43.54 -37.79 60.76
N MET D 252 43.49 -38.75 61.69
CA MET D 252 42.71 -38.60 62.92
C MET D 252 43.21 -37.45 63.79
N SER D 253 44.52 -37.35 64.00
CA SER D 253 45.07 -36.30 64.86
C SER D 253 44.54 -34.92 64.47
N SER D 254 44.50 -34.63 63.17
CA SER D 254 44.02 -33.33 62.72
C SER D 254 42.53 -33.15 63.03
N ILE D 255 41.72 -34.15 62.70
CA ILE D 255 40.28 -34.01 62.90
C ILE D 255 39.95 -33.90 64.38
N TYR D 256 40.81 -34.45 65.24
CA TYR D 256 40.56 -34.35 66.68
C TYR D 256 41.06 -33.02 67.25
N SER D 257 42.22 -32.55 66.80
CA SER D 257 42.63 -31.19 67.15
C SER D 257 41.55 -30.18 66.74
N THR D 258 40.80 -30.49 65.67
CA THR D 258 39.65 -29.67 65.35
C THR D 258 38.48 -29.94 66.30
N LEU D 259 38.20 -31.22 66.56
CA LEU D 259 36.98 -31.58 67.27
C LEU D 259 37.10 -31.39 68.78
N ILE D 260 38.06 -32.05 69.41
CA ILE D 260 38.09 -32.18 70.86
C ILE D 260 38.95 -31.08 71.46
N PRO D 261 38.35 -30.03 72.02
CA PRO D 261 39.15 -28.89 72.50
C PRO D 261 40.05 -29.21 73.68
N SER D 262 39.55 -29.98 74.65
CA SER D 262 40.33 -30.30 75.83
C SER D 262 40.02 -31.74 76.22
N PRO D 263 40.95 -32.44 76.87
CA PRO D 263 40.77 -33.89 77.09
C PRO D 263 39.52 -34.30 77.84
N GLU D 264 38.73 -33.36 78.36
CA GLU D 264 37.54 -33.75 79.13
C GLU D 264 36.31 -33.86 78.24
N LEU D 265 36.21 -33.01 77.22
CA LEU D 265 35.05 -32.96 76.33
C LEU D 265 35.38 -33.76 75.07
N HIS D 266 35.33 -35.09 75.18
CA HIS D 266 35.80 -35.97 74.12
C HIS D 266 34.78 -37.02 73.71
N PHE D 267 33.51 -36.82 74.05
CA PHE D 267 32.44 -37.68 73.55
C PHE D 267 31.75 -36.95 72.41
N LEU D 268 31.56 -37.62 71.29
CA LEU D 268 31.10 -36.98 70.06
C LEU D 268 29.74 -37.54 69.65
N SER D 269 28.98 -36.71 68.93
CA SER D 269 27.62 -37.03 68.54
C SER D 269 27.47 -37.03 67.03
N PRO D 270 27.14 -38.16 66.40
CA PRO D 270 26.99 -38.18 64.94
C PRO D 270 25.65 -37.62 64.48
N SER D 271 25.56 -37.42 63.17
CA SER D 271 24.33 -37.03 62.50
C SER D 271 24.54 -37.23 61.01
N PHE D 272 23.60 -37.91 60.36
CA PHE D 272 23.77 -38.29 58.97
C PHE D 272 22.46 -38.16 58.21
N THR D 273 22.54 -37.64 56.99
CA THR D 273 21.38 -37.39 56.15
C THR D 273 21.09 -38.63 55.30
N PRO D 274 19.91 -38.71 54.69
CA PRO D 274 19.57 -39.87 53.85
C PRO D 274 20.72 -40.34 52.97
N PHE D 275 20.91 -41.65 52.92
CA PHE D 275 22.12 -42.27 52.43
C PHE D 275 21.80 -43.60 51.76
N THR D 276 22.68 -44.00 50.83
CA THR D 276 22.47 -45.18 50.01
C THR D 276 23.48 -46.30 50.26
N SER D 277 24.33 -46.16 51.28
CA SER D 277 25.34 -47.18 51.55
C SER D 277 24.74 -48.45 52.15
N ASP D 278 23.43 -48.49 52.34
CA ASP D 278 22.71 -49.63 52.88
C ASP D 278 21.86 -50.27 51.80
N TYR D 279 21.03 -51.23 52.21
CA TYR D 279 20.00 -51.73 51.30
C TYR D 279 18.75 -50.86 51.37
N HIS D 286 17.51 -40.19 45.92
CA HIS D 286 16.17 -40.77 45.99
C HIS D 286 15.10 -39.70 46.20
N LYS D 287 14.91 -39.28 47.45
CA LYS D 287 13.92 -38.27 47.78
C LYS D 287 14.35 -36.90 47.28
N CYS D 288 15.67 -36.74 47.10
CA CYS D 288 16.36 -35.52 46.63
C CYS D 288 16.37 -34.26 47.52
N HIS D 289 17.50 -33.57 47.47
CA HIS D 289 17.71 -32.31 48.08
C HIS D 289 18.95 -31.72 47.54
N SER D 290 19.23 -30.56 48.00
CA SER D 290 20.47 -29.90 47.64
C SER D 290 21.49 -30.10 48.76
N SER D 291 22.64 -29.44 48.63
CA SER D 291 23.60 -29.46 49.72
C SER D 291 23.17 -28.53 50.85
N TYR D 292 22.45 -27.45 50.50
CA TYR D 292 21.84 -26.58 51.50
C TYR D 292 20.82 -27.35 52.32
N ASP D 293 20.04 -28.21 51.66
CA ASP D 293 19.10 -29.07 52.37
C ASP D 293 19.84 -30.05 53.29
N VAL D 294 20.97 -30.60 52.83
CA VAL D 294 21.76 -31.49 53.66
C VAL D 294 22.23 -30.77 54.91
N MET D 295 22.79 -29.57 54.74
CA MET D 295 23.32 -28.84 55.88
C MET D 295 22.20 -28.46 56.86
N LEU D 296 21.01 -28.16 56.33
CA LEU D 296 19.91 -27.83 57.22
C LEU D 296 19.38 -29.06 57.96
N ASP D 297 19.31 -30.21 57.26
CA ASP D 297 18.81 -31.42 57.89
C ASP D 297 19.82 -32.03 58.84
N LEU D 298 21.08 -31.61 58.76
CA LEU D 298 22.08 -32.09 59.71
C LEU D 298 21.72 -31.68 61.14
N LEU D 299 20.87 -30.68 61.30
CA LEU D 299 20.41 -30.25 62.62
C LEU D 299 19.03 -30.78 62.97
N ASP D 300 18.59 -31.85 62.31
CA ASP D 300 17.28 -32.42 62.61
C ASP D 300 17.40 -33.35 63.80
N PRO D 301 16.53 -33.23 64.81
CA PRO D 301 16.55 -34.20 65.92
C PRO D 301 16.33 -35.63 65.46
N SER D 302 15.58 -35.82 64.36
CA SER D 302 15.31 -37.16 63.86
C SER D 302 16.42 -37.68 62.96
N ASN D 303 17.52 -36.91 62.80
CA ASN D 303 18.69 -37.39 62.07
C ASN D 303 19.88 -37.70 62.97
N SER D 304 20.00 -37.02 64.11
CA SER D 304 21.06 -37.32 65.05
C SER D 304 20.89 -38.74 65.58
N LEU D 305 22.01 -39.38 65.90
CA LEU D 305 22.02 -40.78 66.32
C LEU D 305 22.16 -40.94 67.82
N VAL D 306 22.42 -39.86 68.55
CA VAL D 306 22.48 -39.89 70.01
C VAL D 306 21.24 -39.19 70.53
N SER D 307 20.87 -39.48 71.78
CA SER D 307 19.74 -38.83 72.40
C SER D 307 19.86 -37.31 72.29
N THR D 308 18.95 -36.71 71.54
CA THR D 308 19.05 -35.29 71.21
C THR D 308 18.68 -34.40 72.40
N ALA D 309 17.41 -34.47 72.81
CA ALA D 309 16.88 -33.61 73.88
C ALA D 309 17.23 -32.15 73.61
N MET D 310 17.00 -31.72 72.38
CA MET D 310 17.49 -30.42 71.90
C MET D 310 16.67 -29.29 72.50
N ASN D 311 16.80 -29.14 73.82
CA ASN D 311 16.27 -27.98 74.52
C ASN D 311 17.35 -26.89 74.55
N ASN D 312 17.47 -26.22 73.41
CA ASN D 312 18.53 -25.25 73.16
C ASN D 312 19.91 -25.83 73.48
N PRO D 313 20.33 -26.89 72.78
CA PRO D 313 21.61 -27.52 73.09
C PRO D 313 22.77 -26.59 72.83
N THR D 314 23.87 -26.85 73.53
CA THR D 314 25.09 -26.06 73.40
C THR D 314 26.13 -26.83 72.60
N TYR D 315 26.37 -26.38 71.38
CA TYR D 315 27.36 -26.99 70.50
C TYR D 315 28.71 -26.31 70.72
N PHE D 316 29.65 -27.05 71.29
CA PHE D 316 30.99 -26.53 71.51
C PHE D 316 31.89 -26.66 70.30
N ASN D 317 31.70 -27.69 69.47
CA ASN D 317 32.49 -27.87 68.27
C ASN D 317 31.73 -28.76 67.30
N VAL D 318 31.30 -28.19 66.18
CA VAL D 318 30.58 -28.92 65.14
C VAL D 318 31.54 -29.16 63.99
N TYR D 319 31.44 -30.33 63.37
CA TYR D 319 32.26 -30.68 62.22
C TYR D 319 31.42 -31.39 61.17
N ASN D 320 31.24 -30.74 60.02
CA ASN D 320 30.47 -31.29 58.93
C ASN D 320 31.38 -32.04 57.96
N THR D 321 30.82 -33.04 57.29
CA THR D 321 31.49 -33.73 56.21
C THR D 321 30.49 -33.92 55.07
N ILE D 322 30.68 -33.17 53.99
CA ILE D 322 29.78 -33.20 52.83
C ILE D 322 30.45 -34.02 51.74
N ILE D 323 29.69 -34.93 51.14
CA ILE D 323 30.22 -35.92 50.21
C ILE D 323 29.43 -35.85 48.91
N GLY D 324 30.15 -35.61 47.81
CA GLY D 324 29.57 -35.69 46.48
C GLY D 324 29.82 -34.42 45.70
N ASN D 325 28.88 -34.10 44.81
CA ASN D 325 28.95 -32.92 43.96
C ASN D 325 28.37 -31.72 44.72
N VAL D 326 29.27 -30.95 45.31
CA VAL D 326 28.91 -29.82 46.16
C VAL D 326 29.87 -28.67 45.89
N GLU D 327 29.31 -27.45 45.81
CA GLU D 327 30.08 -26.23 45.60
C GLU D 327 30.16 -25.44 46.90
N PRO D 328 31.30 -24.81 47.21
CA PRO D 328 31.38 -24.02 48.45
C PRO D 328 30.43 -22.85 48.51
N ARG D 329 29.70 -22.54 47.42
CA ARG D 329 28.72 -21.46 47.48
C ARG D 329 27.52 -21.84 48.33
N GLN D 330 26.91 -22.99 48.04
CA GLN D 330 25.79 -23.44 48.85
C GLN D 330 26.21 -23.80 50.26
N ILE D 331 27.44 -24.30 50.43
CA ILE D 331 27.95 -24.54 51.78
C ILE D 331 28.09 -23.24 52.55
N SER D 332 28.62 -22.20 51.90
CA SER D 332 28.76 -20.91 52.57
C SER D 332 27.41 -20.32 52.93
N ARG D 333 26.44 -20.41 52.02
CA ARG D 333 25.11 -19.88 52.33
C ARG D 333 24.43 -20.68 53.44
N ALA D 334 24.57 -22.00 53.43
CA ALA D 334 24.00 -22.83 54.49
C ALA D 334 24.64 -22.51 55.83
N MET D 335 25.95 -22.31 55.85
CA MET D 335 26.61 -22.00 57.12
C MET D 335 26.25 -20.58 57.58
N THR D 336 26.00 -19.67 56.64
CA THR D 336 25.48 -18.36 56.99
C THR D 336 24.12 -18.50 57.68
N LYS D 337 23.30 -19.44 57.20
CA LYS D 337 22.01 -19.66 57.86
C LYS D 337 22.17 -20.33 59.22
N LEU D 338 23.11 -21.27 59.33
CA LEU D 338 23.19 -22.10 60.52
C LEU D 338 24.04 -21.48 61.62
N GLN D 339 24.80 -20.44 61.32
CA GLN D 339 25.55 -19.78 62.38
C GLN D 339 24.65 -18.91 63.24
N GLN D 340 23.55 -18.41 62.66
CA GLN D 340 22.51 -17.75 63.43
C GLN D 340 21.41 -18.71 63.88
N ARG D 341 21.62 -20.01 63.71
CA ARG D 341 20.67 -21.04 64.14
C ARG D 341 21.23 -21.96 65.21
N ILE D 342 22.44 -22.46 65.04
CA ILE D 342 23.08 -23.31 66.04
C ILE D 342 23.51 -22.44 67.22
N LYS D 343 23.35 -22.96 68.42
CA LYS D 343 23.66 -22.19 69.62
C LYS D 343 25.07 -22.53 70.11
N PHE D 344 25.99 -21.61 69.88
CA PHE D 344 27.39 -21.74 70.26
C PHE D 344 27.66 -20.90 71.50
N PRO D 345 28.34 -21.46 72.49
CA PRO D 345 28.62 -20.70 73.71
C PRO D 345 29.47 -19.48 73.41
N SER D 346 29.14 -18.37 74.08
CA SER D 346 29.71 -17.07 73.75
C SER D 346 31.18 -16.94 74.08
N TRP D 347 31.74 -17.82 74.91
CA TRP D 347 33.18 -17.74 75.20
C TRP D 347 34.03 -18.13 74.00
N SER D 348 33.45 -18.82 73.02
CA SER D 348 34.19 -19.23 71.83
C SER D 348 34.01 -18.21 70.72
N SER D 349 35.14 -17.85 70.09
CA SER D 349 35.13 -17.03 68.89
C SER D 349 35.40 -17.87 67.64
N SER D 350 35.55 -19.18 67.79
CA SER D 350 35.72 -20.09 66.67
C SER D 350 34.34 -20.40 66.08
N ALA D 351 34.28 -21.37 65.18
CA ALA D 351 33.02 -21.65 64.51
C ALA D 351 33.01 -23.09 64.01
N MET D 352 32.04 -23.36 63.14
CA MET D 352 31.78 -24.71 62.66
C MET D 352 32.80 -25.09 61.58
N HIS D 353 33.32 -26.32 61.68
CA HIS D 353 34.32 -26.81 60.76
C HIS D 353 33.67 -27.66 59.67
N VAL D 354 33.61 -27.13 58.46
CA VAL D 354 33.06 -27.83 57.31
C VAL D 354 34.21 -28.45 56.53
N ASN D 355 34.00 -29.67 56.03
CA ASN D 355 35.00 -30.37 55.23
C ASN D 355 34.31 -31.01 54.02
N ILE D 356 34.67 -30.54 52.84
CA ILE D 356 34.17 -31.08 51.59
C ILE D 356 34.98 -32.32 51.24
N GLY D 357 34.29 -33.45 51.10
CA GLY D 357 34.94 -34.72 50.86
C GLY D 357 34.61 -35.31 49.49
N ARG D 358 35.53 -36.16 49.04
CA ARG D 358 35.41 -36.82 47.76
C ARG D 358 34.66 -38.13 47.90
N ARG D 359 33.58 -38.27 47.13
CA ARG D 359 32.87 -39.53 47.05
C ARG D 359 33.80 -40.57 46.45
N SER D 360 33.68 -41.81 46.93
CA SER D 360 34.56 -42.87 46.46
C SER D 360 34.38 -43.08 44.97
N PRO D 361 35.45 -42.94 44.17
CA PRO D 361 35.34 -43.20 42.72
C PRO D 361 34.90 -44.62 42.39
N TYR D 362 35.13 -45.59 43.27
CA TYR D 362 34.78 -46.97 43.03
C TYR D 362 33.33 -47.29 43.41
N LEU D 363 32.65 -46.38 44.12
CA LEU D 363 31.23 -46.58 44.37
C LEU D 363 30.45 -46.47 43.07
N PRO D 364 29.27 -47.08 43.01
CA PRO D 364 28.45 -46.98 41.80
C PRO D 364 28.06 -45.54 41.53
N LEU D 365 28.24 -45.13 40.26
CA LEU D 365 27.92 -43.77 39.87
C LEU D 365 26.46 -43.45 40.21
N GLN D 366 26.30 -42.50 41.13
CA GLN D 366 24.97 -42.17 41.65
C GLN D 366 24.24 -41.28 40.68
N PRO D 367 22.96 -41.54 40.40
CA PRO D 367 22.16 -40.58 39.63
C PRO D 367 22.03 -39.28 40.41
N ASN D 368 22.11 -38.16 39.69
CA ASN D 368 22.20 -36.85 40.33
C ASN D 368 20.95 -36.49 41.12
N GLU D 369 19.99 -37.40 41.26
CA GLU D 369 18.89 -37.18 42.18
C GLU D 369 19.36 -37.15 43.63
N ASN D 370 20.51 -37.77 43.92
CA ASN D 370 21.07 -37.87 45.26
C ASN D 370 22.52 -37.40 45.24
N GLU D 371 22.74 -36.23 44.62
CA GLU D 371 24.08 -35.68 44.44
C GLU D 371 24.91 -35.78 45.73
N VAL D 372 24.33 -35.39 46.86
CA VAL D 372 25.11 -35.11 48.06
C VAL D 372 24.66 -36.03 49.20
N SER D 373 25.60 -36.31 50.09
CA SER D 373 25.33 -36.93 51.38
C SER D 373 26.26 -36.29 52.40
N GLY D 374 25.88 -36.37 53.67
CA GLY D 374 26.60 -35.61 54.65
C GLY D 374 26.64 -36.26 56.01
N MET D 375 27.52 -35.74 56.85
CA MET D 375 27.68 -36.19 58.23
C MET D 375 28.06 -35.00 59.10
N MET D 376 27.66 -35.06 60.37
CA MET D 376 28.02 -34.05 61.34
C MET D 376 28.43 -34.70 62.64
N LEU D 377 29.66 -34.42 63.08
CA LEU D 377 30.10 -34.76 64.43
C LEU D 377 30.00 -33.49 65.26
N SER D 378 29.46 -33.61 66.47
CA SER D 378 29.23 -32.47 67.34
C SER D 378 29.68 -32.81 68.74
N ASN D 379 30.36 -31.86 69.38
CA ASN D 379 30.75 -31.98 70.78
C ASN D 379 29.81 -31.10 71.58
N MET D 380 28.69 -31.65 72.02
CA MET D 380 27.63 -30.88 72.65
C MET D 380 27.37 -31.41 74.05
N SER D 381 26.93 -30.51 74.93
CA SER D 381 26.72 -30.87 76.33
C SER D 381 25.61 -31.90 76.49
N THR D 382 24.62 -31.90 75.61
CA THR D 382 23.48 -32.80 75.76
C THR D 382 23.79 -34.22 75.33
N VAL D 383 25.07 -34.58 75.18
CA VAL D 383 25.43 -35.96 74.91
C VAL D 383 25.33 -36.80 76.19
N VAL D 384 25.49 -36.16 77.36
CA VAL D 384 25.49 -36.87 78.63
C VAL D 384 24.12 -37.42 79.01
N ASN D 385 23.09 -37.21 78.18
CA ASN D 385 21.78 -37.76 78.49
C ASN D 385 21.74 -39.29 78.35
N VAL D 386 22.67 -39.86 77.57
CA VAL D 386 22.82 -41.32 77.58
C VAL D 386 23.49 -41.78 78.86
N PHE D 387 24.19 -40.90 79.57
CA PHE D 387 24.92 -41.30 80.77
C PHE D 387 24.06 -41.11 82.00
N GLU D 388 23.20 -40.10 81.99
CA GLU D 388 22.31 -39.86 83.12
C GLU D 388 21.37 -41.03 83.35
N ASN D 389 20.88 -41.66 82.27
CA ASN D 389 20.03 -42.83 82.44
C ASN D 389 20.78 -43.99 83.07
N ALA D 390 22.07 -44.12 82.78
CA ALA D 390 22.87 -45.15 83.41
C ALA D 390 23.08 -44.85 84.89
N CYS D 391 23.39 -43.60 85.23
CA CYS D 391 23.62 -43.24 86.62
C CYS D 391 22.35 -43.37 87.46
N ASN D 392 21.23 -42.85 86.97
CA ASN D 392 19.97 -42.86 87.70
C ASN D 392 19.43 -44.26 87.95
N THR D 393 20.11 -45.28 87.45
CA THR D 393 19.85 -46.66 87.83
C THR D 393 20.98 -47.26 88.66
N PHE D 394 22.22 -47.00 88.25
CA PHE D 394 23.38 -47.55 88.96
C PHE D 394 23.37 -47.12 90.41
N ASP D 395 23.18 -45.82 90.68
CA ASP D 395 23.25 -45.36 92.07
C ASP D 395 22.19 -46.03 92.94
N LYS D 396 20.94 -46.10 92.45
CA LYS D 396 19.85 -46.62 93.27
C LYS D 396 19.94 -48.12 93.46
N VAL D 397 20.45 -48.87 92.49
CA VAL D 397 20.59 -50.31 92.63
C VAL D 397 21.93 -50.68 93.28
N PHE D 398 22.86 -49.73 93.34
CA PHE D 398 24.16 -49.97 93.96
C PHE D 398 24.10 -49.69 95.45
N ALA D 399 23.35 -48.66 95.85
CA ALA D 399 23.12 -48.43 97.28
C ALA D 399 22.46 -49.63 97.94
N LYS D 400 21.76 -50.46 97.18
CA LYS D 400 21.16 -51.69 97.68
C LYS D 400 22.00 -52.93 97.39
N GLY D 401 23.14 -52.77 96.71
CA GLY D 401 24.06 -53.87 96.52
C GLY D 401 23.60 -54.95 95.57
N ALA D 402 22.79 -54.60 94.57
CA ALA D 402 22.30 -55.59 93.62
C ALA D 402 23.42 -56.11 92.73
N PHE D 403 23.49 -57.43 92.59
CA PHE D 403 24.41 -58.12 91.69
C PHE D 403 25.88 -57.82 91.99
N LEU D 404 26.19 -57.29 93.18
CA LEU D 404 27.57 -56.95 93.51
C LEU D 404 28.45 -58.20 93.64
N ASN D 405 27.88 -59.39 93.46
CA ASN D 405 28.67 -60.61 93.54
C ASN D 405 29.32 -60.99 92.21
N ASN D 406 28.70 -60.69 91.08
CA ASN D 406 29.24 -61.04 89.77
C ASN D 406 30.36 -60.10 89.35
N TYR D 407 30.70 -59.10 90.17
CA TYR D 407 31.74 -58.14 89.83
C TYR D 407 33.01 -58.35 90.63
N ASN D 408 33.26 -59.57 91.11
CA ASN D 408 34.46 -59.92 91.87
C ASN D 408 35.23 -61.05 91.21
N VAL D 409 34.88 -61.40 89.97
CA VAL D 409 35.48 -62.53 89.28
C VAL D 409 36.94 -62.24 89.00
N GLY D 410 37.84 -62.93 89.68
CA GLY D 410 39.27 -62.73 89.51
C GLY D 410 39.78 -61.41 90.02
N ASP D 411 38.91 -60.52 90.49
CA ASP D 411 39.30 -59.21 90.99
C ASP D 411 40.26 -59.35 92.17
N LEU D 412 41.17 -58.39 92.27
CA LEU D 412 42.02 -58.29 93.46
C LEU D 412 41.22 -57.86 94.67
N PHE D 413 40.10 -57.16 94.46
CA PHE D 413 39.18 -56.80 95.53
C PHE D 413 38.02 -57.79 95.55
N GLN D 414 38.25 -58.90 96.25
CA GLN D 414 37.17 -59.87 96.44
C GLN D 414 36.16 -59.39 97.48
N SER D 415 36.47 -58.28 98.15
CA SER D 415 35.57 -57.74 99.16
C SER D 415 34.43 -56.96 98.51
N MET D 416 33.23 -57.13 99.06
CA MET D 416 32.08 -56.34 98.64
C MET D 416 32.35 -54.85 98.78
N GLN D 417 32.94 -54.45 99.91
CA GLN D 417 33.09 -53.03 100.23
C GLN D 417 33.99 -52.32 99.23
N ASN D 418 35.18 -52.87 98.96
CA ASN D 418 36.08 -52.20 98.04
C ASN D 418 35.56 -52.21 96.61
N VAL D 419 34.80 -53.23 96.22
CA VAL D 419 34.17 -53.20 94.90
C VAL D 419 33.11 -52.11 94.83
N GLN D 420 32.31 -51.96 95.88
CA GLN D 420 31.41 -50.80 95.96
C GLN D 420 32.18 -49.50 95.88
N ASP D 421 33.37 -49.45 96.47
CA ASP D 421 34.19 -48.25 96.41
C ASP D 421 34.66 -47.96 94.99
N GLU D 422 35.05 -49.00 94.25
CA GLU D 422 35.44 -48.82 92.86
C GLU D 422 34.26 -48.34 92.02
N PHE D 423 33.07 -48.92 92.26
CA PHE D 423 31.87 -48.46 91.56
C PHE D 423 31.60 -46.98 91.85
N ALA D 424 31.72 -46.58 93.11
CA ALA D 424 31.50 -45.18 93.46
C ALA D 424 32.57 -44.27 92.88
N GLU D 425 33.80 -44.77 92.75
CA GLU D 425 34.86 -43.98 92.13
C GLU D 425 34.58 -43.76 90.65
N SER D 426 34.20 -44.81 89.93
CA SER D 426 33.81 -44.65 88.53
C SER D 426 32.61 -43.72 88.41
N ARG D 427 31.66 -43.79 89.35
CA ARG D 427 30.53 -42.88 89.32
C ARG D 427 30.96 -41.45 89.57
N GLU D 428 31.96 -41.25 90.41
CA GLU D 428 32.48 -39.90 90.64
C GLU D 428 33.20 -39.38 89.41
N VAL D 429 33.83 -40.29 88.66
CA VAL D 429 34.45 -39.90 87.39
C VAL D 429 33.38 -39.44 86.40
N VAL D 430 32.27 -40.19 86.31
CA VAL D 430 31.18 -39.80 85.41
C VAL D 430 30.56 -38.48 85.89
N GLN D 431 30.46 -38.30 87.20
CA GLN D 431 29.99 -37.03 87.75
C GLN D 431 30.90 -35.88 87.35
N SER D 432 32.21 -36.10 87.42
CA SER D 432 33.17 -35.10 86.95
C SER D 432 32.97 -34.79 85.48
N LEU D 433 32.73 -35.82 84.67
CA LEU D 433 32.43 -35.61 83.26
C LEU D 433 31.24 -34.67 83.07
N MET D 434 30.13 -34.97 83.73
CA MET D 434 28.93 -34.14 83.57
C MET D 434 29.16 -32.75 84.14
N GLU D 435 29.91 -32.65 85.24
CA GLU D 435 30.29 -31.36 85.80
C GLU D 435 31.02 -30.52 84.76
N ASP D 436 32.04 -31.09 84.11
CA ASP D 436 32.79 -30.33 83.11
C ASP D 436 31.92 -29.98 81.91
N TYR D 437 31.05 -30.91 81.49
CA TYR D 437 30.17 -30.62 80.36
C TYR D 437 29.25 -29.44 80.65
N VAL D 438 28.64 -29.41 81.83
CA VAL D 438 27.72 -28.32 82.15
C VAL D 438 28.50 -27.05 82.51
N ALA D 439 29.74 -27.19 82.97
CA ALA D 439 30.51 -26.02 83.41
C ALA D 439 31.13 -25.29 82.22
N ALA D 440 31.49 -26.02 81.16
CA ALA D 440 31.97 -25.38 79.95
C ALA D 440 30.94 -24.43 79.37
N GLU D 441 29.65 -24.64 79.64
CA GLU D 441 28.60 -23.73 79.24
C GLU D 441 28.71 -22.36 79.88
N GLN D 442 29.43 -22.25 81.00
CA GLN D 442 29.60 -20.99 81.68
C GLN D 442 30.76 -20.23 81.07
N ASP D 443 30.50 -19.01 80.63
CA ASP D 443 31.54 -18.19 80.00
C ASP D 443 32.73 -17.96 80.92
N SER D 444 32.55 -18.13 82.23
CA SER D 444 33.65 -18.03 83.18
C SER D 444 34.51 -19.28 83.21
N TYR D 445 34.24 -20.26 82.34
CA TYR D 445 35.06 -21.47 82.31
C TYR D 445 36.52 -21.14 82.05
N LEU D 446 36.79 -20.29 81.06
CA LEU D 446 38.14 -19.89 80.71
C LEU D 446 38.67 -18.76 81.58
N ASP D 447 37.82 -18.09 82.35
CA ASP D 447 38.29 -17.02 83.21
C ASP D 447 39.14 -17.55 84.36
N ASP D 448 39.20 -18.89 84.52
CA ASP D 448 40.18 -19.47 85.43
C ASP D 448 41.60 -19.06 85.05
N VAL D 449 41.85 -18.80 83.76
CA VAL D 449 43.13 -18.28 83.31
C VAL D 449 43.02 -16.86 82.78
N LEU D 450 41.92 -16.50 82.12
CA LEU D 450 41.83 -15.24 81.40
C LEU D 450 41.91 -14.01 82.29
N VAL D 451 41.40 -14.09 83.53
CA VAL D 451 41.40 -12.96 84.45
C VAL D 451 42.17 -13.28 85.72
N ASP D 452 42.27 -14.56 86.09
CA ASP D 452 42.95 -14.99 87.30
C ASP D 452 44.47 -15.00 87.05
N ASP D 453 45.02 -13.80 86.94
CA ASP D 453 46.45 -13.64 86.68
C ASP D 453 47.24 -13.50 87.97
N MET E 1 47.30 44.89 -75.91
CA MET E 1 46.33 45.81 -75.34
C MET E 1 46.79 46.32 -73.99
N GLU E 2 46.57 47.60 -73.72
CA GLU E 2 46.92 48.17 -72.43
C GLU E 2 45.94 47.70 -71.36
N ILE E 3 46.30 47.94 -70.11
CA ILE E 3 45.49 47.54 -68.96
C ILE E 3 45.04 48.79 -68.23
N LYS E 4 43.73 48.97 -68.09
CA LYS E 4 43.18 50.01 -67.24
C LYS E 4 42.96 49.45 -65.84
N GLU E 5 42.85 50.37 -64.88
CA GLU E 5 42.75 50.00 -63.47
C GLU E 5 41.39 50.40 -62.93
N VAL E 6 40.52 49.42 -62.71
CA VAL E 6 39.22 49.64 -62.10
C VAL E 6 39.07 48.69 -60.93
N ASP E 7 38.39 49.15 -59.88
CA ASP E 7 38.15 48.33 -58.70
C ASP E 7 37.06 47.32 -59.02
N ASP E 8 37.48 46.08 -59.19
CA ASP E 8 36.56 44.97 -59.50
C ASP E 8 36.56 44.02 -58.31
N ARG E 9 35.38 43.78 -57.75
CA ARG E 9 35.23 42.96 -56.55
C ARG E 9 33.99 42.10 -56.68
N ALA E 10 34.17 40.79 -56.53
CA ALA E 10 33.05 39.86 -56.48
C ALA E 10 32.53 39.76 -55.06
N GLU E 11 31.21 39.78 -54.90
CA GLU E 11 30.60 39.76 -53.59
C GLU E 11 29.13 39.41 -53.74
N LEU E 12 28.58 38.75 -52.72
CA LEU E 12 27.17 38.41 -52.74
C LEU E 12 26.33 39.65 -52.58
N LEU E 13 25.14 39.62 -53.20
CA LEU E 13 24.23 40.75 -53.10
C LEU E 13 23.74 40.89 -51.67
N ARG E 14 23.73 42.13 -51.18
CA ARG E 14 23.33 42.37 -49.79
C ARG E 14 21.83 42.23 -49.62
N TYR E 15 21.06 42.72 -50.60
CA TYR E 15 19.60 42.76 -50.51
C TYR E 15 19.03 41.65 -51.39
N THR E 16 18.55 40.58 -50.77
CA THR E 16 18.07 39.41 -51.49
C THR E 16 16.58 39.15 -51.33
N ASN E 17 15.75 40.20 -51.25
CA ASN E 17 14.32 39.98 -51.10
C ASN E 17 13.61 39.96 -52.45
N ASN E 18 14.00 40.84 -53.37
CA ASN E 18 13.42 40.89 -54.71
C ASN E 18 14.11 39.92 -55.66
N ILE E 19 14.81 38.92 -55.14
CA ILE E 19 15.53 37.94 -55.93
C ILE E 19 14.79 36.61 -55.82
N PRO E 20 14.49 35.94 -56.92
CA PRO E 20 13.78 34.67 -56.84
C PRO E 20 14.60 33.60 -56.15
N LEU E 21 14.02 32.40 -56.02
CA LEU E 21 14.68 31.33 -55.29
C LEU E 21 15.99 30.93 -55.95
N LEU E 22 16.10 31.12 -57.26
CA LEU E 22 17.30 30.76 -58.01
C LEU E 22 17.95 31.96 -58.68
N GLY E 23 17.60 33.17 -58.28
CA GLY E 23 18.21 34.34 -58.86
C GLY E 23 19.68 34.44 -58.51
N LYS E 24 20.43 35.12 -59.38
CA LYS E 24 21.86 35.25 -59.18
C LYS E 24 22.15 36.07 -57.93
N LEU E 25 22.96 35.51 -57.04
CA LEU E 25 23.25 36.13 -55.76
C LEU E 25 24.55 36.93 -55.78
N VAL E 26 25.38 36.75 -56.79
CA VAL E 26 26.64 37.47 -56.92
C VAL E 26 26.38 38.71 -57.76
N ASN E 27 27.15 39.76 -57.51
CA ASN E 27 26.94 41.01 -58.22
C ASN E 27 27.43 40.88 -59.67
N HIS E 28 27.30 41.97 -60.42
CA HIS E 28 27.67 41.94 -61.83
C HIS E 28 29.07 42.50 -62.03
N GLN E 29 29.76 41.98 -63.05
CA GLN E 29 31.10 42.42 -63.37
C GLN E 29 31.09 43.85 -63.88
N PRO E 30 32.25 44.50 -63.97
CA PRO E 30 32.28 45.86 -64.50
C PRO E 30 32.00 45.88 -65.99
N LEU E 31 31.06 46.74 -66.39
CA LEU E 31 30.64 46.84 -67.77
C LEU E 31 31.68 47.59 -68.60
N TRP E 32 31.85 47.16 -69.85
CA TRP E 32 32.77 47.84 -70.76
C TRP E 32 32.39 49.29 -70.98
N SER E 33 31.09 49.61 -70.90
CA SER E 33 30.63 50.97 -71.17
C SER E 33 31.03 51.96 -70.09
N THR E 34 31.29 51.50 -68.87
CA THR E 34 31.59 52.42 -67.79
C THR E 34 32.92 52.10 -67.10
N ASN E 35 33.36 50.85 -67.16
CA ASN E 35 34.57 50.41 -66.47
C ASN E 35 35.35 49.43 -67.34
N PRO E 36 35.93 49.91 -68.44
CA PRO E 36 36.72 49.02 -69.29
C PRO E 36 38.05 48.67 -68.64
N LYS E 37 38.43 47.40 -68.75
CA LYS E 37 39.70 46.91 -68.22
C LYS E 37 40.75 46.73 -69.29
N LEU E 38 40.51 47.25 -70.50
CA LEU E 38 41.45 47.14 -71.60
C LEU E 38 41.30 48.35 -72.51
N LYS E 39 42.42 48.96 -72.85
CA LYS E 39 42.42 49.98 -73.89
C LYS E 39 42.15 49.28 -75.23
N SER E 40 40.92 49.41 -75.71
CA SER E 40 40.47 48.60 -76.83
C SER E 40 41.33 48.85 -78.06
N PHE E 41 41.98 47.79 -78.54
CA PHE E 41 42.78 47.85 -79.74
C PHE E 41 41.85 47.92 -80.94
N SER E 42 41.71 49.13 -81.50
CA SER E 42 40.74 49.35 -82.57
C SER E 42 40.97 48.41 -83.73
N LEU E 43 39.89 48.03 -84.40
CA LEU E 43 39.94 46.90 -85.32
C LEU E 43 40.58 47.22 -86.66
N GLU E 44 40.36 48.42 -87.19
CA GLU E 44 40.83 48.72 -88.55
C GLU E 44 42.34 48.63 -88.70
N LYS E 45 43.08 48.53 -87.60
CA LYS E 45 44.52 48.31 -87.69
C LYS E 45 44.84 46.89 -88.15
N ILE E 46 43.88 45.98 -88.09
CA ILE E 46 44.06 44.61 -88.55
C ILE E 46 42.97 44.26 -89.54
N SER E 47 42.46 45.26 -90.26
CA SER E 47 41.39 45.04 -91.23
C SER E 47 41.90 44.53 -92.57
N ALA E 48 43.18 44.66 -92.85
CA ALA E 48 43.73 44.23 -94.13
C ALA E 48 43.51 42.72 -94.32
N PRO E 49 43.46 42.25 -95.57
CA PRO E 49 43.18 40.83 -95.82
C PRO E 49 44.18 39.86 -95.20
N ASP E 50 45.39 40.31 -94.89
CA ASP E 50 46.36 39.43 -94.25
C ASP E 50 46.19 39.37 -92.72
N GLN E 51 45.58 40.40 -92.13
CA GLN E 51 45.18 40.36 -90.73
C GLN E 51 43.72 40.01 -90.55
N ARG E 52 43.07 39.57 -91.64
CA ARG E 52 41.66 39.23 -91.57
C ARG E 52 41.41 38.08 -90.60
N ARG E 53 42.29 37.08 -90.61
CA ARG E 53 42.09 35.95 -89.70
C ARG E 53 42.42 36.31 -88.27
N VAL E 54 43.31 37.27 -88.04
CA VAL E 54 43.52 37.77 -86.68
C VAL E 54 42.27 38.47 -86.18
N GLN E 55 41.67 39.31 -87.02
CA GLN E 55 40.40 39.91 -86.67
C GLN E 55 39.34 38.85 -86.39
N GLU E 56 39.31 37.80 -87.21
CA GLU E 56 38.36 36.71 -86.99
C GLU E 56 38.59 36.03 -85.65
N ALA E 57 39.86 35.84 -85.28
CA ALA E 57 40.17 35.25 -83.98
C ALA E 57 39.62 36.10 -82.85
N LEU E 58 39.89 37.40 -82.89
CA LEU E 58 39.36 38.29 -81.86
C LEU E 58 37.84 38.25 -81.81
N VAL E 59 37.18 38.29 -82.98
CA VAL E 59 35.73 38.34 -83.02
C VAL E 59 35.13 37.03 -82.52
N VAL E 60 35.74 35.89 -82.86
CA VAL E 60 35.20 34.61 -82.41
C VAL E 60 35.44 34.43 -80.93
N LYS E 61 36.54 34.96 -80.40
CA LYS E 61 36.71 34.99 -78.95
C LYS E 61 35.58 35.77 -78.29
N ASP E 62 35.28 36.96 -78.81
CA ASP E 62 34.20 37.76 -78.25
C ASP E 62 32.86 37.06 -78.40
N LEU E 63 32.68 36.29 -79.48
CA LEU E 63 31.40 35.60 -79.68
C LEU E 63 31.27 34.40 -78.74
N LEU E 64 32.37 33.71 -78.47
CA LEU E 64 32.33 32.65 -77.47
C LEU E 64 32.03 33.22 -76.09
N ASN E 65 32.46 34.45 -75.84
CA ASN E 65 32.07 35.10 -74.59
C ASN E 65 30.62 35.55 -74.61
N VAL E 66 30.10 35.95 -75.77
CA VAL E 66 28.73 36.45 -75.85
C VAL E 66 27.73 35.30 -75.74
N LEU E 67 28.07 34.14 -76.30
CA LEU E 67 27.15 33.01 -76.31
C LEU E 67 26.71 32.58 -74.91
N ILE E 68 27.34 33.10 -73.86
CA ILE E 68 26.88 32.86 -72.50
C ILE E 68 26.50 34.17 -71.81
N GLY E 69 26.35 35.24 -72.59
CA GLY E 69 25.90 36.50 -72.07
C GLY E 69 26.96 37.38 -71.46
N LEU E 70 28.23 37.10 -71.73
CA LEU E 70 29.31 37.98 -71.30
C LEU E 70 29.76 38.82 -72.49
N GLU E 71 30.14 40.06 -72.20
CA GLU E 71 30.53 40.98 -73.24
C GLU E 71 32.01 40.84 -73.56
N GLY E 72 32.32 40.73 -74.86
CA GLY E 72 33.67 40.69 -75.32
C GLY E 72 34.29 42.07 -75.42
N THR E 73 35.44 42.13 -76.10
CA THR E 73 36.09 43.42 -76.29
C THR E 73 35.39 44.24 -77.35
N TYR E 74 34.96 43.61 -78.44
CA TYR E 74 34.35 44.31 -79.56
C TYR E 74 32.87 44.06 -79.71
N ILE E 75 32.28 43.25 -78.84
CA ILE E 75 30.84 42.98 -78.84
C ILE E 75 30.34 43.24 -77.43
N ARG E 76 29.87 44.45 -77.19
CA ARG E 76 29.54 44.92 -75.84
C ARG E 76 28.04 45.05 -75.68
N TYR E 77 27.61 45.22 -74.45
CA TYR E 77 26.18 45.31 -74.15
C TYR E 77 25.57 46.57 -74.77
N PHE E 78 24.26 46.53 -74.95
CA PHE E 78 23.50 47.69 -75.38
C PHE E 78 23.72 48.86 -74.41
N ASN E 79 23.45 50.07 -74.90
CA ASN E 79 23.57 51.24 -74.05
C ASN E 79 22.50 51.29 -72.98
N ASP E 80 21.36 50.66 -73.23
CA ASP E 80 20.26 50.64 -72.28
C ASP E 80 20.31 49.43 -71.35
N TYR E 81 21.36 48.62 -71.43
CA TYR E 81 21.46 47.45 -70.58
C TYR E 81 21.83 47.87 -69.15
N GLU E 82 20.99 47.48 -68.20
CA GLU E 82 21.22 47.76 -66.79
C GLU E 82 21.26 46.43 -66.05
N PRO E 83 22.44 45.96 -65.65
CA PRO E 83 22.54 44.60 -65.08
C PRO E 83 21.84 44.44 -63.75
N SER E 84 21.75 45.49 -62.95
CA SER E 84 21.07 45.42 -61.66
C SER E 84 19.55 45.40 -61.80
N ASP E 85 19.02 45.34 -63.01
CA ASP E 85 17.58 45.32 -63.23
C ASP E 85 17.17 43.98 -63.80
N PRO E 86 16.44 43.15 -63.04
CA PRO E 86 16.03 41.84 -63.57
C PRO E 86 15.08 41.91 -64.76
N GLU E 87 14.53 43.08 -65.06
CA GLU E 87 13.61 43.24 -66.18
C GLU E 87 14.26 43.97 -67.36
N THR E 88 15.54 44.27 -67.27
CA THR E 88 16.19 45.12 -68.27
C THR E 88 16.10 44.48 -69.65
N PRO E 89 16.05 45.27 -70.71
CA PRO E 89 16.17 44.69 -72.06
C PRO E 89 17.59 44.27 -72.33
N ILE E 90 17.75 43.35 -73.28
CA ILE E 90 19.03 42.73 -73.57
C ILE E 90 19.31 42.88 -75.06
N GLU E 91 20.33 43.68 -75.38
CA GLU E 91 20.81 43.83 -76.75
C GLU E 91 22.32 43.97 -76.73
N PHE E 92 22.94 43.73 -77.87
CA PHE E 92 24.38 43.84 -78.00
C PHE E 92 24.71 44.82 -79.11
N LYS E 93 25.71 45.68 -78.85
CA LYS E 93 26.22 46.59 -79.85
C LYS E 93 27.60 46.13 -80.27
N ILE E 94 27.79 46.00 -81.59
CA ILE E 94 28.99 45.43 -82.16
C ILE E 94 29.89 46.57 -82.62
N ALA E 95 31.20 46.39 -82.47
CA ALA E 95 32.17 47.40 -82.88
C ALA E 95 31.93 47.81 -84.32
N LYS E 96 31.75 49.11 -84.53
CA LYS E 96 31.39 49.61 -85.86
C LYS E 96 32.49 49.33 -86.86
N LYS E 97 33.74 49.31 -86.43
CA LYS E 97 34.87 49.10 -87.32
C LYS E 97 35.12 47.64 -87.66
N MET E 98 34.19 46.74 -87.31
CA MET E 98 34.40 45.33 -87.58
C MET E 98 34.15 45.02 -89.05
N ASP E 99 34.83 44.00 -89.56
CA ASP E 99 34.65 43.57 -90.93
C ASP E 99 33.18 43.19 -91.17
N PRO E 100 32.56 43.66 -92.25
CA PRO E 100 31.10 43.51 -92.39
C PRO E 100 30.63 42.06 -92.43
N SER E 101 31.41 41.14 -93.00
CA SER E 101 31.02 39.73 -92.95
C SER E 101 31.06 39.22 -91.50
N PHE E 102 32.14 39.51 -90.79
CA PHE E 102 32.19 39.20 -89.37
C PHE E 102 31.06 39.89 -88.63
N LYS E 103 30.68 41.09 -89.06
CA LYS E 103 29.59 41.80 -88.37
C LYS E 103 28.26 41.08 -88.56
N THR E 104 27.98 40.60 -89.77
CA THR E 104 26.76 39.84 -90.01
C THR E 104 26.74 38.56 -89.18
N PHE E 105 27.82 37.77 -89.27
CA PHE E 105 27.89 36.54 -88.49
C PHE E 105 27.75 36.82 -87.00
N SER E 106 28.33 37.92 -86.53
CA SER E 106 28.28 38.23 -85.12
C SER E 106 26.90 38.67 -84.69
N ARG E 107 26.15 39.33 -85.58
CA ARG E 107 24.76 39.61 -85.29
C ARG E 107 23.96 38.32 -85.15
N ARG E 108 24.16 37.39 -86.08
CA ARG E 108 23.39 36.14 -86.03
C ARG E 108 23.76 35.29 -84.82
N ILE E 109 24.95 35.49 -84.26
CA ILE E 109 25.34 34.75 -83.06
C ILE E 109 24.89 35.49 -81.79
N VAL E 110 25.03 36.82 -81.79
CA VAL E 110 24.46 37.67 -80.75
C VAL E 110 23.01 37.32 -80.50
N ARG E 111 22.27 36.95 -81.55
CA ARG E 111 20.89 36.53 -81.35
C ARG E 111 20.78 35.38 -80.36
N TYR E 112 21.58 34.31 -80.56
CA TYR E 112 21.53 33.18 -79.64
C TYR E 112 22.09 33.53 -78.27
N GLY E 113 23.06 34.44 -78.21
CA GLY E 113 23.54 34.89 -76.92
C GLY E 113 22.46 35.61 -76.11
N LYS E 114 21.70 36.48 -76.78
CA LYS E 114 20.61 37.18 -76.11
C LYS E 114 19.52 36.20 -75.70
N GLN E 115 19.23 35.21 -76.55
CA GLN E 115 18.28 34.17 -76.16
C GLN E 115 18.76 33.41 -74.94
N TYR E 116 20.06 33.12 -74.85
CA TYR E 116 20.60 32.45 -73.67
C TYR E 116 20.39 33.30 -72.42
N MET E 117 20.74 34.58 -72.49
CA MET E 117 20.56 35.46 -71.34
C MET E 117 19.10 35.49 -70.91
N ILE E 118 18.20 35.64 -71.88
CA ILE E 118 16.78 35.76 -71.55
C ILE E 118 16.25 34.47 -70.93
N LEU E 119 16.69 33.32 -71.44
CA LEU E 119 16.22 32.05 -70.90
C LEU E 119 16.78 31.80 -69.51
N THR E 120 18.03 32.18 -69.26
CA THR E 120 18.59 32.09 -67.93
C THR E 120 17.79 32.93 -66.95
N ARG E 121 17.56 34.19 -67.30
CA ARG E 121 16.74 35.06 -66.48
C ARG E 121 15.35 34.48 -66.26
N ALA E 122 14.82 33.79 -67.28
CA ALA E 122 13.45 33.28 -67.19
C ALA E 122 13.36 32.09 -66.25
N TYR E 123 14.34 31.18 -66.30
CA TYR E 123 14.28 30.08 -65.35
C TYR E 123 14.53 30.59 -63.93
N GLU E 124 15.44 31.56 -63.76
CA GLU E 124 15.60 32.19 -62.45
C GLU E 124 14.27 32.74 -61.96
N LYS E 125 13.54 33.46 -62.81
CA LYS E 125 12.29 34.09 -62.39
C LYS E 125 11.23 33.05 -62.07
N TRP E 126 10.99 32.11 -62.97
CA TRP E 126 9.94 31.12 -62.79
C TRP E 126 10.29 30.05 -61.77
N SER E 127 11.50 30.05 -61.21
CA SER E 127 11.81 29.14 -60.12
C SER E 127 11.11 29.51 -58.83
N ASP E 128 10.35 30.61 -58.80
CA ASP E 128 9.67 31.04 -57.60
C ASP E 128 8.44 30.16 -57.35
N THR E 129 7.76 30.42 -56.22
CA THR E 129 6.63 29.60 -55.81
C THR E 129 5.31 30.03 -56.43
N SER E 130 5.17 31.31 -56.77
CA SER E 130 3.89 31.82 -57.25
C SER E 130 3.56 31.39 -58.68
N PHE E 131 4.37 30.53 -59.28
CA PHE E 131 4.20 30.22 -60.71
C PHE E 131 3.65 28.82 -60.95
N GLY E 132 3.43 28.03 -59.91
CA GLY E 132 2.90 26.70 -60.13
C GLY E 132 3.95 25.73 -60.66
N MET E 133 3.84 24.48 -60.22
CA MET E 133 4.93 23.54 -60.47
C MET E 133 4.98 23.09 -61.92
N VAL E 134 3.98 23.43 -62.72
CA VAL E 134 4.09 23.22 -64.16
C VAL E 134 5.11 24.19 -64.74
N LEU E 135 4.96 25.48 -64.45
CA LEU E 135 5.92 26.46 -64.93
C LEU E 135 7.26 26.29 -64.23
N GLN E 136 7.26 25.83 -62.99
CA GLN E 136 8.52 25.58 -62.30
C GLN E 136 9.26 24.40 -62.92
N ARG E 137 8.55 23.33 -63.25
CA ARG E 137 9.21 22.22 -63.93
C ARG E 137 9.68 22.64 -65.32
N PHE E 138 8.94 23.55 -65.97
CA PHE E 138 9.40 24.07 -67.24
C PHE E 138 10.70 24.86 -67.07
N ALA E 139 10.75 25.74 -66.07
CA ALA E 139 11.98 26.48 -65.79
C ALA E 139 13.14 25.52 -65.49
N TYR E 140 12.87 24.46 -64.74
CA TYR E 140 13.90 23.46 -64.49
C TYR E 140 14.34 22.82 -65.79
N GLU E 141 13.40 22.60 -66.72
CA GLU E 141 13.74 22.00 -68.00
C GLU E 141 14.59 22.95 -68.84
N ILE E 142 14.28 24.25 -68.78
CA ILE E 142 15.10 25.26 -69.47
C ILE E 142 16.52 25.24 -68.92
N ARG E 143 16.65 25.25 -67.59
CA ARG E 143 17.98 25.24 -66.99
C ARG E 143 18.74 23.98 -67.34
N ARG E 144 18.08 22.83 -67.21
CA ARG E 144 18.68 21.57 -67.60
C ARG E 144 19.12 21.60 -69.05
N PHE E 145 18.29 22.18 -69.93
CA PHE E 145 18.65 22.25 -71.34
C PHE E 145 19.90 23.10 -71.53
N LEU E 146 19.88 24.34 -71.03
CA LEU E 146 21.08 25.18 -71.13
C LEU E 146 22.30 24.41 -70.65
N GLU E 147 22.31 24.02 -69.38
CA GLU E 147 23.49 23.45 -68.75
C GLU E 147 23.98 22.18 -69.43
N ASP E 148 23.06 21.32 -69.90
CA ASP E 148 23.46 20.01 -70.36
C ASP E 148 23.41 19.83 -71.87
N VAL E 149 22.97 20.84 -72.61
CA VAL E 149 22.99 20.81 -74.06
C VAL E 149 23.70 22.03 -74.63
N TYR E 150 23.25 23.23 -74.27
CA TYR E 150 23.79 24.43 -74.89
C TYR E 150 25.18 24.74 -74.37
N LEU E 151 25.34 24.72 -73.04
CA LEU E 151 26.67 24.91 -72.46
C LEU E 151 27.61 23.78 -72.83
N LYS E 152 27.10 22.54 -72.85
CA LYS E 152 27.93 21.42 -73.26
C LYS E 152 28.40 21.58 -74.71
N THR E 153 27.49 21.96 -75.60
CA THR E 153 27.86 22.16 -77.00
C THR E 153 28.89 23.28 -77.13
N LEU E 154 28.59 24.45 -76.58
CA LEU E 154 29.56 25.54 -76.58
C LEU E 154 30.93 25.07 -76.11
N VAL E 155 31.00 24.65 -74.85
CA VAL E 155 32.27 24.29 -74.21
C VAL E 155 33.01 23.24 -75.01
N GLU E 156 32.32 22.17 -75.42
CA GLU E 156 33.01 21.00 -75.95
C GLU E 156 33.18 21.04 -77.47
N ARG E 157 32.54 21.97 -78.16
CA ARG E 157 32.75 22.12 -79.59
C ARG E 157 33.38 23.46 -79.96
N LEU E 158 32.71 24.58 -79.65
CA LEU E 158 33.18 25.84 -80.21
C LEU E 158 34.42 26.37 -79.51
N GLU E 159 34.38 26.44 -78.18
CA GLU E 159 35.56 26.86 -77.44
C GLU E 159 36.70 25.87 -77.60
N ARG E 160 36.37 24.58 -77.62
CA ARG E 160 37.42 23.56 -77.74
C ARG E 160 38.07 23.61 -79.11
N ASP E 161 37.31 23.99 -80.15
CA ASP E 161 37.90 24.12 -81.48
C ASP E 161 38.70 25.42 -81.60
N PHE E 162 38.16 26.52 -81.09
CA PHE E 162 38.94 27.75 -80.94
C PHE E 162 40.30 27.45 -80.33
N ASN E 163 40.32 26.68 -79.25
CA ASN E 163 41.59 26.35 -78.59
C ASN E 163 42.42 25.37 -79.41
N LYS E 164 41.78 24.44 -80.12
CA LYS E 164 42.48 23.28 -80.66
C LYS E 164 42.56 23.23 -82.18
N VAL E 165 41.52 23.62 -82.89
CA VAL E 165 41.39 23.30 -84.32
C VAL E 165 41.97 24.46 -85.13
N PRO E 166 43.02 24.23 -85.92
CA PRO E 166 43.45 25.24 -86.89
C PRO E 166 42.47 25.31 -88.05
N ASN E 167 42.48 26.44 -88.74
CA ASN E 167 41.54 26.76 -89.82
C ASN E 167 40.11 26.89 -89.31
N PHE E 168 39.91 27.02 -88.00
CA PHE E 168 38.59 27.33 -87.47
C PHE E 168 38.17 28.71 -87.92
N SER E 169 36.86 28.97 -87.93
CA SER E 169 36.34 30.20 -88.48
C SER E 169 35.06 30.60 -87.77
N ILE E 170 34.47 31.69 -88.24
CA ILE E 170 33.20 32.15 -87.69
C ILE E 170 32.04 31.52 -88.44
N ARG E 171 32.20 31.29 -89.74
CA ARG E 171 31.19 30.57 -90.49
C ARG E 171 31.10 29.12 -90.04
N GLU E 172 32.22 28.52 -89.64
CA GLU E 172 32.16 27.20 -89.04
C GLU E 172 31.51 27.25 -87.67
N LEU E 173 31.65 28.36 -86.96
CA LEU E 173 30.96 28.52 -85.68
C LEU E 173 29.45 28.49 -85.89
N GLU E 174 28.95 29.28 -86.85
CA GLU E 174 27.51 29.26 -87.08
C GLU E 174 27.05 27.92 -87.62
N GLN E 175 27.87 27.28 -88.45
CA GLN E 175 27.51 25.97 -88.97
C GLN E 175 27.40 24.94 -87.84
N ILE E 176 28.33 24.98 -86.89
CA ILE E 176 28.30 24.01 -85.79
C ILE E 176 27.12 24.31 -84.87
N ILE E 177 26.77 25.59 -84.71
CA ILE E 177 25.57 25.93 -83.96
C ILE E 177 24.34 25.34 -84.62
N ASN E 178 24.27 25.40 -85.95
CA ASN E 178 23.09 24.88 -86.66
C ASN E 178 23.09 23.36 -86.72
N GLU E 179 24.28 22.73 -86.71
CA GLU E 179 24.33 21.26 -86.82
C GLU E 179 23.61 20.58 -85.67
N THR E 180 24.04 20.85 -84.44
CA THR E 180 23.50 20.18 -83.27
C THR E 180 22.06 20.55 -82.98
N GLU E 181 21.45 21.40 -83.80
CA GLU E 181 20.05 21.80 -83.67
C GLU E 181 19.80 22.64 -82.43
N VAL E 182 20.85 22.90 -81.64
CA VAL E 182 20.70 23.65 -80.40
C VAL E 182 20.06 25.00 -80.65
N ASN E 183 20.20 25.55 -81.86
CA ASN E 183 19.52 26.80 -82.17
C ASN E 183 18.02 26.57 -82.35
N LYS E 184 17.63 25.42 -82.91
CA LYS E 184 16.21 25.14 -83.06
C LYS E 184 15.57 24.80 -81.71
N GLN E 185 16.27 24.06 -80.87
CA GLN E 185 15.75 23.80 -79.52
C GLN E 185 15.66 25.09 -78.72
N MET E 186 16.63 25.98 -78.88
CA MET E 186 16.54 27.28 -78.22
C MET E 186 15.40 28.11 -78.80
N GLU E 187 15.14 27.98 -80.09
CA GLU E 187 14.03 28.72 -80.68
C GLU E 187 12.70 28.19 -80.17
N LEU E 188 12.61 26.88 -79.94
CA LEU E 188 11.37 26.33 -79.38
C LEU E 188 11.16 26.79 -77.95
N LEU E 189 12.19 26.66 -77.11
CA LEU E 189 12.07 27.13 -75.74
C LEU E 189 11.81 28.63 -75.67
N TYR E 190 12.39 29.39 -76.59
CA TYR E 190 12.22 30.84 -76.56
C TYR E 190 10.86 31.23 -77.11
N ASN E 191 10.30 30.43 -78.02
CA ASN E 191 8.94 30.66 -78.46
C ASN E 191 7.95 30.36 -77.35
N ILE E 192 8.18 29.29 -76.60
CA ILE E 192 7.32 29.00 -75.45
C ILE E 192 7.44 30.11 -74.41
N TYR E 193 8.66 30.60 -74.19
CA TYR E 193 8.85 31.72 -73.28
C TYR E 193 8.10 32.95 -73.77
N GLU E 194 8.17 33.22 -75.08
CA GLU E 194 7.51 34.40 -75.63
C GLU E 194 6.00 34.28 -75.52
N GLU E 195 5.47 33.07 -75.70
CA GLU E 195 4.02 32.87 -75.57
C GLU E 195 3.57 33.05 -74.13
N ILE E 196 4.30 32.47 -73.18
CA ILE E 196 3.98 32.65 -71.76
C ILE E 196 4.08 34.12 -71.39
N PHE E 197 5.08 34.82 -71.95
CA PHE E 197 5.27 36.23 -71.63
C PHE E 197 4.15 37.08 -72.20
N ARG E 198 3.74 36.78 -73.43
CA ARG E 198 2.65 37.53 -74.04
C ARG E 198 1.35 37.29 -73.31
N GLU E 199 1.11 36.06 -72.86
CA GLU E 199 -0.10 35.79 -72.09
C GLU E 199 -0.06 36.50 -70.75
N ILE E 200 1.09 36.51 -70.07
CA ILE E 200 1.22 37.27 -68.83
C ILE E 200 0.94 38.75 -69.08
N GLU E 201 1.45 39.29 -70.18
CA GLU E 201 1.23 40.70 -70.47
C GLU E 201 -0.24 40.98 -70.74
N GLU E 202 -0.91 40.10 -71.49
CA GLU E 202 -2.34 40.27 -71.71
C GLU E 202 -3.11 40.21 -70.40
N ARG E 203 -2.82 39.22 -69.56
CA ARG E 203 -3.52 39.09 -68.29
C ARG E 203 -3.26 40.30 -67.38
N ARG E 204 -2.11 40.95 -67.54
CA ARG E 204 -1.79 42.09 -66.70
C ARG E 204 -2.34 43.40 -67.24
N THR E 205 -2.55 43.51 -68.56
CA THR E 205 -3.10 44.72 -69.15
C THR E 205 -4.58 44.60 -69.51
N ASN E 206 -5.02 43.46 -70.04
CA ASN E 206 -6.43 43.26 -70.36
C ASN E 206 -7.20 42.81 -69.12
N GLN E 207 -7.03 43.58 -68.05
CA GLN E 207 -7.64 43.29 -66.75
C GLN E 207 -9.08 43.76 -66.66
N SER E 208 -9.45 44.84 -67.37
CA SER E 208 -10.79 45.40 -67.28
C SER E 208 -11.86 44.46 -67.83
N SER E 209 -11.48 43.33 -68.40
CA SER E 209 -12.45 42.36 -68.90
C SER E 209 -12.97 41.55 -67.72
N GLN E 210 -14.20 41.85 -67.29
CA GLN E 210 -14.86 41.14 -66.19
C GLN E 210 -14.01 41.16 -64.91
N ASN E 222 -24.15 28.26 -66.94
CA ASN E 222 -24.76 27.02 -67.38
C ASN E 222 -25.73 26.48 -66.33
N GLU E 223 -26.85 25.94 -66.81
CA GLU E 223 -27.77 25.24 -65.93
C GLU E 223 -27.28 23.84 -65.58
N SER E 224 -26.32 23.31 -66.34
CA SER E 224 -25.73 22.02 -66.00
C SER E 224 -25.08 22.03 -64.62
N SER E 225 -24.58 23.19 -64.18
CA SER E 225 -24.04 23.31 -62.84
C SER E 225 -25.11 23.24 -61.75
N LEU E 226 -26.37 23.49 -62.11
CA LEU E 226 -27.48 23.36 -61.16
C LEU E 226 -28.30 22.10 -61.38
N HIS E 227 -28.28 21.54 -62.60
CA HIS E 227 -29.00 20.29 -62.87
C HIS E 227 -28.51 19.14 -62.00
N LEU E 228 -27.38 19.29 -61.33
CA LEU E 228 -26.86 18.28 -60.42
C LEU E 228 -26.99 18.77 -58.98
N ARG E 229 -26.78 17.85 -58.04
CA ARG E 229 -26.80 18.16 -56.61
C ARG E 229 -25.38 18.54 -56.21
N LEU E 230 -25.10 19.84 -56.24
CA LEU E 230 -23.75 20.35 -56.09
C LEU E 230 -23.75 21.57 -55.20
N MET E 231 -22.85 21.60 -54.22
CA MET E 231 -22.46 22.85 -53.56
C MET E 231 -21.13 23.30 -54.17
N VAL E 232 -21.24 23.90 -55.35
CA VAL E 232 -20.10 24.18 -56.21
C VAL E 232 -20.24 25.61 -56.74
N ALA E 233 -19.19 26.07 -57.42
CA ALA E 233 -19.18 27.38 -58.06
C ALA E 233 -18.03 27.43 -59.04
N PHE E 234 -18.20 28.18 -60.10
CA PHE E 234 -17.11 28.45 -61.04
C PHE E 234 -16.24 29.58 -60.52
N ASP E 235 -14.93 29.37 -60.56
CA ASP E 235 -13.95 30.36 -60.14
C ASP E 235 -13.33 30.95 -61.40
N THR E 236 -13.95 32.01 -61.93
CA THR E 236 -13.54 32.60 -63.18
C THR E 236 -12.45 33.66 -63.00
N THR E 237 -11.70 33.58 -61.91
CA THR E 237 -10.60 34.51 -61.70
C THR E 237 -9.50 34.24 -62.72
N VAL E 238 -9.23 35.23 -63.57
CA VAL E 238 -8.18 35.14 -64.58
C VAL E 238 -6.88 35.53 -63.91
N TYR E 239 -6.12 34.53 -63.47
CA TYR E 239 -4.92 34.73 -62.68
C TYR E 239 -3.87 35.51 -63.49
N PRO E 240 -2.94 36.18 -62.80
CA PRO E 240 -1.94 36.97 -63.52
C PRO E 240 -0.94 36.13 -64.32
N VAL E 241 -0.70 34.90 -63.91
CA VAL E 241 0.22 34.03 -64.62
C VAL E 241 -0.47 32.70 -64.91
N PRO E 242 -0.38 32.17 -66.12
CA PRO E 242 -1.06 30.92 -66.43
C PRO E 242 -0.49 29.75 -65.63
N LYS E 243 -1.38 28.86 -65.19
CA LYS E 243 -0.98 27.73 -64.36
C LYS E 243 -1.59 26.45 -64.92
N GLY E 244 -0.87 25.35 -64.70
CA GLY E 244 -1.41 24.03 -65.00
C GLY E 244 -1.91 23.89 -66.43
N GLY E 245 -3.22 23.68 -66.55
CA GLY E 245 -3.84 23.52 -67.84
C GLY E 245 -3.63 24.70 -68.77
N ALA E 246 -3.48 25.91 -68.23
CA ALA E 246 -3.28 27.08 -69.06
C ALA E 246 -1.92 27.05 -69.77
N ILE E 247 -0.97 26.30 -69.24
CA ILE E 247 0.34 26.17 -69.87
C ILE E 247 0.44 24.87 -70.65
N LEU E 248 -0.26 23.83 -70.22
CA LEU E 248 -0.33 22.63 -71.04
C LEU E 248 -1.08 22.90 -72.33
N LYS E 249 -2.01 23.85 -72.32
CA LYS E 249 -2.62 24.30 -73.58
C LYS E 249 -1.60 25.00 -74.45
N ILE E 250 -0.71 25.80 -73.85
CA ILE E 250 0.33 26.46 -74.62
C ILE E 250 1.22 25.43 -75.31
N PHE E 251 1.60 24.37 -74.58
CA PHE E 251 2.48 23.37 -75.16
C PHE E 251 1.76 22.56 -76.24
N GLN E 252 0.51 22.20 -76.01
CA GLN E 252 -0.24 21.47 -77.04
C GLN E 252 -0.45 22.33 -78.27
N GLN E 253 -0.60 23.65 -78.08
CA GLN E 253 -0.73 24.54 -79.23
C GLN E 253 0.58 24.64 -79.99
N LYS E 254 1.71 24.68 -79.28
CA LYS E 254 2.99 24.72 -79.97
C LYS E 254 3.30 23.38 -80.65
N ILE E 255 2.65 22.30 -80.22
CA ILE E 255 2.77 21.04 -80.95
C ILE E 255 1.89 21.07 -82.19
N LEU E 256 0.70 21.65 -82.08
CA LEU E 256 -0.17 21.77 -83.25
C LEU E 256 0.43 22.71 -84.29
N GLU E 257 1.23 23.67 -83.86
CA GLU E 257 1.81 24.62 -84.80
C GLU E 257 3.03 24.05 -85.50
N ASN E 258 3.86 23.29 -84.79
CA ASN E 258 5.09 22.77 -85.34
C ASN E 258 4.96 21.39 -85.96
N LEU E 259 3.75 20.99 -86.35
CA LEU E 259 3.60 19.72 -87.03
C LEU E 259 4.28 19.77 -88.39
N GLY E 260 4.85 18.63 -88.80
CA GLY E 260 5.64 18.52 -90.00
C GLY E 260 7.13 18.54 -89.76
N ASP E 261 7.60 19.41 -88.88
CA ASP E 261 8.98 19.36 -88.39
C ASP E 261 8.98 18.35 -87.25
N ARG E 262 9.52 17.17 -87.51
CA ARG E 262 9.28 16.05 -86.61
C ARG E 262 10.25 16.04 -85.44
N SER E 263 11.48 16.54 -85.65
CA SER E 263 12.38 16.70 -84.52
C SER E 263 11.85 17.73 -83.54
N SER E 264 11.36 18.85 -84.05
CA SER E 264 10.71 19.84 -83.20
C SER E 264 9.56 19.24 -82.41
N VAL E 265 8.76 18.39 -83.06
CA VAL E 265 7.60 17.81 -82.37
C VAL E 265 8.04 16.82 -81.32
N MET E 266 9.07 16.02 -81.61
CA MET E 266 9.59 15.10 -80.60
C MET E 266 10.12 15.86 -79.40
N PHE E 267 10.87 16.94 -79.63
CA PHE E 267 11.36 17.76 -78.53
C PHE E 267 10.21 18.33 -77.71
N LEU E 268 9.23 18.90 -78.39
CA LEU E 268 8.09 19.51 -77.70
C LEU E 268 7.30 18.48 -76.91
N LYS E 269 7.19 17.25 -77.43
CA LYS E 269 6.45 16.22 -76.73
C LYS E 269 7.21 15.71 -75.52
N LYS E 270 8.55 15.61 -75.63
CA LYS E 270 9.35 15.31 -74.46
C LYS E 270 9.17 16.37 -73.38
N LEU E 271 9.21 17.64 -73.77
CA LEU E 271 8.92 18.73 -72.84
C LEU E 271 7.55 18.57 -72.19
N LEU E 272 6.51 18.37 -73.00
CA LEU E 272 5.16 18.26 -72.48
C LEU E 272 5.02 17.08 -71.52
N ASN E 273 5.74 15.99 -71.78
CA ASN E 273 5.62 14.83 -70.89
C ASN E 273 6.42 15.02 -69.62
N ASN E 274 7.53 15.75 -69.67
CA ASN E 274 8.28 16.02 -68.45
C ASN E 274 7.58 17.03 -67.56
N ILE E 275 7.21 18.18 -68.12
CA ILE E 275 6.61 19.26 -67.35
C ILE E 275 5.35 18.79 -66.63
N SER E 276 4.53 17.99 -67.30
CA SER E 276 3.21 17.66 -66.79
C SER E 276 3.20 16.43 -65.90
N GLN E 277 4.36 15.87 -65.56
CA GLN E 277 4.39 14.68 -64.71
C GLN E 277 3.69 14.93 -63.38
N ASP E 278 4.07 16.01 -62.70
CA ASP E 278 3.44 16.34 -61.43
C ASP E 278 1.95 16.66 -61.59
N TYR E 279 1.56 17.20 -62.73
CA TYR E 279 0.14 17.47 -62.97
C TYR E 279 -0.62 16.17 -63.14
N CYS E 280 -0.07 15.23 -63.90
CA CYS E 280 -0.67 13.91 -64.00
C CYS E 280 -0.77 13.24 -62.63
N THR E 281 0.22 13.46 -61.77
CA THR E 281 0.16 12.90 -60.42
C THR E 281 -0.99 13.52 -59.64
N MET E 282 -1.14 14.84 -59.75
CA MET E 282 -2.28 15.51 -59.11
C MET E 282 -3.61 14.94 -59.58
N LEU E 283 -3.78 14.84 -60.89
CA LEU E 283 -5.05 14.37 -61.44
C LEU E 283 -5.31 12.91 -61.05
N TYR E 284 -4.27 12.09 -61.03
CA TYR E 284 -4.43 10.70 -60.65
C TYR E 284 -4.84 10.58 -59.19
N GLU E 285 -4.17 11.32 -58.32
CA GLU E 285 -4.51 11.26 -56.90
C GLU E 285 -5.91 11.82 -56.65
N TRP E 286 -6.34 12.80 -57.46
CA TRP E 286 -7.69 13.32 -57.30
C TRP E 286 -8.73 12.30 -57.74
N LEU E 287 -8.52 11.68 -58.90
CA LEU E 287 -9.51 10.74 -59.43
C LEU E 287 -9.46 9.38 -58.76
N THR E 288 -8.45 9.09 -57.94
CA THR E 288 -8.40 7.80 -57.27
C THR E 288 -8.49 7.88 -55.75
N GLN E 289 -8.27 9.05 -55.16
CA GLN E 289 -8.33 9.20 -53.71
C GLN E 289 -9.08 10.44 -53.26
N GLY E 290 -9.46 11.33 -54.18
CA GLY E 290 -10.02 12.60 -53.77
C GLY E 290 -9.08 13.45 -52.96
N ILE E 291 -7.77 13.37 -53.25
CA ILE E 291 -6.75 14.13 -52.55
C ILE E 291 -6.51 15.42 -53.31
N LEU E 292 -6.31 16.51 -52.59
CA LEU E 292 -6.00 17.81 -53.17
C LEU E 292 -4.71 18.33 -52.56
N ASN E 293 -3.59 17.88 -53.11
CA ASN E 293 -2.26 18.33 -52.67
C ASN E 293 -1.81 19.44 -53.61
N ASP E 294 -2.48 20.58 -53.51
CA ASP E 294 -2.25 21.72 -54.39
C ASP E 294 -1.75 22.90 -53.56
N PRO E 295 -0.44 23.01 -53.36
CA PRO E 295 0.09 24.14 -52.60
C PRO E 295 0.27 25.40 -53.43
N TYR E 296 0.38 25.28 -54.75
CA TYR E 296 0.57 26.42 -55.63
C TYR E 296 -0.71 26.86 -56.31
N GLN E 297 -1.86 26.35 -55.86
CA GLN E 297 -3.17 26.84 -56.29
C GLN E 297 -3.31 26.79 -57.80
N GLU E 298 -3.20 25.59 -58.37
CA GLU E 298 -3.21 25.43 -59.81
C GLU E 298 -4.03 24.24 -60.29
N PHE E 299 -4.71 23.51 -59.41
CA PHE E 299 -5.52 22.40 -59.88
C PHE E 299 -6.84 22.91 -60.40
N MET E 300 -7.52 22.06 -61.18
CA MET E 300 -8.77 22.45 -61.81
C MET E 300 -9.89 22.65 -60.81
N THR E 301 -9.73 22.17 -59.57
CA THR E 301 -10.76 22.31 -58.56
C THR E 301 -10.11 22.40 -57.18
N TYR E 302 -10.79 23.10 -56.28
CA TYR E 302 -10.31 23.24 -54.91
C TYR E 302 -11.49 23.42 -53.98
N ASP E 303 -11.21 23.42 -52.69
CA ASP E 303 -12.22 23.59 -51.65
C ASP E 303 -11.89 24.81 -50.80
N ASP E 304 -12.67 25.00 -49.73
CA ASP E 304 -12.52 26.13 -48.85
C ASP E 304 -12.17 25.62 -47.44
N LEU E 305 -12.15 26.54 -46.47
CA LEU E 305 -11.74 26.24 -45.10
C LEU E 305 -10.32 25.69 -45.05
N GLU E 306 -9.37 26.43 -45.64
CA GLU E 306 -7.97 26.03 -45.65
C GLU E 306 -7.29 26.41 -44.34
N ARG E 318 -17.89 21.01 -38.81
CA ARG E 318 -17.40 22.17 -39.53
C ARG E 318 -16.30 21.79 -40.51
N ALA E 319 -15.45 20.83 -40.10
CA ALA E 319 -14.34 20.41 -40.94
C ALA E 319 -14.81 19.82 -42.27
N TRP E 320 -15.93 19.10 -42.26
CA TRP E 320 -16.46 18.47 -43.46
C TRP E 320 -17.25 19.44 -44.33
N ASP E 321 -17.58 20.63 -43.82
CA ASP E 321 -18.40 21.58 -44.56
C ASP E 321 -17.55 22.22 -45.66
N THR E 322 -17.38 21.45 -46.74
CA THR E 322 -16.55 21.85 -47.86
C THR E 322 -17.41 22.21 -49.05
N GLN E 323 -17.09 23.36 -49.65
CA GLN E 323 -17.69 23.79 -50.91
C GLN E 323 -16.60 23.79 -51.97
N TYR E 324 -16.80 23.02 -53.03
CA TYR E 324 -15.83 22.89 -54.09
C TYR E 324 -16.00 24.00 -55.11
N PHE E 325 -14.88 24.48 -55.64
CA PHE E 325 -14.87 25.45 -56.72
C PHE E 325 -14.16 24.82 -57.92
N ILE E 326 -14.37 25.41 -59.09
CA ILE E 326 -13.70 24.99 -60.31
C ILE E 326 -12.97 26.20 -60.88
N ARG E 327 -11.65 26.09 -60.99
CA ARG E 327 -10.83 27.15 -61.58
C ARG E 327 -10.97 27.05 -63.09
N LYS E 328 -11.77 27.95 -63.65
CA LYS E 328 -11.99 27.93 -65.09
C LYS E 328 -10.73 28.33 -65.84
N ASP E 329 -9.76 28.91 -65.13
CA ASP E 329 -8.51 29.33 -65.76
C ASP E 329 -7.56 28.18 -66.03
N VAL E 330 -7.46 27.21 -65.12
CA VAL E 330 -6.46 26.15 -65.22
C VAL E 330 -7.05 24.84 -65.71
N LEU E 331 -8.17 24.90 -66.42
CA LEU E 331 -8.80 23.68 -66.91
C LEU E 331 -8.05 23.14 -68.12
N LEU E 332 -8.02 21.82 -68.23
CA LEU E 332 -7.35 21.18 -69.36
C LEU E 332 -8.14 21.32 -70.65
N ARG E 333 -9.46 21.35 -70.56
CA ARG E 333 -10.34 21.48 -71.71
C ARG E 333 -11.09 22.81 -71.64
N ASP E 334 -11.92 23.04 -72.65
CA ASP E 334 -12.59 24.32 -72.82
C ASP E 334 -13.80 24.52 -71.91
N CYS E 335 -14.53 23.46 -71.58
CA CYS E 335 -15.74 23.51 -70.76
C CYS E 335 -16.88 24.24 -71.48
N ASP E 336 -16.78 24.40 -72.80
CA ASP E 336 -17.83 25.04 -73.57
C ASP E 336 -18.83 24.03 -74.14
N SER E 337 -18.34 22.98 -74.78
CA SER E 337 -19.21 22.00 -75.40
C SER E 337 -19.98 21.20 -74.34
N GLU E 338 -20.84 20.30 -74.81
CA GLU E 338 -21.62 19.47 -73.89
C GLU E 338 -20.76 18.36 -73.30
N GLU E 339 -20.06 17.61 -74.14
CA GLU E 339 -19.28 16.48 -73.65
C GLU E 339 -18.13 16.95 -72.75
N ASP E 340 -17.63 18.16 -73.01
CA ASP E 340 -16.54 18.68 -72.18
C ASP E 340 -17.02 18.98 -70.77
N LYS E 341 -18.19 19.60 -70.64
CA LYS E 341 -18.75 19.83 -69.31
C LYS E 341 -19.14 18.52 -68.65
N ASN E 342 -19.63 17.56 -69.44
CA ASN E 342 -19.92 16.24 -68.89
C ASN E 342 -18.68 15.63 -68.25
N LEU E 343 -17.55 15.64 -68.99
CA LEU E 343 -16.33 15.04 -68.48
C LEU E 343 -15.78 15.83 -67.29
N LEU E 344 -15.84 17.16 -67.35
CA LEU E 344 -15.36 17.97 -66.24
C LEU E 344 -16.14 17.66 -64.96
N PHE E 345 -17.47 17.68 -65.04
CA PHE E 345 -18.26 17.41 -63.86
C PHE E 345 -18.12 15.96 -63.41
N LYS E 346 -17.80 15.04 -64.33
CA LYS E 346 -17.59 13.67 -63.92
C LYS E 346 -16.27 13.52 -63.16
N MET E 347 -15.24 14.28 -63.54
CA MET E 347 -14.00 14.28 -62.77
C MET E 347 -14.23 14.87 -61.38
N LEU E 348 -14.87 16.03 -61.33
CA LEU E 348 -15.18 16.66 -60.04
C LEU E 348 -16.00 15.72 -59.17
N ARG E 349 -16.95 14.98 -59.78
CA ARG E 349 -17.82 14.10 -59.02
C ARG E 349 -17.05 12.89 -58.51
N THR E 350 -16.16 12.32 -59.33
CA THR E 350 -15.32 11.24 -58.87
C THR E 350 -14.51 11.65 -57.66
N GLY E 351 -13.86 12.81 -57.73
CA GLY E 351 -13.07 13.27 -56.60
C GLY E 351 -13.92 13.52 -55.37
N ILE E 352 -15.10 14.13 -55.54
CA ILE E 352 -15.97 14.40 -54.41
C ILE E 352 -16.38 13.11 -53.72
N LEU E 353 -16.82 12.12 -54.50
CA LEU E 353 -17.25 10.85 -53.92
C LEU E 353 -16.11 10.16 -53.19
N LEU E 354 -14.90 10.21 -53.76
CA LEU E 354 -13.79 9.51 -53.12
C LEU E 354 -13.34 10.21 -51.85
N LYS E 355 -13.37 11.54 -51.82
CA LYS E 355 -13.05 12.23 -50.58
C LYS E 355 -14.11 11.95 -49.52
N VAL E 356 -15.39 11.90 -49.93
CA VAL E 356 -16.45 11.56 -48.99
C VAL E 356 -16.20 10.19 -48.39
N VAL E 357 -15.82 9.22 -49.21
CA VAL E 357 -15.52 7.88 -48.70
C VAL E 357 -14.37 7.93 -47.71
N ARG E 358 -13.28 8.62 -48.08
CA ARG E 358 -12.11 8.69 -47.21
C ARG E 358 -12.45 9.35 -45.88
N ALA E 359 -13.26 10.41 -45.91
CA ALA E 359 -13.62 11.11 -44.68
C ALA E 359 -14.57 10.27 -43.83
N SER E 360 -15.41 9.46 -44.48
CA SER E 360 -16.30 8.58 -43.75
C SER E 360 -15.52 7.50 -43.02
N LEU E 361 -14.65 6.79 -43.73
CA LEU E 361 -13.87 5.73 -43.09
C LEU E 361 -12.69 6.25 -42.28
N GLN E 362 -12.53 7.56 -42.15
CA GLN E 362 -11.49 8.18 -41.34
C GLN E 362 -10.10 7.70 -41.76
N ILE E 363 -9.99 7.22 -43.00
CA ILE E 363 -8.75 6.67 -43.53
C ILE E 363 -8.01 7.76 -44.28
N PRO E 364 -6.68 7.72 -44.34
CA PRO E 364 -5.95 8.76 -45.09
C PRO E 364 -5.92 8.50 -46.58
N THR E 365 -5.92 7.24 -47.00
CA THR E 365 -6.02 6.87 -48.40
C THR E 365 -7.04 5.74 -48.53
N ILE E 366 -7.42 5.44 -49.76
CA ILE E 366 -8.38 4.38 -50.05
C ILE E 366 -7.60 3.13 -50.41
N PRO E 367 -7.81 1.99 -49.73
CA PRO E 367 -7.13 0.75 -50.12
C PRO E 367 -7.30 0.44 -51.60
N SER E 368 -6.23 -0.08 -52.20
CA SER E 368 -6.26 -0.40 -53.62
C SER E 368 -7.21 -1.54 -53.95
N ASN E 369 -7.54 -2.38 -52.97
CA ASN E 369 -8.43 -3.52 -53.17
C ASN E 369 -9.86 -3.23 -52.74
N SER E 370 -10.19 -1.96 -52.46
CA SER E 370 -11.54 -1.62 -52.05
C SER E 370 -12.53 -1.65 -53.21
N SER E 371 -12.08 -2.07 -54.39
CA SER E 371 -12.97 -2.27 -55.54
C SER E 371 -12.30 -3.25 -56.49
N ASP E 372 -13.08 -3.76 -57.42
CA ASP E 372 -12.54 -4.68 -58.42
C ASP E 372 -12.07 -3.95 -59.68
N ILE E 373 -12.31 -2.65 -59.77
CA ILE E 373 -11.85 -1.84 -60.90
C ILE E 373 -10.55 -1.16 -60.48
N THR E 374 -9.46 -1.53 -61.14
CA THR E 374 -8.13 -1.00 -60.84
C THR E 374 -7.83 0.15 -61.79
N ILE E 375 -7.25 1.22 -61.26
CA ILE E 375 -6.91 2.41 -62.04
C ILE E 375 -5.39 2.45 -62.20
N GLN E 376 -4.93 2.51 -63.44
CA GLN E 376 -3.52 2.67 -63.73
C GLN E 376 -3.15 4.16 -63.74
N GLU E 377 -1.89 4.44 -63.44
CA GLU E 377 -1.44 5.81 -63.35
C GLU E 377 -1.40 6.44 -64.74
N ILE E 378 -1.02 7.71 -64.79
CA ILE E 378 -0.89 8.45 -66.04
C ILE E 378 0.59 8.59 -66.34
N ASN E 379 1.04 7.94 -67.41
CA ASN E 379 2.45 7.89 -67.75
C ASN E 379 2.78 8.65 -69.03
N ASP E 380 1.77 9.12 -69.75
CA ASP E 380 2.00 9.92 -70.96
C ASP E 380 0.84 10.91 -71.06
N PHE E 381 1.12 12.18 -70.76
CA PHE E 381 0.06 13.18 -70.70
C PHE E 381 -0.55 13.42 -72.08
N ALA E 382 0.28 13.76 -73.07
CA ALA E 382 -0.21 13.93 -74.43
C ALA E 382 -1.05 12.74 -74.87
N ASP E 383 -0.64 11.53 -74.50
CA ASP E 383 -1.41 10.34 -74.84
C ASP E 383 -2.78 10.36 -74.17
N LEU E 384 -2.85 10.91 -72.96
CA LEU E 384 -4.13 11.00 -72.27
C LEU E 384 -5.04 12.04 -72.92
N MET E 385 -4.48 13.20 -73.24
CA MET E 385 -5.28 14.30 -73.77
C MET E 385 -5.67 14.12 -75.23
N GLU E 386 -4.95 13.27 -75.98
CA GLU E 386 -5.05 13.35 -77.44
C GLU E 386 -6.40 12.85 -77.94
N GLY E 387 -6.72 11.59 -77.71
CA GLY E 387 -7.95 11.01 -78.19
C GLY E 387 -9.10 11.21 -77.22
N SER E 388 -9.82 10.12 -76.97
CA SER E 388 -10.81 10.05 -75.92
C SER E 388 -10.29 9.29 -74.70
N ASN E 389 -8.97 9.26 -74.51
CA ASN E 389 -8.40 8.53 -73.39
C ASN E 389 -8.76 9.19 -72.06
N LEU E 390 -8.85 10.52 -72.03
CA LEU E 390 -9.31 11.18 -70.82
C LEU E 390 -10.73 10.78 -70.49
N GLU E 391 -11.60 10.70 -71.50
CA GLU E 391 -12.98 10.31 -71.25
C GLU E 391 -13.07 8.92 -70.64
N LEU E 392 -12.45 7.93 -71.28
CA LEU E 392 -12.51 6.56 -70.77
C LEU E 392 -11.82 6.43 -69.42
N TYR E 393 -10.74 7.18 -69.20
CA TYR E 393 -10.03 7.12 -67.94
C TYR E 393 -10.91 7.64 -66.80
N VAL E 394 -11.53 8.81 -67.00
CA VAL E 394 -12.41 9.33 -65.97
C VAL E 394 -13.65 8.46 -65.83
N ASP E 395 -14.08 7.81 -66.91
CA ASP E 395 -15.21 6.89 -66.80
C ASP E 395 -14.87 5.71 -65.91
N LYS E 396 -13.68 5.13 -66.10
CA LYS E 396 -13.23 4.05 -65.23
C LYS E 396 -13.15 4.52 -63.78
N CYS E 397 -12.53 5.68 -63.55
CA CYS E 397 -12.41 6.19 -62.18
C CYS E 397 -13.77 6.49 -61.59
N TYR E 398 -14.71 6.93 -62.41
CA TYR E 398 -16.04 7.28 -61.93
C TYR E 398 -16.83 6.03 -61.56
N SER E 399 -16.72 4.99 -62.38
CA SER E 399 -17.36 3.72 -62.05
C SER E 399 -16.78 3.13 -60.77
N ARG E 400 -15.45 3.20 -60.60
CA ARG E 400 -14.84 2.67 -59.39
C ARG E 400 -15.27 3.47 -58.16
N ALA E 401 -15.29 4.80 -58.29
CA ALA E 401 -15.72 5.65 -57.18
C ALA E 401 -17.17 5.38 -56.82
N ASN E 402 -18.04 5.23 -57.83
CA ASN E 402 -19.44 4.97 -57.56
C ASN E 402 -19.64 3.59 -56.93
N GLU E 403 -18.88 2.60 -57.37
CA GLU E 403 -18.96 1.28 -56.73
C GLU E 403 -18.59 1.37 -55.25
N ILE E 404 -17.43 1.98 -54.96
CA ILE E 404 -17.00 2.10 -53.56
C ILE E 404 -18.00 2.90 -52.75
N PHE E 405 -18.52 3.99 -53.33
CA PHE E 405 -19.39 4.89 -52.61
C PHE E 405 -20.74 4.24 -52.32
N LEU E 406 -21.29 3.51 -53.30
CA LEU E 406 -22.57 2.86 -53.09
C LEU E 406 -22.43 1.66 -52.16
N LYS E 407 -21.30 0.96 -52.22
CA LYS E 407 -21.03 -0.07 -51.22
C LYS E 407 -21.04 0.53 -49.81
N LEU E 408 -20.32 1.63 -49.63
CA LEU E 408 -20.32 2.32 -48.34
C LEU E 408 -21.73 2.70 -47.91
N PHE E 409 -22.48 3.33 -48.79
CA PHE E 409 -23.76 3.92 -48.38
C PHE E 409 -24.86 2.86 -48.30
N PHE E 410 -24.61 1.66 -48.82
CA PHE E 410 -25.66 0.65 -48.80
C PHE E 410 -25.36 -0.46 -47.80
N GLN E 411 -24.13 -0.54 -47.30
CA GLN E 411 -23.84 -1.56 -46.31
C GLN E 411 -23.35 -0.98 -44.99
N GLY E 412 -22.71 0.18 -45.00
CA GLY E 412 -22.24 0.78 -43.77
C GLY E 412 -23.10 1.92 -43.28
N TYR E 413 -24.07 2.34 -44.09
CA TYR E 413 -24.94 3.44 -43.73
C TYR E 413 -26.42 3.09 -43.87
N ASP E 414 -26.75 2.01 -44.56
CA ASP E 414 -28.14 1.59 -44.75
C ASP E 414 -28.98 2.71 -45.32
N LEU E 415 -28.60 3.17 -46.52
CA LEU E 415 -29.31 4.26 -47.17
C LEU E 415 -30.76 3.89 -47.41
N ILE E 416 -31.03 2.60 -47.65
CA ILE E 416 -32.40 2.12 -47.74
C ILE E 416 -33.14 2.41 -46.45
N ASN E 417 -32.49 2.16 -45.30
CA ASN E 417 -33.11 2.40 -44.01
C ASN E 417 -33.29 3.90 -43.74
N VAL E 418 -32.30 4.71 -44.10
CA VAL E 418 -32.41 6.15 -43.89
C VAL E 418 -33.54 6.73 -44.74
N LEU E 419 -33.67 6.27 -45.98
CA LEU E 419 -34.76 6.76 -46.83
C LEU E 419 -36.10 6.22 -46.36
N LYS E 420 -36.11 5.01 -45.81
CA LYS E 420 -37.34 4.49 -45.21
C LYS E 420 -37.80 5.38 -44.07
N HIS E 421 -36.89 5.77 -43.19
CA HIS E 421 -37.27 6.65 -42.08
C HIS E 421 -37.66 8.03 -42.57
N LEU E 422 -36.98 8.54 -43.59
CA LEU E 422 -37.32 9.87 -44.10
C LEU E 422 -38.68 9.87 -44.77
N GLN E 423 -39.06 8.76 -45.38
CA GLN E 423 -40.39 8.67 -45.99
C GLN E 423 -41.45 8.35 -44.95
N GLN E 424 -41.06 7.71 -43.84
CA GLN E 424 -41.97 7.58 -42.71
C GLN E 424 -42.29 8.94 -42.12
N ILE E 425 -41.29 9.81 -42.01
CA ILE E 425 -41.52 11.12 -41.42
C ILE E 425 -42.24 12.04 -42.39
N PHE E 426 -41.62 12.33 -43.54
CA PHE E 426 -42.08 13.42 -44.39
C PHE E 426 -43.11 13.03 -45.44
N LEU E 427 -43.40 11.74 -45.62
CA LEU E 427 -44.41 11.32 -46.57
C LEU E 427 -45.51 10.48 -45.93
N GLY E 428 -45.40 10.18 -44.64
CA GLY E 428 -46.38 9.33 -44.00
C GLY E 428 -46.29 7.88 -44.38
N TYR E 429 -45.21 7.47 -45.03
CA TYR E 429 -45.08 6.09 -45.48
C TYR E 429 -44.95 5.14 -44.30
N GLN E 430 -45.99 4.36 -44.06
CA GLN E 430 -46.04 3.40 -42.95
C GLN E 430 -45.95 4.11 -41.60
N SER E 431 -46.35 5.38 -41.56
CA SER E 431 -46.41 6.13 -40.32
C SER E 431 -47.72 6.89 -40.18
N GLY E 432 -48.80 6.41 -40.81
CA GLY E 432 -50.09 7.00 -40.59
C GLY E 432 -50.49 7.03 -39.13
N HIS E 433 -50.22 5.94 -38.41
CA HIS E 433 -50.49 5.90 -36.98
C HIS E 433 -49.64 6.90 -36.21
N ASN E 434 -48.39 7.13 -36.61
CA ASN E 434 -47.55 8.10 -35.92
C ASN E 434 -48.07 9.51 -36.14
N VAL E 435 -48.44 9.85 -37.37
CA VAL E 435 -48.99 11.17 -37.63
C VAL E 435 -50.30 11.35 -36.88
N LEU E 436 -51.14 10.31 -36.85
CA LEU E 436 -52.41 10.43 -36.14
C LEU E 436 -52.21 10.53 -34.64
N LYS E 437 -51.20 9.87 -34.10
CA LYS E 437 -50.83 10.08 -32.71
C LYS E 437 -50.48 11.54 -32.45
N PHE E 438 -49.55 12.08 -33.26
CA PHE E 438 -49.21 13.49 -33.16
C PHE E 438 -50.45 14.37 -33.21
N LEU E 439 -51.38 14.05 -34.10
CA LEU E 439 -52.54 14.90 -34.31
C LEU E 439 -53.52 14.81 -33.16
N THR E 440 -53.76 13.61 -32.64
CA THR E 440 -54.62 13.49 -31.45
C THR E 440 -54.01 14.22 -30.27
N LYS E 441 -52.68 14.16 -30.12
CA LYS E 441 -52.04 14.86 -29.01
C LYS E 441 -52.08 16.37 -29.19
N ASN E 442 -52.12 16.86 -30.43
CA ASN E 442 -51.89 18.28 -30.67
C ASN E 442 -52.96 18.99 -31.49
N MET E 443 -54.16 18.44 -31.62
CA MET E 443 -55.22 19.17 -32.33
C MET E 443 -55.48 20.53 -31.70
N GLY E 444 -55.76 20.56 -30.40
CA GLY E 444 -56.07 21.83 -29.75
C GLY E 444 -54.91 22.80 -29.82
N GLU E 445 -53.69 22.32 -29.56
CA GLU E 445 -52.52 23.18 -29.59
C GLU E 445 -52.30 23.78 -30.98
N LEU E 446 -52.30 22.95 -32.02
CA LEU E 446 -52.12 23.46 -33.37
C LEU E 446 -53.22 24.45 -33.74
N THR E 447 -54.47 24.12 -33.41
CA THR E 447 -55.58 24.98 -33.80
C THR E 447 -55.49 26.34 -33.12
N LYS E 448 -55.21 26.36 -31.80
CA LYS E 448 -55.14 27.63 -31.10
C LYS E 448 -53.90 28.42 -31.51
N HIS E 449 -52.80 27.74 -31.82
CA HIS E 449 -51.58 28.46 -32.17
C HIS E 449 -51.63 29.00 -33.60
N TYR E 450 -52.42 28.37 -34.47
CA TYR E 450 -52.74 29.02 -35.73
C TYR E 450 -53.70 30.18 -35.54
N ARG E 451 -54.77 29.98 -34.76
CA ARG E 451 -55.74 31.03 -34.53
C ARG E 451 -55.17 32.18 -33.70
N ASN E 452 -54.18 31.91 -32.86
CA ASN E 452 -53.50 32.97 -32.15
C ASN E 452 -52.34 33.51 -32.99
N ASP E 453 -51.88 34.71 -32.65
CA ASP E 453 -50.85 35.38 -33.41
C ASP E 453 -49.53 34.62 -33.34
N ASN E 454 -48.55 35.08 -34.12
CA ASN E 454 -47.23 34.48 -34.12
C ASN E 454 -46.51 34.64 -32.79
N ASN E 455 -46.88 35.63 -31.99
CA ASN E 455 -46.27 35.85 -30.68
C ASN E 455 -46.83 34.93 -29.62
N ALA E 456 -47.66 33.96 -29.99
CA ALA E 456 -48.15 32.98 -29.03
C ALA E 456 -47.00 32.11 -28.54
N ASN E 457 -47.23 31.41 -27.42
CA ASN E 457 -46.20 30.57 -26.82
C ASN E 457 -46.45 29.12 -27.24
N TYR E 458 -45.94 28.78 -28.42
CA TYR E 458 -46.04 27.42 -28.94
C TYR E 458 -45.00 26.49 -28.33
N ASP E 459 -44.40 26.90 -27.21
CA ASP E 459 -43.39 26.07 -26.55
C ASP E 459 -43.95 24.73 -26.10
N LYS E 460 -45.21 24.70 -25.66
CA LYS E 460 -45.79 23.45 -25.20
C LYS E 460 -45.86 22.42 -26.33
N LEU E 461 -46.03 22.89 -27.57
CA LEU E 461 -46.00 21.98 -28.71
C LEU E 461 -44.64 21.32 -28.85
N LEU E 462 -43.57 22.11 -28.84
CA LEU E 462 -42.22 21.55 -28.97
C LEU E 462 -41.87 20.68 -27.78
N GLN E 463 -42.42 20.98 -26.60
CA GLN E 463 -42.12 20.14 -25.44
C GLN E 463 -42.86 18.82 -25.50
N ASN E 464 -44.14 18.82 -25.92
CA ASN E 464 -44.81 17.57 -26.21
C ASN E 464 -44.06 16.78 -27.27
N PHE E 465 -43.54 17.47 -28.28
CA PHE E 465 -42.79 16.81 -29.35
C PHE E 465 -41.56 16.11 -28.81
N GLU E 466 -40.73 16.84 -28.05
CA GLU E 466 -39.52 16.23 -27.49
C GLU E 466 -39.87 15.12 -26.50
N LEU E 467 -41.00 15.23 -25.81
CA LEU E 467 -41.42 14.17 -24.90
C LEU E 467 -41.74 12.90 -25.68
N GLU E 468 -42.52 13.00 -26.75
CA GLU E 468 -42.76 11.83 -27.59
C GLU E 468 -41.47 11.31 -28.20
N ARG E 469 -40.55 12.22 -28.54
CA ARG E 469 -39.27 11.83 -29.12
C ARG E 469 -38.44 11.04 -28.11
N GLN E 470 -38.62 11.33 -26.82
CA GLN E 470 -37.97 10.55 -25.77
C GLN E 470 -38.43 9.09 -25.79
N SER E 471 -39.63 8.82 -26.30
CA SER E 471 -40.15 7.47 -26.43
C SER E 471 -39.88 6.86 -27.80
N GLU E 472 -39.05 7.50 -28.61
CA GLU E 472 -38.76 6.99 -29.94
C GLU E 472 -37.62 5.98 -29.90
N ASN E 473 -37.40 5.32 -31.03
CA ASN E 473 -36.40 4.27 -31.13
C ASN E 473 -35.00 4.86 -31.03
N PRO E 474 -34.10 4.26 -30.26
CA PRO E 474 -32.74 4.82 -30.13
C PRO E 474 -31.84 4.55 -31.32
N ASN E 475 -32.32 3.80 -32.33
CA ASN E 475 -31.55 3.57 -33.53
C ASN E 475 -32.04 4.39 -34.72
N ASN E 476 -33.29 4.84 -34.69
CA ASN E 476 -33.85 5.66 -35.76
C ASN E 476 -33.28 7.07 -35.61
N LEU E 477 -32.13 7.29 -36.24
CA LEU E 477 -31.41 8.56 -36.08
C LEU E 477 -32.21 9.71 -36.68
N MET E 478 -32.94 9.47 -37.77
CA MET E 478 -33.65 10.54 -38.44
C MET E 478 -34.69 11.19 -37.52
N ARG E 479 -35.40 10.40 -36.72
CA ARG E 479 -36.35 10.97 -35.79
C ARG E 479 -35.65 11.65 -34.61
N GLN E 480 -34.54 11.07 -34.13
CA GLN E 480 -33.73 11.75 -33.13
C GLN E 480 -33.32 13.15 -33.58
N LEU E 481 -33.21 13.38 -34.89
CA LEU E 481 -32.80 14.66 -35.42
C LEU E 481 -33.96 15.48 -35.95
N LEU E 482 -35.17 14.95 -35.91
CA LEU E 482 -36.33 15.67 -36.42
C LEU E 482 -36.63 16.87 -35.55
N MET E 483 -36.47 18.07 -36.12
CA MET E 483 -36.72 19.32 -35.42
C MET E 483 -38.06 19.89 -35.88
N ILE E 484 -39.01 19.98 -34.95
CA ILE E 484 -40.31 20.56 -35.22
C ILE E 484 -40.16 22.08 -35.14
N GLN E 485 -40.56 22.77 -36.20
CA GLN E 485 -40.29 24.19 -36.34
C GLN E 485 -41.53 24.91 -36.82
N PHE E 486 -41.58 26.21 -36.57
CA PHE E 486 -42.67 27.06 -37.01
C PHE E 486 -42.17 28.07 -38.03
N ASP E 487 -42.91 28.24 -39.10
CA ASP E 487 -42.58 29.18 -40.16
C ASP E 487 -43.25 30.52 -39.88
N THR E 488 -43.16 31.42 -40.85
CA THR E 488 -43.91 32.66 -40.86
C THR E 488 -44.90 32.70 -42.03
N GLU E 489 -44.67 31.89 -43.05
CA GLU E 489 -45.50 31.83 -44.24
C GLU E 489 -46.37 30.58 -44.16
N THR E 490 -47.62 30.69 -44.63
CA THR E 490 -48.49 29.53 -44.69
C THR E 490 -48.00 28.55 -45.75
N LEU E 491 -48.70 27.42 -45.85
CA LEU E 491 -48.37 26.44 -46.88
C LEU E 491 -48.50 26.99 -48.29
N PRO E 492 -49.61 27.62 -48.69
CA PRO E 492 -49.63 28.25 -50.03
C PRO E 492 -48.68 29.42 -50.14
N GLN E 493 -48.41 30.12 -49.04
CA GLN E 493 -47.41 31.17 -49.05
C GLN E 493 -46.05 30.62 -49.44
N VAL E 494 -45.64 29.50 -48.84
CA VAL E 494 -44.38 28.86 -49.20
C VAL E 494 -44.44 28.32 -50.62
N LEU E 495 -45.59 27.76 -51.01
CA LEU E 495 -45.72 27.17 -52.34
C LEU E 495 -45.64 28.21 -53.44
N SER E 496 -46.03 29.45 -53.14
CA SER E 496 -46.00 30.52 -54.14
C SER E 496 -44.62 30.74 -54.74
N HIS E 497 -43.54 30.50 -53.98
CA HIS E 497 -42.19 30.70 -54.47
C HIS E 497 -41.75 29.65 -55.48
N TYR E 498 -42.53 28.60 -55.70
CA TYR E 498 -42.12 27.50 -56.54
C TYR E 498 -43.09 27.18 -57.66
N LEU E 499 -44.39 27.29 -57.41
CA LEU E 499 -45.39 26.94 -58.41
C LEU E 499 -46.24 28.15 -58.75
N GLN E 500 -46.96 28.06 -59.87
CA GLN E 500 -47.77 29.17 -60.38
C GLN E 500 -49.16 29.12 -59.75
N ILE E 501 -49.23 29.68 -58.54
CA ILE E 501 -50.47 29.72 -57.78
C ILE E 501 -50.64 31.11 -57.17
N TYR E 502 -51.70 31.25 -56.38
CA TYR E 502 -52.05 32.48 -55.68
C TYR E 502 -52.22 32.20 -54.18
N PRO E 503 -51.89 33.16 -53.33
CA PRO E 503 -52.04 32.94 -51.88
C PRO E 503 -53.49 33.05 -51.44
N ALA E 556 -54.96 31.12 -41.59
CA ALA E 556 -53.72 30.61 -41.02
C ALA E 556 -53.73 29.08 -40.99
N ILE E 557 -53.22 28.46 -42.05
CA ILE E 557 -53.17 27.00 -42.17
C ILE E 557 -51.71 26.58 -42.07
N TYR E 558 -51.34 26.02 -40.92
CA TYR E 558 -50.12 25.23 -40.78
C TYR E 558 -48.83 25.98 -41.12
N HIS E 559 -48.47 26.96 -40.30
CA HIS E 559 -47.08 27.40 -40.24
C HIS E 559 -46.20 26.37 -39.55
N LEU E 560 -46.75 25.18 -39.28
CA LEU E 560 -46.00 24.07 -38.70
C LEU E 560 -45.18 23.39 -39.78
N LYS E 561 -43.98 22.96 -39.42
CA LYS E 561 -43.12 22.26 -40.36
C LYS E 561 -42.06 21.49 -39.60
N PHE E 562 -41.45 20.54 -40.29
CA PHE E 562 -40.37 19.74 -39.73
C PHE E 562 -39.18 19.80 -40.67
N ASP E 563 -38.01 19.46 -40.15
CA ASP E 563 -36.80 19.38 -40.97
C ASP E 563 -35.75 18.61 -40.19
N ILE E 564 -34.74 18.14 -40.91
CA ILE E 564 -33.63 17.38 -40.32
C ILE E 564 -32.34 17.97 -40.84
N ASN E 565 -31.37 18.18 -39.94
CA ASN E 565 -30.02 18.54 -40.34
C ASN E 565 -29.31 17.23 -40.68
N ILE E 566 -29.49 16.80 -41.92
CA ILE E 566 -28.98 15.50 -42.37
C ILE E 566 -27.48 15.43 -42.11
N PRO E 567 -27.00 14.46 -41.35
CA PRO E 567 -25.59 14.46 -40.97
C PRO E 567 -24.69 14.05 -42.12
N TYR E 568 -23.47 14.57 -42.10
CA TYR E 568 -22.46 14.13 -43.04
C TYR E 568 -22.14 12.66 -42.80
N PRO E 569 -21.88 11.87 -43.86
CA PRO E 569 -21.87 12.22 -45.29
C PRO E 569 -23.20 12.03 -46.01
N LEU E 570 -24.30 11.94 -45.28
CA LEU E 570 -25.58 11.68 -45.93
C LEU E 570 -26.11 12.89 -46.67
N ASN E 571 -25.68 14.09 -46.29
CA ASN E 571 -26.22 15.30 -46.91
C ASN E 571 -25.67 15.55 -48.30
N ILE E 572 -24.88 14.64 -48.86
CA ILE E 572 -24.50 14.79 -50.26
C ILE E 572 -25.44 14.00 -51.17
N ILE E 573 -26.07 12.96 -50.64
CA ILE E 573 -27.17 12.31 -51.35
C ILE E 573 -28.51 12.90 -50.93
N ILE E 574 -28.67 13.16 -49.64
CA ILE E 574 -29.86 13.83 -49.13
C ILE E 574 -29.55 15.32 -49.13
N SER E 575 -29.76 15.95 -50.28
CA SER E 575 -29.45 17.37 -50.42
C SER E 575 -30.43 18.22 -49.62
N ARG E 576 -30.26 19.53 -49.71
CA ARG E 576 -31.18 20.44 -49.02
C ARG E 576 -32.46 20.64 -49.84
N THR E 577 -32.36 20.55 -51.16
CA THR E 577 -33.56 20.72 -51.99
C THR E 577 -34.56 19.59 -51.74
N CYS E 578 -34.08 18.35 -51.62
CA CYS E 578 -34.99 17.25 -51.30
C CYS E 578 -35.53 17.38 -49.89
N MET E 579 -34.79 17.99 -48.98
CA MET E 579 -35.33 18.23 -47.65
C MET E 579 -36.41 19.30 -47.68
N ILE E 580 -36.30 20.29 -48.56
CA ILE E 580 -37.36 21.28 -48.69
C ILE E 580 -38.60 20.64 -49.31
N LYS E 581 -38.41 19.79 -50.32
CA LYS E 581 -39.53 19.02 -50.86
C LYS E 581 -40.19 18.17 -49.78
N TYR E 582 -39.36 17.53 -48.94
CA TYR E 582 -39.88 16.80 -47.79
C TYR E 582 -40.74 17.68 -46.89
N GLN E 583 -40.24 18.88 -46.56
CA GLN E 583 -40.99 19.78 -45.70
C GLN E 583 -42.35 20.12 -46.30
N ILE E 584 -42.37 20.50 -47.57
CA ILE E 584 -43.63 20.91 -48.18
C ILE E 584 -44.60 19.74 -48.26
N ILE E 585 -44.12 18.57 -48.66
CA ILE E 585 -45.00 17.41 -48.78
C ILE E 585 -45.57 17.04 -47.42
N LEU E 586 -44.72 17.05 -46.39
CA LEU E 586 -45.19 16.74 -45.05
C LEU E 586 -46.23 17.75 -44.59
N ARG E 587 -46.05 19.02 -44.94
CA ARG E 587 -47.01 20.03 -44.49
C ARG E 587 -48.36 19.85 -45.17
N TYR E 588 -48.36 19.56 -46.47
CA TYR E 588 -49.64 19.32 -47.15
C TYR E 588 -50.30 18.05 -46.66
N GLN E 589 -49.51 16.99 -46.43
CA GLN E 589 -50.04 15.76 -45.88
C GLN E 589 -50.67 16.01 -44.51
N LEU E 590 -49.99 16.80 -43.67
CA LEU E 590 -50.55 17.12 -42.37
C LEU E 590 -51.82 17.93 -42.49
N VAL E 591 -51.90 18.82 -43.47
CA VAL E 591 -53.14 19.57 -43.68
C VAL E 591 -54.29 18.61 -43.97
N LEU E 592 -54.12 17.76 -44.97
CA LEU E 592 -55.20 16.83 -45.33
C LEU E 592 -55.55 15.91 -44.17
N GLN E 593 -54.56 15.42 -43.44
CA GLN E 593 -54.85 14.42 -42.41
C GLN E 593 -55.40 15.08 -41.15
N TYR E 594 -55.00 16.32 -40.89
CA TYR E 594 -55.60 17.11 -39.82
C TYR E 594 -57.08 17.33 -40.08
N HIS E 595 -57.44 17.66 -41.33
CA HIS E 595 -58.86 17.88 -41.59
C HIS E 595 -59.62 16.55 -41.63
N SER E 596 -58.97 15.47 -42.03
CA SER E 596 -59.60 14.16 -41.92
C SER E 596 -59.85 13.79 -40.47
N ARG E 597 -58.90 14.08 -39.59
CA ARG E 597 -59.08 13.83 -38.17
C ARG E 597 -60.20 14.70 -37.61
N LEU E 598 -60.32 15.93 -38.11
CA LEU E 598 -61.44 16.78 -37.71
C LEU E 598 -62.77 16.15 -38.10
N LEU E 599 -62.87 15.64 -39.32
CA LEU E 599 -64.13 15.02 -39.74
C LEU E 599 -64.38 13.70 -39.00
N ASP E 600 -63.31 13.01 -38.60
CA ASP E 600 -63.47 11.83 -37.75
C ASP E 600 -64.06 12.21 -36.40
N GLU E 601 -63.50 13.24 -35.77
CA GLU E 601 -64.02 13.71 -34.49
C GLU E 601 -65.45 14.22 -34.64
N THR E 602 -65.78 14.79 -35.80
CA THR E 602 -67.14 15.27 -36.02
C THR E 602 -68.11 14.11 -36.18
N TRP E 603 -67.67 13.03 -36.82
CA TRP E 603 -68.51 11.83 -36.90
C TRP E 603 -68.72 11.23 -35.51
N MET E 604 -67.66 11.21 -34.70
CA MET E 604 -67.80 10.70 -33.35
C MET E 604 -68.70 11.58 -32.50
N ASP E 605 -68.73 12.88 -32.78
CA ASP E 605 -69.64 13.76 -32.06
C ASP E 605 -71.07 13.60 -32.56
N LEU E 606 -71.25 13.32 -33.85
CA LEU E 606 -72.60 13.16 -34.38
C LEU E 606 -73.19 11.80 -34.02
N ASN E 607 -72.34 10.85 -33.62
CA ASN E 607 -72.86 9.54 -33.29
C ASN E 607 -72.63 9.12 -31.85
N LYS E 608 -71.96 9.94 -31.03
CA LYS E 608 -71.79 9.64 -29.62
C LYS E 608 -72.45 10.65 -28.70
N THR E 609 -72.81 11.82 -29.20
CA THR E 609 -73.48 12.81 -28.38
C THR E 609 -75.00 12.61 -28.49
N PRO E 610 -75.74 12.65 -27.39
CA PRO E 610 -77.18 12.36 -27.47
C PRO E 610 -77.97 13.41 -28.21
N SER E 611 -77.51 14.66 -28.25
CA SER E 611 -78.24 15.73 -28.91
C SER E 611 -78.41 15.52 -30.41
N TRP E 612 -77.79 14.49 -30.98
CA TRP E 612 -77.87 14.24 -32.40
C TRP E 612 -78.64 12.96 -32.75
N LYS E 613 -78.34 11.85 -32.09
CA LYS E 613 -78.98 10.57 -32.36
C LYS E 613 -80.41 10.49 -31.85
N TYR E 614 -80.95 11.58 -31.32
CA TYR E 614 -82.31 11.55 -30.76
C TYR E 614 -83.34 11.64 -31.88
N ARG E 615 -84.51 11.07 -31.64
CA ARG E 615 -85.59 11.03 -32.63
C ARG E 615 -86.74 11.91 -32.17
N GLY E 616 -87.19 12.80 -33.05
CA GLY E 616 -88.19 13.78 -32.70
C GLY E 616 -87.99 15.10 -33.43
N TYR E 617 -87.85 16.18 -32.68
CA TYR E 617 -87.45 17.50 -33.20
C TYR E 617 -88.57 18.18 -33.99
N SER E 618 -89.78 17.63 -33.91
CA SER E 618 -90.98 18.25 -34.47
C SER E 618 -90.90 18.42 -35.99
N HIS E 619 -90.12 17.55 -36.65
CA HIS E 619 -90.06 17.50 -38.12
C HIS E 619 -89.63 18.83 -38.73
N THR E 620 -88.94 19.67 -37.95
CA THR E 620 -88.34 20.88 -38.49
C THR E 620 -86.84 20.92 -38.20
N VAL E 621 -86.40 20.42 -37.05
CA VAL E 621 -84.98 20.28 -36.80
C VAL E 621 -84.46 18.97 -37.36
N LYS E 622 -85.18 17.88 -37.11
CA LYS E 622 -84.76 16.55 -37.55
C LYS E 622 -84.46 16.49 -39.04
N ARG E 623 -85.29 17.16 -39.84
CA ARG E 623 -85.11 17.13 -41.29
C ARG E 623 -84.32 18.31 -41.83
N ARG E 624 -84.68 19.54 -41.49
CA ARG E 624 -84.02 20.71 -42.06
C ARG E 624 -82.72 21.08 -41.38
N ILE E 625 -82.40 20.47 -40.25
CA ILE E 625 -81.17 20.74 -39.51
C ILE E 625 -80.34 19.49 -39.32
N VAL E 626 -80.90 18.48 -38.65
CA VAL E 626 -80.16 17.24 -38.40
C VAL E 626 -79.80 16.57 -39.72
N ARG E 627 -80.80 16.29 -40.56
CA ARG E 627 -80.54 15.62 -41.83
C ARG E 627 -79.65 16.47 -42.73
N ALA E 628 -79.85 17.79 -42.72
CA ALA E 628 -79.01 18.68 -43.52
C ALA E 628 -77.55 18.58 -43.12
N THR E 629 -77.27 18.77 -41.83
CA THR E 629 -75.90 18.67 -41.33
C THR E 629 -75.31 17.28 -41.60
N ARG E 630 -76.13 16.23 -41.47
CA ARG E 630 -75.61 14.89 -41.68
C ARG E 630 -75.23 14.65 -43.13
N VAL E 631 -76.07 15.08 -44.07
CA VAL E 631 -75.73 14.93 -45.48
C VAL E 631 -74.51 15.78 -45.84
N LEU E 632 -74.44 17.00 -45.30
CA LEU E 632 -73.31 17.87 -45.62
C LEU E 632 -72.01 17.30 -45.08
N HIS E 633 -72.02 16.81 -43.84
CA HIS E 633 -70.84 16.18 -43.26
C HIS E 633 -70.49 14.89 -44.00
N ALA E 634 -71.50 14.17 -44.49
CA ALA E 634 -71.22 12.96 -45.24
C ALA E 634 -70.49 13.28 -46.53
N LYS E 635 -70.93 14.31 -47.24
CA LYS E 635 -70.26 14.68 -48.49
C LYS E 635 -68.89 15.31 -48.20
N MET E 636 -68.75 15.98 -47.06
CA MET E 636 -67.44 16.46 -46.64
C MET E 636 -66.48 15.31 -46.40
N ASN E 637 -66.94 14.28 -45.69
CA ASN E 637 -66.14 13.09 -45.47
C ASN E 637 -65.76 12.43 -46.79
N HIS E 638 -66.73 12.30 -47.69
CA HIS E 638 -66.46 11.74 -49.01
C HIS E 638 -65.36 12.53 -49.72
N PHE E 639 -65.50 13.86 -49.77
CA PHE E 639 -64.53 14.69 -50.48
C PHE E 639 -63.13 14.55 -49.86
N ILE E 640 -63.04 14.75 -48.55
CA ILE E 640 -61.72 14.73 -47.90
C ILE E 640 -61.07 13.35 -48.03
N LYS E 641 -61.81 12.29 -47.71
CA LYS E 641 -61.22 10.96 -47.77
C LYS E 641 -60.85 10.58 -49.20
N THR E 642 -61.64 11.02 -50.18
CA THR E 642 -61.31 10.70 -51.57
C THR E 642 -60.10 11.48 -52.05
N ILE E 643 -59.98 12.75 -51.65
CA ILE E 643 -58.80 13.53 -51.98
C ILE E 643 -57.55 12.88 -51.40
N MET E 644 -57.63 12.47 -50.13
CA MET E 644 -56.48 11.82 -49.50
C MET E 644 -56.16 10.50 -50.19
N GLU E 645 -57.19 9.73 -50.55
CA GLU E 645 -57.00 8.48 -51.26
C GLU E 645 -56.28 8.70 -52.58
N TYR E 646 -56.85 9.53 -53.46
CA TYR E 646 -56.19 9.85 -54.72
C TYR E 646 -54.76 10.29 -54.50
N PHE E 647 -54.57 11.37 -53.73
CA PHE E 647 -53.24 11.92 -53.56
C PHE E 647 -52.26 10.85 -53.12
N ASN E 648 -52.49 10.24 -51.97
CA ASN E 648 -51.53 9.27 -51.47
C ASN E 648 -51.35 8.09 -52.42
N GLN E 649 -52.42 7.34 -52.70
CA GLN E 649 -52.29 6.12 -53.51
C GLN E 649 -51.64 6.39 -54.86
N ASN E 650 -52.05 7.44 -55.57
CA ASN E 650 -51.62 7.63 -56.94
C ASN E 650 -50.56 8.70 -57.11
N VAL E 651 -49.98 9.21 -56.02
CA VAL E 651 -48.78 10.02 -56.15
C VAL E 651 -47.70 9.50 -55.22
N ILE E 652 -48.00 9.45 -53.92
CA ILE E 652 -46.97 9.14 -52.93
C ILE E 652 -46.58 7.68 -53.03
N ASP E 653 -47.56 6.79 -53.15
CA ASP E 653 -47.26 5.37 -53.34
C ASP E 653 -46.47 5.16 -54.63
N LYS E 654 -46.90 5.77 -55.73
CA LYS E 654 -46.17 5.66 -56.99
C LYS E 654 -44.71 6.06 -56.82
N GLU E 655 -44.46 7.22 -56.21
CA GLU E 655 -43.09 7.71 -56.15
C GLU E 655 -42.24 6.94 -55.15
N VAL E 656 -42.80 6.56 -54.00
CA VAL E 656 -42.07 5.72 -53.06
C VAL E 656 -41.74 4.38 -53.68
N TYR E 657 -42.67 3.83 -54.46
CA TYR E 657 -42.44 2.55 -55.13
C TYR E 657 -41.35 2.67 -56.18
N SER E 658 -41.37 3.76 -56.94
CA SER E 658 -40.33 3.98 -57.95
C SER E 658 -38.96 4.17 -57.29
N LEU E 659 -38.90 4.90 -56.18
CA LEU E 659 -37.64 5.08 -55.48
C LEU E 659 -37.12 3.76 -54.93
N GLU E 660 -37.99 2.97 -54.30
CA GLU E 660 -37.58 1.64 -53.84
C GLU E 660 -37.11 0.79 -55.00
N LYS E 661 -37.74 0.94 -56.17
CA LYS E 661 -37.28 0.24 -57.37
C LYS E 661 -35.92 0.72 -57.82
N CYS E 662 -35.59 1.99 -57.54
CA CYS E 662 -34.33 2.55 -58.02
C CYS E 662 -33.12 1.91 -57.35
N TYR E 663 -33.13 1.79 -56.03
CA TYR E 663 -31.99 1.20 -55.35
C TYR E 663 -32.06 -0.32 -55.27
N ARG E 664 -32.81 -0.94 -56.18
CA ARG E 664 -32.72 -2.39 -56.41
C ARG E 664 -31.45 -2.63 -57.22
N ASN E 665 -30.33 -2.73 -56.50
CA ASN E 665 -28.99 -2.81 -57.08
C ASN E 665 -28.73 -1.64 -58.02
N PRO E 666 -28.56 -0.43 -57.49
CA PRO E 666 -28.18 0.70 -58.34
C PRO E 666 -26.68 0.71 -58.61
N THR E 667 -26.27 1.65 -59.46
CA THR E 667 -24.88 1.74 -59.87
C THR E 667 -24.27 3.14 -59.79
N LEU E 668 -25.08 4.18 -59.64
CA LEU E 668 -24.59 5.55 -59.64
C LEU E 668 -25.29 6.35 -58.57
N ALA E 669 -24.50 7.02 -57.72
CA ALA E 669 -25.09 7.89 -56.71
C ALA E 669 -25.84 9.04 -57.36
N VAL E 670 -25.40 9.47 -58.54
CA VAL E 670 -26.13 10.50 -59.26
C VAL E 670 -27.49 9.98 -59.70
N ALA E 671 -27.58 8.69 -60.05
CA ALA E 671 -28.87 8.12 -60.42
C ALA E 671 -29.79 8.05 -59.22
N ILE E 672 -29.26 7.72 -58.05
CA ILE E 672 -30.08 7.65 -56.85
C ILE E 672 -30.60 9.04 -56.49
N GLN E 673 -29.72 10.04 -56.49
CA GLN E 673 -30.15 11.40 -56.21
C GLN E 673 -31.17 11.87 -57.24
N ASN E 674 -30.94 11.56 -58.52
CA ASN E 674 -31.84 12.03 -59.56
C ASN E 674 -33.22 11.39 -59.43
N GLU E 675 -33.27 10.12 -59.05
CA GLU E 675 -34.57 9.47 -58.88
C GLU E 675 -35.28 9.99 -57.63
N LEU E 676 -34.55 10.19 -56.54
CA LEU E 676 -35.17 10.76 -55.35
C LEU E 676 -35.77 12.12 -55.65
N GLU E 677 -34.97 13.02 -56.24
CA GLU E 677 -35.45 14.37 -56.51
C GLU E 677 -36.56 14.35 -57.56
N GLY E 678 -36.46 13.49 -58.57
CA GLY E 678 -37.52 13.43 -59.57
C GLY E 678 -38.81 12.89 -59.02
N GLY E 679 -38.72 11.96 -58.06
CA GLY E 679 -39.92 11.50 -57.39
C GLY E 679 -40.57 12.60 -56.58
N LEU E 680 -39.79 13.30 -55.77
CA LEU E 680 -40.34 14.40 -54.99
C LEU E 680 -40.86 15.52 -55.88
N THR E 681 -40.34 15.62 -57.11
CA THR E 681 -40.82 16.64 -58.03
C THR E 681 -42.10 16.21 -58.71
N ASN E 682 -42.19 14.93 -59.08
CA ASN E 682 -43.46 14.38 -59.55
C ASN E 682 -44.54 14.57 -58.50
N ILE E 683 -44.18 14.53 -57.23
CA ILE E 683 -45.15 14.80 -56.18
C ILE E 683 -45.46 16.29 -56.11
N MET E 684 -44.42 17.13 -56.07
CA MET E 684 -44.60 18.57 -55.82
C MET E 684 -45.42 19.26 -56.90
N THR E 685 -45.52 18.66 -58.08
CA THR E 685 -46.20 19.30 -59.20
C THR E 685 -47.44 18.54 -59.64
N ASN E 686 -48.03 17.73 -58.76
CA ASN E 686 -49.32 17.12 -59.05
C ASN E 686 -50.43 18.13 -58.80
N ARG E 687 -51.56 17.92 -59.49
CA ARG E 687 -52.69 18.86 -59.41
C ARG E 687 -53.07 19.20 -57.97
N CYS E 688 -53.11 18.20 -57.09
CA CYS E 688 -53.45 18.46 -55.69
C CYS E 688 -52.46 19.40 -55.01
N LEU E 689 -51.30 19.64 -55.62
CA LEU E 689 -50.35 20.62 -55.11
C LEU E 689 -50.12 21.78 -56.06
N SER E 690 -50.34 21.59 -57.36
CA SER E 690 -50.10 22.67 -58.31
C SER E 690 -51.37 23.43 -58.65
N ASP E 691 -52.38 22.75 -59.20
CA ASP E 691 -53.50 23.43 -59.83
C ASP E 691 -54.61 23.80 -58.88
N LEU E 692 -54.80 23.05 -57.79
CA LEU E 692 -56.01 23.16 -56.99
C LEU E 692 -55.76 23.60 -55.56
N ILE E 693 -54.57 24.10 -55.23
CA ILE E 693 -54.28 24.51 -53.86
C ILE E 693 -55.24 25.58 -53.35
N PRO E 694 -55.55 26.65 -54.11
CA PRO E 694 -56.51 27.64 -53.57
C PRO E 694 -57.90 27.08 -53.32
N LEU E 695 -58.44 26.28 -54.24
CA LEU E 695 -59.74 25.65 -54.03
C LEU E 695 -59.73 24.68 -52.85
N GLN E 696 -58.65 23.92 -52.70
CA GLN E 696 -58.51 23.06 -51.52
C GLN E 696 -58.46 23.88 -50.24
N LEU E 697 -57.78 25.03 -50.26
CA LEU E 697 -57.77 25.90 -49.09
C LEU E 697 -59.15 26.43 -48.78
N GLN E 698 -59.92 26.79 -49.81
CA GLN E 698 -61.29 27.24 -49.61
C GLN E 698 -62.12 26.14 -48.95
N ILE E 699 -62.05 24.92 -49.48
CA ILE E 699 -62.77 23.80 -48.90
C ILE E 699 -62.31 23.53 -47.47
N PHE E 700 -61.02 23.69 -47.20
CA PHE E 700 -60.50 23.43 -45.86
C PHE E 700 -61.01 24.46 -44.87
N ASP E 701 -61.10 25.72 -45.29
CA ASP E 701 -61.70 26.73 -44.43
C ASP E 701 -63.17 26.42 -44.18
N ILE E 702 -63.89 26.00 -45.23
CA ILE E 702 -65.29 25.59 -45.06
C ILE E 702 -65.39 24.46 -44.05
N VAL E 703 -64.46 23.49 -44.12
CA VAL E 703 -64.51 22.33 -43.24
C VAL E 703 -64.21 22.74 -41.81
N TYR E 704 -63.23 23.62 -41.61
CA TYR E 704 -62.88 24.06 -40.26
C TYR E 704 -64.05 24.84 -39.64
N LYS E 705 -64.68 25.70 -40.43
CA LYS E 705 -65.85 26.43 -39.94
C LYS E 705 -67.00 25.48 -39.64
N PHE E 706 -67.20 24.45 -40.47
CA PHE E 706 -68.25 23.49 -40.19
C PHE E 706 -67.94 22.66 -38.96
N CYS E 707 -66.67 22.42 -38.68
CA CYS E 707 -66.30 21.66 -37.48
C CYS E 707 -66.56 22.47 -36.22
N LYS E 708 -66.15 23.73 -36.20
CA LYS E 708 -66.49 24.57 -35.03
C LYS E 708 -68.00 24.78 -34.95
N PHE E 709 -68.67 24.78 -36.11
CA PHE E 709 -70.13 24.84 -36.18
C PHE E 709 -70.75 23.67 -35.43
N ILE E 710 -70.26 22.45 -35.69
CA ILE E 710 -70.75 21.28 -34.99
C ILE E 710 -70.37 21.32 -33.52
N LYS E 711 -69.18 21.85 -33.21
CA LYS E 711 -68.77 21.94 -31.82
C LYS E 711 -69.70 22.83 -31.01
N SER E 712 -70.20 23.90 -31.64
CA SER E 712 -71.16 24.77 -30.96
C SER E 712 -72.55 24.13 -30.92
N MET E 713 -72.94 23.46 -32.01
CA MET E 713 -74.28 22.87 -32.06
C MET E 713 -74.44 21.73 -31.06
N ARG E 714 -73.36 20.99 -30.78
CA ARG E 714 -73.45 19.89 -29.82
C ARG E 714 -73.97 20.39 -28.48
N ALA E 715 -73.66 21.64 -28.14
CA ALA E 715 -74.20 22.25 -26.92
C ALA E 715 -75.50 22.99 -27.16
N LYS E 716 -75.67 23.61 -28.33
CA LYS E 716 -76.83 24.49 -28.54
C LYS E 716 -78.10 23.74 -28.91
N LEU E 717 -78.01 22.65 -29.67
CA LEU E 717 -79.20 21.93 -30.11
C LEU E 717 -80.04 21.40 -28.98
N CYS E 718 -79.43 21.16 -27.81
CA CYS E 718 -80.18 20.69 -26.65
C CYS E 718 -81.31 21.64 -26.25
N GLN E 719 -81.25 22.90 -26.68
CA GLN E 719 -82.24 23.90 -26.34
C GLN E 719 -83.45 23.87 -27.27
N LEU E 720 -83.68 22.76 -27.97
CA LEU E 720 -84.79 22.67 -28.91
C LEU E 720 -85.71 21.48 -28.63
N ASP E 721 -85.25 20.53 -27.90
CA ASP E 721 -85.79 19.30 -27.37
C ASP E 721 -86.12 19.48 -25.89
N PRO E 722 -87.23 18.88 -25.40
CA PRO E 722 -87.59 19.04 -23.98
C PRO E 722 -86.47 18.71 -23.00
N VAL E 723 -85.38 18.15 -23.50
CA VAL E 723 -84.20 17.90 -22.67
C VAL E 723 -83.62 19.20 -22.14
N LEU E 724 -83.88 20.34 -22.80
CA LEU E 724 -83.25 21.60 -22.41
C LEU E 724 -83.52 21.96 -20.95
N TYR E 725 -84.55 21.39 -20.33
CA TYR E 725 -84.85 21.65 -18.93
C TYR E 725 -83.81 21.09 -17.97
N GLU E 726 -82.71 20.54 -18.46
CA GLU E 726 -81.74 19.91 -17.57
C GLU E 726 -81.00 20.95 -16.75
N GLY E 751 -86.70 31.65 -23.91
CA GLY E 751 -86.73 30.93 -22.65
C GLY E 751 -86.88 29.44 -22.82
N TYR E 752 -87.83 28.85 -22.10
CA TYR E 752 -88.06 27.40 -22.15
C TYR E 752 -88.85 27.09 -23.40
N GLN E 753 -88.12 26.80 -24.48
CA GLN E 753 -88.72 26.45 -25.78
C GLN E 753 -89.73 27.50 -26.24
N GLU E 754 -89.40 28.76 -26.04
CA GLU E 754 -90.22 29.88 -26.50
C GLU E 754 -89.97 30.15 -27.98
N ASP E 755 -90.46 31.29 -28.45
CA ASP E 755 -90.18 31.71 -29.82
C ASP E 755 -88.68 31.90 -30.05
N ALA E 756 -87.93 32.13 -28.97
CA ALA E 756 -86.47 32.16 -29.08
C ALA E 756 -85.93 30.83 -29.60
N ALA E 757 -86.63 29.74 -29.32
CA ALA E 757 -86.26 28.46 -29.93
C ALA E 757 -86.42 28.50 -31.44
N LEU E 758 -87.49 29.13 -31.94
CA LEU E 758 -87.65 29.26 -33.39
C LEU E 758 -86.60 30.21 -33.97
N GLU E 759 -86.21 31.24 -33.22
CA GLU E 759 -85.12 32.10 -33.67
C GLU E 759 -83.84 31.29 -33.81
N LEU E 760 -83.53 30.48 -32.80
CA LEU E 760 -82.40 29.54 -32.89
C LEU E 760 -82.53 28.65 -34.12
N ILE E 761 -83.73 28.10 -34.36
CA ILE E 761 -83.93 27.20 -35.50
C ILE E 761 -83.60 27.92 -36.81
N GLN E 762 -84.09 29.15 -36.96
CA GLN E 762 -83.88 29.85 -38.21
C GLN E 762 -82.43 30.26 -38.38
N LYS E 763 -81.75 30.61 -37.28
CA LYS E 763 -80.33 30.91 -37.37
C LYS E 763 -79.53 29.67 -37.79
N LEU E 764 -79.83 28.51 -37.19
CA LEU E 764 -79.17 27.28 -37.62
C LEU E 764 -79.44 26.99 -39.08
N ILE E 765 -80.69 27.17 -39.52
CA ILE E 765 -81.03 26.82 -40.89
C ILE E 765 -80.35 27.74 -41.88
N GLU E 766 -80.22 29.03 -41.56
CA GLU E 766 -79.53 29.93 -42.47
C GLU E 766 -78.04 29.66 -42.49
N TYR E 767 -77.44 29.37 -41.33
CA TYR E 767 -76.03 28.95 -41.30
C TYR E 767 -75.82 27.72 -42.18
N ILE E 768 -76.68 26.71 -42.04
CA ILE E 768 -76.55 25.48 -42.80
C ILE E 768 -76.74 25.73 -44.29
N SER E 769 -77.66 26.63 -44.64
CA SER E 769 -77.89 26.90 -46.06
C SER E 769 -76.70 27.62 -46.68
N ASN E 770 -76.14 28.61 -45.99
CA ASN E 770 -74.91 29.24 -46.48
C ASN E 770 -73.79 28.22 -46.62
N ALA E 771 -73.61 27.35 -45.62
CA ALA E 771 -72.56 26.35 -45.67
C ALA E 771 -72.72 25.44 -46.87
N SER E 772 -73.92 24.87 -47.05
CA SER E 772 -74.15 23.97 -48.18
C SER E 772 -74.01 24.69 -49.51
N SER E 773 -74.42 25.95 -49.58
CA SER E 773 -74.30 26.71 -50.82
C SER E 773 -72.83 26.88 -51.20
N ILE E 774 -72.02 27.40 -50.29
CA ILE E 774 -70.61 27.58 -50.59
C ILE E 774 -69.93 26.25 -50.87
N PHE E 775 -70.36 25.18 -50.19
CA PHE E 775 -69.72 23.90 -50.37
C PHE E 775 -70.01 23.33 -51.76
N ARG E 776 -71.27 23.37 -52.19
CA ARG E 776 -71.57 22.89 -53.53
C ARG E 776 -70.97 23.80 -54.59
N LYS E 777 -70.87 25.09 -54.30
CA LYS E 777 -70.20 26.01 -55.22
C LYS E 777 -68.74 25.60 -55.43
N CYS E 778 -68.04 25.30 -54.33
CA CYS E 778 -66.64 24.91 -54.44
C CYS E 778 -66.49 23.52 -55.05
N LEU E 779 -67.48 22.65 -54.84
CA LEU E 779 -67.44 21.34 -55.49
C LEU E 779 -67.60 21.47 -57.00
N ILE E 780 -68.47 22.35 -57.46
CA ILE E 780 -68.58 22.58 -58.89
C ILE E 780 -67.33 23.27 -59.42
N ASN E 781 -66.71 24.12 -58.60
CA ASN E 781 -65.40 24.68 -58.97
C ASN E 781 -64.39 23.57 -59.20
N PHE E 782 -64.33 22.60 -58.29
CA PHE E 782 -63.43 21.46 -58.45
C PHE E 782 -63.74 20.70 -59.72
N THR E 783 -65.02 20.44 -59.99
CA THR E 783 -65.39 19.72 -61.20
C THR E 783 -64.94 20.47 -62.45
N GLN E 784 -65.13 21.80 -62.47
CA GLN E 784 -64.73 22.59 -63.63
C GLN E 784 -63.21 22.59 -63.80
N GLU E 785 -62.46 22.72 -62.71
CA GLU E 785 -61.02 22.76 -62.78
C GLU E 785 -60.40 21.38 -62.90
N LEU E 786 -61.20 20.32 -62.86
CA LEU E 786 -60.70 18.96 -63.02
C LEU E 786 -61.02 18.37 -64.38
N SER E 787 -62.26 18.52 -64.86
CA SER E 787 -62.67 17.82 -66.07
C SER E 787 -62.03 18.37 -67.34
N THR E 788 -61.56 19.63 -67.31
CA THR E 788 -61.08 20.28 -68.52
C THR E 788 -59.56 20.18 -68.71
N GLU E 789 -58.86 19.46 -67.85
CA GLU E 789 -57.42 19.32 -67.96
C GLU E 789 -57.04 17.91 -68.39
N LYS E 790 -55.92 17.83 -69.12
CA LYS E 790 -55.42 16.56 -69.63
C LYS E 790 -54.55 15.87 -68.58
N PHE E 791 -54.98 14.68 -68.17
CA PHE E 791 -54.24 13.88 -67.20
C PHE E 791 -53.57 12.69 -67.86
N ALA E 801 -55.55 9.49 -65.51
CA ALA E 801 -56.95 9.84 -65.26
C ALA E 801 -57.63 8.78 -64.37
N ALA E 802 -56.83 8.03 -63.60
CA ALA E 802 -57.40 6.97 -62.79
C ALA E 802 -58.05 7.51 -61.52
N GLY E 803 -57.23 8.04 -60.62
CA GLY E 803 -57.75 8.63 -59.40
C GLY E 803 -58.41 9.97 -59.61
N ILE E 804 -58.07 10.64 -60.69
CA ILE E 804 -58.80 11.83 -61.12
C ILE E 804 -60.26 11.51 -61.35
N GLU E 805 -60.55 10.50 -62.19
CA GLU E 805 -61.91 10.06 -62.37
C GLU E 805 -62.51 9.54 -61.07
N ARG E 806 -61.69 8.92 -60.22
CA ARG E 806 -62.19 8.52 -58.90
C ARG E 806 -62.77 9.71 -58.14
N VAL E 807 -61.99 10.79 -58.00
CA VAL E 807 -62.46 11.96 -57.27
C VAL E 807 -63.64 12.60 -57.99
N LEU E 808 -63.61 12.62 -59.33
CA LEU E 808 -64.71 13.18 -60.09
C LEU E 808 -66.02 12.49 -59.72
N TYR E 809 -66.05 11.15 -59.83
CA TYR E 809 -67.23 10.41 -59.42
C TYR E 809 -67.57 10.67 -57.96
N SER E 810 -66.55 10.86 -57.12
CA SER E 810 -66.81 11.10 -55.71
C SER E 810 -67.35 12.50 -55.43
N ILE E 811 -67.37 13.39 -56.42
CA ILE E 811 -68.01 14.70 -56.26
C ILE E 811 -69.04 15.01 -57.33
N VAL E 812 -69.35 14.08 -58.23
CA VAL E 812 -70.39 14.28 -59.23
C VAL E 812 -71.66 13.61 -58.71
N PRO E 813 -72.81 14.27 -58.78
CA PRO E 813 -74.06 13.65 -58.30
C PRO E 813 -74.71 12.82 -59.39
N PRO E 814 -75.22 11.63 -59.04
CA PRO E 814 -75.92 10.75 -59.98
C PRO E 814 -77.40 11.13 -60.15
N SER F 163 48.88 27.55 -92.12
CA SER F 163 47.73 28.07 -91.39
C SER F 163 47.43 27.23 -90.16
N SER F 164 48.43 26.50 -89.68
CA SER F 164 48.25 25.64 -88.51
C SER F 164 48.10 26.44 -87.21
N VAL F 165 48.20 27.77 -87.26
CA VAL F 165 48.01 28.56 -86.06
C VAL F 165 46.52 28.66 -85.74
N THR F 166 46.16 28.22 -84.53
CA THR F 166 44.77 28.29 -84.11
C THR F 166 44.39 29.74 -83.82
N LEU F 167 43.08 29.98 -83.74
CA LEU F 167 42.61 31.33 -83.46
C LEU F 167 42.98 31.77 -82.06
N ARG F 168 43.17 30.83 -81.13
CA ARG F 168 43.65 31.20 -79.80
C ARG F 168 45.05 31.79 -79.87
N GLN F 169 45.93 31.19 -80.68
CA GLN F 169 47.28 31.72 -80.80
C GLN F 169 47.31 33.01 -81.58
N LEU F 170 46.28 33.26 -82.40
CA LEU F 170 46.18 34.54 -83.08
C LEU F 170 45.66 35.61 -82.15
N SER F 171 44.82 35.21 -81.18
CA SER F 171 44.24 36.18 -80.26
C SER F 171 45.19 36.53 -79.12
N ASN F 172 46.04 35.57 -78.72
CA ASN F 172 46.91 35.72 -77.56
C ASN F 172 47.75 36.99 -77.55
N PRO F 173 48.46 37.35 -78.64
CA PRO F 173 49.36 38.51 -78.57
C PRO F 173 48.70 39.81 -78.15
N TYR F 174 47.38 39.92 -78.27
CA TYR F 174 46.67 41.10 -77.82
C TYR F 174 46.25 41.00 -76.35
N TYR F 175 46.28 39.80 -75.78
CA TYR F 175 45.96 39.59 -74.37
C TYR F 175 47.16 39.06 -73.60
N VAL F 176 48.36 39.60 -73.86
CA VAL F 176 49.55 39.16 -73.14
C VAL F 176 49.75 39.94 -71.86
N ASN F 177 49.19 41.15 -71.77
CA ASN F 177 49.22 41.93 -70.54
C ASN F 177 48.11 41.52 -69.58
N THR F 178 47.51 40.35 -69.79
CA THR F 178 46.49 39.82 -68.92
C THR F 178 46.97 38.51 -68.29
N ILE F 179 46.25 38.06 -67.29
CA ILE F 179 46.63 36.83 -66.60
C ILE F 179 46.30 35.64 -67.50
N PRO F 180 47.27 34.77 -67.80
CA PRO F 180 46.95 33.57 -68.59
C PRO F 180 45.93 32.70 -67.90
N GLU F 181 45.20 31.93 -68.71
CA GLU F 181 44.06 31.17 -68.19
C GLU F 181 44.50 30.11 -67.19
N GLU F 182 45.70 29.55 -67.36
CA GLU F 182 46.13 28.45 -66.50
C GLU F 182 46.41 28.92 -65.09
N ASP F 183 46.98 30.13 -64.94
CA ASP F 183 47.19 30.66 -63.61
C ASP F 183 45.86 31.05 -62.96
N ILE F 184 44.95 31.63 -63.74
CA ILE F 184 43.61 31.88 -63.23
C ILE F 184 43.01 30.60 -62.69
N LEU F 185 43.22 29.48 -63.39
CA LEU F 185 42.67 28.21 -62.93
C LEU F 185 43.35 27.73 -61.65
N LYS F 186 44.68 27.84 -61.61
CA LYS F 186 45.41 27.45 -60.41
C LYS F 186 44.89 28.16 -59.17
N TYR F 187 44.64 29.47 -59.27
CA TYR F 187 44.18 30.21 -58.10
C TYR F 187 42.67 30.09 -57.88
N VAL F 188 41.88 29.83 -58.93
CA VAL F 188 40.46 29.58 -58.74
C VAL F 188 40.25 28.29 -57.98
N SER F 189 41.16 27.33 -58.15
CA SER F 189 41.14 26.13 -57.33
C SER F 189 40.97 26.44 -55.86
N TYR F 190 41.67 27.45 -55.37
CA TYR F 190 41.54 27.84 -53.96
C TYR F 190 40.36 28.79 -53.74
N THR F 191 40.13 29.73 -54.67
CA THR F 191 39.09 30.72 -54.45
C THR F 191 37.71 30.08 -54.37
N LEU F 192 37.50 28.95 -55.06
CA LEU F 192 36.24 28.23 -54.96
C LEU F 192 35.98 27.69 -53.56
N LEU F 193 37.02 27.52 -52.73
CA LEU F 193 36.89 27.02 -51.38
C LEU F 193 36.93 28.14 -50.35
N ALA F 194 36.66 29.37 -50.75
CA ALA F 194 36.53 30.50 -49.83
C ALA F 194 37.84 30.84 -49.14
N THR F 195 38.95 30.62 -49.84
CA THR F 195 40.26 30.97 -49.34
C THR F 195 40.85 32.12 -50.15
N THR F 196 41.83 32.80 -49.55
CA THR F 196 42.53 33.88 -50.21
C THR F 196 43.68 33.32 -51.03
N SER F 197 44.34 34.17 -51.80
CA SER F 197 45.47 33.75 -52.61
C SER F 197 46.24 34.98 -53.07
N ALA F 198 47.33 34.73 -53.80
CA ALA F 198 48.14 35.84 -54.30
C ALA F 198 47.48 36.52 -55.49
N LEU F 199 46.59 35.81 -56.18
CA LEU F 199 45.93 36.37 -57.35
C LEU F 199 44.58 36.96 -57.03
N PHE F 200 43.74 36.22 -56.31
CA PHE F 200 42.41 36.69 -55.91
C PHE F 200 42.44 36.94 -54.41
N PRO F 201 42.83 38.13 -53.99
CA PRO F 201 42.99 38.38 -52.56
C PRO F 201 41.63 38.44 -51.87
N PHE F 202 41.09 37.26 -51.55
CA PHE F 202 39.78 37.14 -50.95
C PHE F 202 39.71 37.97 -49.68
N ASP F 203 38.91 39.04 -49.72
CA ASP F 203 38.76 40.02 -48.66
C ASP F 203 37.79 39.49 -47.61
N HIS F 204 37.33 40.40 -46.75
CA HIS F 204 36.33 40.10 -45.72
C HIS F 204 35.20 39.24 -46.29
N GLU F 205 34.49 39.78 -47.28
CA GLU F 205 33.49 39.04 -48.03
C GLU F 205 33.55 39.41 -49.51
N GLN F 206 34.74 39.73 -50.01
CA GLN F 206 34.96 40.16 -51.37
C GLN F 206 36.19 39.45 -51.92
N ILE F 207 36.27 39.33 -53.24
CA ILE F 207 37.33 38.54 -53.83
C ILE F 207 38.34 39.40 -54.59
N GLN F 208 38.03 40.68 -54.81
CA GLN F 208 39.01 41.62 -55.35
C GLN F 208 39.68 41.14 -56.62
N ILE F 209 38.92 40.99 -57.70
CA ILE F 209 39.48 40.51 -58.96
C ILE F 209 40.51 41.51 -59.46
N PRO F 210 41.70 41.06 -59.88
CA PRO F 210 42.76 42.00 -60.25
C PRO F 210 42.40 42.82 -61.48
N SER F 211 43.29 43.75 -61.83
CA SER F 211 43.05 44.59 -63.00
C SER F 211 43.57 43.96 -64.27
N LYS F 212 44.40 42.92 -64.18
CA LYS F 212 44.89 42.21 -65.34
C LYS F 212 43.92 41.15 -65.84
N ILE F 213 42.66 41.21 -65.45
CA ILE F 213 41.65 40.24 -65.86
C ILE F 213 40.54 41.02 -66.56
N PRO F 214 40.38 40.89 -67.87
CA PRO F 214 39.44 41.75 -68.60
C PRO F 214 38.01 41.46 -68.23
N ASN F 215 37.10 42.28 -68.77
CA ASN F 215 35.71 42.27 -68.33
C ASN F 215 35.00 40.96 -68.67
N PHE F 216 35.46 40.25 -69.70
CA PHE F 216 34.82 38.98 -70.03
C PHE F 216 35.27 37.88 -69.09
N GLU F 217 36.59 37.74 -68.91
CA GLU F 217 37.07 36.84 -67.86
C GLU F 217 36.58 37.27 -66.49
N SER F 218 36.43 38.56 -66.26
CA SER F 218 35.92 39.02 -64.97
C SER F 218 34.47 38.60 -64.78
N GLY F 219 33.65 38.72 -65.82
CA GLY F 219 32.27 38.26 -65.70
C GLY F 219 32.17 36.77 -65.48
N LEU F 220 32.97 36.00 -66.21
CA LEU F 220 32.98 34.56 -66.01
C LEU F 220 33.46 34.20 -64.61
N LEU F 221 34.42 34.97 -64.08
CA LEU F 221 34.90 34.72 -62.73
C LEU F 221 33.89 35.12 -61.68
N HIS F 222 33.07 36.13 -61.96
CA HIS F 222 31.96 36.43 -61.06
C HIS F 222 30.98 35.27 -61.02
N LEU F 223 30.61 34.77 -62.18
CA LEU F 223 29.73 33.60 -62.24
C LEU F 223 30.32 32.42 -61.48
N ILE F 224 31.62 32.18 -61.62
CA ILE F 224 32.25 31.05 -60.96
C ILE F 224 32.36 31.27 -59.46
N PHE F 225 32.82 32.46 -59.05
CA PHE F 225 33.04 32.79 -57.65
C PHE F 225 31.75 32.98 -56.88
N GLU F 226 30.61 33.02 -57.57
CA GLU F 226 29.35 32.88 -56.83
C GLU F 226 29.39 31.64 -55.94
N ALA F 227 29.99 30.55 -56.44
CA ALA F 227 30.08 29.33 -55.64
C ALA F 227 31.00 29.51 -54.45
N GLY F 228 32.12 30.21 -54.63
CA GLY F 228 33.02 30.43 -53.51
C GLY F 228 32.40 31.30 -52.44
N LEU F 229 31.72 32.38 -52.84
CA LEU F 229 31.06 33.26 -51.88
C LEU F 229 29.92 32.56 -51.18
N LEU F 230 29.17 31.72 -51.90
CA LEU F 230 28.09 30.95 -51.27
C LEU F 230 28.66 29.93 -50.29
N TYR F 231 29.76 29.29 -50.65
CA TYR F 231 30.44 28.38 -49.74
C TYR F 231 30.92 29.11 -48.50
N GLN F 232 31.43 30.32 -48.66
CA GLN F 232 31.87 31.10 -47.51
C GLN F 232 30.69 31.44 -46.61
N SER F 233 29.58 31.91 -47.18
CA SER F 233 28.43 32.29 -46.38
C SER F 233 27.85 31.09 -45.65
N LEU F 234 27.77 29.94 -46.32
CA LEU F 234 27.23 28.75 -45.68
C LEU F 234 28.18 28.23 -44.60
N GLY F 235 29.49 28.34 -44.83
CA GLY F 235 30.43 27.97 -43.79
C GLY F 235 30.34 28.88 -42.58
N TYR F 236 30.11 30.18 -42.83
CA TYR F 236 29.89 31.11 -41.73
C TYR F 236 28.64 30.74 -40.94
N LYS F 237 27.55 30.42 -41.65
CA LYS F 237 26.34 29.96 -40.96
C LYS F 237 26.63 28.73 -40.10
N VAL F 238 27.33 27.76 -40.67
CA VAL F 238 27.62 26.52 -39.94
C VAL F 238 28.45 26.81 -38.71
N GLU F 239 29.48 27.64 -38.84
CA GLU F 239 30.37 27.88 -37.72
C GLU F 239 29.71 28.74 -36.66
N LYS F 240 28.80 29.64 -37.07
CA LYS F 240 28.01 30.38 -36.10
C LYS F 240 27.11 29.44 -35.30
N PHE F 241 26.29 28.66 -35.99
CA PHE F 241 25.30 27.85 -35.28
C PHE F 241 25.92 26.63 -34.62
N ARG F 242 27.18 26.33 -34.91
CA ARG F 242 27.84 25.22 -34.24
C ARG F 242 28.26 25.57 -32.82
N MET F 243 28.31 26.85 -32.48
CA MET F 243 28.67 27.28 -31.13
C MET F 243 27.48 27.82 -30.35
N LEU F 244 26.32 27.95 -30.98
CA LEU F 244 25.13 28.46 -30.33
C LEU F 244 24.37 27.33 -29.65
N ASN F 245 23.29 27.71 -28.98
CA ASN F 245 22.40 26.77 -28.30
C ASN F 245 21.12 26.69 -29.13
N ILE F 246 21.03 25.67 -29.97
CA ILE F 246 19.91 25.53 -30.90
C ILE F 246 19.25 24.18 -30.68
N SER F 247 17.99 24.11 -31.06
CA SER F 247 17.22 22.89 -30.91
C SER F 247 17.85 21.77 -31.74
N PRO F 248 17.52 20.51 -31.43
CA PRO F 248 18.04 19.41 -32.23
C PRO F 248 17.69 19.52 -33.71
N MET F 249 16.49 19.95 -34.06
CA MET F 249 16.12 20.00 -35.47
C MET F 249 16.92 21.06 -36.22
N LYS F 250 17.19 22.20 -35.60
CA LYS F 250 18.10 23.16 -36.22
C LYS F 250 19.50 22.57 -36.35
N LYS F 251 19.90 21.71 -35.41
CA LYS F 251 21.20 21.07 -35.54
C LYS F 251 21.21 20.09 -36.71
N ALA F 252 20.11 19.41 -36.95
CA ALA F 252 20.04 18.52 -38.11
C ALA F 252 20.07 19.32 -39.41
N LEU F 253 19.44 20.49 -39.41
CA LEU F 253 19.52 21.36 -40.58
C LEU F 253 20.95 21.85 -40.81
N ILE F 254 21.63 22.23 -39.73
CA ILE F 254 23.03 22.65 -39.83
C ILE F 254 23.91 21.50 -40.31
N ILE F 255 23.57 20.28 -39.90
CA ILE F 255 24.38 19.13 -40.31
C ILE F 255 24.16 18.83 -41.78
N GLU F 256 22.93 18.98 -42.25
CA GLU F 256 22.68 18.82 -43.68
C GLU F 256 23.39 19.90 -44.48
N ILE F 257 23.43 21.12 -43.94
CA ILE F 257 24.15 22.21 -44.62
C ILE F 257 25.64 21.87 -44.72
N SER F 258 26.24 21.48 -43.59
CA SER F 258 27.66 21.16 -43.58
C SER F 258 27.97 19.95 -44.44
N GLU F 259 27.02 19.02 -44.56
CA GLU F 259 27.24 17.86 -45.41
C GLU F 259 27.17 18.25 -46.88
N GLU F 260 26.30 19.20 -47.23
CA GLU F 260 26.30 19.73 -48.58
C GLU F 260 27.61 20.46 -48.87
N LEU F 261 28.11 21.22 -47.90
CA LEU F 261 29.40 21.89 -48.08
C LEU F 261 30.53 20.88 -48.24
N GLN F 262 30.44 19.75 -47.54
CA GLN F 262 31.48 18.74 -47.64
C GLN F 262 31.44 18.05 -49.00
N ASN F 263 30.23 17.77 -49.50
CA ASN F 263 30.10 17.22 -50.85
C ASN F 263 30.58 18.21 -51.90
N TYR F 264 30.30 19.49 -51.71
CA TYR F 264 30.76 20.51 -52.65
C TYR F 264 32.28 20.59 -52.64
N THR F 265 32.89 20.54 -51.46
CA THR F 265 34.34 20.56 -51.38
C THR F 265 34.94 19.34 -52.06
N ALA F 266 34.35 18.17 -51.84
CA ALA F 266 34.85 16.96 -52.50
C ALA F 266 34.73 17.08 -54.01
N PHE F 267 33.64 17.67 -54.49
CA PHE F 267 33.42 17.79 -55.93
C PHE F 267 34.41 18.78 -56.55
N VAL F 268 34.63 19.91 -55.90
CA VAL F 268 35.59 20.89 -56.40
C VAL F 268 36.99 20.30 -56.39
N ASN F 269 37.33 19.54 -55.36
CA ASN F 269 38.65 18.94 -55.30
C ASN F 269 38.83 17.87 -56.37
N ASN F 270 37.78 17.11 -56.67
CA ASN F 270 37.87 16.14 -57.75
C ASN F 270 38.05 16.84 -59.09
N LEU F 271 37.30 17.92 -59.33
CA LEU F 271 37.48 18.70 -60.55
C LEU F 271 38.91 19.18 -60.69
N VAL F 272 39.44 19.85 -59.67
CA VAL F 272 40.76 20.46 -59.79
C VAL F 272 41.84 19.38 -59.91
N SER F 273 41.75 18.33 -59.10
CA SER F 273 42.78 17.32 -59.08
C SER F 273 42.74 16.41 -60.30
N SER F 274 41.60 16.30 -60.98
CA SER F 274 41.51 15.44 -62.14
C SER F 274 42.31 16.00 -63.31
N GLY F 275 42.44 17.31 -63.42
CA GLY F 275 43.14 17.92 -64.52
C GLY F 275 42.33 18.03 -65.80
N THR F 276 41.07 17.60 -65.77
CA THR F 276 40.19 17.68 -66.93
C THR F 276 39.59 19.06 -67.12
N VAL F 277 39.79 19.97 -66.17
CA VAL F 277 39.34 21.34 -66.30
C VAL F 277 40.49 22.14 -66.88
N VAL F 278 40.32 22.62 -68.11
CA VAL F 278 41.36 23.35 -68.83
C VAL F 278 40.97 24.77 -69.18
N SER F 279 39.74 25.19 -68.87
CA SER F 279 39.30 26.53 -69.19
C SER F 279 38.23 26.96 -68.21
N LEU F 280 38.03 28.27 -68.12
CA LEU F 280 37.08 28.81 -67.15
C LEU F 280 35.64 28.46 -67.52
N LYS F 281 35.34 28.33 -68.82
CA LYS F 281 33.97 28.01 -69.22
C LYS F 281 33.62 26.57 -68.86
N SER F 282 34.54 25.64 -69.07
CA SER F 282 34.29 24.27 -68.65
C SER F 282 34.16 24.19 -67.14
N LEU F 283 34.95 25.00 -66.42
CA LEU F 283 34.83 25.03 -64.97
C LEU F 283 33.48 25.58 -64.55
N TYR F 284 32.93 26.52 -65.33
CA TYR F 284 31.63 27.07 -65.00
C TYR F 284 30.53 26.05 -65.26
N ARG F 285 30.63 25.32 -66.36
CA ARG F 285 29.63 24.30 -66.66
C ARG F 285 29.70 23.16 -65.65
N GLU F 286 30.90 22.82 -65.19
CA GLU F 286 31.03 21.70 -64.26
C GLU F 286 30.43 22.01 -62.89
N ILE F 287 30.57 23.26 -62.42
CA ILE F 287 30.07 23.64 -61.10
C ILE F 287 28.71 24.32 -61.19
N TYR F 288 28.11 24.37 -62.38
CA TYR F 288 26.84 25.08 -62.55
C TYR F 288 25.77 24.56 -61.59
N GLU F 289 25.50 23.26 -61.63
CA GLU F 289 24.47 22.71 -60.77
C GLU F 289 24.87 22.80 -59.30
N ASN F 290 26.17 22.78 -59.01
CA ASN F 290 26.59 22.97 -57.63
C ASN F 290 26.40 24.41 -57.19
N ILE F 291 26.62 25.37 -58.08
CA ILE F 291 26.27 26.76 -57.77
C ILE F 291 24.78 26.85 -57.48
N ILE F 292 23.96 26.13 -58.24
CA ILE F 292 22.51 26.19 -58.03
C ILE F 292 22.13 25.59 -56.69
N ARG F 293 22.72 24.45 -56.35
CA ARG F 293 22.42 23.82 -55.06
C ARG F 293 22.86 24.69 -53.90
N LEU F 294 24.02 25.33 -54.01
CA LEU F 294 24.46 26.23 -52.95
C LEU F 294 23.55 27.45 -52.88
N ARG F 295 23.03 27.89 -54.01
CA ARG F 295 22.06 28.98 -54.04
C ARG F 295 20.82 28.60 -53.25
N ILE F 296 20.26 27.43 -53.53
CA ILE F 296 19.08 26.95 -52.81
C ILE F 296 19.39 26.86 -51.31
N TYR F 297 20.53 26.28 -50.95
CA TYR F 297 20.87 26.11 -49.55
C TYR F 297 21.03 27.44 -48.85
N CYS F 298 21.56 28.45 -49.53
CA CYS F 298 21.74 29.75 -48.91
C CYS F 298 20.45 30.55 -48.86
N ARG F 299 19.48 30.25 -49.72
CA ARG F 299 18.17 30.88 -49.63
C ARG F 299 17.28 30.26 -48.58
N PHE F 300 17.26 28.92 -48.49
CA PHE F 300 16.45 28.25 -47.49
C PHE F 300 16.85 28.62 -46.07
N THR F 301 18.11 28.94 -45.85
CA THR F 301 18.60 29.21 -44.51
C THR F 301 18.97 30.66 -44.29
N GLU F 302 18.32 31.60 -44.99
CA GLU F 302 18.56 33.01 -44.73
C GLU F 302 18.05 33.42 -43.35
N HIS F 303 16.94 32.84 -42.93
CA HIS F 303 16.29 33.17 -41.66
C HIS F 303 16.43 32.05 -40.64
N LEU F 304 17.62 31.43 -40.58
CA LEU F 304 17.81 30.27 -39.73
C LEU F 304 17.65 30.60 -38.26
N GLU F 305 18.27 31.69 -37.80
CA GLU F 305 18.21 32.04 -36.38
C GLU F 305 16.90 32.69 -35.98
N GLU F 306 15.93 32.80 -36.89
CA GLU F 306 14.70 33.52 -36.60
C GLU F 306 13.45 32.67 -36.76
N LEU F 307 13.58 31.43 -37.22
CA LEU F 307 12.45 30.53 -37.40
C LEU F 307 12.69 29.24 -36.64
N SER F 308 11.62 28.71 -36.05
CA SER F 308 11.71 27.48 -35.29
C SER F 308 11.67 26.26 -36.22
N GLY F 309 11.99 25.10 -35.65
CA GLY F 309 12.10 23.90 -36.46
C GLY F 309 10.79 23.50 -37.12
N ASP F 310 9.66 23.70 -36.46
CA ASP F 310 8.39 23.33 -37.06
C ASP F 310 8.00 24.27 -38.20
N THR F 311 8.36 25.55 -38.10
CA THR F 311 8.19 26.45 -39.23
C THR F 311 9.01 25.97 -40.42
N PHE F 312 10.23 25.50 -40.17
CA PHE F 312 11.02 24.91 -41.24
C PHE F 312 10.36 23.67 -41.81
N LEU F 313 9.74 22.85 -40.96
CA LEU F 313 9.00 21.70 -41.47
C LEU F 313 7.87 22.13 -42.39
N ILE F 314 7.14 23.17 -42.01
CA ILE F 314 6.03 23.65 -42.86
C ILE F 314 6.56 24.18 -44.19
N GLU F 315 7.63 24.98 -44.14
CA GLU F 315 8.15 25.56 -45.36
C GLU F 315 8.72 24.49 -46.30
N LEU F 316 9.49 23.56 -45.75
CA LEU F 316 10.03 22.49 -46.58
C LEU F 316 8.94 21.55 -47.07
N ASN F 317 7.82 21.46 -46.33
CA ASN F 317 6.69 20.70 -46.85
C ASN F 317 6.04 21.42 -48.02
N ILE F 318 6.04 22.75 -48.00
CA ILE F 318 5.58 23.51 -49.15
C ILE F 318 6.53 23.29 -50.33
N PHE F 319 7.83 23.23 -50.06
CA PHE F 319 8.81 23.11 -51.14
C PHE F 319 9.05 21.67 -51.59
N LYS F 320 8.45 20.69 -50.91
CA LYS F 320 8.52 19.31 -51.40
C LYS F 320 7.70 19.11 -52.66
N SER F 321 6.80 20.05 -52.97
CA SER F 321 5.95 19.97 -54.14
C SER F 321 6.43 20.86 -55.27
N HIS F 322 7.59 21.48 -55.12
CA HIS F 322 8.14 22.33 -56.16
C HIS F 322 8.32 21.55 -57.46
N GLY F 323 8.20 22.25 -58.58
CA GLY F 323 8.33 21.58 -59.87
C GLY F 323 9.77 21.30 -60.25
N ASP F 324 10.70 22.15 -59.81
CA ASP F 324 12.12 21.93 -60.05
C ASP F 324 12.56 20.71 -59.26
N LEU F 325 13.31 19.81 -59.90
CA LEU F 325 13.71 18.60 -59.21
C LEU F 325 14.80 18.85 -58.18
N THR F 326 15.64 19.85 -58.40
CA THR F 326 16.73 20.10 -57.46
C THR F 326 16.22 20.73 -56.17
N ILE F 327 15.40 21.78 -56.28
CA ILE F 327 14.79 22.38 -55.10
C ILE F 327 13.95 21.34 -54.37
N ARG F 328 13.19 20.55 -55.11
CA ARG F 328 12.37 19.52 -54.49
C ARG F 328 13.21 18.51 -53.73
N LYS F 329 14.34 18.09 -54.31
CA LYS F 329 15.17 17.08 -53.67
C LYS F 329 15.86 17.63 -52.43
N ILE F 330 16.39 18.85 -52.52
CA ILE F 330 16.99 19.47 -51.34
C ILE F 330 15.97 19.63 -50.24
N ALA F 331 14.78 20.15 -50.58
CA ALA F 331 13.72 20.32 -49.59
C ALA F 331 13.33 18.98 -48.97
N THR F 332 13.25 17.93 -49.79
CA THR F 332 12.89 16.62 -49.28
C THR F 332 13.92 16.10 -48.30
N ASN F 333 15.20 16.27 -48.60
CA ASN F 333 16.24 15.78 -47.69
C ASN F 333 16.24 16.57 -46.39
N LEU F 334 16.18 17.90 -46.47
CA LEU F 334 16.10 18.72 -45.26
C LEU F 334 14.89 18.32 -44.41
N PHE F 335 13.74 18.14 -45.06
CA PHE F 335 12.53 17.74 -44.36
C PHE F 335 12.72 16.39 -43.69
N ASN F 336 13.34 15.44 -44.39
CA ASN F 336 13.49 14.10 -43.82
C ASN F 336 14.40 14.13 -42.59
N SER F 337 15.43 14.96 -42.60
CA SER F 337 16.29 15.02 -41.41
C SER F 337 15.56 15.69 -40.25
N MET F 338 14.98 16.85 -40.49
CA MET F 338 14.26 17.54 -39.41
C MET F 338 13.09 16.71 -38.91
N ILE F 339 12.47 15.90 -39.78
CA ILE F 339 11.35 15.09 -39.34
C ILE F 339 11.85 13.85 -38.60
N SER F 340 13.04 13.37 -38.91
CA SER F 340 13.64 12.33 -38.07
C SER F 340 13.80 12.85 -36.64
N LEU F 341 14.27 14.07 -36.49
CA LEU F 341 14.43 14.59 -35.13
C LEU F 341 13.09 14.95 -34.48
N TYR F 342 12.09 15.34 -35.28
CA TYR F 342 10.76 15.54 -34.72
C TYR F 342 10.17 14.21 -34.26
N TYR F 343 10.44 13.14 -35.00
CA TYR F 343 10.05 11.81 -34.56
C TYR F 343 10.74 11.44 -33.27
N GLU F 344 11.99 11.89 -33.08
CA GLU F 344 12.65 11.67 -31.80
C GLU F 344 11.96 12.44 -30.67
N TYR F 345 11.53 13.67 -30.94
CA TYR F 345 10.70 14.41 -29.98
C TYR F 345 9.48 13.60 -29.58
N LEU F 346 8.71 13.15 -30.59
CA LEU F 346 7.50 12.38 -30.34
C LEU F 346 7.80 11.10 -29.58
N MET F 347 8.88 10.43 -29.92
CA MET F 347 9.24 9.18 -29.27
C MET F 347 9.58 9.41 -27.80
N ASN F 348 10.36 10.46 -27.51
CA ASN F 348 10.62 10.83 -26.13
C ASN F 348 9.33 11.09 -25.37
N TRP F 349 8.42 11.88 -25.95
CA TRP F 349 7.21 12.22 -25.21
C TRP F 349 6.31 11.00 -25.02
N LEU F 350 6.31 10.08 -25.98
CA LEU F 350 5.37 8.97 -25.93
C LEU F 350 5.90 7.82 -25.09
N THR F 351 7.22 7.73 -24.89
CA THR F 351 7.76 6.62 -24.12
C THR F 351 8.35 7.03 -22.79
N LYS F 352 8.54 8.32 -22.54
CA LYS F 352 9.10 8.77 -21.28
C LYS F 352 8.40 9.99 -20.67
N GLY F 353 7.46 10.60 -21.38
CA GLY F 353 6.89 11.85 -20.91
C GLY F 353 7.90 12.97 -20.83
N LEU F 354 8.88 12.99 -21.73
CA LEU F 354 9.96 13.95 -21.69
C LEU F 354 9.70 15.10 -22.67
N LEU F 355 9.95 16.31 -22.21
CA LEU F 355 10.01 17.49 -23.04
C LEU F 355 11.41 18.07 -23.01
N ARG F 356 12.40 17.18 -23.03
CA ARG F 356 13.79 17.57 -22.86
C ARG F 356 14.35 18.12 -24.16
N ALA F 357 14.76 19.39 -24.11
CA ALA F 357 15.42 20.04 -25.24
C ALA F 357 14.56 20.03 -26.49
N THR F 358 13.40 20.67 -26.42
CA THR F 358 12.57 20.87 -27.59
C THR F 358 12.50 22.33 -28.02
N TYR F 359 12.91 23.26 -27.15
CA TYR F 359 13.11 24.66 -27.52
C TYR F 359 11.84 25.29 -28.09
N GLY F 360 10.68 24.83 -27.64
CA GLY F 360 9.43 25.37 -28.12
C GLY F 360 9.04 24.93 -29.50
N GLU F 361 9.57 23.82 -29.99
CA GLU F 361 9.23 23.28 -31.31
C GLU F 361 8.14 22.23 -31.24
N PHE F 362 7.76 21.79 -30.04
CA PHE F 362 6.80 20.72 -29.84
C PHE F 362 5.45 21.30 -29.49
N PHE F 363 4.38 20.60 -29.86
CA PHE F 363 3.04 21.08 -29.54
C PHE F 363 2.62 20.76 -28.12
N ILE F 364 3.54 20.28 -27.28
CA ILE F 364 3.29 20.02 -25.86
C ILE F 364 4.40 20.67 -25.07
N ALA F 365 4.05 21.71 -24.31
CA ALA F 365 5.03 22.45 -23.55
C ALA F 365 4.77 22.27 -22.06
N GLU F 366 5.85 22.08 -21.31
CA GLU F 366 5.75 22.05 -19.87
C GLU F 366 5.34 23.43 -19.36
N ASN F 367 4.32 23.47 -18.52
CA ASN F 367 3.74 24.74 -18.07
C ASN F 367 3.68 24.71 -16.56
N THR F 368 4.78 25.08 -15.91
CA THR F 368 4.82 25.24 -14.46
C THR F 368 4.37 26.63 -14.03
N ASP F 369 3.81 27.41 -14.95
CA ASP F 369 3.32 28.74 -14.64
C ASP F 369 1.95 28.62 -14.00
N THR F 370 1.88 28.85 -12.69
CA THR F 370 0.63 28.85 -11.95
C THR F 370 0.45 30.19 -11.25
N ASN F 371 -0.80 30.44 -10.83
CA ASN F 371 -1.17 31.68 -10.18
C ASN F 371 -1.61 31.48 -8.74
N GLY F 372 -0.84 30.69 -7.97
CA GLY F 372 -1.19 30.36 -6.61
C GLY F 372 -2.12 29.17 -6.47
N THR F 373 -2.89 28.86 -7.51
CA THR F 373 -3.73 27.66 -7.51
C THR F 373 -2.88 26.46 -7.87
N ASP F 374 -2.77 25.51 -6.93
CA ASP F 374 -2.01 24.29 -7.12
C ASP F 374 -0.53 24.58 -7.38
N ASP F 375 0.10 25.23 -6.40
CA ASP F 375 1.54 25.52 -6.50
C ASP F 375 2.38 24.26 -6.53
N ASP F 376 1.90 23.17 -5.95
CA ASP F 376 2.65 21.93 -5.88
C ASP F 376 2.10 20.86 -6.82
N PHE F 377 1.20 21.24 -7.74
CA PHE F 377 0.67 20.35 -8.77
C PHE F 377 0.01 19.13 -8.14
N ILE F 378 -0.86 19.37 -7.17
CA ILE F 378 -1.67 18.30 -6.62
C ILE F 378 -2.83 17.95 -7.56
N TYR F 379 -3.34 18.92 -8.32
CA TYR F 379 -4.51 18.72 -9.16
C TYR F 379 -4.26 18.99 -10.64
N HIS F 380 -3.02 19.28 -11.03
CA HIS F 380 -2.83 19.95 -12.32
C HIS F 380 -2.10 19.11 -13.37
N ILE F 381 -0.99 18.49 -13.02
CA ILE F 381 -0.05 17.91 -13.99
C ILE F 381 0.38 19.03 -14.94
N PRO F 382 1.35 19.86 -14.54
CA PRO F 382 1.61 21.13 -15.24
C PRO F 382 2.17 20.94 -16.65
N ILE F 383 1.27 20.61 -17.58
CA ILE F 383 1.61 20.37 -18.97
C ILE F 383 0.43 20.82 -19.83
N GLU F 384 0.68 21.74 -20.74
CA GLU F 384 -0.36 22.27 -21.62
C GLU F 384 -0.19 21.71 -23.03
N PHE F 385 -1.25 21.82 -23.81
CA PHE F 385 -1.32 21.22 -25.14
C PHE F 385 -1.86 22.26 -26.11
N ASN F 386 -0.96 22.87 -26.87
CA ASN F 386 -1.31 23.96 -27.79
C ASN F 386 -1.83 23.35 -29.08
N GLN F 387 -3.10 23.60 -29.39
CA GLN F 387 -3.68 23.06 -30.60
C GLN F 387 -3.24 23.83 -31.84
N GLU F 388 -2.66 25.02 -31.65
CA GLU F 388 -2.18 25.80 -32.78
C GLU F 388 -0.79 25.39 -33.25
N ARG F 389 -0.09 24.57 -32.49
CA ARG F 389 1.25 24.12 -32.82
C ARG F 389 1.30 22.72 -33.40
N VAL F 390 0.16 22.04 -33.48
CA VAL F 390 0.14 20.69 -34.04
C VAL F 390 0.52 20.76 -35.52
N PRO F 391 1.56 20.04 -35.95
CA PRO F 391 1.96 20.09 -37.35
C PRO F 391 0.88 19.55 -38.27
N ALA F 392 0.82 20.10 -39.48
CA ALA F 392 -0.24 19.76 -40.42
C ALA F 392 -0.23 18.29 -40.83
N PHE F 393 0.86 17.57 -40.58
CA PHE F 393 0.92 16.16 -40.93
C PHE F 393 0.55 15.25 -39.77
N ILE F 394 -0.08 15.78 -38.73
CA ILE F 394 -0.56 15.01 -37.60
C ILE F 394 -2.02 15.37 -37.36
N PRO F 395 -2.95 14.42 -37.44
CA PRO F 395 -4.36 14.75 -37.18
C PRO F 395 -4.56 15.18 -35.73
N LYS F 396 -5.44 16.17 -35.55
CA LYS F 396 -5.69 16.69 -34.20
C LYS F 396 -6.16 15.59 -33.26
N GLU F 397 -6.84 14.57 -33.77
CA GLU F 397 -7.21 13.44 -32.94
C GLU F 397 -5.97 12.67 -32.47
N LEU F 398 -5.03 12.41 -33.39
CA LEU F 398 -3.81 11.74 -33.00
C LEU F 398 -2.93 12.64 -32.14
N ALA F 399 -3.03 13.96 -32.32
CA ALA F 399 -2.29 14.87 -31.45
C ALA F 399 -2.83 14.82 -30.03
N TYR F 400 -4.15 14.79 -29.88
CA TYR F 400 -4.75 14.65 -28.55
C TYR F 400 -4.40 13.29 -27.95
N LYS F 401 -4.35 12.25 -28.79
CA LYS F 401 -3.96 10.94 -28.28
C LYS F 401 -2.50 10.93 -27.82
N ILE F 402 -1.62 11.66 -28.52
CA ILE F 402 -0.23 11.76 -28.10
C ILE F 402 -0.14 12.49 -26.76
N PHE F 403 -0.82 13.63 -26.67
CA PHE F 403 -0.84 14.39 -25.42
C PHE F 403 -1.34 13.53 -24.28
N MET F 404 -2.39 12.73 -24.51
CA MET F 404 -2.96 11.93 -23.44
C MET F 404 -2.06 10.75 -23.08
N ILE F 405 -1.37 10.16 -24.06
CA ILE F 405 -0.43 9.09 -23.74
C ILE F 405 0.69 9.61 -22.86
N GLY F 406 1.25 10.78 -23.21
CA GLY F 406 2.29 11.34 -22.38
C GLY F 406 1.81 11.73 -21.01
N LYS F 407 0.64 12.36 -20.94
CA LYS F 407 0.06 12.76 -19.66
C LYS F 407 -0.22 11.55 -18.79
N SER F 408 -0.68 10.45 -19.39
CA SER F 408 -0.99 9.26 -18.61
C SER F 408 0.28 8.56 -18.15
N TYR F 409 1.34 8.59 -18.96
CA TYR F 409 2.61 8.05 -18.51
C TYR F 409 3.13 8.83 -17.31
N ILE F 410 3.14 10.17 -17.42
CA ILE F 410 3.63 10.98 -16.31
C ILE F 410 2.78 10.78 -15.07
N PHE F 411 1.46 10.71 -15.26
CA PHE F 411 0.54 10.42 -14.17
C PHE F 411 0.91 9.12 -13.48
N LEU F 412 0.89 8.02 -14.22
CA LEU F 412 1.19 6.70 -13.65
C LEU F 412 2.56 6.69 -12.97
N GLU F 413 3.54 7.41 -13.50
CA GLU F 413 4.88 7.29 -12.94
C GLU F 413 5.08 8.18 -11.71
N LYS F 414 4.43 9.34 -11.68
CA LYS F 414 4.73 10.29 -10.62
C LYS F 414 3.72 10.22 -9.49
N TYR F 415 2.43 10.12 -9.81
CA TYR F 415 1.40 10.14 -8.78
C TYR F 415 0.88 8.76 -8.41
N CYS F 416 0.74 7.86 -9.37
CA CYS F 416 0.37 6.49 -9.05
C CYS F 416 1.55 5.63 -8.62
N LYS F 417 2.76 6.18 -8.64
CA LYS F 417 3.98 5.49 -8.21
C LYS F 417 4.12 4.11 -8.86
N GLU F 418 3.53 3.97 -10.05
CA GLU F 418 3.64 2.72 -10.81
C GLU F 418 4.94 2.73 -11.64
N VAL F 419 6.06 2.49 -10.95
CA VAL F 419 7.35 2.67 -11.59
C VAL F 419 7.70 1.46 -12.45
N GLN F 420 7.48 0.25 -11.94
CA GLN F 420 7.85 -0.95 -12.68
C GLN F 420 7.04 -1.09 -13.97
N TRP F 421 5.73 -0.85 -13.89
CA TRP F 421 4.90 -1.00 -15.08
C TRP F 421 5.17 0.11 -16.08
N THR F 422 5.34 1.34 -15.60
CA THR F 422 5.69 2.43 -16.52
C THR F 422 7.02 2.16 -17.20
N ASN F 423 7.98 1.55 -16.49
CA ASN F 423 9.27 1.27 -17.11
C ASN F 423 9.16 0.17 -18.16
N GLU F 424 8.41 -0.90 -17.85
CA GLU F 424 8.22 -1.96 -18.84
C GLU F 424 7.47 -1.44 -20.06
N PHE F 425 6.42 -0.64 -19.84
CA PHE F 425 5.67 -0.03 -20.93
C PHE F 425 6.57 0.88 -21.75
N SER F 426 7.42 1.66 -21.09
CA SER F 426 8.35 2.54 -21.77
C SER F 426 9.29 1.75 -22.67
N LYS F 427 9.89 0.69 -22.15
CA LYS F 427 10.81 -0.09 -22.97
C LYS F 427 10.10 -0.75 -24.14
N LYS F 428 8.91 -1.31 -23.90
CA LYS F 428 8.16 -1.95 -24.98
C LYS F 428 7.88 -0.96 -26.10
N TYR F 429 7.26 0.16 -25.77
CA TYR F 429 6.88 1.08 -26.84
C TYR F 429 8.07 1.84 -27.40
N HIS F 430 9.18 1.90 -26.66
CA HIS F 430 10.40 2.47 -27.23
C HIS F 430 10.97 1.54 -28.29
N VAL F 431 10.91 0.23 -28.06
CA VAL F 431 11.29 -0.70 -29.11
C VAL F 431 10.34 -0.59 -30.30
N LEU F 432 9.04 -0.49 -30.01
CA LEU F 432 8.04 -0.40 -31.08
C LEU F 432 8.24 0.86 -31.92
N TYR F 433 8.73 1.93 -31.31
CA TYR F 433 8.94 3.16 -32.06
C TYR F 433 10.30 3.18 -32.76
N GLN F 434 11.33 2.61 -32.14
CA GLN F 434 12.63 2.53 -32.81
C GLN F 434 12.53 1.66 -34.06
N SER F 435 11.81 0.54 -33.98
CA SER F 435 11.67 -0.31 -35.16
C SER F 435 10.82 0.31 -36.25
N ASN F 436 10.14 1.42 -35.98
CA ASN F 436 9.30 2.09 -36.96
C ASN F 436 9.89 3.44 -37.38
N SER F 437 10.98 3.86 -36.73
CA SER F 437 11.58 5.17 -36.98
C SER F 437 11.78 5.46 -38.46
N TYR F 438 12.11 4.45 -39.27
CA TYR F 438 12.50 4.74 -40.65
C TYR F 438 11.34 5.23 -41.51
N ARG F 439 10.11 4.94 -41.12
CA ARG F 439 8.95 5.44 -41.86
C ARG F 439 8.62 6.90 -41.56
N GLY F 440 9.17 7.47 -40.50
CA GLY F 440 8.76 8.81 -40.14
C GLY F 440 7.38 8.80 -39.50
N ILE F 441 6.63 9.87 -39.74
CA ILE F 441 5.27 9.97 -39.21
C ILE F 441 4.37 9.29 -40.23
N SER F 442 4.34 7.97 -40.16
CA SER F 442 3.60 7.14 -41.11
C SER F 442 2.24 6.75 -40.53
N THR F 443 1.57 5.83 -41.23
CA THR F 443 0.32 5.29 -40.71
C THR F 443 0.58 4.23 -39.65
N ASN F 444 1.69 3.51 -39.74
CA ASN F 444 2.02 2.54 -38.69
C ASN F 444 2.36 3.25 -37.40
N PHE F 445 2.96 4.44 -37.49
CA PHE F 445 3.10 5.30 -36.31
C PHE F 445 1.75 5.55 -35.66
N PHE F 446 0.73 5.83 -36.47
CA PHE F 446 -0.59 6.11 -35.92
C PHE F 446 -1.21 4.85 -35.32
N GLU F 447 -0.96 3.68 -35.92
CA GLU F 447 -1.48 2.44 -35.36
C GLU F 447 -0.83 2.14 -34.01
N ILE F 448 0.49 2.36 -33.91
CA ILE F 448 1.17 2.15 -32.64
C ILE F 448 0.67 3.15 -31.60
N ILE F 449 0.42 4.39 -32.02
CA ILE F 449 -0.12 5.38 -31.09
C ILE F 449 -1.51 4.96 -30.61
N ASN F 450 -2.30 4.35 -31.49
CA ASN F 450 -3.63 3.90 -31.09
C ASN F 450 -3.54 2.77 -30.08
N ASP F 451 -2.71 1.76 -30.38
CA ASP F 451 -2.46 0.69 -29.42
C ASP F 451 -2.01 1.26 -28.08
N GLN F 452 -1.09 2.22 -28.10
CA GLN F 452 -0.52 2.77 -26.88
C GLN F 452 -1.56 3.53 -26.08
N TYR F 453 -2.38 4.33 -26.76
CA TYR F 453 -3.44 5.05 -26.07
C TYR F 453 -4.41 4.08 -25.41
N SER F 454 -4.89 3.10 -26.17
CA SER F 454 -5.83 2.13 -25.60
C SER F 454 -5.22 1.44 -24.39
N GLU F 455 -3.98 0.96 -24.51
CA GLU F 455 -3.36 0.21 -23.43
C GLU F 455 -3.16 1.07 -22.19
N ILE F 456 -2.59 2.27 -22.37
CA ILE F 456 -2.27 3.07 -21.20
C ILE F 456 -3.53 3.60 -20.55
N VAL F 457 -4.59 3.84 -21.32
CA VAL F 457 -5.83 4.32 -20.70
C VAL F 457 -6.53 3.20 -19.95
N ASN F 458 -6.59 2.01 -20.55
CA ASN F 458 -7.14 0.86 -19.85
C ASN F 458 -6.38 0.59 -18.56
N HIS F 459 -5.05 0.67 -18.60
CA HIS F 459 -4.28 0.36 -17.41
C HIS F 459 -4.38 1.48 -16.37
N THR F 460 -4.49 2.73 -16.81
CA THR F 460 -4.69 3.81 -15.86
C THR F 460 -6.02 3.66 -15.14
N ASN F 461 -7.08 3.28 -15.88
CA ASN F 461 -8.36 3.05 -15.24
C ASN F 461 -8.31 1.87 -14.29
N GLN F 462 -7.65 0.79 -14.71
CA GLN F 462 -7.53 -0.38 -13.85
C GLN F 462 -6.77 -0.05 -12.56
N ILE F 463 -5.70 0.75 -12.67
CA ILE F 463 -4.96 1.15 -11.48
C ILE F 463 -5.81 2.04 -10.59
N LEU F 464 -6.50 3.03 -11.18
CA LEU F 464 -7.33 3.93 -10.38
C LEU F 464 -8.41 3.16 -9.64
N ASN F 465 -8.95 2.10 -10.25
CA ASN F 465 -10.00 1.33 -9.60
C ASN F 465 -9.44 0.35 -8.58
N GLN F 466 -8.60 -0.57 -9.02
CA GLN F 466 -8.17 -1.69 -8.20
C GLN F 466 -7.09 -1.35 -7.19
N LYS F 467 -6.52 -0.15 -7.25
CA LYS F 467 -5.41 0.19 -6.36
C LYS F 467 -5.64 1.46 -5.56
N PHE F 468 -6.31 2.45 -6.12
CA PHE F 468 -6.64 3.67 -5.39
C PHE F 468 -8.12 3.81 -5.13
N HIS F 469 -8.90 2.75 -5.42
CA HIS F 469 -10.33 2.71 -5.09
C HIS F 469 -11.07 3.91 -5.66
N TYR F 470 -11.09 4.02 -6.99
CA TYR F 470 -11.73 5.18 -7.63
C TYR F 470 -13.24 5.14 -7.42
N ARG F 471 -13.88 4.03 -7.80
CA ARG F 471 -15.33 3.94 -7.70
C ARG F 471 -15.78 3.97 -6.24
N ASP F 472 -15.01 3.35 -5.36
CA ASP F 472 -15.33 3.40 -3.93
C ASP F 472 -15.29 4.83 -3.41
N VAL F 473 -14.33 5.63 -3.87
CA VAL F 473 -14.27 7.02 -3.42
C VAL F 473 -15.40 7.83 -4.02
N VAL F 474 -15.79 7.52 -5.26
CA VAL F 474 -16.93 8.21 -5.85
C VAL F 474 -18.21 7.93 -5.05
N PHE F 475 -18.45 6.64 -4.76
CA PHE F 475 -19.64 6.28 -3.99
C PHE F 475 -19.58 6.83 -2.58
N ALA F 476 -18.37 6.94 -2.01
CA ALA F 476 -18.26 7.53 -0.68
C ALA F 476 -18.52 9.03 -0.71
N LEU F 477 -18.14 9.69 -1.81
CA LEU F 477 -18.44 11.10 -1.95
C LEU F 477 -19.94 11.32 -2.08
N LYS F 478 -20.63 10.40 -2.76
CA LYS F 478 -22.09 10.51 -2.84
C LYS F 478 -22.73 10.20 -1.49
N ASN F 479 -22.20 9.20 -0.78
CA ASN F 479 -22.79 8.73 0.47
C ASN F 479 -22.39 9.57 1.67
N ILE F 480 -21.51 10.55 1.53
CA ILE F 480 -21.06 11.39 2.62
C ILE F 480 -21.35 12.86 2.35
N LEU F 481 -21.02 13.33 1.15
CA LEU F 481 -21.19 14.74 0.82
C LEU F 481 -22.49 15.02 0.08
N LEU F 482 -23.05 14.02 -0.59
CA LEU F 482 -24.35 14.13 -1.22
C LEU F 482 -25.42 13.36 -0.45
N MET F 483 -25.04 12.74 0.67
CA MET F 483 -25.98 12.12 1.61
C MET F 483 -26.74 10.97 0.96
N GLY F 484 -26.02 10.10 0.26
CA GLY F 484 -26.61 8.90 -0.28
C GLY F 484 -26.80 7.79 0.73
N LYS F 485 -26.50 8.04 2.00
CA LYS F 485 -26.75 7.10 3.09
C LYS F 485 -27.39 7.89 4.21
N SER F 486 -28.69 7.69 4.43
CA SER F 486 -29.35 8.41 5.51
C SER F 486 -28.86 7.94 6.88
N ASP F 487 -28.37 6.70 6.98
CA ASP F 487 -27.93 6.19 8.27
C ASP F 487 -26.71 6.95 8.79
N PHE F 488 -25.76 7.22 7.91
CA PHE F 488 -24.56 7.94 8.33
C PHE F 488 -24.90 9.35 8.83
N MET F 489 -25.80 10.04 8.11
CA MET F 489 -26.18 11.38 8.53
C MET F 489 -27.00 11.33 9.81
N ASP F 490 -27.88 10.35 9.95
CA ASP F 490 -28.60 10.14 11.21
C ASP F 490 -27.63 10.03 12.37
N ALA F 491 -26.65 9.12 12.26
CA ALA F 491 -25.71 8.89 13.34
C ALA F 491 -24.86 10.13 13.62
N LEU F 492 -24.38 10.79 12.56
CA LEU F 492 -23.55 11.97 12.75
C LEU F 492 -24.31 13.09 13.44
N ILE F 493 -25.53 13.36 13.00
CA ILE F 493 -26.32 14.43 13.60
C ILE F 493 -26.69 14.08 15.04
N GLU F 494 -26.97 12.81 15.31
CA GLU F 494 -27.21 12.42 16.70
C GLU F 494 -25.99 12.69 17.56
N LYS F 495 -24.84 12.10 17.21
CA LYS F 495 -23.63 12.28 18.01
C LYS F 495 -23.19 13.74 18.10
N ALA F 496 -23.57 14.57 17.14
CA ALA F 496 -23.12 15.96 17.12
C ALA F 496 -24.21 16.95 17.50
N ASN F 497 -25.38 16.48 17.95
CA ASN F 497 -26.41 17.40 18.42
C ASN F 497 -25.89 18.37 19.48
N ASP F 498 -24.99 17.91 20.35
CA ASP F 498 -24.42 18.79 21.35
C ASP F 498 -23.50 19.83 20.74
N ILE F 499 -22.58 19.41 19.87
CA ILE F 499 -21.59 20.33 19.31
C ILE F 499 -22.26 21.35 18.40
N LEU F 500 -23.15 20.89 17.52
CA LEU F 500 -23.76 21.79 16.54
C LEU F 500 -24.66 22.82 17.21
N ALA F 501 -25.16 22.53 18.39
CA ALA F 501 -26.05 23.45 19.09
C ALA F 501 -25.32 24.57 19.81
N THR F 502 -23.99 24.63 19.68
CA THR F 502 -23.23 25.67 20.37
C THR F 502 -23.29 26.96 19.56
N PRO F 503 -24.05 27.97 19.99
CA PRO F 503 -24.22 29.20 19.22
C PRO F 503 -23.11 30.22 19.47
N SER F 504 -21.86 29.79 19.28
CA SER F 504 -20.73 30.66 19.53
C SER F 504 -19.62 30.31 18.53
N ASP F 505 -18.65 31.22 18.43
CA ASP F 505 -17.46 30.96 17.62
C ASP F 505 -16.64 29.80 18.15
N SER F 506 -16.66 29.57 19.48
CA SER F 506 -15.84 28.55 20.10
C SER F 506 -16.56 27.20 20.11
N LEU F 507 -16.73 26.64 18.91
CA LEU F 507 -17.11 25.23 18.92
C LEU F 507 -15.93 24.40 19.41
N PRO F 508 -16.16 23.16 19.85
CA PRO F 508 -15.03 22.33 20.29
C PRO F 508 -13.92 22.21 19.24
N ASN F 509 -14.28 21.90 17.99
CA ASN F 509 -13.34 21.90 16.87
C ASN F 509 -12.32 20.76 16.97
N TYR F 510 -12.37 20.01 18.07
CA TYR F 510 -11.46 18.88 18.23
C TYR F 510 -12.19 17.67 18.76
N LYS F 511 -13.41 17.86 19.25
CA LYS F 511 -14.30 16.73 19.46
C LYS F 511 -14.93 16.26 18.16
N LEU F 512 -14.93 17.11 17.12
CA LEU F 512 -15.58 16.77 15.86
C LEU F 512 -14.92 15.59 15.15
N THR F 513 -13.59 15.46 15.24
CA THR F 513 -12.96 14.30 14.62
C THR F 513 -13.37 13.00 15.30
N ARG F 514 -13.46 12.99 16.63
CA ARG F 514 -13.95 11.81 17.34
C ARG F 514 -15.40 11.54 17.00
N VAL F 515 -16.19 12.60 16.88
CA VAL F 515 -17.60 12.45 16.47
C VAL F 515 -17.68 11.82 15.09
N LEU F 516 -16.79 12.21 14.18
CA LEU F 516 -16.78 11.63 12.84
C LEU F 516 -16.40 10.16 12.87
N GLN F 517 -15.34 9.82 13.61
CA GLN F 517 -14.96 8.42 13.74
C GLN F 517 -16.11 7.59 14.31
N GLU F 518 -16.81 8.13 15.33
CA GLU F 518 -17.89 7.38 15.95
C GLU F 518 -19.08 7.24 15.01
N ALA F 519 -19.44 8.32 14.30
CA ALA F 519 -20.52 8.25 13.33
C ALA F 519 -20.23 7.23 12.23
N VAL F 520 -18.99 7.20 11.74
CA VAL F 520 -18.61 6.18 10.77
C VAL F 520 -18.70 4.80 11.41
N GLN F 521 -18.42 4.71 12.71
CA GLN F 521 -18.54 3.42 13.40
C GLN F 521 -20.00 3.08 13.69
N LEU F 522 -20.84 4.07 13.90
CA LEU F 522 -22.25 3.86 14.18
C LEU F 522 -23.13 3.90 12.94
N SER F 523 -22.60 3.56 11.77
CA SER F 523 -23.32 3.67 10.51
C SER F 523 -22.85 2.60 9.54
N SER F 524 -23.56 2.48 8.43
CA SER F 524 -23.22 1.49 7.41
C SER F 524 -21.83 1.68 6.83
N LEU F 525 -21.20 2.83 7.05
CA LEU F 525 -19.83 3.03 6.59
C LEU F 525 -18.82 2.28 7.46
N ARG F 526 -19.26 1.68 8.56
CA ARG F 526 -18.35 0.91 9.40
C ARG F 526 -17.82 -0.32 8.70
N HIS F 527 -18.54 -0.86 7.72
CA HIS F 527 -18.00 -1.93 6.90
C HIS F 527 -16.88 -1.45 6.00
N LEU F 528 -16.81 -0.15 5.75
CA LEU F 528 -15.75 0.43 4.94
C LEU F 528 -14.56 0.87 5.78
N MET F 529 -14.83 1.47 6.94
CA MET F 529 -13.72 1.88 7.81
C MET F 529 -12.98 0.68 8.38
N ASN F 530 -13.70 -0.37 8.75
CA ASN F 530 -13.10 -1.58 9.31
C ASN F 530 -12.76 -2.60 8.24
N SER F 531 -12.56 -2.17 7.00
CA SER F 531 -12.23 -3.09 5.92
C SER F 531 -10.71 -3.26 5.84
N PRO F 532 -10.21 -4.44 5.49
CA PRO F 532 -8.75 -4.62 5.42
C PRO F 532 -8.08 -3.79 4.34
N ARG F 533 -8.82 -3.39 3.30
CA ARG F 533 -8.22 -2.67 2.19
C ARG F 533 -8.80 -1.29 1.95
N ASN F 534 -10.11 -1.11 2.10
CA ASN F 534 -10.77 0.14 1.74
C ASN F 534 -10.88 1.13 2.89
N SER F 535 -10.15 0.92 3.98
CA SER F 535 -10.13 1.91 5.05
C SER F 535 -9.60 3.26 4.56
N SER F 536 -8.70 3.26 3.59
CA SER F 536 -8.19 4.51 3.02
C SER F 536 -9.29 5.34 2.41
N VAL F 537 -10.40 4.73 2.00
CA VAL F 537 -11.52 5.48 1.45
C VAL F 537 -12.10 6.42 2.50
N ILE F 538 -12.23 5.94 3.74
CA ILE F 538 -12.80 6.78 4.79
C ILE F 538 -11.71 7.61 5.45
N ASN F 539 -10.45 7.21 5.30
CA ASN F 539 -9.34 8.04 5.79
C ASN F 539 -9.42 9.47 5.28
N GLY F 540 -10.05 9.70 4.14
CA GLY F 540 -10.17 11.04 3.57
C GLY F 540 -11.35 11.85 4.06
N LEU F 541 -12.17 11.31 4.94
CA LEU F 541 -13.33 12.03 5.45
C LEU F 541 -12.91 13.00 6.54
N ASP F 542 -13.01 14.29 6.25
CA ASP F 542 -12.65 15.34 7.19
C ASP F 542 -13.76 16.37 7.22
N ALA F 543 -13.80 17.15 8.29
CA ALA F 543 -14.81 18.18 8.46
C ALA F 543 -14.15 19.54 8.36
N ARG F 544 -14.96 20.55 8.01
CA ARG F 544 -14.49 21.92 7.94
C ARG F 544 -15.46 22.82 8.67
N VAL F 545 -14.91 23.88 9.27
CA VAL F 545 -15.67 24.85 10.05
C VAL F 545 -15.75 26.14 9.23
N LEU F 546 -16.95 26.51 8.83
CA LEU F 546 -17.15 27.71 8.01
C LEU F 546 -16.84 28.97 8.81
N ASP F 547 -16.88 30.10 8.12
CA ASP F 547 -16.68 31.40 8.73
C ASP F 547 -17.79 32.34 8.26
N LEU F 548 -18.91 32.35 9.00
CA LEU F 548 -20.02 33.24 8.71
C LEU F 548 -20.15 34.35 9.74
N GLY F 549 -19.06 34.69 10.42
CA GLY F 549 -19.05 35.80 11.36
C GLY F 549 -19.39 35.37 12.77
N HIS F 550 -19.52 36.37 13.63
CA HIS F 550 -19.86 36.15 15.03
C HIS F 550 -21.35 35.90 15.19
N GLY F 551 -21.71 35.24 16.28
CA GLY F 551 -23.09 34.91 16.55
C GLY F 551 -23.64 33.78 15.71
N SER F 552 -22.79 32.99 15.07
CA SER F 552 -23.25 31.86 14.28
C SER F 552 -23.51 30.66 15.18
N VAL F 553 -24.16 29.65 14.60
CA VAL F 553 -24.47 28.40 15.28
C VAL F 553 -23.81 27.28 14.50
N GLY F 554 -23.31 26.26 15.22
CA GLY F 554 -22.62 25.17 14.57
C GLY F 554 -23.43 24.46 13.51
N TRP F 555 -24.75 24.64 13.53
CA TRP F 555 -25.59 24.01 12.52
C TRP F 555 -25.37 24.60 11.14
N ASP F 556 -25.30 25.93 11.04
CA ASP F 556 -25.10 26.61 9.77
C ASP F 556 -23.63 26.88 9.48
N VAL F 557 -22.73 26.25 10.25
CA VAL F 557 -21.30 26.44 10.09
C VAL F 557 -20.59 25.12 9.79
N PHE F 558 -20.97 24.06 10.49
CA PHE F 558 -20.33 22.77 10.28
C PHE F 558 -20.67 22.21 8.90
N THR F 559 -19.66 21.78 8.17
CA THR F 559 -19.84 21.08 6.91
C THR F 559 -18.83 19.95 6.81
N LEU F 560 -19.20 18.94 6.03
CA LEU F 560 -18.30 17.83 5.76
C LEU F 560 -17.51 18.10 4.49
N ASP F 561 -16.38 17.42 4.37
CA ASP F 561 -15.53 17.54 3.20
C ASP F 561 -14.92 16.17 2.91
N TYR F 562 -13.96 16.17 1.99
CA TYR F 562 -13.24 14.95 1.64
C TYR F 562 -11.87 15.37 1.14
N ILE F 563 -10.84 14.95 1.86
CA ILE F 563 -9.47 15.40 1.59
C ILE F 563 -8.83 14.40 0.64
N LEU F 564 -8.76 14.76 -0.63
CA LEU F 564 -8.19 13.91 -1.65
C LEU F 564 -6.75 14.33 -1.94
N TYR F 565 -5.88 13.34 -2.01
CA TYR F 565 -4.48 13.53 -2.36
C TYR F 565 -4.23 12.78 -3.66
N PRO F 566 -3.14 13.08 -4.35
CA PRO F 566 -2.88 12.40 -5.61
C PRO F 566 -2.78 10.90 -5.39
N PRO F 567 -3.14 10.10 -6.41
CA PRO F 567 -3.52 10.48 -7.76
C PRO F 567 -4.98 10.90 -7.92
N LEU F 568 -5.78 10.75 -6.87
CA LEU F 568 -7.21 10.98 -6.99
C LEU F 568 -7.58 12.45 -7.05
N SER F 569 -6.83 13.32 -6.35
CA SER F 569 -7.12 14.75 -6.43
C SER F 569 -7.01 15.28 -7.85
N LEU F 570 -6.31 14.57 -8.73
CA LEU F 570 -6.20 14.94 -10.13
C LEU F 570 -7.40 14.50 -10.96
N VAL F 571 -8.19 13.54 -10.48
CA VAL F 571 -9.29 12.96 -11.24
C VAL F 571 -10.64 13.39 -10.70
N LEU F 572 -10.76 13.46 -9.37
CA LEU F 572 -12.04 13.81 -8.74
C LEU F 572 -11.99 15.27 -8.30
N ASN F 573 -12.84 16.08 -8.91
CA ASN F 573 -12.95 17.49 -8.54
C ASN F 573 -13.81 17.58 -7.29
N VAL F 574 -13.14 17.82 -6.15
CA VAL F 574 -13.78 18.08 -4.87
C VAL F 574 -13.39 19.51 -4.52
N ASN F 575 -13.73 19.94 -3.30
CA ASN F 575 -13.71 21.38 -2.99
C ASN F 575 -12.27 21.86 -3.06
N ARG F 576 -11.83 22.11 -4.30
CA ARG F 576 -10.48 22.56 -4.56
C ARG F 576 -10.30 23.99 -4.09
N PRO F 577 -9.08 24.37 -3.70
CA PRO F 577 -8.89 25.68 -3.03
C PRO F 577 -9.37 26.88 -3.81
N PHE F 578 -9.59 26.76 -5.12
CA PHE F 578 -10.00 27.91 -5.93
C PHE F 578 -11.04 27.57 -6.99
N GLY F 579 -11.83 26.52 -6.77
CA GLY F 579 -12.89 26.15 -7.68
C GLY F 579 -14.20 26.82 -7.29
N ARG F 580 -15.30 26.21 -7.76
CA ARG F 580 -16.63 26.65 -7.37
C ARG F 580 -17.10 26.04 -6.06
N LYS F 581 -16.38 25.04 -5.54
CA LYS F 581 -16.76 24.33 -4.31
C LYS F 581 -18.17 23.77 -4.44
N GLU F 582 -18.37 22.94 -5.46
CA GLU F 582 -19.70 22.38 -5.71
C GLU F 582 -20.16 21.50 -4.55
N TYR F 583 -19.30 20.59 -4.10
CA TYR F 583 -19.67 19.69 -3.01
C TYR F 583 -20.05 20.46 -1.77
N LEU F 584 -19.36 21.57 -1.48
CA LEU F 584 -19.64 22.31 -0.25
C LEU F 584 -21.02 22.95 -0.28
N ARG F 585 -21.38 23.60 -1.39
CA ARG F 585 -22.68 24.27 -1.45
C ARG F 585 -23.82 23.26 -1.58
N ILE F 586 -23.61 22.17 -2.32
CA ILE F 586 -24.60 21.10 -2.33
C ILE F 586 -24.81 20.56 -0.92
N PHE F 587 -23.72 20.37 -0.17
CA PHE F 587 -23.83 19.87 1.19
C PHE F 587 -24.56 20.84 2.08
N ASN F 588 -24.37 22.14 1.87
CA ASN F 588 -25.14 23.13 2.62
C ASN F 588 -26.63 23.02 2.34
N PHE F 589 -26.99 22.93 1.05
CA PHE F 589 -28.41 22.86 0.70
C PHE F 589 -29.05 21.62 1.30
N LEU F 590 -28.36 20.47 1.24
CA LEU F 590 -28.92 19.26 1.81
C LEU F 590 -28.84 19.27 3.34
N TRP F 591 -27.90 20.04 3.90
CA TRP F 591 -27.80 20.18 5.35
C TRP F 591 -29.01 20.90 5.91
N ARG F 592 -29.58 21.82 5.13
CA ARG F 592 -30.83 22.45 5.56
C ARG F 592 -31.92 21.40 5.78
N PHE F 593 -32.15 20.54 4.77
CA PHE F 593 -33.10 19.45 4.91
C PHE F 593 -32.78 18.56 6.10
N LYS F 594 -31.51 18.19 6.28
CA LYS F 594 -31.16 17.26 7.35
C LYS F 594 -31.39 17.88 8.72
N LYS F 595 -31.11 19.17 8.87
CA LYS F 595 -31.37 19.85 10.14
C LYS F 595 -32.86 19.87 10.45
N ASN F 596 -33.68 20.27 9.46
CA ASN F 596 -35.12 20.25 9.67
C ASN F 596 -35.60 18.85 10.02
N ASN F 597 -35.07 17.83 9.36
CA ASN F 597 -35.48 16.46 9.61
C ASN F 597 -35.16 16.04 11.04
N TYR F 598 -33.95 16.32 11.50
CA TYR F 598 -33.54 15.96 12.86
C TYR F 598 -34.44 16.64 13.87
N PHE F 599 -34.67 17.95 13.71
CA PHE F 599 -35.46 18.66 14.69
C PHE F 599 -36.91 18.20 14.68
N TYR F 600 -37.43 17.83 13.50
CA TYR F 600 -38.79 17.33 13.44
C TYR F 600 -38.93 15.98 14.13
N GLN F 601 -37.94 15.09 13.96
CA GLN F 601 -38.01 13.82 14.67
C GLN F 601 -37.94 14.02 16.18
N LYS F 602 -37.02 14.88 16.63
CA LYS F 602 -36.90 15.15 18.06
C LYS F 602 -38.20 15.69 18.64
N GLU F 603 -38.79 16.69 17.97
CA GLU F 603 -40.01 17.28 18.50
C GLU F 603 -41.21 16.36 18.33
N MET F 604 -41.20 15.47 17.33
CA MET F 604 -42.24 14.46 17.25
C MET F 604 -42.21 13.57 18.48
N LEU F 605 -41.05 13.04 18.82
CA LEU F 605 -40.96 12.20 20.01
C LEU F 605 -41.37 12.96 21.27
N LYS F 606 -40.90 14.21 21.41
CA LYS F 606 -41.24 15.00 22.58
C LYS F 606 -42.75 15.21 22.71
N SER F 607 -43.39 15.66 21.63
CA SER F 607 -44.82 15.92 21.68
C SER F 607 -45.62 14.63 21.85
N ASN F 608 -45.17 13.53 21.23
CA ASN F 608 -45.84 12.26 21.45
C ASN F 608 -45.82 11.89 22.93
N ASP F 609 -44.66 12.05 23.57
CA ASP F 609 -44.57 11.80 25.01
C ASP F 609 -45.55 12.68 25.79
N ILE F 610 -45.59 13.98 25.47
CA ILE F 610 -46.40 14.88 26.31
C ILE F 610 -47.89 14.63 26.09
N ILE F 611 -48.30 14.31 24.86
CA ILE F 611 -49.70 14.02 24.61
C ILE F 611 -50.10 12.72 25.29
N ARG F 612 -49.21 11.72 25.28
CA ARG F 612 -49.52 10.48 25.98
C ARG F 612 -49.64 10.72 27.48
N SER F 613 -48.77 11.56 28.03
CA SER F 613 -48.81 11.83 29.47
C SER F 613 -50.04 12.64 29.85
N PHE F 614 -50.53 13.49 28.95
CA PHE F 614 -51.77 14.21 29.20
C PHE F 614 -52.98 13.32 29.02
N LYS F 615 -52.90 12.34 28.13
CA LYS F 615 -54.00 11.39 27.99
C LYS F 615 -54.08 10.45 29.18
N LYS F 616 -52.95 10.13 29.79
CA LYS F 616 -53.00 9.19 30.91
C LYS F 616 -53.60 9.78 32.18
N ILE F 617 -53.80 11.10 32.24
CA ILE F 617 -54.28 11.75 33.45
C ILE F 617 -55.56 12.54 33.20
N ARG F 618 -56.40 12.10 32.27
CA ARG F 618 -57.54 12.93 31.89
C ARG F 618 -58.57 13.02 33.01
N GLY F 619 -59.25 11.91 33.30
CA GLY F 619 -60.08 11.82 34.48
C GLY F 619 -61.34 12.67 34.41
N TYR F 620 -61.14 13.99 34.49
CA TYR F 620 -62.19 14.99 34.46
C TYR F 620 -62.09 15.92 33.26
N ASN F 621 -60.88 16.39 32.97
CA ASN F 621 -60.61 17.26 31.83
C ASN F 621 -61.32 18.61 31.92
N PRO F 622 -61.05 19.40 32.97
CA PRO F 622 -61.61 20.76 32.99
C PRO F 622 -60.89 21.71 32.06
N LEU F 623 -59.57 21.58 31.96
CA LEU F 623 -58.75 22.31 31.01
C LEU F 623 -58.02 21.40 30.04
N ILE F 624 -58.13 20.08 30.21
CA ILE F 624 -57.28 19.16 29.49
C ILE F 624 -57.93 18.73 28.17
N ARG F 625 -59.26 18.79 28.08
CA ARG F 625 -59.92 18.49 26.81
C ARG F 625 -59.40 19.42 25.71
N ASP F 626 -59.46 20.72 25.94
CA ASP F 626 -58.98 21.69 24.96
C ASP F 626 -57.50 21.50 24.69
N ILE F 627 -56.71 21.23 25.73
CA ILE F 627 -55.27 21.06 25.56
C ILE F 627 -54.97 19.87 24.68
N ILE F 628 -55.67 18.75 24.89
CA ILE F 628 -55.51 17.57 24.05
C ILE F 628 -55.87 17.90 22.60
N ASN F 629 -56.98 18.61 22.41
CA ASN F 629 -57.39 18.95 21.05
C ASN F 629 -56.34 19.82 20.36
N LYS F 630 -55.85 20.84 21.06
CA LYS F 630 -54.86 21.73 20.46
C LYS F 630 -53.56 21.00 20.17
N LEU F 631 -53.10 20.16 21.10
CA LEU F 631 -51.85 19.43 20.86
C LEU F 631 -51.99 18.47 19.69
N SER F 632 -53.13 17.80 19.56
CA SER F 632 -53.33 16.90 18.43
C SER F 632 -53.35 17.66 17.12
N ARG F 633 -54.04 18.81 17.09
CA ARG F 633 -54.09 19.58 15.85
C ARG F 633 -52.74 20.17 15.49
N ILE F 634 -51.96 20.62 16.49
CA ILE F 634 -50.63 21.13 16.21
C ILE F 634 -49.71 20.00 15.76
N SER F 635 -49.94 18.79 16.26
CA SER F 635 -49.24 17.62 15.73
C SER F 635 -49.58 17.42 14.26
N ILE F 636 -50.85 17.60 13.89
CA ILE F 636 -51.25 17.50 12.49
C ILE F 636 -50.51 18.56 11.66
N LEU F 637 -50.42 19.77 12.18
CA LEU F 637 -49.74 20.84 11.45
C LEU F 637 -48.25 20.55 11.28
N ARG F 638 -47.59 20.11 12.36
CA ARG F 638 -46.19 19.69 12.28
C ARG F 638 -46.03 18.58 11.24
N THR F 639 -46.98 17.65 11.18
CA THR F 639 -46.87 16.58 10.20
C THR F 639 -47.00 17.11 8.78
N GLN F 640 -47.89 18.07 8.55
CA GLN F 640 -47.99 18.66 7.22
C GLN F 640 -46.69 19.36 6.83
N PHE F 641 -46.09 20.09 7.78
CA PHE F 641 -44.81 20.72 7.51
C PHE F 641 -43.75 19.70 7.15
N GLN F 642 -43.58 18.68 8.00
CA GLN F 642 -42.53 17.70 7.78
C GLN F 642 -42.82 16.85 6.55
N GLN F 643 -44.08 16.75 6.15
CA GLN F 643 -44.39 16.02 4.93
C GLN F 643 -44.00 16.81 3.70
N PHE F 644 -44.26 18.12 3.70
CA PHE F 644 -43.71 18.96 2.63
C PHE F 644 -42.19 18.88 2.60
N ASN F 645 -41.57 18.92 3.78
CA ASN F 645 -40.11 18.82 3.88
C ASN F 645 -39.60 17.51 3.30
N SER F 646 -40.25 16.41 3.65
CA SER F 646 -39.82 15.10 3.18
C SER F 646 -40.09 14.94 1.70
N LYS F 647 -41.16 15.56 1.18
CA LYS F 647 -41.40 15.52 -0.26
C LYS F 647 -40.30 16.25 -1.01
N MET F 648 -39.92 17.44 -0.54
CA MET F 648 -38.82 18.16 -1.18
C MET F 648 -37.51 17.39 -1.09
N GLU F 649 -37.20 16.85 0.10
CA GLU F 649 -35.97 16.09 0.28
C GLU F 649 -35.93 14.87 -0.62
N SER F 650 -37.03 14.12 -0.67
CA SER F 650 -37.10 12.94 -1.54
C SER F 650 -36.96 13.34 -3.00
N TYR F 651 -37.63 14.42 -3.41
CA TYR F 651 -37.52 14.84 -4.79
C TYR F 651 -36.08 15.16 -5.15
N TYR F 652 -35.42 15.98 -4.34
CA TYR F 652 -34.01 16.26 -4.61
C TYR F 652 -33.21 14.96 -4.66
N LEU F 653 -33.12 14.26 -3.54
CA LEU F 653 -32.19 13.13 -3.42
C LEU F 653 -32.56 11.97 -4.33
N ASN F 654 -33.71 12.03 -5.01
CA ASN F 654 -34.08 10.93 -5.89
C ASN F 654 -34.14 11.30 -7.36
N CYS F 655 -34.45 12.55 -7.69
CA CYS F 655 -34.61 12.96 -9.08
C CYS F 655 -33.54 13.92 -9.56
N ILE F 656 -32.71 14.46 -8.66
CA ILE F 656 -31.57 15.29 -9.05
C ILE F 656 -30.27 14.59 -8.70
N ILE F 657 -30.02 14.36 -7.41
CA ILE F 657 -28.75 13.81 -6.97
C ILE F 657 -28.62 12.37 -7.44
N GLU F 658 -29.58 11.52 -7.10
CA GLU F 658 -29.50 10.12 -7.49
C GLU F 658 -29.58 9.96 -9.01
N GLU F 659 -30.36 10.81 -9.68
CA GLU F 659 -30.50 10.68 -11.13
C GLU F 659 -29.22 11.05 -11.85
N ASN F 660 -28.66 12.23 -11.54
CA ASN F 660 -27.38 12.61 -12.12
C ASN F 660 -26.28 11.63 -11.73
N PHE F 661 -26.35 11.04 -10.53
CA PHE F 661 -25.34 10.06 -10.14
C PHE F 661 -25.46 8.79 -10.96
N LYS F 662 -26.70 8.35 -11.23
CA LYS F 662 -26.89 7.20 -12.10
C LYS F 662 -26.37 7.47 -13.50
N GLU F 663 -26.59 8.68 -14.00
CA GLU F 663 -26.02 9.05 -15.30
C GLU F 663 -24.49 9.00 -15.26
N MET F 664 -23.89 9.58 -14.23
CA MET F 664 -22.44 9.58 -14.09
C MET F 664 -21.88 8.17 -14.04
N THR F 665 -22.52 7.29 -13.26
CA THR F 665 -22.01 5.92 -13.15
C THR F 665 -22.35 5.10 -14.38
N ARG F 666 -23.30 5.54 -15.19
CA ARG F 666 -23.47 4.94 -16.51
C ARG F 666 -22.31 5.32 -17.41
N LYS F 667 -21.88 6.57 -17.34
CA LYS F 667 -20.71 7.01 -18.12
C LYS F 667 -19.44 6.29 -17.67
N LEU F 668 -19.15 6.29 -16.37
CA LEU F 668 -17.98 5.58 -15.86
C LEU F 668 -18.04 4.09 -16.17
N GLN F 669 -19.23 3.52 -16.23
CA GLN F 669 -19.43 2.12 -16.58
C GLN F 669 -19.93 1.97 -18.02
N ARG F 670 -19.41 2.80 -18.94
CA ARG F 670 -19.95 2.85 -20.29
C ARG F 670 -19.71 1.57 -21.06
N THR F 671 -18.48 1.03 -21.02
CA THR F 671 -18.14 -0.08 -21.89
C THR F 671 -18.78 -1.39 -21.45
N GLU F 672 -19.12 -1.56 -20.18
CA GLU F 672 -19.88 -2.73 -19.74
C GLU F 672 -21.33 -2.49 -20.14
N ASN F 673 -21.74 -3.17 -21.22
CA ASN F 673 -23.08 -3.06 -21.78
C ASN F 673 -23.37 -1.63 -22.24
N LYS F 674 -22.59 -1.17 -23.23
CA LYS F 674 -22.88 0.10 -23.88
C LYS F 674 -24.17 0.00 -24.67
N SER F 675 -25.14 0.84 -24.30
CA SER F 675 -26.52 0.71 -24.79
C SER F 675 -26.69 1.08 -26.25
N GLN F 676 -25.64 1.53 -26.93
CA GLN F 676 -25.71 1.97 -28.33
C GLN F 676 -26.64 3.18 -28.47
N ASN F 677 -26.51 4.13 -27.53
CA ASN F 677 -27.08 5.47 -27.68
C ASN F 677 -25.94 6.38 -28.12
N GLN F 678 -25.39 6.07 -29.30
CA GLN F 678 -24.12 6.62 -29.75
C GLN F 678 -24.26 8.00 -30.38
N PHE F 679 -25.48 8.44 -30.69
CA PHE F 679 -25.69 9.68 -31.44
C PHE F 679 -25.41 10.87 -30.52
N ASP F 680 -24.16 11.33 -30.56
CA ASP F 680 -23.73 12.47 -29.74
C ASP F 680 -24.25 13.75 -30.37
N LEU F 681 -25.53 14.03 -30.14
CA LEU F 681 -26.18 15.20 -30.68
C LEU F 681 -25.62 16.48 -30.07
N ILE F 682 -25.79 17.58 -30.79
CA ILE F 682 -25.41 18.90 -30.30
C ILE F 682 -26.66 19.77 -30.26
N ARG F 683 -27.11 20.09 -29.06
CA ARG F 683 -28.27 20.95 -28.87
C ARG F 683 -27.84 22.41 -28.83
N LEU F 684 -28.52 23.24 -29.62
CA LEU F 684 -28.23 24.66 -29.68
C LEU F 684 -29.33 25.44 -28.96
N ASN F 685 -28.96 26.61 -28.46
CA ASN F 685 -29.90 27.45 -27.71
C ASN F 685 -31.08 27.92 -28.56
N ASN F 686 -30.94 27.96 -29.88
CA ASN F 686 -32.05 28.33 -30.76
C ASN F 686 -32.95 27.15 -31.10
N GLY F 687 -32.70 25.97 -30.51
CA GLY F 687 -33.49 24.79 -30.76
C GLY F 687 -32.97 23.88 -31.84
N THR F 688 -31.73 24.07 -32.29
CA THR F 688 -31.20 23.29 -33.39
C THR F 688 -30.66 21.94 -32.90
N ILE F 689 -30.77 20.93 -33.75
CA ILE F 689 -30.23 19.60 -33.48
C ILE F 689 -29.30 19.24 -34.62
N GLU F 690 -28.08 18.84 -34.30
CA GLU F 690 -27.10 18.44 -35.30
C GLU F 690 -26.08 17.49 -34.68
N LEU F 691 -25.81 16.40 -35.38
CA LEU F 691 -24.89 15.39 -34.88
C LEU F 691 -23.48 15.96 -34.77
N ASN F 692 -22.72 15.47 -33.80
CA ASN F 692 -21.34 15.89 -33.60
C ASN F 692 -20.43 15.14 -34.57
N GLY F 693 -19.79 15.87 -35.47
CA GLY F 693 -18.84 15.27 -36.37
C GLY F 693 -19.51 14.60 -37.55
N ILE F 694 -18.91 13.48 -37.94
CA ILE F 694 -19.41 12.69 -39.06
C ILE F 694 -20.18 11.49 -38.53
N LEU F 695 -21.24 11.12 -39.23
CA LEU F 695 -21.95 9.89 -38.90
C LEU F 695 -21.10 8.69 -39.27
N THR F 696 -20.56 8.01 -38.27
CA THR F 696 -19.68 6.89 -38.50
C THR F 696 -20.45 5.71 -39.08
N PRO F 697 -19.82 4.94 -39.97
CA PRO F 697 -20.51 3.78 -40.55
C PRO F 697 -20.61 2.62 -39.58
N LYS F 698 -21.35 1.60 -40.00
CA LYS F 698 -21.55 0.40 -39.20
C LYS F 698 -20.40 -0.60 -39.42
N ALA F 699 -19.18 -0.07 -39.35
CA ALA F 699 -17.96 -0.87 -39.42
C ALA F 699 -17.99 -1.85 -40.61
N GLU F 700 -18.02 -1.30 -41.83
CA GLU F 700 -18.10 -2.12 -43.03
C GLU F 700 -17.12 -1.61 -44.07
N VAL F 701 -16.01 -2.33 -44.21
CA VAL F 701 -15.13 -2.22 -45.37
C VAL F 701 -14.23 -3.46 -45.33
N LEU F 702 -13.77 -3.89 -46.51
CA LEU F 702 -13.11 -5.19 -46.63
C LEU F 702 -11.70 -5.12 -46.04
N THR F 703 -11.66 -5.01 -44.71
CA THR F 703 -10.41 -5.12 -43.93
C THR F 703 -10.64 -6.10 -42.77
N LYS F 704 -10.45 -7.38 -43.06
CA LYS F 704 -10.67 -8.43 -42.06
C LYS F 704 -10.11 -9.77 -42.53
N ILE F 715 -9.10 -2.15 -26.09
CA ILE F 715 -10.19 -3.07 -26.36
C ILE F 715 -11.52 -2.43 -25.99
N GLU F 716 -11.63 -2.00 -24.74
CA GLU F 716 -12.79 -1.27 -24.26
C GLU F 716 -12.54 0.23 -24.33
N LYS F 717 -13.49 0.95 -24.90
CA LYS F 717 -13.36 2.41 -25.05
C LYS F 717 -13.61 3.07 -23.69
N THR F 718 -12.60 2.95 -22.83
CA THR F 718 -12.64 3.51 -21.49
C THR F 718 -12.41 5.02 -21.55
N LEU F 719 -12.38 5.66 -20.39
CA LEU F 719 -12.14 7.08 -20.28
C LEU F 719 -10.73 7.34 -19.76
N ASN F 720 -10.10 8.39 -20.28
CA ASN F 720 -8.78 8.79 -19.83
C ASN F 720 -8.90 9.69 -18.61
N ILE F 721 -7.76 10.27 -18.20
CA ILE F 721 -7.74 11.10 -17.00
C ILE F 721 -8.64 12.31 -17.18
N ASP F 722 -8.38 13.10 -18.23
CA ASP F 722 -9.18 14.30 -18.46
C ASP F 722 -10.64 13.96 -18.70
N GLU F 723 -10.92 12.81 -19.31
CA GLU F 723 -12.32 12.42 -19.53
C GLU F 723 -12.98 12.03 -18.21
N LEU F 724 -12.24 11.39 -17.31
CA LEU F 724 -12.79 11.08 -15.99
C LEU F 724 -13.11 12.35 -15.23
N GLU F 725 -12.16 13.30 -15.19
CA GLU F 725 -12.41 14.56 -14.51
C GLU F 725 -13.55 15.32 -15.17
N SER F 726 -13.69 15.21 -16.49
CA SER F 726 -14.79 15.87 -17.18
C SER F 726 -16.11 15.23 -16.80
N VAL F 727 -16.15 13.90 -16.68
CA VAL F 727 -17.38 13.23 -16.27
C VAL F 727 -17.80 13.71 -14.88
N HIS F 728 -16.84 13.79 -13.95
CA HIS F 728 -17.18 14.26 -12.61
C HIS F 728 -17.65 15.71 -12.62
N ASN F 729 -16.99 16.55 -13.43
CA ASN F 729 -17.37 17.95 -13.48
C ASN F 729 -18.75 18.16 -14.10
N THR F 730 -19.07 17.39 -15.16
CA THR F 730 -20.40 17.48 -15.74
C THR F 730 -21.45 16.94 -14.78
N PHE F 731 -21.10 15.94 -13.97
CA PHE F 731 -22.03 15.47 -12.95
C PHE F 731 -22.35 16.59 -11.96
N LEU F 732 -21.32 17.23 -11.43
CA LEU F 732 -21.55 18.30 -10.46
C LEU F 732 -22.24 19.50 -11.09
N THR F 733 -22.00 19.74 -12.39
CA THR F 733 -22.65 20.86 -13.06
C THR F 733 -24.11 20.55 -13.36
N ASN F 734 -24.39 19.34 -13.83
CA ASN F 734 -25.78 18.89 -14.00
C ASN F 734 -26.56 19.01 -12.72
N ILE F 735 -25.92 18.73 -11.57
CA ILE F 735 -26.61 18.94 -10.31
C ILE F 735 -26.82 20.43 -10.05
N LEU F 736 -25.73 21.20 -10.02
CA LEU F 736 -25.82 22.60 -9.63
C LEU F 736 -26.44 23.49 -10.70
N SER F 737 -26.86 22.94 -11.83
CA SER F 737 -27.56 23.74 -12.83
C SER F 737 -29.02 23.35 -12.98
N HIS F 738 -29.49 22.36 -12.22
CA HIS F 738 -30.91 22.03 -12.20
C HIS F 738 -31.71 23.25 -11.81
N LYS F 739 -32.95 23.32 -12.32
CA LYS F 739 -33.78 24.50 -12.09
C LYS F 739 -33.97 24.80 -10.62
N LEU F 740 -33.99 23.78 -9.77
CA LEU F 740 -34.16 23.96 -8.33
C LEU F 740 -32.84 24.18 -7.60
N PHE F 741 -31.71 23.98 -8.27
CA PHE F 741 -30.41 24.41 -7.73
C PHE F 741 -29.86 25.66 -8.37
N ALA F 742 -30.16 25.92 -9.65
CA ALA F 742 -29.56 27.03 -10.37
C ALA F 742 -29.99 28.36 -9.78
N THR F 743 -29.02 29.15 -9.33
CA THR F 743 -29.28 30.47 -8.75
C THR F 743 -28.09 31.39 -9.06
N ASN F 744 -28.31 32.68 -8.79
CA ASN F 744 -27.26 33.69 -8.89
C ASN F 744 -26.64 33.74 -10.29
N THR F 745 -27.49 33.86 -11.30
CA THR F 745 -27.05 33.96 -12.69
C THR F 745 -28.22 34.45 -13.53
N SER F 746 -27.93 35.29 -14.52
CA SER F 746 -28.97 35.83 -15.38
C SER F 746 -29.74 34.76 -16.15
N GLU F 747 -29.15 33.59 -16.36
CA GLU F 747 -29.78 32.55 -17.16
C GLU F 747 -30.92 31.82 -16.45
N ILE F 748 -31.28 32.24 -15.24
CA ILE F 748 -32.27 31.51 -14.46
C ILE F 748 -33.66 32.04 -14.76
N SER F 749 -34.61 31.14 -14.97
CA SER F 749 -36.00 31.52 -15.13
C SER F 749 -36.67 31.64 -13.76
N VAL F 750 -37.31 32.79 -13.54
CA VAL F 750 -38.00 33.06 -12.28
C VAL F 750 -39.47 32.72 -12.45
N GLY F 751 -40.14 32.49 -11.33
CA GLY F 751 -41.52 32.06 -11.37
C GLY F 751 -42.48 33.22 -11.23
N ASP F 752 -43.59 33.14 -11.97
CA ASP F 752 -44.66 34.10 -11.83
C ASP F 752 -45.29 34.01 -10.43
N TYR F 753 -45.87 35.14 -10.00
CA TYR F 753 -46.49 35.36 -8.69
C TYR F 753 -45.46 35.47 -7.58
N SER F 754 -44.19 35.19 -7.83
CA SER F 754 -43.14 35.34 -6.83
C SER F 754 -41.97 36.18 -7.34
N GLY F 755 -41.64 36.08 -8.62
CA GLY F 755 -40.51 36.81 -9.17
C GLY F 755 -39.15 36.32 -8.74
N GLN F 756 -39.07 35.47 -7.73
CA GLN F 756 -37.84 34.93 -7.17
C GLN F 756 -37.46 33.64 -7.87
N PRO F 757 -36.18 33.28 -7.84
CA PRO F 757 -35.78 31.97 -8.37
C PRO F 757 -36.30 30.86 -7.46
N TYR F 758 -36.65 29.73 -8.08
CA TYR F 758 -37.16 28.60 -7.32
C TYR F 758 -36.26 28.20 -6.14
N PRO F 759 -34.92 28.11 -6.28
CA PRO F 759 -34.10 27.83 -5.10
C PRO F 759 -34.28 28.83 -3.98
N THR F 760 -34.52 30.11 -4.30
CA THR F 760 -34.74 31.10 -3.26
C THR F 760 -36.04 30.85 -2.53
N SER F 761 -37.10 30.53 -3.29
CA SER F 761 -38.37 30.15 -2.66
C SER F 761 -38.18 28.97 -1.73
N LEU F 762 -37.45 27.94 -2.18
CA LEU F 762 -37.31 26.74 -1.37
C LEU F 762 -36.47 26.99 -0.11
N VAL F 763 -35.43 27.82 -0.22
CA VAL F 763 -34.62 28.08 0.97
C VAL F 763 -35.39 28.94 1.95
N LEU F 764 -36.22 29.86 1.46
CA LEU F 764 -37.09 30.61 2.35
C LEU F 764 -38.08 29.69 3.05
N LEU F 765 -38.64 28.73 2.32
CA LEU F 765 -39.56 27.77 2.93
C LEU F 765 -38.88 26.94 4.00
N LEU F 766 -37.65 26.49 3.74
CA LEU F 766 -36.92 25.71 4.76
C LEU F 766 -36.59 26.56 5.98
N ASN F 767 -36.26 27.84 5.77
CA ASN F 767 -36.03 28.72 6.92
C ASN F 767 -37.30 28.87 7.76
N SER F 768 -38.44 29.10 7.09
CA SER F 768 -39.71 29.18 7.82
C SER F 768 -40.01 27.86 8.54
N VAL F 769 -39.65 26.74 7.92
CA VAL F 769 -39.83 25.44 8.54
C VAL F 769 -39.04 25.35 9.84
N TYR F 770 -37.78 25.79 9.82
CA TYR F 770 -36.97 25.74 11.02
C TYR F 770 -37.50 26.68 12.09
N GLU F 771 -38.00 27.85 11.68
CA GLU F 771 -38.61 28.76 12.65
C GLU F 771 -39.84 28.13 13.31
N PHE F 772 -40.67 27.46 12.51
CA PHE F 772 -41.83 26.77 13.06
C PHE F 772 -41.41 25.67 14.02
N VAL F 773 -40.33 24.95 13.70
CA VAL F 773 -39.85 23.93 14.62
C VAL F 773 -39.41 24.55 15.93
N LYS F 774 -38.74 25.71 15.87
CA LYS F 774 -38.34 26.40 17.09
C LYS F 774 -39.55 26.74 17.95
N VAL F 775 -40.56 27.37 17.35
CA VAL F 775 -41.72 27.79 18.14
C VAL F 775 -42.50 26.57 18.63
N TYR F 776 -42.47 25.48 17.89
CA TYR F 776 -43.18 24.28 18.28
C TYR F 776 -42.47 23.58 19.44
N CYS F 777 -41.14 23.65 19.48
CA CYS F 777 -40.40 23.19 20.64
C CYS F 777 -40.73 24.03 21.86
N ASN F 778 -40.83 25.34 21.67
CA ASN F 778 -41.26 26.20 22.77
C ASN F 778 -42.64 25.79 23.29
N LEU F 779 -43.56 25.50 22.37
CA LEU F 779 -44.89 25.05 22.77
C LEU F 779 -44.84 23.74 23.53
N ASN F 780 -44.00 22.80 23.09
CA ASN F 780 -43.86 21.54 23.82
C ASN F 780 -43.30 21.77 25.21
N ASP F 781 -42.36 22.71 25.36
CA ASP F 781 -41.85 23.03 26.69
C ASP F 781 -42.96 23.59 27.58
N ILE F 782 -43.77 24.51 27.06
CA ILE F 782 -44.87 25.06 27.83
C ILE F 782 -45.87 23.96 28.21
N GLY F 783 -46.11 23.02 27.28
CA GLY F 783 -47.02 21.93 27.57
C GLY F 783 -46.50 21.01 28.66
N TYR F 784 -45.19 20.73 28.65
CA TYR F 784 -44.60 19.94 29.72
C TYR F 784 -44.67 20.66 31.05
N GLU F 785 -44.53 21.99 31.02
CA GLU F 785 -44.69 22.78 32.23
C GLU F 785 -46.11 22.66 32.78
N ILE F 786 -47.11 22.82 31.91
CA ILE F 786 -48.49 22.63 32.31
C ILE F 786 -48.70 21.23 32.88
N PHE F 787 -48.06 20.23 32.29
CA PHE F 787 -48.22 18.86 32.75
C PHE F 787 -47.69 18.69 34.17
N ILE F 788 -46.45 19.14 34.40
CA ILE F 788 -45.85 18.95 35.72
C ILE F 788 -46.61 19.76 36.77
N LYS F 789 -47.12 20.93 36.38
CA LYS F 789 -47.89 21.73 37.35
C LYS F 789 -49.23 21.09 37.66
N MET F 790 -49.95 20.58 36.65
CA MET F 790 -51.20 19.89 36.92
C MET F 790 -50.98 18.57 37.64
N ASN F 791 -49.74 18.08 37.65
CA ASN F 791 -49.43 16.96 38.55
C ASN F 791 -49.13 17.45 39.96
N LEU F 792 -48.63 18.68 40.12
CA LEU F 792 -48.35 19.20 41.45
C LEU F 792 -49.41 20.17 41.96
N ASN F 793 -50.07 20.91 41.06
CA ASN F 793 -51.13 21.86 41.44
C ASN F 793 -52.29 21.63 40.47
N ASP F 794 -53.32 20.92 40.94
CA ASP F 794 -54.40 20.46 40.08
C ASP F 794 -55.31 21.62 39.69
N HIS F 795 -54.89 22.42 38.69
CA HIS F 795 -55.64 23.57 38.20
C HIS F 795 -55.79 24.65 39.27
N GLU F 796 -55.09 24.50 40.39
CA GLU F 796 -55.18 25.46 41.49
C GLU F 796 -54.10 26.54 41.45
N ALA F 797 -53.21 26.50 40.46
CA ALA F 797 -52.13 27.47 40.37
C ALA F 797 -51.56 27.46 38.96
N SER F 798 -50.76 28.49 38.66
CA SER F 798 -50.07 28.61 37.37
C SER F 798 -51.06 28.52 36.20
N ASN F 799 -51.98 29.48 36.13
CA ASN F 799 -52.91 29.55 35.02
C ASN F 799 -52.49 30.55 33.93
N GLY F 800 -51.46 31.36 34.18
CA GLY F 800 -50.86 32.14 33.13
C GLY F 800 -50.14 31.32 32.08
N LEU F 801 -49.76 30.08 32.43
CA LEU F 801 -49.30 29.13 31.43
C LEU F 801 -50.35 28.91 30.35
N LEU F 802 -51.64 28.99 30.70
CA LEU F 802 -52.68 28.89 29.67
C LEU F 802 -52.62 30.07 28.72
N GLY F 803 -52.35 31.27 29.23
CA GLY F 803 -52.21 32.42 28.36
C GLY F 803 -51.01 32.31 27.45
N LYS F 804 -49.86 31.94 28.01
CA LYS F 804 -48.67 31.70 27.18
C LYS F 804 -48.95 30.63 26.13
N PHE F 805 -49.64 29.55 26.52
CA PHE F 805 -49.95 28.45 25.61
C PHE F 805 -50.84 28.92 24.46
N ASN F 806 -51.89 29.68 24.76
CA ASN F 806 -52.76 30.18 23.71
C ASN F 806 -52.04 31.17 22.80
N THR F 807 -51.20 32.04 23.36
CA THR F 807 -50.39 32.92 22.54
C THR F 807 -49.52 32.12 21.57
N ASN F 808 -48.83 31.11 22.07
CA ASN F 808 -47.97 30.29 21.23
C ASN F 808 -48.78 29.55 20.17
N LEU F 809 -49.99 29.10 20.51
CA LEU F 809 -50.81 28.40 19.52
C LEU F 809 -51.24 29.34 18.40
N LYS F 810 -51.67 30.55 18.76
CA LYS F 810 -52.10 31.49 17.72
C LYS F 810 -50.91 31.92 16.85
N GLU F 811 -49.73 32.08 17.46
CA GLU F 811 -48.53 32.35 16.67
C GLU F 811 -48.23 31.20 15.72
N ILE F 812 -48.34 29.96 16.21
CA ILE F 812 -48.08 28.78 15.40
C ILE F 812 -49.05 28.72 14.23
N VAL F 813 -50.33 29.02 14.47
CA VAL F 813 -51.33 28.93 13.41
C VAL F 813 -51.11 30.04 12.38
N SER F 814 -50.71 31.23 12.84
CA SER F 814 -50.37 32.29 11.90
C SER F 814 -49.21 31.89 11.01
N GLN F 815 -48.15 31.33 11.60
CA GLN F 815 -47.01 30.88 10.81
C GLN F 815 -47.42 29.76 9.86
N TYR F 816 -48.31 28.88 10.30
CA TYR F 816 -48.76 27.78 9.44
C TYR F 816 -49.54 28.31 8.24
N LYS F 817 -50.37 29.33 8.45
CA LYS F 817 -51.08 29.94 7.33
C LYS F 817 -50.10 30.62 6.37
N ASN F 818 -49.14 31.37 6.92
CA ASN F 818 -48.11 31.96 6.08
C ASN F 818 -47.42 30.91 5.21
N PHE F 819 -47.01 29.80 5.83
CA PHE F 819 -46.30 28.77 5.09
C PHE F 819 -47.21 28.11 4.06
N LYS F 820 -48.48 27.93 4.39
CA LYS F 820 -49.39 27.31 3.44
C LYS F 820 -49.59 28.18 2.21
N ASP F 821 -49.72 29.50 2.41
CA ASP F 821 -49.86 30.39 1.26
C ASP F 821 -48.57 30.45 0.46
N ARG F 822 -47.42 30.41 1.13
CA ARG F 822 -46.15 30.40 0.41
C ARG F 822 -45.95 29.11 -0.36
N LEU F 823 -46.43 27.99 0.19
CA LEU F 823 -46.35 26.71 -0.52
C LEU F 823 -47.30 26.69 -1.72
N TYR F 824 -48.45 27.37 -1.61
CA TYR F 824 -49.31 27.52 -2.77
C TYR F 824 -48.63 28.36 -3.85
N ILE F 825 -47.96 29.45 -3.44
CA ILE F 825 -47.17 30.25 -4.36
C ILE F 825 -46.13 29.39 -5.06
N PHE F 826 -45.42 28.55 -4.29
CA PHE F 826 -44.35 27.74 -4.86
C PHE F 826 -44.91 26.68 -5.81
N ARG F 827 -46.07 26.10 -5.45
CA ARG F 827 -46.75 25.19 -6.36
C ARG F 827 -47.11 25.88 -7.66
N ALA F 828 -47.57 27.14 -7.58
CA ALA F 828 -47.90 27.87 -8.78
C ALA F 828 -46.66 28.16 -9.63
N ASP F 829 -45.56 28.55 -8.97
CA ASP F 829 -44.30 28.73 -9.67
C ASP F 829 -43.90 27.47 -10.43
N LEU F 830 -43.95 26.32 -9.76
CA LEU F 830 -43.55 25.07 -10.39
C LEU F 830 -44.54 24.64 -11.48
N LYS F 831 -45.80 25.08 -11.36
CA LYS F 831 -46.83 24.65 -12.30
C LYS F 831 -46.79 25.44 -13.60
N ASN F 832 -46.81 26.78 -13.53
CA ASN F 832 -46.88 27.63 -14.71
C ASN F 832 -45.53 27.84 -15.37
N ASP F 833 -44.54 27.00 -15.06
CA ASP F 833 -43.22 27.14 -15.67
C ASP F 833 -43.15 26.43 -17.01
N GLY F 834 -43.49 25.14 -17.04
CA GLY F 834 -43.44 24.35 -18.25
C GLY F 834 -42.64 23.08 -18.13
N ASP F 835 -41.59 23.06 -17.31
CA ASP F 835 -40.80 21.86 -17.09
C ASP F 835 -41.69 20.78 -16.49
N GLU F 836 -41.86 19.67 -17.22
CA GLU F 836 -42.77 18.61 -16.79
C GLU F 836 -42.44 18.06 -15.42
N GLU F 837 -41.16 18.03 -15.03
CA GLU F 837 -40.81 17.54 -13.70
C GLU F 837 -41.21 18.53 -12.61
N LEU F 838 -41.04 19.84 -12.86
CA LEU F 838 -41.52 20.83 -11.92
C LEU F 838 -43.05 20.77 -11.79
N PHE F 839 -43.73 20.45 -12.89
CA PHE F 839 -45.18 20.25 -12.84
C PHE F 839 -45.53 19.04 -11.96
N LEU F 840 -44.85 17.91 -12.22
CA LEU F 840 -45.03 16.72 -11.39
C LEU F 840 -44.85 17.04 -9.92
N LEU F 841 -43.82 17.81 -9.59
CA LEU F 841 -43.55 18.12 -8.19
C LEU F 841 -44.62 19.03 -7.61
N SER F 842 -44.97 20.10 -8.32
CA SER F 842 -46.02 20.99 -7.85
C SER F 842 -47.31 20.23 -7.57
N LYS F 843 -47.66 19.28 -8.44
CA LYS F 843 -48.89 18.53 -8.23
C LYS F 843 -48.71 17.48 -7.13
N SER F 844 -47.47 17.05 -6.90
CA SER F 844 -47.21 16.06 -5.86
C SER F 844 -47.11 16.69 -4.47
N LEU F 845 -46.93 18.01 -4.40
CA LEU F 845 -46.89 18.69 -3.10
C LEU F 845 -48.27 18.87 -2.51
N ARG F 846 -49.32 18.53 -3.24
CA ARG F 846 -50.68 18.63 -2.73
C ARG F 846 -51.35 17.26 -2.69
N MET G 1 68.83 22.83 -48.79
CA MET G 1 68.95 23.23 -47.40
C MET G 1 70.23 22.68 -46.78
N GLU G 2 71.03 23.57 -46.20
CA GLU G 2 72.34 23.18 -45.70
C GLU G 2 72.29 22.91 -44.19
N ILE G 3 73.08 21.93 -43.76
CA ILE G 3 73.04 21.42 -42.40
C ILE G 3 73.67 22.43 -41.45
N LYS G 4 73.12 22.54 -40.25
CA LYS G 4 73.76 23.20 -39.12
C LYS G 4 74.19 22.17 -38.10
N GLU G 5 75.18 22.54 -37.28
CA GLU G 5 75.77 21.62 -36.32
C GLU G 5 75.30 21.97 -34.92
N VAL G 6 74.50 21.07 -34.33
CA VAL G 6 74.01 21.22 -32.96
C VAL G 6 74.15 19.88 -32.26
N ASP G 7 74.04 19.91 -30.93
CA ASP G 7 74.15 18.72 -30.09
C ASP G 7 72.76 18.19 -29.81
N ASP G 8 72.48 16.96 -30.25
CA ASP G 8 71.18 16.32 -30.11
C ASP G 8 71.39 14.95 -29.47
N ARG G 9 71.29 14.90 -28.14
CA ARG G 9 71.45 13.67 -27.38
C ARG G 9 70.08 13.28 -26.84
N ALA G 10 69.59 12.11 -27.25
CA ALA G 10 68.30 11.64 -26.76
C ALA G 10 68.49 10.73 -25.56
N GLU G 11 68.22 11.27 -24.38
CA GLU G 11 68.46 10.55 -23.14
C GLU G 11 67.19 10.61 -22.29
N LEU G 12 67.07 9.66 -21.38
CA LEU G 12 65.97 9.68 -20.42
C LEU G 12 66.10 10.88 -19.50
N LEU G 13 65.01 11.18 -18.81
CA LEU G 13 65.01 12.34 -17.92
C LEU G 13 65.68 11.98 -16.60
N ARG G 14 66.40 12.95 -16.04
CA ARG G 14 67.16 12.70 -14.82
C ARG G 14 66.27 12.64 -13.60
N TYR G 15 65.37 13.61 -13.44
CA TYR G 15 64.46 13.67 -12.29
C TYR G 15 63.06 13.35 -12.78
N THR G 16 62.49 12.27 -12.25
CA THR G 16 61.14 11.84 -12.61
C THR G 16 60.17 11.89 -11.44
N ASN G 17 60.34 12.85 -10.52
CA ASN G 17 59.46 12.95 -9.37
C ASN G 17 58.18 13.70 -9.68
N ASN G 18 58.24 14.70 -10.55
CA ASN G 18 57.05 15.46 -10.95
C ASN G 18 56.57 15.07 -12.34
N ILE G 19 56.71 13.80 -12.71
CA ILE G 19 56.23 13.28 -13.99
C ILE G 19 55.11 12.29 -13.71
N PRO G 20 53.99 12.37 -14.43
CA PRO G 20 52.91 11.41 -14.21
C PRO G 20 53.35 9.99 -14.54
N LEU G 21 52.47 9.03 -14.25
CA LEU G 21 52.82 7.63 -14.44
C LEU G 21 53.12 7.32 -15.90
N LEU G 22 52.36 7.90 -16.82
CA LEU G 22 52.57 7.71 -18.24
C LEU G 22 53.26 8.90 -18.90
N GLY G 23 53.69 9.88 -18.10
CA GLY G 23 54.40 11.01 -18.66
C GLY G 23 55.62 10.60 -19.44
N LYS G 24 56.01 11.47 -20.37
CA LYS G 24 57.15 11.16 -21.24
C LYS G 24 58.44 11.21 -20.44
N LEU G 25 59.31 10.23 -20.67
CA LEU G 25 60.52 10.07 -19.89
C LEU G 25 61.78 10.53 -20.62
N VAL G 26 61.68 10.79 -21.93
CA VAL G 26 62.77 11.36 -22.70
C VAL G 26 62.68 12.87 -22.67
N ASN G 27 63.79 13.52 -23.03
CA ASN G 27 63.82 14.96 -23.15
C ASN G 27 63.36 15.38 -24.54
N HIS G 28 63.16 16.68 -24.72
CA HIS G 28 62.62 17.22 -25.96
C HIS G 28 63.73 17.50 -26.95
N GLN G 29 63.40 17.37 -28.23
CA GLN G 29 64.35 17.64 -29.29
C GLN G 29 64.68 19.12 -29.32
N PRO G 30 65.76 19.50 -30.02
CA PRO G 30 66.09 20.93 -30.11
C PRO G 30 65.05 21.70 -30.91
N LEU G 31 64.61 22.82 -30.35
CA LEU G 31 63.64 23.68 -31.00
C LEU G 31 64.28 24.43 -32.16
N TRP G 32 63.46 24.77 -33.15
CA TRP G 32 63.98 25.53 -34.29
C TRP G 32 64.43 26.93 -33.88
N SER G 33 63.73 27.57 -32.95
CA SER G 33 64.06 28.92 -32.53
C SER G 33 65.46 29.03 -31.94
N THR G 34 65.89 28.04 -31.18
CA THR G 34 67.19 28.13 -30.51
C THR G 34 68.26 27.29 -31.21
N ASN G 35 67.89 26.10 -31.67
CA ASN G 35 68.86 25.17 -32.26
C ASN G 35 68.32 24.63 -33.58
N PRO G 36 68.32 25.46 -34.63
CA PRO G 36 67.89 24.97 -35.94
C PRO G 36 68.95 24.06 -36.54
N LYS G 37 68.49 22.93 -37.07
CA LYS G 37 69.40 21.97 -37.68
C LYS G 37 69.52 22.15 -39.19
N LEU G 38 68.76 23.06 -39.78
CA LEU G 38 68.86 23.39 -41.18
C LEU G 38 68.80 24.91 -41.36
N LYS G 39 69.44 25.40 -42.41
CA LYS G 39 69.24 26.77 -42.82
C LYS G 39 67.93 26.85 -43.61
N SER G 40 66.97 27.62 -43.08
CA SER G 40 65.65 27.67 -43.67
C SER G 40 65.70 28.29 -45.06
N PHE G 41 65.35 27.49 -46.07
CA PHE G 41 65.24 27.98 -47.44
C PHE G 41 63.98 28.82 -47.55
N SER G 42 64.16 30.14 -47.71
CA SER G 42 63.03 31.05 -47.66
C SER G 42 62.03 30.72 -48.77
N LEU G 43 60.75 30.76 -48.42
CA LEU G 43 59.69 30.35 -49.34
C LEU G 43 59.44 31.37 -50.44
N GLU G 44 59.94 32.60 -50.28
CA GLU G 44 59.73 33.62 -51.30
C GLU G 44 60.32 33.22 -52.65
N LYS G 45 61.29 32.30 -52.65
CA LYS G 45 61.98 31.95 -53.88
C LYS G 45 61.23 30.91 -54.70
N ILE G 46 60.11 30.38 -54.19
CA ILE G 46 59.29 29.45 -54.95
C ILE G 46 57.85 29.96 -54.97
N SER G 47 57.68 31.28 -54.86
CA SER G 47 56.37 31.90 -54.95
C SER G 47 55.89 32.08 -56.39
N ALA G 48 56.76 31.83 -57.36
CA ALA G 48 56.35 31.91 -58.75
C ALA G 48 55.27 30.87 -59.04
N PRO G 49 54.25 31.23 -59.83
CA PRO G 49 53.14 30.29 -60.06
C PRO G 49 53.57 28.94 -60.65
N ASP G 50 54.80 28.84 -61.15
CA ASP G 50 55.31 27.56 -61.63
C ASP G 50 55.91 26.73 -60.50
N GLN G 51 56.65 27.36 -59.59
CA GLN G 51 57.16 26.69 -58.41
C GLN G 51 56.18 26.69 -57.25
N ARG G 52 54.88 26.89 -57.53
CA ARG G 52 53.89 26.92 -56.47
C ARG G 52 53.72 25.55 -55.83
N ARG G 53 53.77 24.49 -56.64
CA ARG G 53 53.58 23.16 -56.10
C ARG G 53 54.76 22.70 -55.26
N VAL G 54 55.94 23.27 -55.50
CA VAL G 54 57.09 22.95 -54.63
C VAL G 54 56.86 23.49 -53.23
N GLN G 55 56.46 24.75 -53.12
CA GLN G 55 56.11 25.30 -51.82
C GLN G 55 54.93 24.56 -51.21
N GLU G 56 53.99 24.12 -52.06
CA GLU G 56 52.88 23.31 -51.57
C GLU G 56 53.39 22.03 -50.91
N ALA G 57 54.35 21.37 -51.54
CA ALA G 57 54.86 20.11 -51.00
C ALA G 57 55.65 20.34 -49.71
N LEU G 58 56.44 21.41 -49.66
CA LEU G 58 57.15 21.72 -48.42
C LEU G 58 56.17 22.00 -47.28
N VAL G 59 55.10 22.75 -47.57
CA VAL G 59 54.12 23.04 -46.55
C VAL G 59 53.38 21.78 -46.14
N VAL G 60 53.12 20.87 -47.08
CA VAL G 60 52.43 19.62 -46.72
C VAL G 60 53.31 18.77 -45.83
N LYS G 61 54.63 18.78 -46.07
CA LYS G 61 55.54 18.06 -45.19
C LYS G 61 55.55 18.67 -43.80
N ASP G 62 55.65 19.99 -43.72
CA ASP G 62 55.58 20.66 -42.42
C ASP G 62 54.26 20.37 -41.72
N LEU G 63 53.18 20.24 -42.48
CA LEU G 63 51.87 19.99 -41.87
C LEU G 63 51.77 18.57 -41.35
N LEU G 64 52.28 17.60 -42.12
CA LEU G 64 52.30 16.23 -41.63
C LEU G 64 53.19 16.08 -40.41
N ASN G 65 54.17 16.96 -40.25
CA ASN G 65 54.99 16.90 -39.04
C ASN G 65 54.33 17.64 -37.88
N VAL G 66 53.59 18.71 -38.16
CA VAL G 66 52.90 19.44 -37.10
C VAL G 66 51.77 18.60 -36.54
N LEU G 67 51.09 17.84 -37.40
CA LEU G 67 49.94 17.03 -36.98
C LEU G 67 50.27 16.08 -35.84
N ILE G 68 51.54 15.83 -35.55
CA ILE G 68 51.93 15.06 -34.37
C ILE G 68 52.78 15.91 -33.42
N GLY G 69 52.59 17.22 -33.44
CA GLY G 69 53.24 18.08 -32.47
C GLY G 69 54.67 18.44 -32.76
N LEU G 70 55.22 17.97 -33.86
CA LEU G 70 56.61 18.23 -34.22
C LEU G 70 56.67 19.43 -35.15
N GLU G 71 57.36 20.47 -34.72
CA GLU G 71 57.45 21.67 -35.53
C GLU G 71 58.16 21.36 -36.84
N GLY G 72 57.70 22.00 -37.91
CA GLY G 72 58.28 21.83 -39.21
C GLY G 72 59.32 22.90 -39.52
N THR G 73 59.73 22.93 -40.79
CA THR G 73 60.73 23.91 -41.20
C THR G 73 60.14 25.31 -41.26
N TYR G 74 58.90 25.42 -41.73
CA TYR G 74 58.25 26.71 -41.89
C TYR G 74 57.07 26.92 -40.95
N ILE G 75 56.65 25.88 -40.24
CA ILE G 75 55.64 25.99 -39.19
C ILE G 75 56.30 25.57 -37.89
N ARG G 76 56.44 26.51 -36.96
CA ARG G 76 57.24 26.31 -35.76
C ARG G 76 56.42 26.71 -34.53
N TYR G 77 56.82 26.17 -33.38
CA TYR G 77 56.28 26.63 -32.11
C TYR G 77 56.53 28.13 -31.97
N PHE G 78 55.65 28.81 -31.25
CA PHE G 78 55.86 30.23 -31.06
C PHE G 78 56.86 30.45 -29.92
N ASN G 79 57.01 31.71 -29.49
CA ASN G 79 58.16 32.05 -28.66
C ASN G 79 58.00 31.55 -27.23
N ASP G 80 56.78 31.56 -26.68
CA ASP G 80 56.56 31.21 -25.28
C ASP G 80 56.47 29.70 -25.07
N TYR G 81 56.73 28.89 -26.09
CA TYR G 81 56.70 27.45 -25.91
C TYR G 81 57.94 26.97 -25.18
N GLU G 82 57.75 26.39 -24.00
CA GLU G 82 58.83 25.84 -23.20
C GLU G 82 58.60 24.35 -23.08
N PRO G 83 59.39 23.52 -23.78
CA PRO G 83 59.07 22.09 -23.86
C PRO G 83 59.28 21.35 -22.55
N SER G 84 60.23 21.77 -21.72
CA SER G 84 60.43 21.15 -20.42
C SER G 84 59.23 21.28 -19.51
N ASP G 85 58.68 22.49 -19.38
CA ASP G 85 57.49 22.72 -18.55
C ASP G 85 56.31 22.02 -19.19
N PRO G 86 55.63 21.12 -18.49
CA PRO G 86 54.49 20.42 -19.11
C PRO G 86 53.23 21.27 -19.19
N GLU G 87 53.06 22.30 -18.37
CA GLU G 87 51.89 23.16 -18.48
C GLU G 87 52.09 24.30 -19.46
N THR G 88 53.01 24.17 -20.40
CA THR G 88 53.28 25.26 -21.34
C THR G 88 52.09 25.48 -22.25
N PRO G 89 51.90 26.69 -22.77
CA PRO G 89 50.93 26.89 -23.84
C PRO G 89 51.45 26.37 -25.17
N ILE G 90 50.53 26.11 -26.09
CA ILE G 90 50.86 25.50 -27.38
C ILE G 90 50.17 26.29 -28.48
N GLU G 91 50.96 26.93 -29.32
CA GLU G 91 50.53 27.53 -30.58
C GLU G 91 51.66 27.40 -31.58
N PHE G 92 51.31 27.44 -32.86
CA PHE G 92 52.31 27.42 -33.92
C PHE G 92 52.31 28.75 -34.64
N LYS G 93 53.50 29.20 -35.01
CA LYS G 93 53.66 30.38 -35.86
C LYS G 93 54.06 29.92 -37.25
N ILE G 94 53.45 30.51 -38.26
CA ILE G 94 53.61 30.09 -39.64
C ILE G 94 54.49 31.11 -40.36
N ALA G 95 55.39 30.61 -41.19
CA ALA G 95 56.29 31.47 -41.95
C ALA G 95 55.50 32.56 -42.67
N LYS G 96 55.90 33.82 -42.43
CA LYS G 96 55.15 34.94 -42.99
C LYS G 96 55.34 35.08 -44.49
N LYS G 97 56.37 34.47 -45.07
CA LYS G 97 56.58 34.50 -46.50
C LYS G 97 55.88 33.35 -47.22
N MET G 98 54.95 32.67 -46.56
CA MET G 98 54.23 31.58 -47.20
C MET G 98 53.11 32.13 -48.07
N ASP G 99 52.69 31.34 -49.05
CA ASP G 99 51.56 31.72 -49.88
C ASP G 99 50.30 31.86 -49.03
N PRO G 100 49.54 32.94 -49.18
CA PRO G 100 48.42 33.19 -48.25
C PRO G 100 47.38 32.08 -48.21
N SER G 101 47.11 31.43 -49.33
CA SER G 101 46.22 30.27 -49.30
C SER G 101 46.82 29.15 -48.47
N PHE G 102 48.11 28.91 -48.64
CA PHE G 102 48.79 27.91 -47.82
C PHE G 102 48.81 28.32 -46.35
N LYS G 103 48.93 29.62 -46.06
CA LYS G 103 48.85 30.05 -44.66
C LYS G 103 47.48 29.78 -44.08
N THR G 104 46.42 30.01 -44.85
CA THR G 104 45.07 29.76 -44.34
C THR G 104 44.86 28.28 -44.06
N PHE G 105 45.14 27.44 -45.05
CA PHE G 105 45.02 26.00 -44.86
C PHE G 105 45.93 25.51 -43.74
N SER G 106 47.10 26.11 -43.60
CA SER G 106 48.05 25.67 -42.59
C SER G 106 47.58 26.03 -41.19
N ARG G 107 46.99 27.22 -41.01
CA ARG G 107 46.36 27.54 -39.73
C ARG G 107 45.26 26.54 -39.41
N ARG G 108 44.45 26.20 -40.41
CA ARG G 108 43.38 25.22 -40.19
C ARG G 108 43.94 23.89 -39.70
N ILE G 109 45.05 23.43 -40.29
CA ILE G 109 45.61 22.14 -39.90
C ILE G 109 46.41 22.25 -38.59
N VAL G 110 46.98 23.42 -38.34
CA VAL G 110 47.68 23.68 -37.08
C VAL G 110 46.71 23.57 -35.92
N ARG G 111 45.45 23.92 -36.14
CA ARG G 111 44.44 23.67 -35.12
C ARG G 111 44.47 22.21 -34.66
N TYR G 112 44.43 21.28 -35.62
CA TYR G 112 44.46 19.86 -35.29
C TYR G 112 45.77 19.43 -34.66
N GLY G 113 46.89 19.96 -35.15
CA GLY G 113 48.17 19.63 -34.53
C GLY G 113 48.24 20.03 -33.08
N LYS G 114 47.78 21.24 -32.76
CA LYS G 114 47.78 21.71 -31.38
C LYS G 114 46.81 20.89 -30.53
N GLN G 115 45.68 20.51 -31.10
CA GLN G 115 44.75 19.65 -30.37
C GLN G 115 45.39 18.31 -30.05
N TYR G 116 46.16 17.75 -30.99
CA TYR G 116 46.85 16.49 -30.71
C TYR G 116 47.85 16.66 -29.58
N MET G 117 48.65 17.73 -29.64
CA MET G 117 49.62 17.95 -28.57
C MET G 117 48.92 18.03 -27.21
N ILE G 118 47.85 18.82 -27.13
CA ILE G 118 47.20 19.06 -25.85
C ILE G 118 46.52 17.79 -25.35
N LEU G 119 45.96 16.98 -26.26
CA LEU G 119 45.31 15.76 -25.82
C LEU G 119 46.32 14.71 -25.36
N THR G 120 47.46 14.62 -26.04
CA THR G 120 48.50 13.70 -25.58
C THR G 120 48.99 14.11 -24.20
N ARG G 121 49.27 15.40 -24.03
CA ARG G 121 49.66 15.91 -22.72
C ARG G 121 48.57 15.65 -21.68
N ALA G 122 47.31 15.69 -22.11
CA ALA G 122 46.20 15.52 -21.18
C ALA G 122 46.12 14.09 -20.68
N TYR G 123 46.23 13.10 -21.56
CA TYR G 123 46.16 11.74 -21.04
C TYR G 123 47.41 11.40 -20.25
N GLU G 124 48.58 11.91 -20.67
CA GLU G 124 49.78 11.75 -19.85
C GLU G 124 49.55 12.25 -18.44
N LYS G 125 49.02 13.47 -18.29
CA LYS G 125 48.75 14.01 -16.96
C LYS G 125 47.72 13.15 -16.22
N TRP G 126 46.57 12.90 -16.83
CA TRP G 126 45.48 12.19 -16.18
C TRP G 126 45.74 10.71 -15.97
N SER G 127 46.93 10.20 -16.31
CA SER G 127 47.21 8.80 -15.99
C SER G 127 47.59 8.61 -14.53
N ASP G 128 47.66 9.68 -13.74
CA ASP G 128 48.06 9.57 -12.34
C ASP G 128 47.00 8.87 -11.51
N THR G 129 47.37 8.56 -10.25
CA THR G 129 46.42 7.93 -9.33
C THR G 129 45.52 8.94 -8.64
N SER G 130 45.96 10.19 -8.53
CA SER G 130 45.18 11.22 -7.83
C SER G 130 44.01 11.73 -8.65
N PHE G 131 43.71 11.12 -9.80
CA PHE G 131 42.66 11.63 -10.68
C PHE G 131 41.43 10.73 -10.74
N GLY G 132 41.49 9.54 -10.17
CA GLY G 132 40.34 8.67 -10.18
C GLY G 132 40.26 7.83 -11.44
N MET G 133 39.62 6.67 -11.31
CA MET G 133 39.63 5.71 -12.41
C MET G 133 38.74 6.15 -13.55
N VAL G 134 37.82 7.08 -13.31
CA VAL G 134 37.00 7.60 -14.40
C VAL G 134 37.85 8.47 -15.32
N LEU G 135 38.59 9.42 -14.76
CA LEU G 135 39.51 10.20 -15.57
C LEU G 135 40.63 9.34 -16.14
N GLN G 136 41.02 8.29 -15.43
CA GLN G 136 42.07 7.42 -15.96
C GLN G 136 41.57 6.63 -17.16
N ARG G 137 40.31 6.16 -17.11
CA ARG G 137 39.76 5.47 -18.27
C ARG G 137 39.49 6.45 -19.40
N PHE G 138 39.17 7.71 -19.09
CA PHE G 138 39.02 8.69 -20.16
C PHE G 138 40.37 8.98 -20.80
N ALA G 139 41.44 9.02 -20.00
CA ALA G 139 42.77 9.20 -20.58
C ALA G 139 43.18 8.00 -21.41
N TYR G 140 42.79 6.80 -20.98
CA TYR G 140 43.05 5.61 -21.78
C TYR G 140 42.29 5.64 -23.09
N GLU G 141 41.05 6.10 -23.07
CA GLU G 141 40.28 6.22 -24.30
C GLU G 141 40.85 7.31 -25.19
N ILE G 142 41.38 8.38 -24.61
CA ILE G 142 42.03 9.42 -25.40
C ILE G 142 43.26 8.86 -26.10
N ARG G 143 44.09 8.12 -25.36
CA ARG G 143 45.31 7.60 -25.96
C ARG G 143 45.01 6.52 -26.99
N ARG G 144 43.98 5.71 -26.74
CA ARG G 144 43.60 4.71 -27.74
C ARG G 144 43.01 5.38 -28.98
N PHE G 145 42.25 6.46 -28.80
CA PHE G 145 41.79 7.22 -29.96
C PHE G 145 42.97 7.71 -30.76
N LEU G 146 43.89 8.42 -30.12
CA LEU G 146 45.08 8.89 -30.84
C LEU G 146 45.74 7.75 -31.59
N GLU G 147 46.24 6.76 -30.87
CA GLU G 147 47.03 5.69 -31.47
C GLU G 147 46.28 4.95 -32.57
N ASP G 148 45.02 4.62 -32.37
CA ASP G 148 44.32 3.70 -33.28
C ASP G 148 43.49 4.40 -34.34
N VAL G 149 43.23 5.70 -34.19
CA VAL G 149 42.41 6.45 -35.13
C VAL G 149 43.17 7.65 -35.69
N TYR G 150 43.70 8.50 -34.81
CA TYR G 150 44.32 9.73 -35.31
C TYR G 150 45.63 9.43 -36.02
N LEU G 151 46.48 8.59 -35.40
CA LEU G 151 47.74 8.26 -36.04
C LEU G 151 47.54 7.29 -37.19
N LYS G 152 46.52 6.44 -37.12
CA LYS G 152 46.22 5.56 -38.24
C LYS G 152 45.77 6.37 -39.45
N THR G 153 44.84 7.30 -39.25
CA THR G 153 44.48 8.23 -40.32
C THR G 153 45.71 8.96 -40.82
N LEU G 154 46.42 9.65 -39.93
CA LEU G 154 47.60 10.40 -40.32
C LEU G 154 48.51 9.59 -41.22
N VAL G 155 49.04 8.48 -40.74
CA VAL G 155 49.97 7.71 -41.56
C VAL G 155 49.28 7.15 -42.79
N GLU G 156 48.36 6.20 -42.59
CA GLU G 156 47.88 5.38 -43.69
C GLU G 156 47.09 6.17 -44.72
N ARG G 157 46.72 7.41 -44.44
CA ARG G 157 46.08 8.23 -45.46
C ARG G 157 46.95 9.42 -45.84
N LEU G 158 47.28 10.29 -44.89
CA LEU G 158 47.97 11.52 -45.25
C LEU G 158 49.40 11.24 -45.71
N GLU G 159 50.15 10.40 -44.99
CA GLU G 159 51.54 10.22 -45.38
C GLU G 159 51.64 9.31 -46.59
N ARG G 160 50.73 8.35 -46.71
CA ARG G 160 50.73 7.47 -47.86
C ARG G 160 50.31 8.22 -49.13
N ASP G 161 49.47 9.24 -49.00
CA ASP G 161 49.12 10.06 -50.15
C ASP G 161 50.20 11.09 -50.43
N PHE G 162 50.92 11.54 -49.41
CA PHE G 162 52.03 12.46 -49.63
C PHE G 162 53.21 11.74 -50.26
N ASN G 163 53.25 10.41 -50.13
CA ASN G 163 54.38 9.68 -50.68
C ASN G 163 54.04 8.94 -51.96
N LYS G 164 52.76 8.65 -52.22
CA LYS G 164 52.40 7.78 -53.33
C LYS G 164 51.31 8.31 -54.25
N VAL G 165 50.59 9.35 -53.87
CA VAL G 165 49.40 9.79 -54.60
C VAL G 165 49.70 11.14 -55.23
N PRO G 166 49.89 11.21 -56.55
CA PRO G 166 49.93 12.52 -57.22
C PRO G 166 48.56 13.18 -57.15
N ASN G 167 48.54 14.47 -57.43
CA ASN G 167 47.35 15.33 -57.33
C ASN G 167 46.94 15.56 -55.88
N PHE G 168 47.75 15.14 -54.92
CA PHE G 168 47.48 15.42 -53.52
C PHE G 168 47.89 16.86 -53.20
N SER G 169 47.16 17.49 -52.29
CA SER G 169 47.42 18.89 -51.98
C SER G 169 46.79 19.23 -50.63
N ILE G 170 47.10 20.44 -50.14
CA ILE G 170 46.71 20.83 -48.79
C ILE G 170 45.19 20.83 -48.65
N ARG G 171 44.50 21.32 -49.68
CA ARG G 171 43.04 21.29 -49.64
C ARG G 171 42.51 19.87 -49.59
N GLU G 172 43.18 18.95 -50.29
CA GLU G 172 42.76 17.55 -50.21
C GLU G 172 43.16 16.94 -48.87
N LEU G 173 44.23 17.46 -48.27
CA LEU G 173 44.57 17.06 -46.90
C LEU G 173 43.45 17.40 -45.93
N GLU G 174 42.98 18.64 -45.98
CA GLU G 174 41.89 19.04 -45.09
C GLU G 174 40.60 18.30 -45.42
N GLN G 175 40.37 18.01 -46.71
CA GLN G 175 39.21 17.22 -47.07
C GLN G 175 39.27 15.82 -46.48
N ILE G 176 40.42 15.16 -46.59
CA ILE G 176 40.59 13.83 -45.99
C ILE G 176 40.37 13.89 -44.49
N ILE G 177 40.89 14.93 -43.83
CA ILE G 177 40.69 15.05 -42.40
C ILE G 177 39.20 15.20 -42.07
N ASN G 178 38.47 15.98 -42.87
CA ASN G 178 37.06 16.21 -42.58
C ASN G 178 36.21 14.98 -42.90
N GLU G 179 36.63 14.17 -43.88
CA GLU G 179 35.82 13.04 -44.30
C GLU G 179 35.91 11.89 -43.31
N THR G 180 37.10 11.62 -42.78
CA THR G 180 37.28 10.52 -41.85
C THR G 180 36.73 10.80 -40.46
N GLU G 181 36.11 11.96 -40.25
CA GLU G 181 35.49 12.35 -38.99
C GLU G 181 36.53 12.57 -37.89
N VAL G 182 37.81 12.41 -38.20
CA VAL G 182 38.85 12.58 -37.20
C VAL G 182 38.80 13.98 -36.60
N ASN G 183 38.50 14.98 -37.42
CA ASN G 183 38.40 16.33 -36.88
C ASN G 183 37.22 16.46 -35.93
N LYS G 184 36.07 15.86 -36.28
CA LYS G 184 34.90 15.96 -35.42
C LYS G 184 35.11 15.21 -34.11
N GLN G 185 35.63 13.99 -34.18
CA GLN G 185 35.84 13.21 -32.96
C GLN G 185 36.91 13.83 -32.07
N MET G 186 37.98 14.35 -32.68
CA MET G 186 39.01 15.01 -31.89
C MET G 186 38.50 16.31 -31.30
N GLU G 187 37.64 17.03 -32.03
CA GLU G 187 37.03 18.23 -31.48
C GLU G 187 36.13 17.89 -30.30
N LEU G 188 35.43 16.76 -30.38
CA LEU G 188 34.63 16.30 -29.25
C LEU G 188 35.50 16.02 -28.04
N LEU G 189 36.55 15.22 -28.23
CA LEU G 189 37.47 14.93 -27.13
C LEU G 189 38.08 16.20 -26.55
N TYR G 190 38.39 17.17 -27.40
CA TYR G 190 39.03 18.40 -26.93
C TYR G 190 38.03 19.28 -26.19
N ASN G 191 36.76 19.25 -26.62
CA ASN G 191 35.72 19.95 -25.88
C ASN G 191 35.53 19.34 -24.50
N ILE G 192 35.55 18.00 -24.41
CA ILE G 192 35.44 17.37 -23.10
C ILE G 192 36.65 17.72 -22.24
N TYR G 193 37.84 17.71 -22.82
CA TYR G 193 39.03 18.09 -22.08
C TYR G 193 38.93 19.53 -21.58
N GLU G 194 38.43 20.43 -22.42
CA GLU G 194 38.31 21.83 -22.03
C GLU G 194 37.26 22.01 -20.94
N GLU G 195 36.19 21.23 -20.98
CA GLU G 195 35.20 21.27 -19.91
C GLU G 195 35.80 20.78 -18.60
N ILE G 196 36.55 19.68 -18.65
CA ILE G 196 37.21 19.19 -17.44
C ILE G 196 38.22 20.22 -16.95
N PHE G 197 38.84 20.97 -17.86
CA PHE G 197 39.84 21.96 -17.47
C PHE G 197 39.20 23.16 -16.80
N ARG G 198 38.09 23.65 -17.36
CA ARG G 198 37.37 24.73 -16.70
C ARG G 198 36.85 24.28 -15.34
N GLU G 199 36.42 23.02 -15.23
CA GLU G 199 36.02 22.48 -13.93
C GLU G 199 37.17 22.52 -12.94
N ILE G 200 38.34 22.01 -13.35
CA ILE G 200 39.51 22.03 -12.48
C ILE G 200 39.85 23.46 -12.06
N GLU G 201 39.72 24.41 -12.99
CA GLU G 201 40.07 25.78 -12.67
C GLU G 201 39.09 26.38 -11.67
N GLU G 202 37.79 26.16 -11.87
CA GLU G 202 36.81 26.60 -10.89
C GLU G 202 37.08 26.02 -9.52
N ARG G 203 37.33 24.71 -9.45
CA ARG G 203 37.56 24.07 -8.16
C ARG G 203 38.87 24.52 -7.54
N ARG G 204 39.79 25.04 -8.35
CA ARG G 204 41.04 25.56 -7.80
C ARG G 204 40.89 26.99 -7.30
N THR G 205 40.01 27.76 -7.93
CA THR G 205 39.78 29.15 -7.52
C THR G 205 38.64 29.29 -6.53
N ASN G 206 37.52 28.58 -6.74
CA ASN G 206 36.37 28.69 -5.86
C ASN G 206 36.63 27.94 -4.56
N GLN G 207 37.45 28.55 -3.72
CA GLN G 207 37.73 28.04 -2.38
C GLN G 207 36.99 28.82 -1.30
N SER G 208 36.17 29.80 -1.68
CA SER G 208 35.38 30.57 -0.73
C SER G 208 34.07 29.88 -0.35
N SER G 209 33.96 28.57 -0.58
CA SER G 209 32.72 27.86 -0.30
C SER G 209 32.57 27.61 1.20
N GLN G 210 31.52 26.86 1.54
CA GLN G 210 31.22 26.55 2.93
C GLN G 210 32.34 25.73 3.59
N ASN G 222 20.74 17.22 4.38
CA ASN G 222 19.45 16.58 4.17
C ASN G 222 18.95 15.94 5.47
N GLU G 223 17.72 16.26 5.85
CA GLU G 223 17.13 15.76 7.08
C GLU G 223 16.68 14.31 6.99
N SER G 224 16.61 13.74 5.78
CA SER G 224 16.21 12.35 5.64
C SER G 224 17.17 11.41 6.36
N SER G 225 18.46 11.72 6.35
CA SER G 225 19.45 10.94 7.07
C SER G 225 19.26 11.00 8.58
N LEU G 226 18.48 11.96 9.09
CA LEU G 226 18.08 12.00 10.49
C LEU G 226 16.67 11.46 10.70
N HIS G 227 15.76 11.69 9.76
CA HIS G 227 14.46 11.03 9.80
C HIS G 227 14.61 9.50 9.78
N LEU G 228 15.75 9.01 9.29
CA LEU G 228 16.07 7.60 9.35
C LEU G 228 17.21 7.40 10.33
N ARG G 229 17.32 6.18 10.87
CA ARG G 229 18.36 5.86 11.83
C ARG G 229 19.62 5.51 11.05
N LEU G 230 20.37 6.57 10.72
CA LEU G 230 21.53 6.49 9.84
C LEU G 230 22.66 7.30 10.46
N MET G 231 23.70 6.61 10.93
CA MET G 231 24.90 7.28 11.41
C MET G 231 25.80 7.57 10.21
N VAL G 232 25.32 8.46 9.35
CA VAL G 232 25.97 8.80 8.10
C VAL G 232 26.02 10.32 7.97
N ALA G 233 27.13 10.84 7.49
CA ALA G 233 27.30 12.27 7.30
C ALA G 233 27.51 12.57 5.82
N PHE G 234 27.38 13.84 5.47
CA PHE G 234 27.70 14.30 4.13
C PHE G 234 29.11 14.86 4.10
N ASP G 235 29.89 14.42 3.13
CA ASP G 235 31.23 14.95 2.90
C ASP G 235 31.10 16.00 1.81
N THR G 236 30.99 17.26 2.22
CA THR G 236 30.75 18.36 1.29
C THR G 236 32.04 18.88 0.67
N THR G 237 33.12 18.10 0.78
CA THR G 237 34.39 18.50 0.18
C THR G 237 34.25 18.65 -1.32
N VAL G 238 34.76 19.76 -1.85
CA VAL G 238 34.81 19.99 -3.28
C VAL G 238 36.24 19.76 -3.75
N TYR G 239 36.47 18.59 -4.33
CA TYR G 239 37.81 18.11 -4.62
C TYR G 239 38.47 18.98 -5.69
N PRO G 240 39.80 18.91 -5.80
CA PRO G 240 40.49 19.74 -6.81
C PRO G 240 40.20 19.30 -8.24
N VAL G 241 39.94 18.01 -8.46
CA VAL G 241 39.59 17.52 -9.79
C VAL G 241 38.29 16.73 -9.68
N PRO G 242 37.39 16.84 -10.64
CA PRO G 242 36.16 16.03 -10.58
C PRO G 242 36.48 14.55 -10.66
N LYS G 243 35.63 13.75 -10.01
CA LYS G 243 35.81 12.31 -9.99
C LYS G 243 34.46 11.62 -10.17
N GLY G 244 34.46 10.50 -10.88
CA GLY G 244 33.29 9.65 -10.95
C GLY G 244 32.08 10.36 -11.51
N GLY G 245 31.03 10.44 -10.70
CA GLY G 245 29.80 11.06 -11.13
C GLY G 245 29.95 12.48 -11.63
N ALA G 246 30.93 13.22 -11.10
CA ALA G 246 31.12 14.60 -11.54
C ALA G 246 31.67 14.68 -12.96
N ILE G 247 32.12 13.56 -13.50
CA ILE G 247 32.59 13.49 -14.88
C ILE G 247 31.59 12.77 -15.78
N LEU G 248 30.93 11.74 -15.24
CA LEU G 248 29.82 11.14 -15.98
C LEU G 248 28.73 12.17 -16.24
N LYS G 249 28.55 13.12 -15.32
CA LYS G 249 27.60 14.20 -15.57
C LYS G 249 28.07 15.12 -16.69
N ILE G 250 29.37 15.40 -16.75
CA ILE G 250 29.90 16.18 -17.86
C ILE G 250 29.64 15.49 -19.18
N PHE G 251 29.85 14.17 -19.22
CA PHE G 251 29.64 13.44 -20.47
C PHE G 251 28.16 13.42 -20.86
N GLN G 252 27.27 13.26 -19.88
CA GLN G 252 25.84 13.32 -20.19
C GLN G 252 25.44 14.70 -20.69
N GLN G 253 25.99 15.75 -20.07
CA GLN G 253 25.73 17.10 -20.54
C GLN G 253 26.21 17.29 -21.97
N LYS G 254 27.36 16.72 -22.31
CA LYS G 254 27.83 16.79 -23.69
C LYS G 254 26.90 16.06 -24.65
N ILE G 255 26.44 14.87 -24.28
CA ILE G 255 25.50 14.15 -25.12
C ILE G 255 24.22 14.97 -25.32
N LEU G 256 23.82 15.71 -24.29
CA LEU G 256 22.66 16.60 -24.45
C LEU G 256 22.97 17.74 -25.41
N GLU G 257 24.13 18.38 -25.23
CA GLU G 257 24.49 19.52 -26.07
C GLU G 257 24.73 19.10 -27.52
N ASN G 258 24.90 17.80 -27.78
CA ASN G 258 25.11 17.31 -29.13
C ASN G 258 23.88 16.62 -29.70
N LEU G 259 22.70 16.85 -29.12
CA LEU G 259 21.50 16.21 -29.62
C LEU G 259 21.17 16.69 -31.02
N GLY G 260 21.04 15.74 -31.95
CA GLY G 260 20.85 16.03 -33.34
C GLY G 260 21.99 15.62 -34.24
N ASP G 261 23.20 15.54 -33.69
CA ASP G 261 24.38 15.10 -34.44
C ASP G 261 24.59 13.63 -34.08
N ARG G 262 23.87 12.75 -34.78
CA ARG G 262 23.83 11.34 -34.41
C ARG G 262 25.21 10.72 -34.37
N SER G 263 26.14 11.22 -35.17
CA SER G 263 27.49 10.68 -35.12
C SER G 263 28.20 11.11 -33.84
N SER G 264 28.07 12.38 -33.48
CA SER G 264 28.63 12.86 -32.22
C SER G 264 27.96 12.20 -31.03
N VAL G 265 26.65 11.96 -31.12
CA VAL G 265 25.95 11.32 -30.00
C VAL G 265 26.41 9.87 -29.86
N MET G 266 26.61 9.18 -30.98
CA MET G 266 27.10 7.80 -30.91
C MET G 266 28.51 7.75 -30.36
N PHE G 267 29.37 8.68 -30.77
CA PHE G 267 30.72 8.73 -30.26
C PHE G 267 30.74 8.98 -28.76
N LEU G 268 29.97 9.98 -28.30
CA LEU G 268 29.96 10.30 -26.88
C LEU G 268 29.28 9.21 -26.06
N LYS G 269 28.31 8.52 -26.63
CA LYS G 269 27.67 7.43 -25.91
C LYS G 269 28.60 6.23 -25.75
N LYS G 270 29.38 5.94 -26.80
CA LYS G 270 30.36 4.87 -26.67
C LYS G 270 31.45 5.27 -25.69
N LEU G 271 31.83 6.55 -25.68
CA LEU G 271 32.80 7.03 -24.69
C LEU G 271 32.28 6.86 -23.28
N LEU G 272 31.02 7.21 -23.04
CA LEU G 272 30.45 7.06 -21.71
C LEU G 272 30.35 5.60 -21.31
N ASN G 273 29.87 4.75 -22.21
CA ASN G 273 29.76 3.32 -21.91
C ASN G 273 31.12 2.71 -21.62
N ASN G 274 32.18 3.23 -22.25
CA ASN G 274 33.51 2.73 -21.94
C ASN G 274 34.02 3.23 -20.61
N ILE G 275 33.91 4.54 -20.37
CA ILE G 275 34.47 5.13 -19.17
C ILE G 275 33.78 4.62 -17.92
N SER G 276 32.45 4.55 -17.93
CA SER G 276 31.72 4.27 -16.71
C SER G 276 31.65 2.80 -16.37
N GLN G 277 32.42 1.94 -17.03
CA GLN G 277 32.32 0.51 -16.76
C GLN G 277 32.82 0.17 -15.36
N ASP G 278 33.97 0.71 -14.98
CA ASP G 278 34.48 0.45 -13.63
C ASP G 278 33.60 1.08 -12.56
N TYR G 279 33.00 2.24 -12.85
CA TYR G 279 32.06 2.82 -11.90
C TYR G 279 30.83 1.95 -11.74
N CYS G 280 30.33 1.38 -12.84
CA CYS G 280 29.25 0.41 -12.74
C CYS G 280 29.67 -0.81 -11.94
N THR G 281 30.91 -1.23 -12.07
CA THR G 281 31.40 -2.35 -11.28
C THR G 281 31.38 -2.02 -9.79
N MET G 282 31.91 -0.86 -9.42
CA MET G 282 31.90 -0.45 -8.01
C MET G 282 30.49 -0.35 -7.48
N LEU G 283 29.58 0.26 -8.26
CA LEU G 283 28.21 0.42 -7.81
C LEU G 283 27.50 -0.92 -7.67
N TYR G 284 27.76 -1.84 -8.59
CA TYR G 284 27.19 -3.19 -8.51
C TYR G 284 27.70 -3.91 -7.27
N GLU G 285 28.99 -3.77 -6.96
CA GLU G 285 29.53 -4.41 -5.78
C GLU G 285 28.91 -3.82 -4.52
N TRP G 286 28.80 -2.50 -4.44
CA TRP G 286 28.22 -1.87 -3.26
C TRP G 286 26.73 -2.18 -3.14
N LEU G 287 26.08 -2.51 -4.26
CA LEU G 287 24.64 -2.75 -4.23
C LEU G 287 24.28 -4.21 -4.02
N THR G 288 25.18 -5.14 -4.33
CA THR G 288 24.87 -6.55 -4.16
C THR G 288 25.70 -7.26 -3.10
N GLN G 289 26.81 -6.67 -2.65
CA GLN G 289 27.63 -7.27 -1.61
C GLN G 289 28.15 -6.28 -0.57
N GLY G 290 27.79 -5.00 -0.67
CA GLY G 290 28.22 -4.02 0.31
C GLY G 290 29.72 -3.81 0.39
N ILE G 291 30.46 -4.22 -0.64
CA ILE G 291 31.92 -4.12 -0.64
C ILE G 291 32.31 -2.74 -1.16
N LEU G 292 33.25 -2.10 -0.48
CA LEU G 292 33.74 -0.78 -0.85
C LEU G 292 35.23 -0.88 -1.17
N ASN G 293 35.54 -1.13 -2.45
CA ASN G 293 36.92 -1.12 -2.93
C ASN G 293 37.10 0.18 -3.70
N ASP G 294 37.56 1.21 -3.01
CA ASP G 294 37.60 2.58 -3.53
C ASP G 294 38.95 3.19 -3.19
N PRO G 295 40.01 2.79 -3.90
CA PRO G 295 41.34 3.29 -3.57
C PRO G 295 41.60 4.70 -4.07
N TYR G 296 40.75 5.25 -4.94
CA TYR G 296 40.96 6.56 -5.52
C TYR G 296 39.95 7.59 -5.04
N GLN G 297 39.27 7.33 -3.92
CA GLN G 297 38.29 8.25 -3.34
C GLN G 297 37.29 8.73 -4.39
N GLU G 298 36.51 7.80 -4.93
CA GLU G 298 35.57 8.11 -6.00
C GLU G 298 34.12 7.81 -5.69
N PHE G 299 33.83 6.75 -4.93
CA PHE G 299 32.46 6.27 -4.87
C PHE G 299 31.58 7.24 -4.09
N MET G 300 30.26 7.07 -4.22
CA MET G 300 29.32 7.95 -3.55
C MET G 300 29.54 7.97 -2.05
N THR G 301 29.95 6.85 -1.48
CA THR G 301 30.06 6.69 -0.04
C THR G 301 31.33 5.92 0.30
N TYR G 302 31.71 5.97 1.58
CA TYR G 302 32.93 5.32 2.03
C TYR G 302 32.90 5.15 3.55
N ASP G 303 33.56 4.11 4.02
CA ASP G 303 33.74 3.85 5.44
C ASP G 303 34.84 4.72 6.00
N ASP G 304 34.61 5.22 7.21
CA ASP G 304 35.69 5.81 8.00
C ASP G 304 36.44 4.67 8.68
N LEU G 305 37.33 5.00 9.63
CA LEU G 305 38.06 3.99 10.39
C LEU G 305 38.88 3.07 9.48
N GLU G 306 39.40 3.64 8.41
CA GLU G 306 40.17 2.89 7.41
C GLU G 306 39.38 1.70 6.84
N ARG G 318 35.44 -4.21 17.85
CA ARG G 318 36.38 -3.12 18.05
C ARG G 318 36.23 -2.08 16.95
N ALA G 319 36.29 -2.53 15.69
CA ALA G 319 36.18 -1.67 14.52
C ALA G 319 34.78 -1.74 13.92
N TRP G 320 33.75 -1.87 14.75
CA TRP G 320 32.41 -2.14 14.24
C TRP G 320 31.50 -0.92 14.28
N ASP G 321 31.79 0.06 15.15
CA ASP G 321 30.99 1.29 15.20
C ASP G 321 31.41 2.20 14.05
N THR G 322 31.23 1.67 12.84
CA THR G 322 31.65 2.35 11.62
C THR G 322 30.68 3.46 11.26
N GLN G 323 31.21 4.59 10.79
CA GLN G 323 30.41 5.69 10.30
C GLN G 323 30.64 5.87 8.81
N TYR G 324 29.55 5.93 8.05
CA TYR G 324 29.62 6.17 6.63
C TYR G 324 29.52 7.66 6.33
N PHE G 325 30.15 8.07 5.24
CA PHE G 325 29.99 9.41 4.72
C PHE G 325 29.51 9.32 3.28
N ILE G 326 29.07 10.45 2.75
CA ILE G 326 28.63 10.53 1.36
C ILE G 326 29.35 11.70 0.72
N ARG G 327 30.17 11.42 -0.29
CA ARG G 327 30.87 12.46 -1.04
C ARG G 327 29.84 13.13 -1.94
N LYS G 328 29.42 14.33 -1.54
CA LYS G 328 28.40 15.04 -2.31
C LYS G 328 28.89 15.39 -3.70
N ASP G 329 30.19 15.63 -3.85
CA ASP G 329 30.75 16.09 -5.11
C ASP G 329 30.68 15.03 -6.21
N VAL G 330 30.82 13.75 -5.88
CA VAL G 330 30.92 12.70 -6.88
C VAL G 330 29.59 11.99 -7.11
N LEU G 331 28.49 12.59 -6.67
CA LEU G 331 27.20 11.94 -6.81
C LEU G 331 26.75 11.95 -8.27
N LEU G 332 25.94 10.96 -8.63
CA LEU G 332 25.38 10.87 -9.97
C LEU G 332 24.15 11.74 -10.14
N ARG G 333 23.34 11.90 -9.11
CA ARG G 333 22.19 12.80 -9.14
C ARG G 333 22.37 13.86 -8.05
N ASP G 334 21.96 15.07 -8.37
CA ASP G 334 22.32 16.26 -7.60
C ASP G 334 21.77 16.24 -6.17
N CYS G 335 20.87 15.32 -5.85
CA CYS G 335 20.32 15.20 -4.49
C CYS G 335 19.71 16.53 -4.04
N ASP G 336 18.70 16.99 -4.78
CA ASP G 336 17.98 18.21 -4.46
C ASP G 336 16.49 17.93 -4.23
N SER G 337 15.85 17.21 -5.14
CA SER G 337 14.45 16.87 -4.98
C SER G 337 14.30 15.70 -4.01
N GLU G 338 13.05 15.26 -3.86
CA GLU G 338 12.76 14.24 -2.84
C GLU G 338 13.00 12.83 -3.38
N GLU G 339 12.72 12.59 -4.66
CA GLU G 339 12.92 11.26 -5.20
C GLU G 339 14.41 10.95 -5.37
N ASP G 340 15.21 11.98 -5.69
CA ASP G 340 16.65 11.77 -5.77
C ASP G 340 17.24 11.44 -4.41
N LYS G 341 16.78 12.09 -3.34
CA LYS G 341 17.25 11.75 -2.01
C LYS G 341 16.77 10.37 -1.59
N ASN G 342 15.53 10.03 -1.96
CA ASN G 342 15.03 8.68 -1.68
C ASN G 342 15.92 7.63 -2.34
N LEU G 343 16.28 7.84 -3.61
CA LEU G 343 17.13 6.88 -4.32
C LEU G 343 18.52 6.83 -3.71
N LEU G 344 19.10 7.99 -3.40
CA LEU G 344 20.44 8.03 -2.81
C LEU G 344 20.49 7.27 -1.50
N PHE G 345 19.53 7.53 -0.62
CA PHE G 345 19.55 6.87 0.68
C PHE G 345 19.14 5.40 0.56
N LYS G 346 18.38 5.04 -0.47
CA LYS G 346 18.10 3.63 -0.69
C LYS G 346 19.37 2.88 -1.11
N MET G 347 20.18 3.50 -1.98
CA MET G 347 21.47 2.92 -2.32
C MET G 347 22.34 2.75 -1.08
N LEU G 348 22.46 3.83 -0.29
CA LEU G 348 23.29 3.79 0.90
C LEU G 348 22.85 2.69 1.85
N ARG G 349 21.53 2.59 2.08
CA ARG G 349 21.02 1.60 3.03
C ARG G 349 21.19 0.19 2.49
N THR G 350 21.03 0.00 1.17
CA THR G 350 21.26 -1.31 0.60
C THR G 350 22.69 -1.77 0.87
N GLY G 351 23.66 -0.90 0.58
CA GLY G 351 25.04 -1.23 0.86
C GLY G 351 25.30 -1.49 2.33
N ILE G 352 24.73 -0.67 3.20
CA ILE G 352 24.96 -0.83 4.63
C ILE G 352 24.43 -2.16 5.13
N LEU G 353 23.19 -2.49 4.76
CA LEU G 353 22.61 -3.76 5.20
C LEU G 353 23.38 -4.94 4.67
N LEU G 354 23.82 -4.88 3.40
CA LEU G 354 24.58 -6.00 2.87
C LEU G 354 25.94 -6.15 3.55
N LYS G 355 26.58 -5.02 3.89
CA LYS G 355 27.83 -5.12 4.62
C LYS G 355 27.61 -5.71 6.01
N VAL G 356 26.52 -5.33 6.68
CA VAL G 356 26.21 -5.91 7.98
C VAL G 356 26.02 -7.41 7.87
N VAL G 357 25.19 -7.85 6.91
CA VAL G 357 24.96 -9.27 6.71
C VAL G 357 26.27 -10.00 6.44
N ARG G 358 27.17 -9.37 5.67
CA ARG G 358 28.40 -10.03 5.28
C ARG G 358 29.40 -10.07 6.43
N ALA G 359 29.33 -9.09 7.33
CA ALA G 359 30.25 -9.04 8.45
C ALA G 359 29.81 -9.97 9.57
N SER G 360 28.50 -10.13 9.76
CA SER G 360 28.02 -11.01 10.82
C SER G 360 28.44 -12.45 10.58
N LEU G 361 28.18 -12.97 9.38
CA LEU G 361 28.52 -14.36 9.04
C LEU G 361 30.01 -14.59 8.87
N GLN G 362 30.85 -13.56 9.05
CA GLN G 362 32.30 -13.68 8.91
C GLN G 362 32.70 -14.24 7.54
N ILE G 363 31.91 -13.89 6.53
CA ILE G 363 32.18 -14.34 5.17
C ILE G 363 32.70 -13.17 4.35
N PRO G 364 33.44 -13.41 3.28
CA PRO G 364 33.92 -12.29 2.45
C PRO G 364 32.96 -11.90 1.35
N THR G 365 31.97 -12.72 1.04
CA THR G 365 30.99 -12.38 0.02
C THR G 365 29.70 -13.16 0.30
N ILE G 366 28.59 -12.63 -0.18
CA ILE G 366 27.28 -13.23 0.01
C ILE G 366 26.98 -14.11 -1.20
N PRO G 367 26.69 -15.40 -1.02
CA PRO G 367 26.40 -16.27 -2.16
C PRO G 367 25.18 -15.79 -2.92
N SER G 368 25.22 -15.98 -4.24
CA SER G 368 24.15 -15.47 -5.10
C SER G 368 22.83 -16.23 -4.91
N ASN G 369 22.84 -17.35 -4.20
CA ASN G 369 21.63 -18.13 -3.95
C ASN G 369 20.93 -17.72 -2.67
N SER G 370 21.47 -16.74 -1.93
CA SER G 370 20.90 -16.36 -0.65
C SER G 370 19.55 -15.65 -0.77
N SER G 371 19.05 -15.45 -1.99
CA SER G 371 17.77 -14.80 -2.19
C SER G 371 17.22 -15.19 -3.55
N ASP G 372 15.90 -15.09 -3.69
CA ASP G 372 15.24 -15.33 -4.96
C ASP G 372 15.30 -14.12 -5.89
N ILE G 373 15.60 -12.94 -5.34
CA ILE G 373 15.73 -11.73 -6.15
C ILE G 373 17.18 -11.60 -6.56
N THR G 374 17.50 -11.99 -7.79
CA THR G 374 18.85 -11.96 -8.31
C THR G 374 19.04 -10.68 -9.12
N ILE G 375 20.21 -10.07 -8.99
CA ILE G 375 20.53 -8.80 -9.64
C ILE G 375 21.51 -9.08 -10.78
N GLN G 376 21.28 -8.44 -11.92
CA GLN G 376 22.21 -8.51 -13.04
C GLN G 376 23.22 -7.38 -12.95
N GLU G 377 24.32 -7.53 -13.69
CA GLU G 377 25.32 -6.49 -13.73
C GLU G 377 24.84 -5.32 -14.58
N ILE G 378 25.41 -4.15 -14.32
CA ILE G 378 25.09 -2.95 -15.08
C ILE G 378 26.00 -2.92 -16.31
N ASN G 379 25.47 -3.32 -17.46
CA ASN G 379 26.24 -3.41 -18.68
C ASN G 379 26.01 -2.25 -19.63
N ASP G 380 25.24 -1.24 -19.22
CA ASP G 380 25.04 -0.03 -20.04
C ASP G 380 24.71 1.10 -19.07
N PHE G 381 25.71 1.92 -18.76
CA PHE G 381 25.52 2.99 -17.78
C PHE G 381 24.60 4.07 -18.31
N ALA G 382 24.72 4.40 -19.59
CA ALA G 382 23.85 5.41 -20.18
C ALA G 382 22.38 5.01 -20.06
N ASP G 383 22.07 3.76 -20.37
CA ASP G 383 20.70 3.27 -20.20
C ASP G 383 20.28 3.31 -18.73
N LEU G 384 21.15 2.86 -17.84
CA LEU G 384 20.84 2.88 -16.42
C LEU G 384 20.48 4.28 -15.94
N MET G 385 21.21 5.29 -16.39
CA MET G 385 20.94 6.67 -16.01
C MET G 385 19.94 7.37 -16.93
N GLU G 386 19.37 6.64 -17.89
CA GLU G 386 18.38 7.24 -18.78
C GLU G 386 17.20 7.82 -18.00
N GLY G 387 16.50 6.98 -17.26
CA GLY G 387 15.29 7.40 -16.57
C GLY G 387 15.10 6.63 -15.28
N SER G 388 13.87 6.14 -15.07
CA SER G 388 13.56 5.35 -13.88
C SER G 388 14.30 4.02 -13.83
N ASN G 389 15.20 3.75 -14.78
CA ASN G 389 15.94 2.49 -14.78
C ASN G 389 16.77 2.35 -13.51
N LEU G 390 17.47 3.41 -13.12
CA LEU G 390 18.26 3.36 -11.89
C LEU G 390 17.36 3.14 -10.68
N GLU G 391 16.18 3.75 -10.68
CA GLU G 391 15.27 3.58 -9.55
C GLU G 391 14.85 2.12 -9.40
N LEU G 392 14.50 1.46 -10.50
CA LEU G 392 14.14 0.05 -10.40
C LEU G 392 15.33 -0.81 -10.03
N TYR G 393 16.50 -0.51 -10.57
CA TYR G 393 17.68 -1.30 -10.23
C TYR G 393 17.96 -1.23 -8.73
N VAL G 394 17.96 -0.02 -8.19
CA VAL G 394 18.19 0.16 -6.77
C VAL G 394 17.06 -0.45 -5.96
N ASP G 395 15.84 -0.46 -6.51
CA ASP G 395 14.71 -1.06 -5.81
C ASP G 395 14.88 -2.57 -5.69
N LYS G 396 15.29 -3.23 -6.77
CA LYS G 396 15.57 -4.66 -6.71
C LYS G 396 16.71 -4.95 -5.74
N CYS G 397 17.78 -4.17 -5.80
CA CYS G 397 18.89 -4.38 -4.88
C CYS G 397 18.45 -4.20 -3.44
N TYR G 398 17.58 -3.22 -3.19
CA TYR G 398 17.11 -2.95 -1.84
C TYR G 398 16.18 -4.05 -1.36
N SER G 399 15.36 -4.60 -2.25
CA SER G 399 14.52 -5.71 -1.88
C SER G 399 15.34 -6.93 -1.50
N ARG G 400 16.35 -7.26 -2.32
CA ARG G 400 17.22 -8.39 -1.99
C ARG G 400 17.95 -8.15 -0.69
N ALA G 401 18.46 -6.93 -0.48
CA ALA G 401 19.19 -6.64 0.75
C ALA G 401 18.31 -6.76 1.97
N ASN G 402 17.08 -6.21 1.90
CA ASN G 402 16.17 -6.30 3.03
C ASN G 402 15.76 -7.74 3.29
N GLU G 403 15.49 -8.51 2.24
CA GLU G 403 15.16 -9.91 2.42
C GLU G 403 16.26 -10.66 3.16
N ILE G 404 17.51 -10.49 2.72
CA ILE G 404 18.61 -11.22 3.34
C ILE G 404 18.85 -10.74 4.76
N PHE G 405 18.78 -9.42 4.98
CA PHE G 405 19.02 -8.87 6.30
C PHE G 405 17.97 -9.33 7.30
N LEU G 406 16.70 -9.35 6.88
CA LEU G 406 15.63 -9.76 7.77
C LEU G 406 15.68 -11.26 8.04
N LYS G 407 15.99 -12.06 7.01
CA LYS G 407 16.25 -13.47 7.22
C LYS G 407 17.32 -13.66 8.29
N LEU G 408 18.45 -12.96 8.13
CA LEU G 408 19.58 -13.14 9.05
C LEU G 408 19.20 -12.76 10.47
N PHE G 409 18.57 -11.61 10.66
CA PHE G 409 18.24 -11.18 12.02
C PHE G 409 17.16 -12.07 12.64
N PHE G 410 16.06 -12.31 11.91
CA PHE G 410 14.94 -13.00 12.51
C PHE G 410 15.20 -14.50 12.66
N GLN G 411 16.23 -15.04 12.02
CA GLN G 411 16.51 -16.46 12.22
C GLN G 411 17.82 -16.71 12.95
N GLY G 412 18.92 -16.12 12.51
CA GLY G 412 20.20 -16.38 13.15
C GLY G 412 20.39 -15.62 14.44
N TYR G 413 19.70 -14.50 14.62
CA TYR G 413 19.86 -13.70 15.82
C TYR G 413 18.64 -13.74 16.73
N ASP G 414 17.52 -14.27 16.27
CA ASP G 414 16.26 -14.27 17.02
C ASP G 414 15.96 -12.88 17.56
N LEU G 415 15.77 -11.95 16.63
CA LEU G 415 15.57 -10.55 16.99
C LEU G 415 14.26 -10.36 17.75
N ILE G 416 13.27 -11.23 17.47
CA ILE G 416 12.05 -11.23 18.26
C ILE G 416 12.37 -11.43 19.74
N ASN G 417 13.27 -12.37 20.03
CA ASN G 417 13.62 -12.65 21.42
C ASN G 417 14.44 -11.51 22.02
N VAL G 418 15.30 -10.88 21.22
CA VAL G 418 16.08 -9.75 21.74
C VAL G 418 15.15 -8.59 22.07
N LEU G 419 14.16 -8.33 21.22
CA LEU G 419 13.21 -7.27 21.52
C LEU G 419 12.34 -7.62 22.71
N LYS G 420 12.00 -8.91 22.85
CA LYS G 420 11.24 -9.36 24.01
C LYS G 420 12.01 -9.10 25.29
N HIS G 421 13.31 -9.41 25.30
CA HIS G 421 14.12 -9.20 26.49
C HIS G 421 14.34 -7.72 26.76
N LEU G 422 14.45 -6.91 25.70
CA LEU G 422 14.60 -5.48 25.90
C LEU G 422 13.33 -4.87 26.45
N GLN G 423 12.17 -5.38 26.04
CA GLN G 423 10.91 -4.91 26.60
C GLN G 423 10.71 -5.43 28.02
N GLN G 424 11.27 -6.59 28.33
CA GLN G 424 11.23 -7.07 29.70
C GLN G 424 12.12 -6.23 30.61
N ILE G 425 13.22 -5.71 30.08
CA ILE G 425 14.12 -4.91 30.90
C ILE G 425 13.61 -3.49 31.07
N PHE G 426 13.26 -2.83 29.96
CA PHE G 426 12.99 -1.40 30.00
C PHE G 426 11.52 -1.05 30.05
N LEU G 427 10.65 -1.85 29.45
CA LEU G 427 9.22 -1.55 29.48
C LEU G 427 8.50 -2.17 30.67
N GLY G 428 9.03 -3.24 31.23
CA GLY G 428 8.32 -4.00 32.23
C GLY G 428 7.47 -5.10 31.67
N TYR G 429 7.47 -5.28 30.35
CA TYR G 429 6.60 -6.25 29.69
C TYR G 429 6.85 -7.65 30.22
N GLN G 430 5.81 -8.26 30.78
CA GLN G 430 5.86 -9.62 31.31
C GLN G 430 7.01 -9.77 32.31
N SER G 431 7.41 -8.66 32.93
CA SER G 431 8.54 -8.69 33.84
C SER G 431 8.29 -7.87 35.10
N GLY G 432 7.02 -7.70 35.50
CA GLY G 432 6.75 -6.95 36.71
C GLY G 432 7.37 -7.55 37.95
N HIS G 433 7.42 -8.88 38.03
CA HIS G 433 7.99 -9.54 39.19
C HIS G 433 9.48 -9.26 39.34
N ASN G 434 10.21 -9.13 38.23
CA ASN G 434 11.62 -8.78 38.31
C ASN G 434 11.82 -7.38 38.87
N VAL G 435 10.96 -6.43 38.46
CA VAL G 435 11.06 -5.08 38.98
C VAL G 435 10.71 -5.07 40.47
N LEU G 436 9.69 -5.82 40.86
CA LEU G 436 9.33 -5.90 42.27
C LEU G 436 10.47 -6.50 43.09
N LYS G 437 11.12 -7.54 42.57
CA LYS G 437 12.27 -8.12 43.27
C LYS G 437 13.38 -7.10 43.42
N PHE G 438 13.70 -6.38 42.34
CA PHE G 438 14.74 -5.36 42.40
C PHE G 438 14.43 -4.33 43.47
N LEU G 439 13.17 -3.88 43.52
CA LEU G 439 12.78 -2.89 44.52
C LEU G 439 12.88 -3.42 45.94
N THR G 440 12.33 -4.62 46.19
CA THR G 440 12.42 -5.17 47.54
C THR G 440 13.86 -5.35 48.00
N LYS G 441 14.73 -5.85 47.12
CA LYS G 441 16.13 -6.00 47.51
C LYS G 441 16.83 -4.65 47.66
N ASN G 442 16.32 -3.61 46.99
CA ASN G 442 16.98 -2.32 46.96
C ASN G 442 16.07 -1.17 47.39
N MET G 443 15.12 -1.43 48.29
CA MET G 443 14.15 -0.41 48.66
C MET G 443 14.77 0.73 49.45
N GLY G 444 15.77 0.43 50.28
CA GLY G 444 16.38 1.43 51.12
C GLY G 444 17.31 2.40 50.42
N GLU G 445 18.09 1.92 49.45
CA GLU G 445 19.08 2.76 48.78
C GLU G 445 18.48 3.76 47.80
N LEU G 446 17.40 3.40 47.11
CA LEU G 446 16.80 4.28 46.12
C LEU G 446 16.07 5.47 46.74
N THR G 447 15.96 5.53 48.06
CA THR G 447 15.44 6.70 48.75
C THR G 447 16.47 7.40 49.63
N LYS G 448 17.71 6.93 49.63
CA LYS G 448 18.70 7.44 50.58
C LYS G 448 19.31 8.75 50.08
N HIS G 449 19.56 9.66 51.03
CA HIS G 449 20.35 10.87 50.82
C HIS G 449 19.65 11.89 49.92
N TYR G 450 18.52 11.51 49.34
CA TYR G 450 17.87 12.26 48.26
C TYR G 450 18.83 12.57 47.11
N ARG G 451 19.99 11.89 47.05
CA ARG G 451 21.01 12.18 46.06
C ARG G 451 22.17 11.20 46.21
N ASN G 452 23.19 11.34 45.35
CA ASN G 452 24.50 10.77 45.62
C ASN G 452 25.25 11.75 46.51
N ASP G 453 25.47 11.37 47.77
CA ASP G 453 26.00 12.29 48.77
C ASP G 453 27.51 12.12 48.88
N ASN G 454 28.25 13.10 48.34
CA ASN G 454 29.71 13.11 48.40
C ASN G 454 30.28 11.85 47.77
N ASN G 455 29.79 11.53 46.57
CA ASN G 455 30.02 10.23 45.94
C ASN G 455 29.77 9.12 46.95
N ALA G 456 28.52 9.04 47.42
CA ALA G 456 28.15 8.11 48.47
C ALA G 456 28.48 6.68 48.07
N ASN G 457 28.64 5.81 49.07
CA ASN G 457 28.98 4.42 48.82
C ASN G 457 27.75 3.70 48.29
N TYR G 458 27.31 4.12 47.10
CA TYR G 458 26.29 3.41 46.36
C TYR G 458 26.88 2.31 45.49
N ASP G 459 28.12 1.91 45.78
CA ASP G 459 28.69 0.75 45.11
C ASP G 459 28.01 -0.53 45.60
N LYS G 460 27.50 -0.53 46.83
CA LYS G 460 26.71 -1.65 47.32
C LYS G 460 25.53 -1.94 46.41
N LEU G 461 24.92 -0.90 45.85
CA LEU G 461 23.86 -1.08 44.88
C LEU G 461 24.34 -1.87 43.67
N LEU G 462 25.48 -1.47 43.11
CA LEU G 462 26.05 -2.20 41.98
C LEU G 462 26.38 -3.63 42.36
N GLN G 463 26.86 -3.86 43.58
CA GLN G 463 27.18 -5.22 44.00
C GLN G 463 25.92 -6.08 44.11
N ASN G 464 24.86 -5.54 44.70
CA ASN G 464 23.57 -6.24 44.69
C ASN G 464 23.15 -6.57 43.27
N PHE G 465 23.28 -5.62 42.35
CA PHE G 465 22.83 -5.86 40.98
C PHE G 465 23.65 -6.96 40.31
N GLU G 466 24.97 -6.95 40.51
CA GLU G 466 25.79 -7.99 39.91
C GLU G 466 25.51 -9.34 40.54
N LEU G 467 25.21 -9.37 41.83
CA LEU G 467 24.81 -10.60 42.49
C LEU G 467 23.54 -11.16 41.86
N GLU G 468 22.54 -10.32 41.65
CA GLU G 468 21.33 -10.78 40.97
C GLU G 468 21.62 -11.26 39.56
N ARG G 469 22.43 -10.50 38.81
CA ARG G 469 22.78 -10.89 37.44
C ARG G 469 23.47 -12.24 37.41
N GLN G 470 24.27 -12.55 38.44
CA GLN G 470 24.89 -13.87 38.52
C GLN G 470 23.85 -14.98 38.54
N SER G 471 22.67 -14.72 39.10
CA SER G 471 21.58 -15.70 39.12
C SER G 471 20.61 -15.50 37.97
N GLU G 472 20.93 -14.65 37.01
CA GLU G 472 20.08 -14.44 35.84
C GLU G 472 20.34 -15.53 34.81
N ASN G 473 19.40 -15.70 33.89
CA ASN G 473 19.54 -16.69 32.83
C ASN G 473 20.76 -16.36 31.98
N PRO G 474 21.60 -17.34 31.67
CA PRO G 474 22.78 -17.04 30.84
C PRO G 474 22.45 -16.76 29.39
N ASN G 475 21.42 -17.41 28.83
CA ASN G 475 21.05 -17.19 27.44
C ASN G 475 20.37 -15.85 27.21
N ASN G 476 20.16 -15.05 28.26
CA ASN G 476 19.57 -13.72 28.12
C ASN G 476 20.72 -12.73 28.00
N LEU G 477 21.15 -12.51 26.76
CA LEU G 477 22.31 -11.66 26.51
C LEU G 477 22.08 -10.23 26.99
N MET G 478 20.83 -9.79 27.01
CA MET G 478 20.56 -8.40 27.35
C MET G 478 20.73 -8.15 28.85
N ARG G 479 20.24 -9.06 29.69
CA ARG G 479 20.41 -8.86 31.13
C ARG G 479 21.84 -9.12 31.57
N GLN G 480 22.58 -9.96 30.83
CA GLN G 480 24.02 -10.05 31.04
C GLN G 480 24.70 -8.72 30.73
N LEU G 481 24.15 -7.94 29.81
CA LEU G 481 24.73 -6.67 29.39
C LEU G 481 24.11 -5.47 30.09
N LEU G 482 23.11 -5.69 30.93
CA LEU G 482 22.44 -4.58 31.60
C LEU G 482 23.37 -3.97 32.64
N MET G 483 23.57 -2.66 32.54
CA MET G 483 24.45 -1.93 33.44
C MET G 483 23.66 -0.90 34.24
N ILE G 484 23.53 -1.14 35.54
CA ILE G 484 22.85 -0.24 36.44
C ILE G 484 23.76 0.97 36.68
N GLN G 485 23.20 2.17 36.50
CA GLN G 485 23.99 3.38 36.57
C GLN G 485 23.24 4.43 37.36
N PHE G 486 23.98 5.41 37.87
CA PHE G 486 23.42 6.51 38.65
C PHE G 486 23.75 7.82 37.94
N ASP G 487 22.80 8.31 37.16
CA ASP G 487 23.01 9.53 36.40
C ASP G 487 22.76 10.75 37.30
N THR G 488 23.59 11.77 37.09
CA THR G 488 23.57 12.95 37.95
C THR G 488 22.42 13.90 37.64
N GLU G 489 21.46 13.49 36.82
CA GLU G 489 20.35 14.35 36.44
C GLU G 489 19.03 13.62 36.72
N THR G 490 18.11 14.31 37.37
CA THR G 490 16.82 13.71 37.69
C THR G 490 16.03 13.43 36.41
N LEU G 491 15.14 12.44 36.50
CA LEU G 491 14.24 12.08 35.39
C LEU G 491 13.48 13.26 34.80
N PRO G 492 12.90 14.19 35.57
CA PRO G 492 12.28 15.36 34.94
C PRO G 492 13.28 16.24 34.22
N GLN G 493 14.46 16.47 34.79
CA GLN G 493 15.43 17.29 34.08
C GLN G 493 15.96 16.58 32.84
N VAL G 494 15.99 15.25 32.85
CA VAL G 494 16.34 14.52 31.63
C VAL G 494 15.23 14.66 30.58
N LEU G 495 13.97 14.61 31.02
CA LEU G 495 12.85 14.78 30.10
C LEU G 495 12.78 16.19 29.54
N SER G 496 13.24 17.18 30.31
CA SER G 496 13.19 18.56 29.87
C SER G 496 14.05 18.82 28.64
N HIS G 497 14.96 17.91 28.30
CA HIS G 497 15.81 18.09 27.13
C HIS G 497 15.11 17.74 25.84
N TYR G 498 13.89 17.24 25.88
CA TYR G 498 13.14 16.89 24.69
C TYR G 498 11.71 17.40 24.68
N LEU G 499 11.10 17.60 25.83
CA LEU G 499 9.69 17.92 25.93
C LEU G 499 9.49 19.25 26.64
N GLN G 500 8.30 19.84 26.45
CA GLN G 500 7.97 21.11 27.08
C GLN G 500 7.45 20.86 28.49
N ILE G 501 8.39 20.59 29.39
CA ILE G 501 8.09 20.42 30.81
C ILE G 501 8.93 21.42 31.59
N TYR G 502 8.77 21.40 32.91
CA TYR G 502 9.49 22.32 33.76
C TYR G 502 10.20 21.58 34.89
N PRO G 503 11.45 21.93 35.17
CA PRO G 503 12.22 21.21 36.20
C PRO G 503 11.71 21.54 37.59
N GLU G 504 12.44 21.03 38.59
CA GLU G 504 12.03 21.19 39.99
C GLU G 504 11.91 22.66 40.35
N VAL G 505 10.83 22.99 41.07
CA VAL G 505 10.57 24.35 41.50
C VAL G 505 10.24 24.38 42.98
N THR G 552 17.55 21.58 45.97
CA THR G 552 17.36 20.47 46.91
C THR G 552 17.56 19.12 46.23
N PRO G 553 18.21 18.20 46.93
CA PRO G 553 18.32 16.83 46.43
C PRO G 553 16.97 16.13 46.42
N LYS G 554 16.81 15.21 45.47
CA LYS G 554 15.53 14.51 45.30
C LYS G 554 15.82 13.03 45.09
N SER G 555 14.90 12.16 45.52
CA SER G 555 15.17 10.77 45.85
C SER G 555 16.02 10.03 44.82
N ALA G 556 16.79 9.05 45.29
CA ALA G 556 17.84 8.44 44.49
C ALA G 556 17.31 7.67 43.28
N ILE G 557 16.04 7.22 43.34
CA ILE G 557 15.49 6.51 42.19
C ILE G 557 15.27 7.47 41.02
N TYR G 558 15.09 8.76 41.31
CA TYR G 558 14.97 9.75 40.25
C TYR G 558 16.26 9.90 39.47
N HIS G 559 17.39 9.49 40.05
CA HIS G 559 18.69 9.53 39.37
C HIS G 559 19.12 8.17 38.85
N LEU G 560 18.45 7.10 39.27
CA LEU G 560 18.80 5.75 38.84
C LEU G 560 18.44 5.60 37.36
N LYS G 561 19.25 4.84 36.63
CA LYS G 561 18.99 4.57 35.23
C LYS G 561 19.66 3.27 34.83
N PHE G 562 19.37 2.82 33.62
CA PHE G 562 19.95 1.61 33.06
C PHE G 562 20.37 1.89 31.62
N ASP G 563 21.14 0.97 31.06
CA ASP G 563 21.60 1.09 29.69
C ASP G 563 22.22 -0.23 29.26
N ILE G 564 22.30 -0.43 27.95
CA ILE G 564 22.92 -1.62 27.39
C ILE G 564 23.76 -1.20 26.19
N ASN G 565 25.00 -1.68 26.13
CA ASN G 565 25.83 -1.50 24.94
C ASN G 565 25.45 -2.62 23.96
N ILE G 566 24.38 -2.36 23.21
CA ILE G 566 23.86 -3.36 22.27
C ILE G 566 24.99 -3.82 21.36
N PRO G 567 25.25 -5.12 21.25
CA PRO G 567 26.39 -5.58 20.47
C PRO G 567 26.11 -5.54 18.97
N TYR G 568 27.16 -5.30 18.21
CA TYR G 568 27.06 -5.38 16.76
C TYR G 568 26.69 -6.80 16.35
N PRO G 569 25.82 -6.96 15.34
CA PRO G 569 25.13 -5.96 14.54
C PRO G 569 23.83 -5.44 15.13
N LEU G 570 23.42 -5.96 16.30
CA LEU G 570 22.11 -5.62 16.83
C LEU G 570 21.96 -4.13 17.11
N ASN G 571 23.05 -3.37 17.09
CA ASN G 571 22.92 -1.92 17.24
C ASN G 571 22.59 -1.24 15.92
N ILE G 572 22.40 -1.99 14.84
CA ILE G 572 21.95 -1.37 13.60
C ILE G 572 20.47 -1.01 13.68
N ILE G 573 19.64 -1.98 14.06
CA ILE G 573 18.21 -1.75 14.28
C ILE G 573 17.94 -1.12 15.63
N ILE G 574 18.51 -1.68 16.69
CA ILE G 574 18.32 -1.15 18.05
C ILE G 574 19.37 -0.05 18.22
N SER G 575 19.05 1.14 17.71
CA SER G 575 19.95 2.26 17.70
C SER G 575 20.12 2.83 19.10
N ARG G 576 20.96 3.87 19.20
CA ARG G 576 21.14 4.54 20.48
C ARG G 576 19.95 5.43 20.83
N THR G 577 19.21 5.90 19.83
CA THR G 577 18.03 6.71 20.11
C THR G 577 16.95 5.87 20.79
N CYS G 578 16.64 4.71 20.23
CA CYS G 578 15.66 3.84 20.87
C CYS G 578 16.17 3.30 22.20
N MET G 579 17.49 3.20 22.36
CA MET G 579 18.02 2.81 23.65
C MET G 579 17.83 3.90 24.70
N ILE G 580 17.99 5.17 24.30
CA ILE G 580 17.72 6.26 25.23
C ILE G 580 16.25 6.31 25.58
N LYS G 581 15.39 6.04 24.60
CA LYS G 581 13.95 5.98 24.86
C LYS G 581 13.62 4.86 25.84
N TYR G 582 14.15 3.65 25.59
CA TYR G 582 14.03 2.56 26.55
C TYR G 582 14.48 2.97 27.95
N GLN G 583 15.60 3.67 28.04
CA GLN G 583 16.15 4.02 29.34
C GLN G 583 15.26 5.00 30.09
N ILE G 584 14.79 6.03 29.40
CA ILE G 584 13.91 7.01 30.05
C ILE G 584 12.59 6.35 30.44
N ILE G 585 12.04 5.53 29.56
CA ILE G 585 10.81 4.81 29.88
C ILE G 585 10.99 3.94 31.10
N LEU G 586 12.14 3.27 31.20
CA LEU G 586 12.40 2.40 32.35
C LEU G 586 12.55 3.21 33.62
N ARG G 587 13.18 4.39 33.54
CA ARG G 587 13.30 5.24 34.73
C ARG G 587 11.92 5.66 35.22
N TYR G 588 11.05 6.07 34.30
CA TYR G 588 9.69 6.45 34.67
C TYR G 588 8.92 5.27 35.26
N GLN G 589 8.99 4.11 34.61
CA GLN G 589 8.32 2.93 35.11
C GLN G 589 8.84 2.54 36.49
N LEU G 590 10.14 2.73 36.73
CA LEU G 590 10.70 2.41 38.03
C LEU G 590 10.20 3.37 39.08
N VAL G 591 10.08 4.65 38.74
CA VAL G 591 9.51 5.61 39.70
C VAL G 591 8.09 5.21 40.06
N LEU G 592 7.28 4.87 39.06
CA LEU G 592 5.89 4.50 39.32
C LEU G 592 5.80 3.23 40.17
N GLN G 593 6.50 2.17 39.76
CA GLN G 593 6.48 0.93 40.51
C GLN G 593 7.08 1.11 41.90
N TYR G 594 7.99 2.06 42.05
CA TYR G 594 8.61 2.32 43.36
C TYR G 594 7.61 2.95 44.31
N HIS G 595 6.85 3.92 43.83
CA HIS G 595 5.82 4.51 44.68
C HIS G 595 4.69 3.53 44.93
N SER G 596 4.41 2.65 43.97
CA SER G 596 3.41 1.62 44.22
C SER G 596 3.89 0.64 45.29
N ARG G 597 5.17 0.29 45.28
CA ARG G 597 5.71 -0.57 46.33
C ARG G 597 5.71 0.16 47.68
N LEU G 598 5.95 1.47 47.66
CA LEU G 598 5.83 2.26 48.87
C LEU G 598 4.43 2.15 49.46
N LEU G 599 3.41 2.31 48.61
CA LEU G 599 2.04 2.26 49.13
C LEU G 599 1.64 0.83 49.50
N ASP G 600 2.20 -0.17 48.81
CA ASP G 600 2.01 -1.55 49.22
C ASP G 600 2.53 -1.80 50.61
N GLU G 601 3.79 -1.47 50.87
CA GLU G 601 4.37 -1.71 52.19
C GLU G 601 3.73 -0.81 53.24
N THR G 602 3.18 0.34 52.82
CA THR G 602 2.45 1.18 53.76
C THR G 602 1.14 0.51 54.18
N TRP G 603 0.38 -0.01 53.21
CA TRP G 603 -0.79 -0.82 53.53
C TRP G 603 -0.41 -2.00 54.43
N MET G 604 0.74 -2.60 54.16
CA MET G 604 1.22 -3.70 54.99
C MET G 604 1.43 -3.25 56.44
N ASP G 605 2.09 -2.11 56.64
CA ASP G 605 2.33 -1.65 58.00
C ASP G 605 1.05 -1.12 58.65
N LEU G 606 0.06 -0.75 57.84
CA LEU G 606 -1.20 -0.28 58.41
C LEU G 606 -2.12 -1.44 58.79
N ASN G 607 -1.88 -2.63 58.23
CA ASN G 607 -2.72 -3.78 58.57
C ASN G 607 -1.96 -4.92 59.23
N LYS G 608 -0.68 -4.75 59.55
CA LYS G 608 0.08 -5.75 60.29
C LYS G 608 0.65 -5.24 61.59
N THR G 609 0.66 -3.93 61.81
CA THR G 609 1.06 -3.38 63.09
C THR G 609 -0.16 -3.23 63.98
N PRO G 610 -0.25 -3.96 65.09
CA PRO G 610 -1.44 -3.87 65.95
C PRO G 610 -1.69 -2.45 66.46
N SER G 611 -0.66 -1.61 66.51
CA SER G 611 -0.84 -0.21 66.88
C SER G 611 -1.86 0.50 66.00
N TRP G 612 -2.00 0.09 64.74
CA TRP G 612 -2.94 0.72 63.83
C TRP G 612 -4.28 -0.01 63.77
N LYS G 613 -4.30 -1.34 63.91
CA LYS G 613 -5.55 -2.09 63.98
C LYS G 613 -6.29 -1.88 65.29
N TYR G 614 -5.62 -1.36 66.32
CA TYR G 614 -6.21 -1.24 67.64
C TYR G 614 -7.47 -0.40 67.60
N ARG G 615 -8.53 -0.90 68.24
CA ARG G 615 -9.81 -0.22 68.31
C ARG G 615 -9.85 0.62 69.59
N GLY G 616 -9.93 1.94 69.42
CA GLY G 616 -9.86 2.84 70.55
C GLY G 616 -9.70 4.29 70.14
N TYR G 617 -8.72 4.97 70.74
CA TYR G 617 -8.36 6.34 70.36
C TYR G 617 -9.51 7.31 70.61
N SER G 618 -10.11 7.21 71.81
CA SER G 618 -11.08 8.19 72.30
C SER G 618 -12.34 8.26 71.42
N HIS G 619 -12.43 7.39 70.40
CA HIS G 619 -13.52 7.42 69.44
C HIS G 619 -13.60 8.75 68.69
N THR G 620 -12.61 9.62 68.91
CA THR G 620 -12.47 10.85 68.16
C THR G 620 -11.09 10.88 67.50
N VAL G 621 -10.05 10.60 68.29
CA VAL G 621 -8.70 10.50 67.75
C VAL G 621 -8.64 9.43 66.68
N LYS G 622 -9.35 8.32 66.88
CA LYS G 622 -9.38 7.25 65.89
C LYS G 622 -9.77 7.77 64.52
N ARG G 623 -10.82 8.58 64.42
CA ARG G 623 -11.21 9.12 63.13
C ARG G 623 -10.15 10.09 62.62
N ARG G 624 -9.96 11.21 63.32
CA ARG G 624 -9.18 12.31 62.81
C ARG G 624 -7.71 11.95 62.57
N ILE G 625 -7.26 10.81 63.09
CA ILE G 625 -5.91 10.33 62.83
C ILE G 625 -5.93 9.10 61.93
N VAL G 626 -6.45 7.98 62.42
CA VAL G 626 -6.30 6.72 61.72
C VAL G 626 -7.24 6.66 60.53
N ARG G 627 -8.47 7.14 60.67
CA ARG G 627 -9.41 7.02 59.57
C ARG G 627 -9.04 7.97 58.44
N ALA G 628 -8.66 9.21 58.78
CA ALA G 628 -8.17 10.14 57.78
C ALA G 628 -6.91 9.61 57.11
N THR G 629 -6.02 8.98 57.89
CA THR G 629 -4.82 8.39 57.32
C THR G 629 -5.16 7.29 56.33
N ARG G 630 -6.04 6.37 56.72
CA ARG G 630 -6.39 5.26 55.84
C ARG G 630 -7.13 5.75 54.60
N VAL G 631 -7.94 6.80 54.74
CA VAL G 631 -8.68 7.33 53.59
C VAL G 631 -7.73 8.00 52.61
N LEU G 632 -6.82 8.83 53.11
CA LEU G 632 -5.85 9.46 52.24
C LEU G 632 -4.93 8.43 51.60
N HIS G 633 -4.55 7.40 52.36
CA HIS G 633 -3.71 6.33 51.81
C HIS G 633 -4.45 5.56 50.72
N ALA G 634 -5.75 5.33 50.92
CA ALA G 634 -6.55 4.64 49.92
C ALA G 634 -6.67 5.48 48.66
N LYS G 635 -6.88 6.79 48.81
CA LYS G 635 -6.93 7.66 47.64
C LYS G 635 -5.59 7.69 46.91
N MET G 636 -4.49 7.80 47.65
CA MET G 636 -3.17 7.76 47.04
C MET G 636 -2.95 6.44 46.29
N ASN G 637 -3.31 5.33 46.92
CA ASN G 637 -3.14 4.02 46.30
C ASN G 637 -3.96 3.92 45.02
N HIS G 638 -5.22 4.35 45.08
CA HIS G 638 -6.06 4.28 43.89
C HIS G 638 -5.50 5.14 42.77
N PHE G 639 -5.04 6.36 43.10
CA PHE G 639 -4.46 7.23 42.08
C PHE G 639 -3.23 6.61 41.46
N ILE G 640 -2.27 6.18 42.29
CA ILE G 640 -1.03 5.62 41.76
C ILE G 640 -1.30 4.37 40.93
N LYS G 641 -2.08 3.44 41.47
CA LYS G 641 -2.37 2.21 40.74
C LYS G 641 -3.13 2.48 39.46
N THR G 642 -3.98 3.52 39.44
CA THR G 642 -4.75 3.81 38.24
C THR G 642 -3.87 4.47 37.17
N ILE G 643 -2.98 5.37 37.60
CA ILE G 643 -2.02 5.95 36.67
C ILE G 643 -1.16 4.85 36.06
N MET G 644 -0.67 3.93 36.90
CA MET G 644 0.16 2.85 36.39
C MET G 644 -0.62 1.92 35.48
N GLU G 645 -1.87 1.62 35.83
CA GLU G 645 -2.71 0.81 34.96
C GLU G 645 -2.90 1.47 33.61
N TYR G 646 -3.33 2.74 33.60
CA TYR G 646 -3.51 3.46 32.36
C TYR G 646 -2.24 3.41 31.52
N PHE G 647 -1.12 3.88 32.08
CA PHE G 647 0.14 3.84 31.34
C PHE G 647 0.41 2.45 30.77
N ASN G 648 0.56 1.45 31.66
CA ASN G 648 1.03 0.14 31.26
C ASN G 648 0.13 -0.49 30.21
N GLN G 649 -1.19 -0.51 30.43
CA GLN G 649 -2.05 -1.25 29.55
C GLN G 649 -2.81 -0.40 28.53
N ASN G 650 -2.45 0.88 28.39
CA ASN G 650 -3.02 1.69 27.32
C ASN G 650 -1.98 2.39 26.47
N VAL G 651 -0.71 2.42 26.89
CA VAL G 651 0.33 3.02 26.08
C VAL G 651 1.41 1.98 25.83
N ILE G 652 1.99 1.46 26.91
CA ILE G 652 3.07 0.48 26.80
C ILE G 652 2.57 -0.78 26.10
N ASP G 653 1.42 -1.30 26.55
CA ASP G 653 0.87 -2.49 25.93
C ASP G 653 0.49 -2.24 24.48
N LYS G 654 -0.08 -1.07 24.19
CA LYS G 654 -0.45 -0.74 22.82
C LYS G 654 0.77 -0.73 21.90
N GLU G 655 1.87 -0.14 22.36
CA GLU G 655 3.06 -0.08 21.51
C GLU G 655 3.74 -1.44 21.40
N VAL G 656 3.77 -2.23 22.47
CA VAL G 656 4.28 -3.59 22.37
C VAL G 656 3.48 -4.38 21.35
N TYR G 657 2.15 -4.23 21.37
CA TYR G 657 1.30 -4.97 20.45
C TYR G 657 1.51 -4.50 19.02
N SER G 658 1.67 -3.18 18.82
CA SER G 658 1.96 -2.67 17.49
C SER G 658 3.27 -3.23 16.95
N LEU G 659 4.35 -3.13 17.74
CA LEU G 659 5.62 -3.70 17.32
C LEU G 659 5.49 -5.19 17.02
N GLU G 660 4.79 -5.93 17.87
CA GLU G 660 4.56 -7.35 17.63
C GLU G 660 3.83 -7.57 16.31
N LYS G 661 2.91 -6.66 15.96
CA LYS G 661 2.25 -6.74 14.66
C LYS G 661 3.22 -6.47 13.53
N CYS G 662 4.25 -5.64 13.79
CA CYS G 662 5.14 -5.23 12.72
C CYS G 662 5.98 -6.39 12.20
N TYR G 663 6.62 -7.15 13.09
CA TYR G 663 7.47 -8.25 12.67
C TYR G 663 6.70 -9.55 12.44
N ARG G 664 5.39 -9.46 12.19
CA ARG G 664 4.64 -10.58 11.64
C ARG G 664 4.75 -10.49 10.13
N ASN G 665 5.79 -11.16 9.59
CA ASN G 665 6.12 -11.14 8.17
C ASN G 665 6.37 -9.71 7.70
N PRO G 666 7.46 -9.08 8.13
CA PRO G 666 7.78 -7.75 7.61
C PRO G 666 8.51 -7.82 6.28
N THR G 667 8.85 -6.65 5.76
CA THR G 667 9.53 -6.58 4.46
C THR G 667 10.77 -5.70 4.45
N LEU G 668 10.89 -4.75 5.38
CA LEU G 668 12.00 -3.81 5.37
C LEU G 668 12.57 -3.69 6.78
N ALA G 669 13.91 -3.67 6.86
CA ALA G 669 14.55 -3.40 8.15
C ALA G 669 14.26 -1.98 8.61
N VAL G 670 14.19 -1.03 7.67
CA VAL G 670 13.86 0.33 8.04
C VAL G 670 12.43 0.42 8.54
N ALA G 671 11.55 -0.47 8.06
CA ALA G 671 10.18 -0.49 8.56
C ALA G 671 10.14 -0.94 10.01
N ILE G 672 10.96 -1.93 10.36
CA ILE G 672 11.00 -2.40 11.74
C ILE G 672 11.59 -1.32 12.65
N GLN G 673 12.68 -0.69 12.21
CA GLN G 673 13.24 0.43 12.97
C GLN G 673 12.21 1.53 13.15
N ASN G 674 11.44 1.82 12.10
CA ASN G 674 10.45 2.88 12.17
C ASN G 674 9.34 2.54 13.15
N GLU G 675 8.87 1.29 13.14
CA GLU G 675 7.86 0.88 14.10
C GLU G 675 8.38 0.96 15.53
N LEU G 676 9.60 0.50 15.76
CA LEU G 676 10.17 0.53 17.10
C LEU G 676 10.27 1.96 17.61
N GLU G 677 10.86 2.84 16.81
CA GLU G 677 11.04 4.23 17.23
C GLU G 677 9.71 4.96 17.34
N GLY G 678 8.75 4.62 16.48
CA GLY G 678 7.43 5.25 16.59
C GLY G 678 6.69 4.81 17.82
N GLY G 679 6.83 3.54 18.20
CA GLY G 679 6.27 3.09 19.46
C GLY G 679 6.87 3.82 20.64
N LEU G 680 8.21 3.90 20.68
CA LEU G 680 8.85 4.58 21.80
C LEU G 680 8.55 6.07 21.81
N THR G 681 8.28 6.65 20.63
CA THR G 681 7.93 8.06 20.59
C THR G 681 6.49 8.29 21.04
N ASN G 682 5.58 7.42 20.61
CA ASN G 682 4.21 7.46 21.13
C ASN G 682 4.20 7.35 22.63
N ILE G 683 5.13 6.57 23.20
CA ILE G 683 5.23 6.47 24.65
C ILE G 683 5.79 7.76 25.24
N MET G 684 6.91 8.24 24.69
CA MET G 684 7.59 9.39 25.29
C MET G 684 6.82 10.69 25.08
N THR G 685 5.99 10.77 24.05
CA THR G 685 5.15 11.93 23.82
C THR G 685 3.77 11.78 24.43
N ASN G 686 3.45 10.61 24.99
CA ASN G 686 2.18 10.43 25.68
C ASN G 686 2.05 11.44 26.80
N ARG G 687 0.80 11.83 27.07
CA ARG G 687 0.53 12.93 28.00
C ARG G 687 1.12 12.65 29.39
N CYS G 688 0.90 11.45 29.93
CA CYS G 688 1.34 11.15 31.28
C CYS G 688 2.85 11.04 31.39
N LEU G 689 3.56 11.07 30.27
CA LEU G 689 5.02 11.03 30.29
C LEU G 689 5.65 12.33 29.82
N SER G 690 4.86 13.23 29.21
CA SER G 690 5.40 14.44 28.62
C SER G 690 4.72 15.72 29.09
N ASP G 691 3.47 15.66 29.54
CA ASP G 691 2.75 16.86 29.96
C ASP G 691 2.37 16.88 31.43
N LEU G 692 2.00 15.75 32.00
CA LEU G 692 1.62 15.67 33.40
C LEU G 692 2.80 15.45 34.33
N ILE G 693 4.03 15.55 33.81
CA ILE G 693 5.20 15.22 34.62
C ILE G 693 5.31 16.08 35.87
N PRO G 694 5.17 17.41 35.84
CA PRO G 694 5.30 18.17 37.09
C PRO G 694 4.28 17.81 38.16
N LEU G 695 3.01 17.64 37.79
CA LEU G 695 2.00 17.26 38.77
C LEU G 695 2.20 15.83 39.27
N GLN G 696 2.62 14.92 38.40
CA GLN G 696 2.99 13.59 38.86
C GLN G 696 4.13 13.65 39.87
N LEU G 697 5.11 14.53 39.63
CA LEU G 697 6.19 14.70 40.59
C LEU G 697 5.67 15.24 41.91
N GLN G 698 4.78 16.22 41.86
CA GLN G 698 4.17 16.74 43.08
C GLN G 698 3.48 15.63 43.88
N ILE G 699 2.63 14.85 43.21
CA ILE G 699 1.96 13.76 43.90
C ILE G 699 2.96 12.74 44.42
N PHE G 700 4.06 12.52 43.70
CA PHE G 700 5.06 11.57 44.16
C PHE G 700 5.74 12.06 45.44
N ASP G 701 6.08 13.35 45.49
CA ASP G 701 6.59 13.91 46.74
C ASP G 701 5.57 13.76 47.86
N ILE G 702 4.29 14.02 47.57
CA ILE G 702 3.27 13.92 48.60
C ILE G 702 3.17 12.50 49.13
N VAL G 703 3.16 11.51 48.24
CA VAL G 703 3.03 10.12 48.68
C VAL G 703 4.27 9.67 49.43
N TYR G 704 5.45 10.17 49.04
CA TYR G 704 6.66 9.79 49.77
C TYR G 704 6.66 10.39 51.17
N LYS G 705 6.26 11.66 51.29
CA LYS G 705 6.12 12.26 52.61
C LYS G 705 5.10 11.50 53.45
N PHE G 706 4.01 11.04 52.84
CA PHE G 706 3.00 10.32 53.60
C PHE G 706 3.51 8.96 54.06
N CYS G 707 4.29 8.28 53.21
CA CYS G 707 4.87 7.00 53.63
C CYS G 707 5.90 7.21 54.74
N LYS G 708 6.65 8.32 54.67
CA LYS G 708 7.49 8.70 55.81
C LYS G 708 6.65 8.87 57.08
N PHE G 709 5.55 9.60 56.95
CA PHE G 709 4.66 9.82 58.09
C PHE G 709 4.16 8.50 58.66
N ILE G 710 3.88 7.53 57.80
CA ILE G 710 3.36 6.24 58.27
C ILE G 710 4.46 5.44 58.96
N LYS G 711 5.65 5.40 58.36
CA LYS G 711 6.75 4.68 58.99
C LYS G 711 7.11 5.30 60.33
N SER G 712 6.89 6.61 60.48
CA SER G 712 7.15 7.27 61.75
C SER G 712 6.05 6.95 62.77
N MET G 713 4.80 7.09 62.36
CA MET G 713 3.69 6.79 63.26
C MET G 713 3.70 5.34 63.70
N ARG G 714 4.28 4.44 62.89
CA ARG G 714 4.39 3.04 63.27
C ARG G 714 4.98 2.88 64.66
N ALA G 715 5.96 3.71 65.02
CA ALA G 715 6.55 3.67 66.35
C ALA G 715 6.10 4.81 67.24
N LYS G 716 5.65 5.92 66.67
CA LYS G 716 5.25 7.08 67.47
C LYS G 716 3.78 7.10 67.82
N LEU G 717 3.02 6.07 67.45
CA LEU G 717 1.61 6.03 67.81
C LEU G 717 1.35 5.19 69.05
N CYS G 718 2.28 4.29 69.40
CA CYS G 718 2.14 3.47 70.60
C CYS G 718 2.19 4.30 71.87
N GLN G 719 2.32 5.62 71.79
CA GLN G 719 2.36 6.50 72.95
C GLN G 719 1.06 7.26 73.16
N LEU G 720 -0.05 6.81 72.58
CA LEU G 720 -1.30 7.56 72.62
C LEU G 720 -2.41 6.86 73.41
N ASP G 721 -2.76 5.62 73.04
CA ASP G 721 -3.78 4.87 73.75
C ASP G 721 -3.20 4.14 74.95
N PRO G 722 -4.04 3.64 75.88
CA PRO G 722 -3.52 2.92 77.05
C PRO G 722 -2.49 1.86 76.72
N VAL G 723 -2.46 1.34 75.49
CA VAL G 723 -1.45 0.38 75.07
C VAL G 723 -0.04 0.87 75.31
N LEU G 724 0.13 2.17 75.57
CA LEU G 724 1.46 2.70 75.87
C LEU G 724 2.03 2.14 77.17
N TYR G 725 1.24 1.38 77.95
CA TYR G 725 1.75 0.78 79.17
C TYR G 725 2.66 -0.40 78.90
N GLY G 751 4.44 12.77 79.05
CA GLY G 751 4.52 11.54 79.80
C GLY G 751 3.46 10.52 79.41
N TYR G 752 3.07 9.67 80.36
CA TYR G 752 2.06 8.66 80.12
C TYR G 752 0.70 9.30 79.93
N GLN G 753 0.26 9.42 78.66
CA GLN G 753 -1.00 10.09 78.32
C GLN G 753 -1.09 11.47 78.95
N GLU G 754 0.06 12.12 79.11
CA GLU G 754 0.08 13.49 79.61
C GLU G 754 -0.23 14.45 78.47
N ASP G 755 -0.13 15.75 78.75
CA ASP G 755 -0.51 16.74 77.74
C ASP G 755 0.41 16.71 76.53
N ALA G 756 1.59 16.10 76.68
CA ALA G 756 2.47 15.93 75.52
C ALA G 756 1.85 14.95 74.52
N ALA G 757 1.14 13.94 75.01
CA ALA G 757 0.45 13.02 74.11
C ALA G 757 -0.63 13.75 73.32
N LEU G 758 -1.37 14.65 73.97
CA LEU G 758 -2.40 15.39 73.27
C LEU G 758 -1.81 16.43 72.32
N GLU G 759 -0.65 17.00 72.68
CA GLU G 759 0.06 17.87 71.74
C GLU G 759 0.48 17.10 70.49
N LEU G 760 1.05 15.90 70.69
CA LEU G 760 1.33 15.02 69.56
C LEU G 760 0.09 14.77 68.73
N ILE G 761 -1.03 14.44 69.38
CA ILE G 761 -2.26 14.12 68.67
C ILE G 761 -2.71 15.29 67.82
N GLN G 762 -2.71 16.50 68.38
CA GLN G 762 -3.14 17.66 67.63
C GLN G 762 -2.19 17.97 66.48
N LYS G 763 -0.89 17.81 66.70
CA LYS G 763 0.08 18.01 65.63
C LYS G 763 -0.17 17.03 64.48
N LEU G 764 -0.51 15.78 64.82
CA LEU G 764 -0.81 14.80 63.78
C LEU G 764 -2.10 15.16 63.04
N ILE G 765 -3.12 15.63 63.77
CA ILE G 765 -4.34 16.08 63.11
C ILE G 765 -4.02 17.18 62.10
N GLU G 766 -3.22 18.16 62.51
CA GLU G 766 -2.89 19.28 61.64
C GLU G 766 -2.09 18.81 60.42
N TYR G 767 -1.09 17.95 60.63
CA TYR G 767 -0.27 17.49 59.52
C TYR G 767 -1.08 16.63 58.56
N ILE G 768 -2.03 15.85 59.09
CA ILE G 768 -2.83 14.99 58.23
C ILE G 768 -3.80 15.82 57.41
N SER G 769 -4.38 16.86 58.02
CA SER G 769 -5.23 17.78 57.25
C SER G 769 -4.40 18.51 56.20
N ASN G 770 -3.15 18.86 56.54
CA ASN G 770 -2.25 19.47 55.56
C ASN G 770 -2.03 18.56 54.36
N ALA G 771 -1.71 17.29 54.62
CA ALA G 771 -1.50 16.34 53.54
C ALA G 771 -2.75 16.18 52.69
N SER G 772 -3.90 16.00 53.34
CA SER G 772 -5.16 15.85 52.60
C SER G 772 -5.44 17.07 51.74
N SER G 773 -5.19 18.27 52.27
CA SER G 773 -5.48 19.49 51.53
C SER G 773 -4.57 19.62 50.32
N ILE G 774 -3.26 19.47 50.51
CA ILE G 774 -2.35 19.60 49.38
C ILE G 774 -2.63 18.53 48.33
N PHE G 775 -2.99 17.33 48.77
CA PHE G 775 -3.29 16.27 47.82
C PHE G 775 -4.55 16.58 47.03
N ARG G 776 -5.60 17.05 47.70
CA ARG G 776 -6.82 17.41 46.99
C ARG G 776 -6.57 18.53 46.00
N LYS G 777 -5.80 19.56 46.40
CA LYS G 777 -5.51 20.66 45.49
C LYS G 777 -4.77 20.17 44.26
N CYS G 778 -3.68 19.43 44.46
CA CYS G 778 -2.91 18.95 43.31
C CYS G 778 -3.71 17.96 42.47
N LEU G 779 -4.66 17.26 43.09
CA LEU G 779 -5.46 16.29 42.36
C LEU G 779 -6.51 16.96 41.50
N ILE G 780 -7.10 18.07 41.98
CA ILE G 780 -7.98 18.87 41.15
C ILE G 780 -7.19 19.50 40.02
N ASN G 781 -5.96 19.96 40.31
CA ASN G 781 -5.06 20.43 39.26
C ASN G 781 -4.88 19.36 38.19
N PHE G 782 -4.59 18.13 38.60
CA PHE G 782 -4.39 17.01 37.68
C PHE G 782 -5.64 16.78 36.84
N THR G 783 -6.81 16.77 37.48
CA THR G 783 -8.06 16.55 36.74
C THR G 783 -8.30 17.64 35.72
N GLN G 784 -7.99 18.89 36.08
CA GLN G 784 -8.24 20.00 35.17
C GLN G 784 -7.26 19.99 34.01
N GLU G 785 -6.00 19.60 34.24
CA GLU G 785 -5.07 19.44 33.14
C GLU G 785 -5.46 18.25 32.27
N LEU G 786 -6.15 17.27 32.85
CA LEU G 786 -6.61 16.13 32.06
C LEU G 786 -7.75 16.52 31.13
N SER G 787 -8.80 17.14 31.69
CA SER G 787 -10.02 17.36 30.92
C SER G 787 -9.78 18.30 29.74
N THR G 788 -9.03 19.38 29.95
CA THR G 788 -8.88 20.42 28.94
C THR G 788 -7.91 20.05 27.82
N GLU G 789 -7.10 19.02 28.00
CA GLU G 789 -6.18 18.59 26.95
C GLU G 789 -6.90 17.61 26.02
N LYS G 790 -6.17 17.11 25.02
CA LYS G 790 -6.77 16.32 23.95
C LYS G 790 -5.86 15.15 23.58
N PHE G 791 -6.48 14.09 23.09
CA PHE G 791 -5.75 12.92 22.59
C PHE G 791 -5.42 13.10 21.12
N ALA G 801 -6.33 8.57 25.05
CA ALA G 801 -7.42 7.62 24.84
C ALA G 801 -8.40 7.67 25.99
N ALA G 802 -9.35 6.74 26.00
CA ALA G 802 -10.34 6.70 27.08
C ALA G 802 -9.73 6.25 28.40
N GLY G 803 -8.49 5.76 28.37
CA GLY G 803 -7.76 5.58 29.62
C GLY G 803 -7.68 6.86 30.43
N ILE G 804 -7.67 8.00 29.75
CA ILE G 804 -7.79 9.27 30.44
C ILE G 804 -9.13 9.36 31.16
N GLU G 805 -10.20 8.89 30.53
CA GLU G 805 -11.50 8.88 31.19
C GLU G 805 -11.49 7.95 32.39
N ARG G 806 -10.75 6.86 32.31
CA ARG G 806 -10.59 5.98 33.47
C ARG G 806 -9.88 6.70 34.60
N VAL G 807 -8.84 7.46 34.27
CA VAL G 807 -8.12 8.22 35.30
C VAL G 807 -9.05 9.23 35.95
N LEU G 808 -9.83 9.95 35.14
CA LEU G 808 -10.86 10.83 35.68
C LEU G 808 -11.79 10.08 36.64
N TYR G 809 -12.43 9.01 36.16
CA TYR G 809 -13.31 8.21 37.01
C TYR G 809 -12.64 7.85 38.33
N SER G 810 -11.33 7.64 38.31
CA SER G 810 -10.64 7.30 39.54
C SER G 810 -10.50 8.51 40.47
N ILE G 811 -10.16 9.68 39.93
CA ILE G 811 -9.72 10.75 40.83
C ILE G 811 -10.77 11.84 41.02
N VAL G 812 -11.77 11.93 40.15
CA VAL G 812 -12.77 13.01 40.31
C VAL G 812 -13.55 12.78 41.60
N PRO G 813 -13.99 13.84 42.27
CA PRO G 813 -14.71 13.68 43.54
C PRO G 813 -16.20 13.54 43.31
N PRO G 814 -16.97 13.13 44.33
CA PRO G 814 -18.43 13.08 44.22
C PRO G 814 -19.05 14.45 43.98
N SER H 163 52.73 17.68 -61.97
CA SER H 163 51.39 17.12 -62.12
C SER H 163 51.38 15.63 -61.80
N SER H 164 52.11 14.86 -62.61
CA SER H 164 52.21 13.42 -62.39
C SER H 164 53.30 13.05 -61.41
N VAL H 165 53.74 13.98 -60.56
CA VAL H 165 54.79 13.74 -59.60
C VAL H 165 54.25 14.04 -58.20
N THR H 166 54.48 13.12 -57.27
CA THR H 166 54.00 13.24 -55.90
C THR H 166 54.61 14.47 -55.22
N LEU H 167 54.07 14.82 -54.05
CA LEU H 167 54.65 15.90 -53.27
C LEU H 167 55.98 15.48 -52.67
N ARG H 168 56.14 14.19 -52.38
CA ARG H 168 57.38 13.71 -51.80
C ARG H 168 58.56 13.95 -52.72
N GLN H 169 58.38 13.68 -54.02
CA GLN H 169 59.48 13.84 -54.95
C GLN H 169 59.81 15.30 -55.19
N LEU H 170 58.79 16.17 -55.13
CA LEU H 170 59.05 17.60 -55.25
C LEU H 170 59.72 18.15 -54.00
N SER H 171 59.53 17.48 -52.85
CA SER H 171 60.08 18.00 -51.61
C SER H 171 61.47 17.44 -51.33
N ASN H 172 61.79 16.28 -51.91
CA ASN H 172 63.09 15.63 -51.74
C ASN H 172 64.28 16.54 -52.07
N PRO H 173 64.31 17.21 -53.22
CA PRO H 173 65.53 17.95 -53.61
C PRO H 173 65.97 19.00 -52.60
N TYR H 174 65.16 19.29 -51.58
CA TYR H 174 65.52 20.28 -50.58
C TYR H 174 66.10 19.67 -49.32
N TYR H 175 65.91 18.36 -49.11
CA TYR H 175 66.47 17.67 -47.95
C TYR H 175 67.52 16.66 -48.35
N VAL H 176 68.24 16.90 -49.46
CA VAL H 176 69.27 15.98 -49.90
C VAL H 176 70.46 15.96 -48.96
N ASN H 177 70.69 17.05 -48.21
CA ASN H 177 71.78 17.10 -47.26
C ASN H 177 71.47 16.38 -45.96
N THR H 178 70.31 15.74 -45.86
CA THR H 178 69.90 15.02 -44.66
C THR H 178 69.81 13.54 -44.97
N ILE H 179 69.92 12.75 -43.91
CA ILE H 179 69.93 11.29 -44.05
C ILE H 179 68.53 10.81 -44.43
N PRO H 180 68.38 10.03 -45.49
CA PRO H 180 67.05 9.57 -45.90
C PRO H 180 66.38 8.75 -44.81
N GLU H 181 65.08 8.50 -44.99
CA GLU H 181 64.32 7.82 -43.94
C GLU H 181 64.55 6.32 -43.96
N GLU H 182 64.96 5.77 -45.11
CA GLU H 182 65.25 4.34 -45.15
C GLU H 182 66.51 4.01 -44.35
N ASP H 183 67.51 4.88 -44.41
CA ASP H 183 68.70 4.68 -43.56
C ASP H 183 68.34 4.82 -42.09
N ILE H 184 67.57 5.85 -41.75
CA ILE H 184 67.16 6.04 -40.36
C ILE H 184 66.39 4.84 -39.87
N LEU H 185 65.59 4.23 -40.76
CA LEU H 185 64.89 3.01 -40.39
C LEU H 185 65.85 1.86 -40.14
N LYS H 186 66.80 1.66 -41.06
CA LYS H 186 67.80 0.60 -40.91
C LYS H 186 68.53 0.71 -39.59
N TYR H 187 68.79 1.93 -39.12
CA TYR H 187 69.57 2.08 -37.90
C TYR H 187 68.73 2.18 -36.62
N VAL H 188 67.48 2.65 -36.70
CA VAL H 188 66.63 2.56 -35.52
C VAL H 188 66.26 1.11 -35.27
N SER H 189 66.31 0.27 -36.31
CA SER H 189 66.12 -1.16 -36.13
C SER H 189 67.04 -1.75 -35.07
N TYR H 190 68.21 -1.15 -34.86
CA TYR H 190 69.15 -1.57 -33.84
C TYR H 190 69.24 -0.63 -32.66
N THR H 191 68.81 0.63 -32.82
CA THR H 191 68.77 1.52 -31.67
C THR H 191 67.62 1.17 -30.74
N LEU H 192 66.56 0.56 -31.28
CA LEU H 192 65.43 0.16 -30.45
C LEU H 192 65.79 -0.96 -29.48
N LEU H 193 66.92 -1.63 -29.70
CA LEU H 193 67.38 -2.69 -28.82
C LEU H 193 68.58 -2.26 -27.97
N ALA H 194 68.73 -0.96 -27.75
CA ALA H 194 69.73 -0.43 -26.83
C ALA H 194 71.15 -0.87 -27.21
N THR H 195 71.43 -0.90 -28.51
CA THR H 195 72.76 -1.19 -29.03
C THR H 195 73.30 0.01 -29.78
N THR H 196 74.62 0.12 -29.84
CA THR H 196 75.28 1.16 -30.62
C THR H 196 74.99 0.95 -32.09
N SER H 197 75.35 1.94 -32.89
CA SER H 197 75.22 1.81 -34.33
C SER H 197 76.05 2.90 -35.00
N ALA H 198 76.31 2.71 -36.30
CA ALA H 198 77.09 3.67 -37.05
C ALA H 198 76.44 5.05 -37.04
N LEU H 199 75.14 5.10 -37.35
CA LEU H 199 74.45 6.37 -37.44
C LEU H 199 74.18 6.95 -36.05
N PHE H 200 73.65 6.15 -35.15
CA PHE H 200 73.29 6.58 -33.80
C PHE H 200 74.26 5.99 -32.79
N PRO H 201 75.25 6.77 -32.37
CA PRO H 201 76.28 6.33 -31.39
C PRO H 201 75.74 6.29 -29.96
N PHE H 202 75.14 5.16 -29.61
CA PHE H 202 74.53 4.99 -28.31
C PHE H 202 75.59 4.87 -27.21
N ASP H 203 75.93 5.99 -26.59
CA ASP H 203 76.95 6.06 -25.55
C ASP H 203 76.30 5.72 -24.21
N HIS H 204 76.91 6.06 -23.07
CA HIS H 204 76.51 5.53 -21.75
C HIS H 204 75.01 5.46 -21.59
N GLU H 205 74.32 6.59 -21.66
CA GLU H 205 72.88 6.60 -21.45
C GLU H 205 72.17 7.36 -22.57
N GLN H 206 72.94 8.03 -23.42
CA GLN H 206 72.39 8.87 -24.47
C GLN H 206 72.53 8.19 -25.82
N ILE H 207 72.06 8.87 -26.87
CA ILE H 207 72.07 8.26 -28.19
C ILE H 207 72.83 9.13 -29.20
N GLN H 208 72.94 10.43 -28.96
CA GLN H 208 73.65 11.33 -29.85
C GLN H 208 73.12 11.27 -31.28
N ILE H 209 71.88 11.68 -31.48
CA ILE H 209 71.30 11.78 -32.83
C ILE H 209 72.15 12.73 -33.66
N PRO H 210 72.54 12.37 -34.88
CA PRO H 210 73.53 13.14 -35.62
C PRO H 210 73.03 14.54 -35.97
N SER H 211 73.91 15.30 -36.60
CA SER H 211 73.57 16.66 -37.03
C SER H 211 72.83 16.69 -38.36
N LYS H 212 72.92 15.62 -39.15
CA LYS H 212 72.31 15.59 -40.47
C LYS H 212 70.87 15.11 -40.44
N ILE H 213 70.18 15.23 -39.31
CA ILE H 213 68.78 14.85 -39.17
C ILE H 213 68.02 16.06 -38.65
N PRO H 214 67.09 16.62 -39.41
CA PRO H 214 66.45 17.88 -39.02
C PRO H 214 65.57 17.72 -37.78
N ASN H 215 65.13 18.87 -37.27
CA ASN H 215 64.45 18.95 -35.98
C ASN H 215 63.18 18.13 -35.92
N PHE H 216 62.42 18.02 -37.01
CA PHE H 216 61.17 17.26 -36.95
C PHE H 216 61.45 15.76 -36.93
N GLU H 217 62.32 15.31 -37.82
CA GLU H 217 62.77 13.92 -37.75
C GLU H 217 63.46 13.65 -36.43
N SER H 218 64.12 14.64 -35.85
CA SER H 218 64.79 14.44 -34.57
C SER H 218 63.79 14.31 -33.43
N GLY H 219 62.68 15.05 -33.48
CA GLY H 219 61.66 14.90 -32.47
C GLY H 219 60.96 13.56 -32.58
N LEU H 220 60.67 13.14 -33.81
CA LEU H 220 60.12 11.81 -34.02
C LEU H 220 61.09 10.74 -33.53
N LEU H 221 62.39 10.98 -33.71
CA LEU H 221 63.38 10.02 -33.26
C LEU H 221 63.47 9.98 -31.75
N HIS H 222 63.29 11.11 -31.08
CA HIS H 222 63.21 11.09 -29.61
C HIS H 222 62.02 10.26 -29.16
N LEU H 223 60.86 10.51 -29.76
CA LEU H 223 59.66 9.75 -29.40
C LEU H 223 59.87 8.25 -29.60
N ILE H 224 60.59 7.87 -30.66
CA ILE H 224 60.81 6.45 -30.91
C ILE H 224 61.94 5.90 -30.03
N PHE H 225 62.91 6.74 -29.67
CA PHE H 225 64.07 6.29 -28.94
C PHE H 225 63.78 6.13 -27.47
N GLU H 226 62.64 6.67 -27.01
CA GLU H 226 62.23 6.39 -25.64
C GLU H 226 62.13 4.89 -25.38
N ALA H 227 61.67 4.13 -26.38
CA ALA H 227 61.56 2.68 -26.22
C ALA H 227 62.93 2.04 -26.01
N GLY H 228 63.91 2.43 -26.82
CA GLY H 228 65.24 1.88 -26.65
C GLY H 228 65.87 2.26 -25.33
N LEU H 229 65.64 3.50 -24.90
CA LEU H 229 66.21 3.95 -23.63
C LEU H 229 65.58 3.24 -22.44
N LEU H 230 64.27 2.96 -22.51
CA LEU H 230 63.61 2.25 -21.42
C LEU H 230 64.00 0.78 -21.41
N TYR H 231 64.18 0.18 -22.58
CA TYR H 231 64.73 -1.16 -22.63
C TYR H 231 66.12 -1.19 -22.02
N GLN H 232 66.93 -0.16 -22.28
CA GLN H 232 68.25 -0.10 -21.69
C GLN H 232 68.17 -0.05 -20.17
N SER H 233 67.33 0.84 -19.64
CA SER H 233 67.22 0.98 -18.19
C SER H 233 66.70 -0.29 -17.54
N LEU H 234 65.73 -0.95 -18.17
CA LEU H 234 65.16 -2.16 -17.60
C LEU H 234 66.17 -3.30 -17.62
N GLY H 235 66.88 -3.48 -18.74
CA GLY H 235 67.95 -4.46 -18.77
C GLY H 235 69.02 -4.17 -17.74
N TYR H 236 69.30 -2.89 -17.51
CA TYR H 236 70.26 -2.53 -16.47
C TYR H 236 69.78 -2.98 -15.09
N LYS H 237 68.52 -2.73 -14.76
CA LYS H 237 67.99 -3.17 -13.48
C LYS H 237 68.02 -4.69 -13.35
N VAL H 238 67.65 -5.40 -14.42
CA VAL H 238 67.65 -6.86 -14.37
C VAL H 238 69.06 -7.40 -14.15
N GLU H 239 70.04 -6.84 -14.87
CA GLU H 239 71.41 -7.31 -14.72
C GLU H 239 71.97 -6.95 -13.35
N LYS H 240 71.51 -5.83 -12.77
CA LYS H 240 71.94 -5.46 -11.44
C LYS H 240 71.37 -6.41 -10.38
N PHE H 241 70.13 -6.83 -10.58
CA PHE H 241 69.47 -7.62 -9.53
C PHE H 241 69.73 -9.11 -9.68
N ARG H 242 70.18 -9.56 -10.85
CA ARG H 242 70.61 -10.94 -10.95
C ARG H 242 71.99 -11.18 -10.37
N MET H 243 72.62 -10.15 -9.81
CA MET H 243 73.88 -10.26 -9.11
C MET H 243 73.73 -10.32 -7.60
N LEU H 244 72.59 -9.89 -7.07
CA LEU H 244 72.39 -9.73 -5.64
C LEU H 244 71.58 -10.88 -5.08
N ASN H 245 71.62 -11.01 -3.76
CA ASN H 245 70.76 -11.93 -3.03
C ASN H 245 69.46 -11.22 -2.71
N ILE H 246 68.38 -11.61 -3.39
CA ILE H 246 67.08 -10.98 -3.22
C ILE H 246 66.08 -12.05 -2.77
N SER H 247 64.99 -11.58 -2.19
CA SER H 247 63.94 -12.49 -1.77
C SER H 247 63.23 -13.05 -3.00
N PRO H 248 62.76 -14.30 -2.94
CA PRO H 248 62.10 -14.89 -4.12
C PRO H 248 61.01 -14.03 -4.73
N MET H 249 60.29 -13.24 -3.94
CA MET H 249 59.26 -12.37 -4.52
C MET H 249 59.88 -11.37 -5.49
N LYS H 250 61.00 -10.76 -5.10
CA LYS H 250 61.71 -9.89 -6.02
C LYS H 250 62.27 -10.66 -7.20
N LYS H 251 62.65 -11.93 -6.99
CA LYS H 251 63.10 -12.75 -8.11
C LYS H 251 61.99 -12.90 -9.14
N ALA H 252 60.77 -13.15 -8.67
CA ALA H 252 59.63 -13.27 -9.59
C ALA H 252 59.35 -11.96 -10.28
N LEU H 253 59.49 -10.84 -9.57
CA LEU H 253 59.30 -9.54 -10.19
C LEU H 253 60.34 -9.32 -11.29
N ILE H 254 61.60 -9.63 -11.02
CA ILE H 254 62.66 -9.52 -12.02
C ILE H 254 62.38 -10.42 -13.22
N ILE H 255 61.88 -11.64 -12.97
CA ILE H 255 61.59 -12.55 -14.07
C ILE H 255 60.45 -12.00 -14.92
N GLU H 256 59.48 -11.33 -14.29
CA GLU H 256 58.42 -10.69 -15.04
C GLU H 256 58.95 -9.54 -15.88
N ILE H 257 59.86 -8.74 -15.32
CA ILE H 257 60.50 -7.69 -16.11
C ILE H 257 61.22 -8.28 -17.31
N SER H 258 61.95 -9.37 -17.10
CA SER H 258 62.70 -9.98 -18.20
C SER H 258 61.77 -10.57 -19.24
N GLU H 259 60.67 -11.16 -18.82
CA GLU H 259 59.67 -11.67 -19.76
C GLU H 259 59.09 -10.53 -20.60
N GLU H 260 58.82 -9.39 -19.97
CA GLU H 260 58.33 -8.23 -20.73
C GLU H 260 59.37 -7.74 -21.72
N LEU H 261 60.63 -7.64 -21.28
CA LEU H 261 61.70 -7.22 -22.18
C LEU H 261 61.83 -8.17 -23.37
N GLN H 262 61.69 -9.47 -23.13
CA GLN H 262 61.81 -10.44 -24.21
C GLN H 262 60.63 -10.35 -25.16
N ASN H 263 59.43 -10.14 -24.62
CA ASN H 263 58.27 -9.91 -25.48
C ASN H 263 58.47 -8.67 -26.34
N TYR H 264 59.03 -7.61 -25.76
CA TYR H 264 59.24 -6.38 -26.50
C TYR H 264 60.29 -6.58 -27.59
N THR H 265 61.37 -7.28 -27.27
CA THR H 265 62.39 -7.58 -28.28
C THR H 265 61.81 -8.40 -29.42
N ALA H 266 61.03 -9.42 -29.09
CA ALA H 266 60.40 -10.24 -30.13
C ALA H 266 59.48 -9.39 -31.01
N PHE H 267 58.70 -8.50 -30.39
CA PHE H 267 57.79 -7.65 -31.16
C PHE H 267 58.55 -6.71 -32.07
N VAL H 268 59.60 -6.08 -31.54
CA VAL H 268 60.40 -5.14 -32.33
C VAL H 268 61.06 -5.85 -33.51
N ASN H 269 61.55 -7.07 -33.28
CA ASN H 269 62.18 -7.81 -34.38
C ASN H 269 61.16 -8.25 -35.40
N ASN H 270 59.97 -8.66 -34.98
CA ASN H 270 58.92 -8.98 -35.94
C ASN H 270 58.56 -7.77 -36.78
N LEU H 271 58.48 -6.60 -36.16
CA LEU H 271 58.25 -5.37 -36.94
C LEU H 271 59.36 -5.14 -37.94
N VAL H 272 60.62 -5.16 -37.48
CA VAL H 272 61.73 -4.81 -38.34
C VAL H 272 61.84 -5.77 -39.52
N SER H 273 61.89 -7.07 -39.22
CA SER H 273 62.06 -8.05 -40.28
C SER H 273 60.77 -8.32 -41.06
N SER H 274 59.63 -7.78 -40.60
CA SER H 274 58.40 -7.93 -41.37
C SER H 274 58.42 -7.07 -42.62
N GLY H 275 59.32 -6.09 -42.69
CA GLY H 275 59.37 -5.20 -43.83
C GLY H 275 58.13 -4.38 -44.06
N THR H 276 57.24 -4.27 -43.08
CA THR H 276 55.99 -3.54 -43.23
C THR H 276 56.04 -2.15 -42.62
N VAL H 277 57.16 -1.75 -42.04
CA VAL H 277 57.37 -0.38 -41.60
C VAL H 277 58.10 0.36 -42.71
N VAL H 278 57.51 1.45 -43.18
CA VAL H 278 58.08 2.20 -44.29
C VAL H 278 58.35 3.66 -43.94
N SER H 279 57.90 4.14 -42.79
CA SER H 279 58.17 5.49 -42.36
C SER H 279 58.29 5.52 -40.84
N LEU H 280 59.01 6.51 -40.33
CA LEU H 280 59.16 6.64 -38.88
C LEU H 280 57.83 6.90 -38.19
N LYS H 281 56.92 7.62 -38.84
CA LYS H 281 55.60 7.81 -38.26
C LYS H 281 54.88 6.48 -38.09
N SER H 282 55.01 5.59 -39.07
CA SER H 282 54.37 4.29 -38.96
C SER H 282 55.01 3.46 -37.86
N LEU H 283 56.34 3.51 -37.75
CA LEU H 283 57.02 2.80 -36.67
C LEU H 283 56.57 3.29 -35.31
N TYR H 284 56.59 4.62 -35.11
CA TYR H 284 56.14 5.19 -33.85
C TYR H 284 54.69 4.84 -33.57
N ARG H 285 53.88 4.67 -34.62
CA ARG H 285 52.51 4.23 -34.42
C ARG H 285 52.47 2.77 -33.96
N GLU H 286 53.41 1.95 -34.43
CA GLU H 286 53.39 0.53 -34.08
C GLU H 286 53.83 0.30 -32.65
N ILE H 287 54.83 1.04 -32.17
CA ILE H 287 55.38 0.83 -30.83
C ILE H 287 54.82 1.80 -29.81
N TYR H 288 53.66 2.40 -30.10
CA TYR H 288 53.06 3.33 -29.15
C TYR H 288 52.73 2.62 -27.84
N GLU H 289 52.02 1.50 -27.92
CA GLU H 289 51.61 0.80 -26.71
C GLU H 289 52.78 0.11 -26.05
N ASN H 290 53.80 -0.27 -26.82
CA ASN H 290 54.98 -0.85 -26.20
C ASN H 290 55.81 0.20 -25.49
N ILE H 291 55.83 1.44 -25.99
CA ILE H 291 56.44 2.52 -25.24
C ILE H 291 55.67 2.76 -23.95
N ILE H 292 54.34 2.71 -24.01
CA ILE H 292 53.55 2.85 -22.79
C ILE H 292 53.88 1.75 -21.80
N ARG H 293 53.98 0.50 -22.28
CA ARG H 293 54.26 -0.62 -21.40
C ARG H 293 55.65 -0.50 -20.78
N LEU H 294 56.63 -0.04 -21.54
CA LEU H 294 57.95 0.14 -20.95
C LEU H 294 57.96 1.29 -19.96
N ARG H 295 57.18 2.34 -20.21
CA ARG H 295 57.04 3.40 -19.22
C ARG H 295 56.49 2.85 -17.91
N ILE H 296 55.45 2.03 -17.99
CA ILE H 296 54.87 1.44 -16.79
C ILE H 296 55.89 0.56 -16.08
N TYR H 297 56.57 -0.31 -16.83
CA TYR H 297 57.52 -1.23 -16.23
C TYR H 297 58.74 -0.50 -15.67
N CYS H 298 58.99 0.72 -16.12
CA CYS H 298 60.16 1.45 -15.64
C CYS H 298 59.80 2.42 -14.52
N ARG H 299 58.52 2.74 -14.37
CA ARG H 299 58.10 3.59 -13.26
C ARG H 299 57.71 2.75 -12.06
N PHE H 300 57.20 1.54 -12.28
CA PHE H 300 56.90 0.66 -11.15
C PHE H 300 58.14 0.26 -10.39
N THR H 301 59.22 -0.09 -11.09
CA THR H 301 60.41 -0.64 -10.46
C THR H 301 61.54 0.36 -10.32
N GLU H 302 61.23 1.64 -10.05
CA GLU H 302 62.29 2.59 -9.77
C GLU H 302 62.93 2.35 -8.41
N HIS H 303 62.11 2.05 -7.40
CA HIS H 303 62.59 1.82 -6.04
C HIS H 303 62.71 0.35 -5.72
N LEU H 304 63.12 -0.46 -6.70
CA LEU H 304 63.17 -1.90 -6.53
C LEU H 304 64.14 -2.31 -5.44
N GLU H 305 65.32 -1.68 -5.39
CA GLU H 305 66.30 -2.03 -4.38
C GLU H 305 65.95 -1.46 -3.00
N GLU H 306 65.00 -0.53 -2.92
CA GLU H 306 64.70 0.15 -1.67
C GLU H 306 63.40 -0.30 -1.04
N LEU H 307 62.76 -1.33 -1.58
CA LEU H 307 61.45 -1.76 -1.09
C LEU H 307 61.45 -3.25 -0.81
N SER H 308 60.37 -3.72 -0.18
CA SER H 308 60.21 -5.14 0.09
C SER H 308 59.04 -5.70 -0.72
N GLY H 309 59.01 -7.03 -0.83
CA GLY H 309 58.01 -7.68 -1.65
C GLY H 309 56.59 -7.38 -1.24
N ASP H 310 56.34 -7.27 0.07
CA ASP H 310 54.99 -6.97 0.53
C ASP H 310 54.60 -5.52 0.26
N THR H 311 55.56 -4.59 0.33
CA THR H 311 55.28 -3.22 -0.08
C THR H 311 54.93 -3.15 -1.56
N PHE H 312 55.68 -3.87 -2.39
CA PHE H 312 55.30 -4.01 -3.80
C PHE H 312 53.89 -4.58 -3.91
N LEU H 313 53.54 -5.55 -3.07
CA LEU H 313 52.21 -6.14 -3.16
C LEU H 313 51.13 -5.11 -2.84
N ILE H 314 51.39 -4.24 -1.87
CA ILE H 314 50.41 -3.21 -1.52
C ILE H 314 50.27 -2.19 -2.65
N GLU H 315 51.40 -1.75 -3.20
CA GLU H 315 51.36 -0.80 -4.31
C GLU H 315 50.67 -1.39 -5.53
N LEU H 316 50.92 -2.67 -5.82
CA LEU H 316 50.27 -3.31 -6.95
C LEU H 316 48.79 -3.52 -6.69
N ASN H 317 48.40 -3.74 -5.43
CA ASN H 317 46.98 -3.77 -5.13
C ASN H 317 46.34 -2.42 -5.38
N ILE H 318 47.06 -1.33 -5.10
CA ILE H 318 46.53 -0.01 -5.38
C ILE H 318 46.40 0.22 -6.89
N PHE H 319 47.37 -0.29 -7.65
CA PHE H 319 47.37 -0.06 -9.09
C PHE H 319 46.47 -1.01 -9.86
N LYS H 320 46.05 -2.12 -9.26
CA LYS H 320 45.16 -3.04 -9.96
C LYS H 320 43.77 -2.45 -10.18
N SER H 321 43.45 -1.35 -9.50
CA SER H 321 42.19 -0.67 -9.69
C SER H 321 42.30 0.52 -10.64
N HIS H 322 43.44 0.66 -11.31
CA HIS H 322 43.63 1.75 -12.25
C HIS H 322 42.61 1.65 -13.38
N GLY H 323 42.13 2.80 -13.84
CA GLY H 323 41.19 2.81 -14.96
C GLY H 323 41.86 2.43 -16.26
N ASP H 324 43.12 2.79 -16.44
CA ASP H 324 43.85 2.50 -17.66
C ASP H 324 44.05 0.99 -17.77
N LEU H 325 43.37 0.36 -18.73
CA LEU H 325 43.39 -1.09 -18.86
C LEU H 325 44.80 -1.65 -18.95
N THR H 326 45.72 -0.92 -19.57
CA THR H 326 47.08 -1.41 -19.71
C THR H 326 47.81 -1.43 -18.37
N ILE H 327 47.69 -0.33 -17.61
CA ILE H 327 48.33 -0.28 -16.29
C ILE H 327 47.75 -1.35 -15.39
N ARG H 328 46.45 -1.58 -15.47
CA ARG H 328 45.83 -2.59 -14.63
C ARG H 328 46.26 -3.99 -15.03
N LYS H 329 46.37 -4.26 -16.34
CA LYS H 329 46.91 -5.53 -16.80
C LYS H 329 48.31 -5.76 -16.24
N ILE H 330 49.17 -4.76 -16.34
CA ILE H 330 50.56 -4.93 -15.93
C ILE H 330 50.64 -5.15 -14.43
N ALA H 331 49.87 -4.37 -13.66
CA ALA H 331 49.87 -4.52 -12.22
C ALA H 331 49.31 -5.87 -11.80
N THR H 332 48.30 -6.37 -12.53
CA THR H 332 47.74 -7.67 -12.21
C THR H 332 48.76 -8.78 -12.45
N ASN H 333 49.48 -8.71 -13.57
CA ASN H 333 50.50 -9.71 -13.84
C ASN H 333 51.59 -9.71 -12.76
N LEU H 334 52.13 -8.52 -12.46
CA LEU H 334 53.17 -8.42 -11.44
C LEU H 334 52.69 -8.92 -10.09
N PHE H 335 51.48 -8.49 -9.69
CA PHE H 335 50.91 -8.89 -8.42
C PHE H 335 50.70 -10.39 -8.37
N ASN H 336 50.25 -10.99 -9.47
CA ASN H 336 50.01 -12.44 -9.48
C ASN H 336 51.31 -13.21 -9.31
N SER H 337 52.38 -12.79 -9.99
CA SER H 337 53.66 -13.45 -9.80
C SER H 337 54.13 -13.35 -8.35
N MET H 338 54.14 -12.12 -7.81
CA MET H 338 54.63 -11.93 -6.46
C MET H 338 53.75 -12.65 -5.44
N ILE H 339 52.45 -12.75 -5.71
CA ILE H 339 51.58 -13.43 -4.76
C ILE H 339 51.74 -14.93 -4.86
N SER H 340 52.13 -15.45 -6.03
CA SER H 340 52.45 -16.87 -6.13
C SER H 340 53.65 -17.21 -5.27
N LEU H 341 54.66 -16.35 -5.28
CA LEU H 341 55.80 -16.66 -4.43
C LEU H 341 55.52 -16.37 -2.95
N TYR H 342 54.62 -15.42 -2.67
CA TYR H 342 54.12 -15.29 -1.30
C TYR H 342 53.41 -16.57 -0.86
N TYR H 343 52.60 -17.15 -1.75
CA TYR H 343 51.92 -18.39 -1.44
C TYR H 343 52.91 -19.52 -1.17
N GLU H 344 54.05 -19.54 -1.86
CA GLU H 344 55.01 -20.59 -1.54
C GLU H 344 55.69 -20.31 -0.21
N TYR H 345 55.86 -19.02 0.16
CA TYR H 345 56.25 -18.71 1.54
C TYR H 345 55.28 -19.34 2.53
N LEU H 346 53.98 -19.11 2.31
CA LEU H 346 52.97 -19.61 3.25
C LEU H 346 52.96 -21.13 3.29
N MET H 347 53.13 -21.78 2.13
CA MET H 347 53.23 -23.23 2.11
C MET H 347 54.42 -23.72 2.91
N ASN H 348 55.59 -23.13 2.68
CA ASN H 348 56.77 -23.47 3.47
C ASN H 348 56.47 -23.40 4.96
N TRP H 349 55.87 -22.30 5.41
CA TRP H 349 55.60 -22.17 6.85
C TRP H 349 54.59 -23.20 7.31
N LEU H 350 53.39 -23.19 6.71
CA LEU H 350 52.31 -24.06 7.16
C LEU H 350 52.68 -25.53 7.16
N THR H 351 53.43 -26.00 6.15
CA THR H 351 53.67 -27.42 6.02
C THR H 351 55.05 -27.87 6.50
N LYS H 352 55.96 -26.95 6.81
CA LYS H 352 57.26 -27.35 7.31
C LYS H 352 57.74 -26.54 8.50
N GLY H 353 57.06 -25.47 8.86
CA GLY H 353 57.57 -24.58 9.89
C GLY H 353 58.93 -24.02 9.55
N LEU H 354 59.15 -23.64 8.31
CA LEU H 354 60.44 -23.16 7.83
C LEU H 354 60.30 -21.74 7.32
N LEU H 355 61.12 -20.83 7.85
CA LEU H 355 61.18 -19.45 7.40
C LEU H 355 62.40 -19.18 6.54
N ARG H 356 62.94 -20.21 5.92
CA ARG H 356 64.14 -20.07 5.10
C ARG H 356 63.84 -19.24 3.85
N ALA H 357 64.74 -18.31 3.55
CA ALA H 357 64.66 -17.48 2.35
C ALA H 357 63.37 -16.67 2.30
N THR H 358 63.19 -15.77 3.27
CA THR H 358 62.10 -14.82 3.25
C THR H 358 62.56 -13.37 3.29
N TYR H 359 63.75 -13.11 3.82
CA TYR H 359 64.38 -11.78 3.83
C TYR H 359 63.50 -10.72 4.48
N GLY H 360 62.51 -11.11 5.27
CA GLY H 360 61.69 -10.18 6.00
C GLY H 360 60.36 -9.85 5.36
N GLU H 361 60.02 -10.47 4.24
CA GLU H 361 58.73 -10.24 3.58
C GLU H 361 57.74 -11.31 4.03
N PHE H 362 57.53 -11.36 5.35
CA PHE H 362 56.65 -12.33 5.95
C PHE H 362 56.27 -11.83 7.33
N PHE H 363 55.08 -12.23 7.79
CA PHE H 363 54.60 -11.82 9.10
C PHE H 363 54.97 -12.80 10.19
N ILE H 364 55.97 -13.65 9.97
CA ILE H 364 56.48 -14.59 10.96
C ILE H 364 57.98 -14.63 10.80
N ALA H 365 58.70 -14.38 11.90
CA ALA H 365 60.16 -14.28 11.83
C ALA H 365 60.77 -14.98 13.02
N GLU H 366 61.82 -15.76 12.76
CA GLU H 366 62.61 -16.34 13.83
C GLU H 366 63.09 -15.24 14.77
N ASN H 367 63.10 -15.54 16.06
CA ASN H 367 63.54 -14.56 17.06
C ASN H 367 64.43 -15.30 18.05
N THR H 368 65.73 -15.33 17.76
CA THR H 368 66.73 -15.90 18.64
C THR H 368 67.21 -14.87 19.67
N ASP H 369 66.70 -13.63 19.59
CA ASP H 369 67.18 -12.53 20.41
C ASP H 369 66.70 -12.72 21.85
N THR H 370 67.50 -13.46 22.60
CA THR H 370 67.23 -13.67 24.02
C THR H 370 68.09 -12.74 24.87
N ASN H 371 67.54 -12.36 26.03
CA ASN H 371 68.24 -11.51 26.98
C ASN H 371 68.87 -12.31 28.12
N GLY H 372 69.36 -13.51 27.82
CA GLY H 372 69.83 -14.45 28.81
C GLY H 372 68.78 -15.38 29.34
N THR H 373 67.51 -14.98 29.28
CA THR H 373 66.42 -15.86 29.66
C THR H 373 66.18 -16.90 28.56
N ASP H 374 66.13 -18.16 28.94
CA ASP H 374 65.84 -19.27 28.02
C ASP H 374 66.80 -19.27 26.83
N ASP H 375 68.10 -19.32 27.14
CA ASP H 375 69.10 -19.38 26.08
C ASP H 375 69.13 -20.74 25.39
N ASP H 376 68.39 -21.72 25.91
CA ASP H 376 68.24 -23.01 25.27
C ASP H 376 66.88 -23.13 24.58
N PHE H 377 66.09 -22.06 24.60
CA PHE H 377 64.81 -22.00 23.89
C PHE H 377 63.88 -23.12 24.32
N ILE H 378 63.92 -23.43 25.61
CA ILE H 378 63.10 -24.49 26.20
C ILE H 378 61.87 -23.94 26.91
N TYR H 379 61.47 -22.71 26.64
CA TYR H 379 60.28 -22.15 27.27
C TYR H 379 59.36 -21.41 26.31
N HIS H 380 59.87 -20.83 25.22
CA HIS H 380 59.07 -19.89 24.45
C HIS H 380 59.14 -20.00 22.94
N ILE H 381 59.64 -21.10 22.37
CA ILE H 381 59.58 -21.33 20.92
C ILE H 381 60.15 -20.15 20.15
N PRO H 382 61.48 -20.04 20.01
CA PRO H 382 62.10 -18.77 19.58
C PRO H 382 61.70 -18.35 18.17
N ILE H 383 60.45 -17.90 18.03
CA ILE H 383 59.92 -17.26 16.84
C ILE H 383 59.05 -16.11 17.31
N GLU H 384 58.48 -15.37 16.35
CA GLU H 384 57.59 -14.27 16.68
C GLU H 384 56.66 -13.98 15.52
N PHE H 385 55.49 -13.45 15.84
CA PHE H 385 54.44 -13.17 14.88
C PHE H 385 54.10 -11.68 14.92
N ASN H 386 54.36 -10.99 13.82
CA ASN H 386 54.23 -9.54 13.75
C ASN H 386 52.89 -9.22 13.07
N GLN H 387 52.04 -8.48 13.78
CA GLN H 387 50.73 -8.14 13.23
C GLN H 387 50.81 -6.97 12.28
N GLU H 388 51.86 -6.17 12.37
CA GLU H 388 52.02 -5.03 11.47
C GLU H 388 52.41 -5.43 10.06
N ARG H 389 52.83 -6.68 9.85
CA ARG H 389 53.29 -7.14 8.55
C ARG H 389 52.24 -7.95 7.81
N VAL H 390 51.11 -8.24 8.43
CA VAL H 390 50.10 -9.11 7.80
C VAL H 390 49.50 -8.39 6.60
N PRO H 391 49.62 -8.93 5.40
CA PRO H 391 49.08 -8.26 4.22
C PRO H 391 47.56 -8.25 4.22
N ALA H 392 47.00 -7.15 3.71
CA ALA H 392 45.57 -6.89 3.84
C ALA H 392 44.70 -7.96 3.21
N PHE H 393 45.25 -8.83 2.36
CA PHE H 393 44.45 -9.91 1.80
C PHE H 393 44.37 -11.12 2.72
N ILE H 394 44.95 -11.04 3.91
CA ILE H 394 44.90 -12.10 4.92
C ILE H 394 44.16 -11.54 6.14
N PRO H 395 43.00 -12.09 6.50
CA PRO H 395 42.35 -11.66 7.74
C PRO H 395 43.25 -11.92 8.93
N LYS H 396 43.19 -11.02 9.92
CA LYS H 396 44.07 -11.13 11.08
C LYS H 396 43.87 -12.46 11.81
N GLU H 397 42.62 -12.92 11.91
CA GLU H 397 42.35 -14.21 12.54
C GLU H 397 43.03 -15.33 11.78
N LEU H 398 42.95 -15.30 10.46
CA LEU H 398 43.58 -16.33 9.64
C LEU H 398 45.10 -16.25 9.71
N ALA H 399 45.65 -15.04 9.85
CA ALA H 399 47.09 -14.91 10.04
C ALA H 399 47.52 -15.53 11.37
N TYR H 400 46.74 -15.32 12.42
CA TYR H 400 47.03 -15.96 13.69
C TYR H 400 46.94 -17.47 13.57
N LYS H 401 45.94 -17.96 12.83
CA LYS H 401 45.83 -19.39 12.61
C LYS H 401 47.04 -19.96 11.88
N ILE H 402 47.52 -19.25 10.85
CA ILE H 402 48.71 -19.68 10.13
C ILE H 402 49.90 -19.75 11.07
N PHE H 403 50.09 -18.69 11.86
CA PHE H 403 51.19 -18.66 12.82
C PHE H 403 51.10 -19.84 13.77
N MET H 404 49.89 -20.13 14.26
CA MET H 404 49.74 -21.21 15.23
C MET H 404 49.96 -22.57 14.59
N ILE H 405 49.54 -22.75 13.34
CA ILE H 405 49.80 -24.01 12.65
C ILE H 405 51.31 -24.26 12.57
N GLY H 406 52.05 -23.28 12.07
CA GLY H 406 53.49 -23.46 11.95
C GLY H 406 54.16 -23.61 13.30
N LYS H 407 53.71 -22.84 14.30
CA LYS H 407 54.32 -22.88 15.62
C LYS H 407 54.08 -24.23 16.28
N SER H 408 52.86 -24.74 16.20
CA SER H 408 52.54 -26.06 16.74
C SER H 408 53.31 -27.15 16.00
N TYR H 409 53.54 -26.98 14.70
CA TYR H 409 54.35 -27.95 13.98
C TYR H 409 55.77 -27.99 14.53
N ILE H 410 56.41 -26.82 14.65
CA ILE H 410 57.75 -26.76 15.22
C ILE H 410 57.75 -27.39 16.61
N PHE H 411 56.78 -27.02 17.44
CA PHE H 411 56.68 -27.56 18.79
C PHE H 411 56.65 -29.09 18.78
N LEU H 412 55.70 -29.66 18.05
CA LEU H 412 55.61 -31.12 17.94
C LEU H 412 56.92 -31.74 17.48
N GLU H 413 57.52 -31.20 16.42
CA GLU H 413 58.67 -31.87 15.82
C GLU H 413 59.90 -31.80 16.71
N LYS H 414 60.25 -30.60 17.19
CA LYS H 414 61.51 -30.44 17.89
C LYS H 414 61.48 -30.99 19.31
N TYR H 415 60.40 -30.77 20.05
CA TYR H 415 60.32 -31.15 21.45
C TYR H 415 59.54 -32.44 21.69
N CYS H 416 58.31 -32.53 21.21
CA CYS H 416 57.52 -33.75 21.38
C CYS H 416 58.09 -34.94 20.62
N LYS H 417 59.13 -34.75 19.80
CA LYS H 417 59.77 -35.83 19.05
C LYS H 417 58.76 -36.61 18.21
N GLU H 418 57.81 -35.90 17.60
CA GLU H 418 56.79 -36.53 16.77
C GLU H 418 57.20 -36.49 15.29
N VAL H 419 58.36 -37.08 15.00
CA VAL H 419 58.90 -37.05 13.65
C VAL H 419 57.97 -37.75 12.67
N GLN H 420 57.58 -38.99 12.98
CA GLN H 420 56.72 -39.76 12.09
C GLN H 420 55.44 -39.01 11.74
N TRP H 421 54.69 -38.60 12.77
CA TRP H 421 53.38 -38.00 12.53
C TRP H 421 53.53 -36.66 11.84
N THR H 422 54.54 -35.88 12.20
CA THR H 422 54.72 -34.59 11.54
C THR H 422 55.13 -34.76 10.09
N ASN H 423 55.92 -35.79 9.77
CA ASN H 423 56.18 -36.08 8.36
C ASN H 423 54.89 -36.38 7.61
N GLU H 424 54.06 -37.27 8.15
CA GLU H 424 52.82 -37.59 7.46
C GLU H 424 51.93 -36.37 7.30
N PHE H 425 51.83 -35.56 8.35
CA PHE H 425 50.99 -34.36 8.34
C PHE H 425 51.51 -33.34 7.34
N SER H 426 52.82 -33.12 7.32
CA SER H 426 53.42 -32.19 6.38
C SER H 426 53.21 -32.63 4.95
N LYS H 427 53.43 -33.92 4.66
CA LYS H 427 53.19 -34.40 3.30
C LYS H 427 51.74 -34.20 2.90
N LYS H 428 50.80 -34.57 3.78
CA LYS H 428 49.39 -34.40 3.49
C LYS H 428 49.05 -32.96 3.14
N TYR H 429 49.44 -32.03 4.01
CA TYR H 429 48.99 -30.65 3.81
C TYR H 429 49.82 -29.93 2.75
N HIS H 430 51.05 -30.35 2.50
CA HIS H 430 51.79 -29.83 1.35
C HIS H 430 51.10 -30.21 0.06
N VAL H 431 50.67 -31.47 -0.06
CA VAL H 431 49.87 -31.87 -1.21
C VAL H 431 48.61 -31.02 -1.30
N LEU H 432 47.95 -30.83 -0.15
CA LEU H 432 46.69 -30.08 -0.13
C LEU H 432 46.89 -28.66 -0.66
N TYR H 433 47.93 -27.97 -0.22
CA TYR H 433 48.17 -26.60 -0.64
C TYR H 433 48.68 -26.53 -2.08
N GLN H 434 49.62 -27.39 -2.45
CA GLN H 434 50.13 -27.40 -3.82
C GLN H 434 49.00 -27.67 -4.81
N SER H 435 47.96 -28.39 -4.38
CA SER H 435 46.79 -28.56 -5.23
C SER H 435 45.93 -27.31 -5.33
N ASN H 436 46.27 -26.24 -4.62
CA ASN H 436 45.56 -24.96 -4.68
C ASN H 436 46.47 -23.81 -5.06
N SER H 437 47.76 -24.07 -5.23
CA SER H 437 48.73 -23.02 -5.52
C SER H 437 48.31 -22.15 -6.71
N TYR H 438 47.39 -22.63 -7.55
CA TYR H 438 46.99 -21.86 -8.72
C TYR H 438 45.86 -20.89 -8.43
N ARG H 439 45.10 -21.10 -7.36
CA ARG H 439 43.99 -20.21 -7.03
C ARG H 439 44.40 -19.01 -6.18
N GLY H 440 45.69 -18.84 -5.92
CA GLY H 440 46.10 -17.72 -5.09
C GLY H 440 45.67 -17.94 -3.64
N ILE H 441 45.68 -16.84 -2.89
CA ILE H 441 45.23 -16.88 -1.49
C ILE H 441 43.72 -16.65 -1.53
N SER H 442 43.01 -17.74 -1.79
CA SER H 442 41.56 -17.70 -1.95
C SER H 442 40.86 -18.01 -0.63
N THR H 443 39.54 -18.22 -0.73
CA THR H 443 38.76 -18.57 0.46
C THR H 443 38.91 -20.05 0.81
N ASN H 444 39.11 -20.90 -0.19
CA ASN H 444 39.31 -22.32 0.10
C ASN H 444 40.73 -22.60 0.57
N PHE H 445 41.67 -21.71 0.25
CA PHE H 445 42.95 -21.71 0.96
C PHE H 445 42.73 -21.52 2.45
N PHE H 446 41.80 -20.63 2.81
CA PHE H 446 41.49 -20.44 4.22
C PHE H 446 40.71 -21.63 4.79
N GLU H 447 39.91 -22.30 3.95
CA GLU H 447 39.28 -23.55 4.40
C GLU H 447 40.33 -24.58 4.78
N ILE H 448 41.34 -24.78 3.93
CA ILE H 448 42.41 -25.72 4.23
C ILE H 448 43.18 -25.26 5.46
N ILE H 449 43.35 -23.95 5.62
CA ILE H 449 44.04 -23.44 6.81
C ILE H 449 43.26 -23.82 8.06
N ASN H 450 41.94 -23.64 8.03
CA ASN H 450 41.12 -23.98 9.19
C ASN H 450 41.19 -25.46 9.50
N ASP H 451 41.07 -26.30 8.47
CA ASP H 451 41.15 -27.75 8.68
C ASP H 451 42.50 -28.13 9.29
N GLN H 452 43.59 -27.59 8.75
CA GLN H 452 44.92 -27.90 9.27
C GLN H 452 45.08 -27.42 10.70
N TYR H 453 44.55 -26.23 11.00
CA TYR H 453 44.63 -25.69 12.35
C TYR H 453 43.93 -26.59 13.34
N SER H 454 42.68 -26.96 13.04
CA SER H 454 41.94 -27.88 13.90
C SER H 454 42.72 -29.18 14.09
N GLU H 455 43.20 -29.79 13.01
CA GLU H 455 43.88 -31.08 13.13
C GLU H 455 45.12 -30.98 13.98
N ILE H 456 45.98 -29.98 13.73
CA ILE H 456 47.24 -29.91 14.43
C ILE H 456 47.03 -29.55 15.91
N VAL H 457 46.02 -28.73 16.20
CA VAL H 457 45.80 -28.36 17.60
C VAL H 457 45.20 -29.53 18.37
N ASN H 458 44.24 -30.22 17.77
CA ASN H 458 43.73 -31.46 18.36
C ASN H 458 44.85 -32.44 18.64
N HIS H 459 45.74 -32.66 17.66
CA HIS H 459 46.76 -33.67 17.86
C HIS H 459 47.80 -33.23 18.88
N THR H 460 48.09 -31.93 18.94
CA THR H 460 49.10 -31.50 19.91
C THR H 460 48.54 -31.58 21.33
N ASN H 461 47.25 -31.31 21.50
CA ASN H 461 46.64 -31.54 22.81
C ASN H 461 46.61 -33.02 23.17
N GLN H 462 46.25 -33.88 22.22
CA GLN H 462 46.20 -35.31 22.49
C GLN H 462 47.58 -35.85 22.83
N ILE H 463 48.61 -35.42 22.10
CA ILE H 463 49.97 -35.84 22.42
C ILE H 463 50.39 -35.35 23.79
N LEU H 464 50.09 -34.09 24.11
CA LEU H 464 50.46 -33.57 25.41
C LEU H 464 49.84 -34.40 26.53
N ASN H 465 48.52 -34.63 26.47
CA ASN H 465 47.87 -35.42 27.50
C ASN H 465 48.38 -36.86 27.53
N GLN H 466 48.18 -37.62 26.45
CA GLN H 466 48.42 -39.07 26.47
C GLN H 466 49.89 -39.45 26.51
N LYS H 467 50.77 -38.66 25.90
CA LYS H 467 52.17 -39.04 25.76
C LYS H 467 53.07 -38.38 26.79
N PHE H 468 52.73 -37.19 27.25
CA PHE H 468 53.57 -36.44 28.18
C PHE H 468 52.83 -36.07 29.46
N HIS H 469 51.64 -36.62 29.68
CA HIS H 469 50.92 -36.50 30.95
C HIS H 469 50.69 -35.04 31.33
N TYR H 470 50.17 -34.26 30.38
CA TYR H 470 49.88 -32.85 30.68
C TYR H 470 48.89 -32.73 31.83
N ARG H 471 47.69 -33.28 31.63
CA ARG H 471 46.65 -33.24 32.67
C ARG H 471 47.17 -33.79 33.99
N ASP H 472 47.92 -34.89 33.95
CA ASP H 472 48.38 -35.52 35.18
C ASP H 472 49.48 -34.70 35.84
N VAL H 473 50.24 -33.93 35.07
CA VAL H 473 51.25 -33.06 35.69
C VAL H 473 50.57 -31.82 36.26
N VAL H 474 49.53 -31.32 35.62
CA VAL H 474 48.70 -30.28 36.22
C VAL H 474 48.21 -30.74 37.59
N PHE H 475 47.68 -31.97 37.65
CA PHE H 475 47.17 -32.48 38.92
C PHE H 475 48.29 -32.65 39.94
N ALA H 476 49.38 -33.32 39.57
CA ALA H 476 50.48 -33.51 40.51
C ALA H 476 51.21 -32.20 40.78
N LEU H 477 50.77 -31.11 40.14
CA LEU H 477 51.20 -29.78 40.57
C LEU H 477 50.27 -29.23 41.63
N LYS H 478 48.96 -29.29 41.38
CA LYS H 478 48.01 -28.89 42.40
C LYS H 478 48.16 -29.74 43.66
N ASN H 479 48.66 -30.96 43.52
CA ASN H 479 48.79 -31.86 44.66
C ASN H 479 50.17 -31.81 45.32
N ILE H 480 51.06 -30.93 44.90
CA ILE H 480 52.33 -30.78 45.59
C ILE H 480 52.56 -29.34 46.02
N LEU H 481 52.66 -28.43 45.06
CA LEU H 481 52.98 -27.04 45.37
C LEU H 481 51.74 -26.24 45.75
N LEU H 482 50.55 -26.78 45.51
CA LEU H 482 49.31 -26.20 45.99
C LEU H 482 48.67 -27.03 47.08
N MET H 483 49.20 -28.24 47.31
CA MET H 483 48.82 -29.07 48.45
C MET H 483 47.34 -29.43 48.42
N GLY H 484 46.89 -29.91 47.27
CA GLY H 484 45.60 -30.56 47.16
C GLY H 484 45.58 -31.99 47.65
N LYS H 485 46.64 -32.44 48.32
CA LYS H 485 46.71 -33.78 48.89
C LYS H 485 47.50 -33.65 50.19
N SER H 486 46.80 -33.80 51.32
CA SER H 486 47.41 -33.51 52.61
C SER H 486 48.21 -34.68 53.17
N ASP H 487 47.89 -35.92 52.77
CA ASP H 487 48.64 -37.08 53.25
C ASP H 487 50.12 -36.95 52.90
N PHE H 488 50.42 -36.59 51.65
CA PHE H 488 51.81 -36.46 51.23
C PHE H 488 52.53 -35.41 52.06
N MET H 489 51.87 -34.27 52.30
CA MET H 489 52.52 -33.20 53.03
C MET H 489 52.75 -33.56 54.49
N ASP H 490 51.79 -34.25 55.11
CA ASP H 490 51.97 -34.67 56.49
C ASP H 490 53.10 -35.69 56.61
N ALA H 491 53.14 -36.67 55.70
CA ALA H 491 54.23 -37.63 55.74
C ALA H 491 55.57 -36.98 55.48
N LEU H 492 55.64 -36.11 54.47
CA LEU H 492 56.84 -35.34 54.19
C LEU H 492 57.32 -34.59 55.42
N ILE H 493 56.41 -33.86 56.07
CA ILE H 493 56.82 -32.99 57.17
C ILE H 493 57.22 -33.82 58.39
N GLU H 494 56.59 -34.98 58.58
CA GLU H 494 57.06 -35.92 59.59
C GLU H 494 58.49 -36.35 59.31
N LYS H 495 58.73 -36.96 58.15
CA LYS H 495 60.08 -37.44 57.81
C LYS H 495 61.10 -36.32 57.82
N ALA H 496 60.67 -35.07 57.61
CA ALA H 496 61.61 -33.96 57.56
C ALA H 496 61.65 -33.17 58.86
N ASN H 497 60.94 -33.61 59.91
CA ASN H 497 61.12 -33.00 61.22
C ASN H 497 62.59 -32.99 61.65
N ASP H 498 63.32 -34.08 61.39
CA ASP H 498 64.69 -34.17 61.87
C ASP H 498 65.62 -33.18 61.18
N ILE H 499 65.27 -32.75 59.97
CA ILE H 499 66.15 -31.87 59.21
C ILE H 499 65.69 -30.42 59.28
N LEU H 500 64.40 -30.19 59.05
CA LEU H 500 63.86 -28.83 59.09
C LEU H 500 64.09 -28.18 60.44
N ALA H 501 63.84 -28.92 61.53
CA ALA H 501 63.93 -28.35 62.87
C ALA H 501 65.34 -27.96 63.26
N THR H 502 66.35 -28.31 62.46
CA THR H 502 67.70 -27.81 62.67
C THR H 502 67.77 -26.37 62.15
N PRO H 503 67.82 -25.36 63.02
CA PRO H 503 67.78 -23.97 62.56
C PRO H 503 69.12 -23.50 61.99
N SER H 504 69.60 -24.23 60.99
CA SER H 504 70.89 -23.94 60.39
C SER H 504 70.79 -24.06 58.88
N ASP H 505 71.72 -23.39 58.18
CA ASP H 505 71.87 -23.60 56.76
C ASP H 505 72.76 -24.80 56.46
N SER H 506 73.51 -25.28 57.46
CA SER H 506 74.39 -26.43 57.29
C SER H 506 73.60 -27.73 57.42
N LEU H 507 72.52 -27.79 56.64
CA LEU H 507 71.71 -28.99 56.52
C LEU H 507 72.36 -29.95 55.53
N PRO H 508 72.09 -31.25 55.64
CA PRO H 508 72.65 -32.18 54.65
C PRO H 508 72.19 -31.90 53.22
N ASN H 509 70.91 -31.53 53.05
CA ASN H 509 70.34 -31.16 51.75
C ASN H 509 70.34 -32.35 50.79
N TYR H 510 70.86 -33.49 51.23
CA TYR H 510 70.82 -34.69 50.41
C TYR H 510 69.99 -35.78 51.07
N LYS H 511 69.85 -35.71 52.40
CA LYS H 511 68.83 -36.52 53.05
C LYS H 511 67.43 -36.13 52.61
N LEU H 512 67.23 -34.88 52.19
CA LEU H 512 65.93 -34.44 51.68
C LEU H 512 65.49 -35.25 50.47
N THR H 513 66.42 -35.73 49.66
CA THR H 513 66.08 -36.66 48.59
C THR H 513 65.32 -37.86 49.16
N ARG H 514 65.89 -38.54 50.15
CA ARG H 514 65.23 -39.69 50.76
C ARG H 514 63.94 -39.28 51.47
N VAL H 515 63.92 -38.09 52.06
CA VAL H 515 62.68 -37.56 52.64
C VAL H 515 61.58 -37.56 51.58
N LEU H 516 61.87 -37.06 50.39
CA LEU H 516 60.87 -37.02 49.32
C LEU H 516 60.51 -38.42 48.85
N GLN H 517 61.52 -39.29 48.67
CA GLN H 517 61.23 -40.67 48.26
C GLN H 517 60.27 -41.34 49.24
N GLU H 518 60.51 -41.20 50.53
CA GLU H 518 59.69 -41.89 51.51
C GLU H 518 58.35 -41.20 51.71
N ALA H 519 58.29 -39.89 51.47
CA ALA H 519 57.01 -39.19 51.48
C ALA H 519 56.10 -39.68 50.36
N VAL H 520 56.60 -39.69 49.12
CA VAL H 520 55.80 -40.23 48.02
C VAL H 520 55.55 -41.71 48.22
N GLN H 521 56.45 -42.39 48.97
CA GLN H 521 56.21 -43.77 49.33
C GLN H 521 55.06 -43.92 50.31
N LEU H 522 55.01 -43.07 51.32
CA LEU H 522 54.04 -43.19 52.40
C LEU H 522 52.82 -42.30 52.22
N SER H 523 52.40 -42.08 50.98
CA SER H 523 51.23 -41.27 50.67
C SER H 523 50.40 -41.98 49.61
N SER H 524 49.36 -41.28 49.13
CA SER H 524 48.62 -41.77 47.98
C SER H 524 49.40 -41.60 46.68
N LEU H 525 50.58 -40.98 46.74
CA LEU H 525 51.40 -40.81 45.55
C LEU H 525 52.32 -42.00 45.30
N ARG H 526 52.26 -43.02 46.17
CA ARG H 526 52.94 -44.27 45.85
C ARG H 526 52.20 -45.05 44.78
N HIS H 527 50.93 -44.71 44.53
CA HIS H 527 50.23 -45.22 43.37
C HIS H 527 50.67 -44.53 42.09
N LEU H 528 51.47 -43.48 42.21
CA LEU H 528 52.04 -42.77 41.07
C LEU H 528 53.52 -43.11 40.88
N MET H 529 54.27 -43.21 41.98
CA MET H 529 55.67 -43.60 41.90
C MET H 529 55.81 -45.08 41.54
N ASN H 530 54.75 -45.87 41.72
CA ASN H 530 54.73 -47.26 41.31
C ASN H 530 53.84 -47.49 40.11
N SER H 531 53.40 -46.43 39.44
CA SER H 531 52.59 -46.58 38.25
C SER H 531 53.47 -47.02 37.08
N PRO H 532 52.96 -47.86 36.18
CA PRO H 532 53.78 -48.29 35.04
C PRO H 532 54.12 -47.18 34.07
N ARG H 533 53.21 -46.22 33.86
CA ARG H 533 53.40 -45.22 32.82
C ARG H 533 53.55 -43.81 33.37
N ASN H 534 53.00 -43.56 34.56
CA ASN H 534 52.99 -42.22 35.15
C ASN H 534 54.14 -41.98 36.13
N SER H 535 55.12 -42.89 36.19
CA SER H 535 56.25 -42.68 37.09
C SER H 535 57.04 -41.44 36.72
N SER H 536 57.08 -41.10 35.44
CA SER H 536 57.75 -39.87 35.00
C SER H 536 57.12 -38.64 35.61
N VAL H 537 55.82 -38.68 35.90
CA VAL H 537 55.15 -37.55 36.53
C VAL H 537 55.74 -37.29 37.91
N ILE H 538 55.96 -38.36 38.69
CA ILE H 538 56.41 -38.17 40.05
C ILE H 538 57.93 -38.05 40.12
N ASN H 539 58.63 -38.44 39.06
CA ASN H 539 60.08 -38.26 39.10
C ASN H 539 60.49 -36.82 38.83
N GLY H 540 59.55 -35.92 38.59
CA GLY H 540 59.84 -34.52 38.40
C GLY H 540 59.84 -33.69 39.66
N LEU H 541 59.37 -34.25 40.78
CA LEU H 541 59.24 -33.50 42.01
C LEU H 541 60.59 -33.42 42.74
N ASP H 542 61.03 -32.19 42.99
CA ASP H 542 62.26 -31.94 43.72
C ASP H 542 62.08 -30.70 44.59
N ALA H 543 62.97 -30.56 45.57
CA ALA H 543 62.90 -29.47 46.53
C ALA H 543 64.09 -28.56 46.34
N ARG H 544 63.90 -27.29 46.72
CA ARG H 544 64.97 -26.32 46.71
C ARG H 544 64.86 -25.47 47.96
N VAL H 545 66.00 -25.01 48.46
CA VAL H 545 66.07 -24.26 49.70
C VAL H 545 66.29 -22.79 49.39
N LEU H 546 65.61 -21.92 50.13
CA LEU H 546 65.77 -20.49 49.92
C LEU H 546 67.09 -20.01 50.50
N ASP H 547 67.30 -18.69 50.44
CA ASP H 547 68.51 -18.07 50.96
C ASP H 547 68.10 -16.93 51.89
N LEU H 548 68.23 -17.17 53.20
CA LEU H 548 67.83 -16.20 54.20
C LEU H 548 68.98 -15.73 55.08
N GLY H 549 70.18 -16.27 54.88
CA GLY H 549 71.35 -15.84 55.63
C GLY H 549 71.79 -16.87 56.65
N HIS H 550 72.72 -16.44 57.51
CA HIS H 550 73.23 -17.31 58.56
C HIS H 550 72.26 -17.34 59.74
N GLY H 551 72.25 -18.46 60.46
CA GLY H 551 71.31 -18.66 61.53
C GLY H 551 69.89 -18.93 61.10
N SER H 552 69.62 -18.90 59.79
CA SER H 552 68.28 -19.15 59.27
C SER H 552 67.82 -20.55 59.68
N VAL H 553 66.50 -20.73 59.70
CA VAL H 553 65.88 -21.96 60.15
C VAL H 553 65.51 -22.80 58.94
N GLY H 554 65.86 -24.09 59.01
CA GLY H 554 65.55 -25.00 57.92
C GLY H 554 64.07 -25.07 57.59
N TRP H 555 63.22 -24.51 58.46
CA TRP H 555 61.79 -24.57 58.22
C TRP H 555 61.34 -23.49 57.25
N ASP H 556 62.09 -22.38 57.15
CA ASP H 556 61.68 -21.28 56.29
C ASP H 556 62.50 -21.19 55.02
N VAL H 557 63.68 -21.83 54.97
CA VAL H 557 64.42 -21.91 53.72
C VAL H 557 63.82 -22.97 52.80
N PHE H 558 63.18 -23.99 53.36
CA PHE H 558 62.80 -25.16 52.60
C PHE H 558 61.59 -24.87 51.71
N THR H 559 61.64 -25.35 50.47
CA THR H 559 60.53 -25.27 49.54
C THR H 559 60.57 -26.46 48.59
N LEU H 560 59.38 -26.86 48.14
CA LEU H 560 59.24 -27.87 47.10
C LEU H 560 59.19 -27.20 45.74
N ASP H 561 59.24 -28.03 44.70
CA ASP H 561 59.28 -27.53 43.33
C ASP H 561 58.94 -28.66 42.37
N TYR H 562 58.83 -28.31 41.09
CA TYR H 562 58.58 -29.27 40.02
C TYR H 562 59.49 -28.90 38.85
N ILE H 563 60.21 -29.90 38.34
CA ILE H 563 61.20 -29.70 37.29
C ILE H 563 60.64 -30.23 35.98
N LEU H 564 60.16 -29.32 35.14
CA LEU H 564 59.62 -29.67 33.85
C LEU H 564 60.64 -29.40 32.75
N TYR H 565 60.81 -30.38 31.87
CA TYR H 565 61.57 -30.28 30.65
C TYR H 565 60.61 -30.23 29.48
N PRO H 566 61.08 -29.89 28.27
CA PRO H 566 60.17 -29.87 27.14
C PRO H 566 59.61 -31.25 26.88
N PRO H 567 58.39 -31.35 26.31
CA PRO H 567 57.55 -30.25 25.83
C PRO H 567 56.79 -29.49 26.91
N LEU H 568 56.51 -30.14 28.05
CA LEU H 568 55.70 -29.52 29.08
C LEU H 568 56.24 -28.19 29.54
N SER H 569 57.57 -28.06 29.70
CA SER H 569 58.14 -26.81 30.16
C SER H 569 57.77 -25.63 29.29
N LEU H 570 57.29 -25.87 28.07
CA LEU H 570 56.81 -24.82 27.20
C LEU H 570 55.36 -24.44 27.47
N VAL H 571 54.54 -25.40 27.87
CA VAL H 571 53.10 -25.19 28.05
C VAL H 571 52.77 -24.88 29.51
N LEU H 572 53.41 -25.58 30.45
CA LEU H 572 53.14 -25.42 31.87
C LEU H 572 54.11 -24.43 32.47
N ASN H 573 53.59 -23.29 32.93
CA ASN H 573 54.41 -22.31 33.62
C ASN H 573 54.67 -22.79 35.04
N VAL H 574 55.94 -22.95 35.39
CA VAL H 574 56.38 -23.34 36.71
C VAL H 574 57.49 -22.37 37.11
N ASN H 575 58.21 -22.66 38.19
CA ASN H 575 59.19 -21.72 38.73
C ASN H 575 60.33 -21.57 37.71
N ARG H 576 60.03 -20.83 36.65
CA ARG H 576 61.01 -20.55 35.62
C ARG H 576 62.07 -19.59 36.16
N PRO H 577 63.33 -19.75 35.76
CA PRO H 577 64.42 -19.05 36.46
C PRO H 577 64.34 -17.53 36.43
N PHE H 578 63.37 -16.94 35.75
CA PHE H 578 63.22 -15.50 35.71
C PHE H 578 61.77 -15.04 35.82
N GLY H 579 60.85 -15.96 36.10
CA GLY H 579 59.46 -15.61 36.32
C GLY H 579 59.22 -15.16 37.75
N ARG H 580 57.94 -14.91 38.04
CA ARG H 580 57.57 -14.51 39.40
C ARG H 580 57.58 -15.66 40.39
N LYS H 581 57.80 -16.89 39.93
CA LYS H 581 57.86 -18.06 40.81
C LYS H 581 56.60 -18.18 41.67
N GLU H 582 55.46 -17.85 41.06
CA GLU H 582 54.20 -17.81 41.80
C GLU H 582 53.93 -19.12 42.53
N TYR H 583 54.27 -20.26 41.91
CA TYR H 583 54.16 -21.53 42.60
C TYR H 583 54.98 -21.53 43.89
N LEU H 584 56.16 -20.90 43.86
CA LEU H 584 57.04 -20.89 45.02
C LEU H 584 56.46 -20.09 46.18
N ARG H 585 56.00 -18.87 45.90
CA ARG H 585 55.42 -18.05 46.95
C ARG H 585 54.12 -18.65 47.48
N ILE H 586 53.33 -19.28 46.60
CA ILE H 586 52.14 -19.98 47.09
C ILE H 586 52.54 -21.12 48.02
N PHE H 587 53.58 -21.87 47.65
CA PHE H 587 54.01 -22.98 48.49
C PHE H 587 54.49 -22.48 49.84
N ASN H 588 55.14 -21.32 49.87
CA ASN H 588 55.59 -20.78 51.16
C ASN H 588 54.41 -20.31 52.01
N PHE H 589 53.48 -19.59 51.39
CA PHE H 589 52.33 -19.09 52.14
C PHE H 589 51.54 -20.25 52.75
N LEU H 590 51.48 -21.39 52.06
CA LEU H 590 50.76 -22.53 52.62
C LEU H 590 51.66 -23.40 53.50
N TRP H 591 52.97 -23.30 53.33
CA TRP H 591 53.90 -23.93 54.25
C TRP H 591 53.77 -23.34 55.63
N ARG H 592 53.37 -22.06 55.69
CA ARG H 592 53.03 -21.48 56.99
C ARG H 592 51.95 -22.28 57.70
N PHE H 593 50.77 -22.42 57.07
CA PHE H 593 49.69 -23.22 57.63
C PHE H 593 50.17 -24.64 57.97
N LYS H 594 50.97 -25.25 57.09
CA LYS H 594 51.36 -26.63 57.33
C LYS H 594 52.28 -26.77 58.54
N LYS H 595 53.19 -25.82 58.72
CA LYS H 595 54.02 -25.79 59.92
C LYS H 595 53.17 -25.63 61.17
N ASN H 596 52.21 -24.72 61.13
CA ASN H 596 51.31 -24.56 62.27
C ASN H 596 50.58 -25.85 62.59
N ASN H 597 50.05 -26.52 61.56
CA ASN H 597 49.35 -27.79 61.77
C ASN H 597 50.25 -28.83 62.41
N TYR H 598 51.46 -29.00 61.88
CA TYR H 598 52.38 -29.99 62.43
C TYR H 598 52.65 -29.71 63.90
N PHE H 599 53.03 -28.48 64.22
CA PHE H 599 53.40 -28.19 65.60
C PHE H 599 52.20 -28.30 66.54
N TYR H 600 51.02 -27.87 66.06
CA TYR H 600 49.81 -27.97 66.89
C TYR H 600 49.47 -29.42 67.18
N GLN H 601 49.56 -30.31 66.19
CA GLN H 601 49.20 -31.70 66.46
C GLN H 601 50.24 -32.40 67.34
N LYS H 602 51.52 -32.10 67.14
CA LYS H 602 52.54 -32.63 68.03
C LYS H 602 52.29 -32.19 69.47
N GLU H 603 52.04 -30.89 69.67
CA GLU H 603 51.79 -30.38 71.00
C GLU H 603 50.47 -30.89 71.57
N MET H 604 49.47 -31.13 70.73
CA MET H 604 48.21 -31.69 71.20
C MET H 604 48.43 -33.09 71.75
N LEU H 605 49.24 -33.90 71.07
CA LEU H 605 49.54 -35.22 71.61
C LEU H 605 50.32 -35.13 72.91
N LYS H 606 51.31 -34.22 72.97
CA LYS H 606 52.06 -34.06 74.21
C LYS H 606 51.16 -33.63 75.36
N SER H 607 50.21 -32.73 75.09
CA SER H 607 49.36 -32.21 76.15
C SER H 607 48.33 -33.24 76.58
N ASN H 608 47.81 -34.04 75.64
CA ASN H 608 46.94 -35.14 76.01
C ASN H 608 47.69 -36.15 76.88
N ASP H 609 48.95 -36.41 76.55
CA ASP H 609 49.77 -37.24 77.42
C ASP H 609 49.88 -36.63 78.82
N ILE H 610 50.14 -35.32 78.89
CA ILE H 610 50.32 -34.66 80.19
C ILE H 610 49.04 -34.77 81.03
N ILE H 611 47.91 -34.38 80.44
CA ILE H 611 46.65 -34.38 81.19
C ILE H 611 46.25 -35.80 81.58
N ARG H 612 46.34 -36.74 80.64
CA ARG H 612 45.91 -38.11 80.94
C ARG H 612 46.85 -38.78 81.95
N SER H 613 48.02 -38.19 82.18
CA SER H 613 48.94 -38.75 83.16
C SER H 613 48.57 -38.38 84.59
N PHE H 614 47.54 -37.54 84.78
CA PHE H 614 47.09 -37.15 86.12
C PHE H 614 46.00 -38.10 86.61
N LYS H 615 46.34 -39.39 86.63
CA LYS H 615 45.49 -40.42 87.23
C LYS H 615 45.92 -40.60 88.69
N LYS H 616 45.96 -39.48 89.41
CA LYS H 616 46.47 -39.42 90.76
C LYS H 616 45.32 -39.38 91.76
N ILE H 617 45.61 -39.85 92.97
CA ILE H 617 44.64 -39.86 94.06
C ILE H 617 44.40 -38.42 94.49
N ARG H 618 43.13 -38.00 94.45
CA ARG H 618 42.75 -36.61 94.72
C ARG H 618 43.27 -36.10 96.06
N GLY H 619 43.74 -37.02 96.91
CA GLY H 619 44.49 -36.64 98.08
C GLY H 619 45.82 -35.96 97.82
N TYR H 620 46.16 -35.71 96.55
CA TYR H 620 47.31 -34.88 96.23
C TYR H 620 47.10 -33.46 96.74
N ASN H 621 48.20 -32.74 96.89
CA ASN H 621 48.13 -31.33 97.24
C ASN H 621 47.36 -30.58 96.16
N PRO H 622 46.54 -29.56 96.53
CA PRO H 622 45.64 -28.93 95.54
C PRO H 622 46.36 -28.28 94.36
N LEU H 623 47.69 -28.14 94.48
CA LEU H 623 48.47 -27.61 93.37
C LEU H 623 48.29 -28.45 92.12
N ILE H 624 48.14 -29.77 92.28
CA ILE H 624 47.99 -30.65 91.13
C ILE H 624 46.65 -30.41 90.44
N ARG H 625 45.57 -30.25 91.21
CA ARG H 625 44.26 -29.96 90.62
C ARG H 625 44.27 -28.60 89.94
N ASP H 626 44.94 -27.62 90.56
CA ASP H 626 45.07 -26.32 89.92
C ASP H 626 45.83 -26.44 88.60
N ILE H 627 46.91 -27.23 88.58
CA ILE H 627 47.63 -27.50 87.34
C ILE H 627 46.70 -28.09 86.30
N ILE H 628 45.87 -29.07 86.69
CA ILE H 628 44.99 -29.72 85.73
C ILE H 628 44.01 -28.72 85.13
N ASN H 629 43.42 -27.88 85.98
CA ASN H 629 42.46 -26.90 85.47
C ASN H 629 43.16 -25.87 84.58
N LYS H 630 44.33 -25.39 84.99
CA LYS H 630 45.07 -24.43 84.18
C LYS H 630 45.45 -25.02 82.83
N LEU H 631 45.93 -26.26 82.82
CA LEU H 631 46.31 -26.93 81.57
C LEU H 631 45.10 -27.14 80.67
N SER H 632 43.93 -27.45 81.26
CA SER H 632 42.75 -27.61 80.43
C SER H 632 42.32 -26.29 79.80
N ARG H 633 42.42 -25.19 80.55
CA ARG H 633 42.07 -23.90 79.96
C ARG H 633 43.09 -23.49 78.89
N ILE H 634 44.37 -23.77 79.12
CA ILE H 634 45.39 -23.54 78.11
C ILE H 634 45.09 -24.37 76.86
N SER H 635 44.62 -25.60 77.06
CA SER H 635 44.24 -26.45 75.94
C SER H 635 43.09 -25.82 75.16
N ILE H 636 42.13 -25.22 75.86
CA ILE H 636 41.00 -24.59 75.16
C ILE H 636 41.47 -23.39 74.36
N LEU H 637 42.37 -22.58 74.92
CA LEU H 637 42.89 -21.43 74.18
C LEU H 637 43.71 -21.87 72.97
N ARG H 638 44.58 -22.87 73.16
CA ARG H 638 45.32 -23.43 72.04
C ARG H 638 44.38 -23.98 70.98
N THR H 639 43.26 -24.57 71.41
CA THR H 639 42.28 -25.06 70.46
C THR H 639 41.64 -23.93 69.68
N GLN H 640 41.35 -22.81 70.35
CA GLN H 640 40.85 -21.64 69.64
C GLN H 640 41.82 -21.20 68.56
N PHE H 641 43.10 -21.08 68.94
CA PHE H 641 44.16 -20.81 67.98
C PHE H 641 44.11 -21.75 66.79
N GLN H 642 44.14 -23.06 67.07
CA GLN H 642 44.26 -24.04 66.00
C GLN H 642 43.00 -24.08 65.14
N GLN H 643 41.84 -23.80 65.73
CA GLN H 643 40.62 -23.73 64.95
C GLN H 643 40.67 -22.57 63.97
N PHE H 644 41.14 -21.40 64.43
CA PHE H 644 41.29 -20.27 63.52
C PHE H 644 42.28 -20.60 62.40
N ASN H 645 43.40 -21.22 62.76
CA ASN H 645 44.41 -21.60 61.77
C ASN H 645 43.81 -22.53 60.71
N SER H 646 43.28 -23.67 61.15
CA SER H 646 42.65 -24.62 60.24
C SER H 646 41.51 -23.99 59.45
N LYS H 647 40.84 -22.99 60.02
CA LYS H 647 39.75 -22.35 59.31
C LYS H 647 40.27 -21.52 58.15
N MET H 648 41.31 -20.73 58.37
CA MET H 648 41.90 -19.99 57.26
C MET H 648 42.49 -20.93 56.22
N GLU H 649 43.13 -22.01 56.67
CA GLU H 649 43.69 -23.00 55.75
C GLU H 649 42.59 -23.60 54.88
N SER H 650 41.48 -24.02 55.48
CA SER H 650 40.36 -24.58 54.74
C SER H 650 39.79 -23.57 53.77
N TYR H 651 39.64 -22.31 54.22
CA TYR H 651 39.10 -21.27 53.35
C TYR H 651 39.96 -21.11 52.12
N TYR H 652 41.28 -20.99 52.31
CA TYR H 652 42.17 -20.90 51.16
C TYR H 652 42.01 -22.12 50.26
N LEU H 653 42.33 -23.31 50.78
CA LEU H 653 42.43 -24.49 49.92
C LEU H 653 41.06 -24.97 49.44
N ASN H 654 39.99 -24.24 49.76
CA ASN H 654 38.69 -24.64 49.24
C ASN H 654 38.02 -23.56 48.41
N CYS H 655 38.35 -22.29 48.63
CA CYS H 655 37.68 -21.21 47.93
C CYS H 655 38.61 -20.41 47.02
N ILE H 656 39.93 -20.59 47.12
CA ILE H 656 40.88 -19.96 46.20
C ILE H 656 41.56 -21.01 45.34
N ILE H 657 42.33 -21.90 45.95
CA ILE H 657 43.05 -22.92 45.20
C ILE H 657 42.06 -23.82 44.46
N GLU H 658 41.18 -24.49 45.21
CA GLU H 658 40.24 -25.42 44.59
C GLU H 658 39.31 -24.70 43.62
N GLU H 659 38.90 -23.47 43.94
CA GLU H 659 37.96 -22.76 43.07
C GLU H 659 38.61 -22.41 41.74
N ASN H 660 39.74 -21.72 41.76
CA ASN H 660 40.43 -21.39 40.53
C ASN H 660 40.88 -22.63 39.78
N PHE H 661 41.19 -23.72 40.49
CA PHE H 661 41.61 -24.94 39.82
C PHE H 661 40.44 -25.59 39.10
N LYS H 662 39.27 -25.61 39.73
CA LYS H 662 38.09 -26.12 39.04
C LYS H 662 37.76 -25.25 37.84
N GLU H 663 37.96 -23.94 37.95
CA GLU H 663 37.76 -23.07 36.80
C GLU H 663 38.72 -23.42 35.66
N MET H 664 40.01 -23.58 35.98
CA MET H 664 41.00 -23.93 34.97
C MET H 664 40.70 -25.28 34.33
N THR H 665 40.35 -26.27 35.15
CA THR H 665 40.05 -27.59 34.61
C THR H 665 38.80 -27.57 33.74
N ARG H 666 37.79 -26.78 34.12
CA ARG H 666 36.64 -26.56 33.24
C ARG H 666 37.08 -25.96 31.91
N LYS H 667 38.01 -25.01 31.95
CA LYS H 667 38.53 -24.43 30.72
C LYS H 667 39.24 -25.46 29.85
N LEU H 668 40.06 -26.32 30.47
CA LEU H 668 40.90 -27.23 29.69
C LEU H 668 40.09 -28.30 28.98
N GLN H 669 38.92 -28.64 29.52
CA GLN H 669 38.01 -29.59 28.89
C GLN H 669 36.75 -28.90 28.36
N ARG H 670 36.91 -27.69 27.82
CA ARG H 670 35.75 -26.87 27.43
C ARG H 670 34.87 -27.55 26.40
N THR H 671 35.43 -28.42 25.56
CA THR H 671 34.64 -29.07 24.53
C THR H 671 33.79 -30.23 25.08
N GLU H 672 33.86 -30.50 26.38
CA GLU H 672 33.04 -31.55 26.99
C GLU H 672 31.64 -31.04 27.35
N ASN H 673 30.99 -30.42 26.36
CA ASN H 673 29.60 -29.99 26.47
C ASN H 673 29.34 -29.18 27.73
N LYS H 674 29.99 -28.01 27.81
CA LYS H 674 29.81 -27.13 28.95
C LYS H 674 28.58 -26.25 28.76
N SER H 675 28.21 -25.56 29.84
CA SER H 675 27.10 -24.62 29.79
C SER H 675 27.39 -23.52 28.78
N GLN H 676 26.35 -23.11 28.04
CA GLN H 676 26.51 -22.22 26.90
C GLN H 676 26.60 -20.77 27.37
N ASN H 677 27.73 -20.47 28.03
CA ASN H 677 28.07 -19.08 28.37
C ASN H 677 28.98 -18.51 27.28
N GLN H 678 28.49 -18.62 26.05
CA GLN H 678 29.27 -18.22 24.87
C GLN H 678 29.57 -16.73 24.83
N PHE H 679 28.84 -15.92 25.61
CA PHE H 679 28.89 -14.47 25.49
C PHE H 679 30.10 -13.95 26.26
N ASP H 680 31.22 -13.82 25.55
CA ASP H 680 32.45 -13.29 26.13
C ASP H 680 32.30 -11.78 26.33
N LEU H 681 32.09 -11.38 27.58
CA LEU H 681 31.88 -9.98 27.93
C LEU H 681 33.19 -9.34 28.38
N ILE H 682 33.38 -8.09 27.99
CA ILE H 682 34.49 -7.27 28.46
C ILE H 682 33.95 -6.32 29.51
N ARG H 683 34.57 -6.33 30.69
CA ARG H 683 34.17 -5.44 31.77
C ARG H 683 35.33 -4.50 32.10
N LEU H 684 35.00 -3.22 32.25
CA LEU H 684 35.98 -2.17 32.47
C LEU H 684 35.88 -1.66 33.90
N ASN H 685 36.97 -1.02 34.35
CA ASN H 685 37.04 -0.52 35.71
C ASN H 685 36.00 0.54 36.03
N ASN H 686 35.45 1.21 35.02
CA ASN H 686 34.39 2.18 35.22
C ASN H 686 33.00 1.54 35.28
N GLY H 687 32.94 0.21 35.35
CA GLY H 687 31.69 -0.51 35.38
C GLY H 687 31.08 -0.79 34.02
N THR H 688 31.45 -0.04 32.99
CA THR H 688 30.91 -0.24 31.65
C THR H 688 31.35 -1.58 31.10
N ILE H 689 30.40 -2.34 30.54
CA ILE H 689 30.68 -3.63 29.95
C ILE H 689 30.13 -3.65 28.53
N GLU H 690 30.58 -4.64 27.76
CA GLU H 690 30.18 -4.78 26.36
C GLU H 690 30.67 -6.13 25.85
N LEU H 691 29.98 -6.64 24.84
CA LEU H 691 30.39 -7.90 24.23
C LEU H 691 31.75 -7.74 23.55
N ASN H 692 32.50 -8.83 23.49
CA ASN H 692 33.83 -8.80 22.90
C ASN H 692 33.70 -9.08 21.41
N GLY H 693 33.91 -8.04 20.60
CA GLY H 693 33.86 -8.20 19.15
C GLY H 693 32.46 -8.15 18.59
N ILE H 694 32.09 -9.19 17.85
CA ILE H 694 30.83 -9.24 17.12
C ILE H 694 29.97 -10.36 17.70
N LEU H 695 28.67 -10.13 17.73
CA LEU H 695 27.73 -11.17 18.14
C LEU H 695 27.51 -12.15 17.00
N THR H 696 27.93 -13.38 17.18
CA THR H 696 27.74 -14.39 16.15
C THR H 696 26.29 -14.83 16.10
N PRO H 697 25.80 -15.19 14.91
CA PRO H 697 24.42 -15.69 14.80
C PRO H 697 24.29 -17.09 15.38
N LYS H 698 23.06 -17.42 15.75
CA LYS H 698 22.77 -18.72 16.38
C LYS H 698 22.79 -19.82 15.32
N ALA H 699 24.02 -20.14 14.90
CA ALA H 699 24.29 -21.22 13.94
C ALA H 699 23.40 -21.10 12.71
N GLU H 700 23.26 -19.88 12.20
CA GLU H 700 22.49 -19.65 10.99
C GLU H 700 23.12 -20.40 9.82
N VAL H 701 22.28 -21.07 9.04
CA VAL H 701 22.74 -21.92 7.94
C VAL H 701 22.04 -21.45 6.66
N LEU H 702 22.79 -21.46 5.55
CA LEU H 702 22.25 -21.16 4.24
C LEU H 702 22.62 -22.21 3.20
N THR H 703 23.69 -22.97 3.44
CA THR H 703 24.18 -23.94 2.47
C THR H 703 24.53 -25.25 3.16
N LYS H 704 24.65 -26.30 2.37
CA LYS H 704 25.10 -27.60 2.86
C LYS H 704 25.73 -28.40 1.72
N ILE H 715 34.61 -32.91 15.43
CA ILE H 715 35.53 -31.79 15.31
C ILE H 715 35.40 -30.92 16.56
N GLU H 716 36.29 -31.16 17.53
CA GLU H 716 36.29 -30.38 18.76
C GLU H 716 36.86 -28.99 18.51
N LYS H 717 36.67 -28.11 19.49
CA LYS H 717 37.31 -26.80 19.51
C LYS H 717 38.23 -26.79 20.73
N THR H 718 39.47 -27.20 20.54
CA THR H 718 40.43 -27.36 21.62
C THR H 718 41.35 -26.15 21.68
N LEU H 719 42.35 -26.22 22.56
CA LEU H 719 43.27 -25.12 22.82
C LEU H 719 44.67 -25.46 22.35
N ASN H 720 45.35 -24.46 21.79
CA ASN H 720 46.71 -24.63 21.28
C ASN H 720 47.72 -24.32 22.38
N ILE H 721 48.99 -24.23 21.98
CA ILE H 721 50.08 -24.12 22.95
C ILE H 721 50.01 -22.81 23.72
N ASP H 722 50.02 -21.69 23.00
CA ASP H 722 49.91 -20.40 23.67
C ASP H 722 48.62 -20.30 24.47
N GLU H 723 47.55 -20.94 24.00
CA GLU H 723 46.30 -20.91 24.75
C GLU H 723 46.39 -21.72 26.03
N LEU H 724 47.08 -22.86 26.00
CA LEU H 724 47.26 -23.64 27.22
C LEU H 724 48.13 -22.89 28.22
N GLU H 725 49.19 -22.23 27.75
CA GLU H 725 50.02 -21.47 28.67
C GLU H 725 49.28 -20.25 29.21
N SER H 726 48.40 -19.68 28.40
CA SER H 726 47.57 -18.57 28.88
C SER H 726 46.58 -19.07 29.93
N VAL H 727 46.05 -20.28 29.75
CA VAL H 727 45.14 -20.84 30.74
C VAL H 727 45.86 -21.06 32.07
N HIS H 728 47.08 -21.61 32.01
CA HIS H 728 47.82 -21.85 33.25
C HIS H 728 48.20 -20.54 33.93
N ASN H 729 48.68 -19.56 33.16
CA ASN H 729 49.02 -18.28 33.75
C ASN H 729 47.80 -17.54 34.26
N THR H 730 46.64 -17.74 33.62
CA THR H 730 45.41 -17.13 34.11
C THR H 730 45.01 -17.76 35.44
N PHE H 731 45.13 -19.09 35.55
CA PHE H 731 44.90 -19.76 36.81
C PHE H 731 45.78 -19.19 37.92
N LEU H 732 47.09 -19.11 37.65
CA LEU H 732 48.01 -18.64 38.69
C LEU H 732 47.79 -17.17 39.03
N THR H 733 47.47 -16.34 38.04
CA THR H 733 47.17 -14.94 38.30
C THR H 733 45.90 -14.80 39.12
N ASN H 734 44.81 -15.42 38.66
CA ASN H 734 43.56 -15.44 39.42
C ASN H 734 43.79 -15.84 40.87
N ILE H 735 44.73 -16.75 41.12
CA ILE H 735 45.01 -17.14 42.50
C ILE H 735 45.79 -16.04 43.22
N LEU H 736 46.75 -15.42 42.53
CA LEU H 736 47.54 -14.37 43.19
C LEU H 736 46.87 -13.00 43.10
N SER H 737 45.84 -12.85 42.28
CA SER H 737 45.08 -11.60 42.25
C SER H 737 44.01 -11.55 43.33
N HIS H 738 43.62 -12.71 43.89
CA HIS H 738 42.68 -12.75 44.99
C HIS H 738 43.13 -11.83 46.12
N LYS H 739 42.16 -11.20 46.77
CA LYS H 739 42.48 -10.14 47.74
C LYS H 739 43.34 -10.63 48.89
N LEU H 740 43.17 -11.88 49.31
CA LEU H 740 43.99 -12.42 50.39
C LEU H 740 45.34 -12.95 49.90
N PHE H 741 45.73 -12.63 48.68
CA PHE H 741 47.07 -12.90 48.19
C PHE H 741 47.78 -11.68 47.62
N ALA H 742 47.05 -10.67 47.18
CA ALA H 742 47.66 -9.52 46.53
C ALA H 742 48.48 -8.71 47.53
N THR H 743 49.79 -8.60 47.29
CA THR H 743 50.68 -7.83 48.13
C THR H 743 51.61 -7.00 47.24
N ASN H 744 52.32 -6.08 47.90
CA ASN H 744 53.45 -5.35 47.30
C ASN H 744 53.06 -4.62 46.01
N THR H 745 52.04 -3.77 46.11
CA THR H 745 51.72 -2.84 45.03
C THR H 745 50.78 -1.77 45.56
N SER H 746 50.53 -0.77 44.73
CA SER H 746 49.61 0.30 45.10
C SER H 746 48.16 -0.03 44.73
N GLU H 747 47.96 -1.04 43.88
CA GLU H 747 46.62 -1.45 43.47
C GLU H 747 45.86 -2.17 44.58
N ILE H 748 46.46 -2.35 45.75
CA ILE H 748 45.82 -3.07 46.85
C ILE H 748 44.80 -2.16 47.51
N SER H 749 43.62 -2.70 47.75
CA SER H 749 42.70 -2.06 48.68
C SER H 749 43.01 -2.51 50.10
N VAL H 750 43.00 -1.55 51.03
CA VAL H 750 43.41 -1.80 52.40
C VAL H 750 42.18 -1.97 53.26
N GLY H 751 42.30 -2.84 54.27
CA GLY H 751 41.17 -3.09 55.15
C GLY H 751 41.10 -2.06 56.26
N ASP H 752 40.01 -1.30 56.28
CA ASP H 752 39.79 -0.32 57.33
C ASP H 752 39.67 -1.03 58.67
N TYR H 753 39.93 -0.27 59.74
CA TYR H 753 40.12 -0.72 61.12
C TYR H 753 41.47 -1.38 61.32
N SER H 754 42.26 -1.57 60.26
CA SER H 754 43.66 -1.97 60.38
C SER H 754 44.53 -1.01 59.60
N GLY H 755 44.02 -0.54 58.46
CA GLY H 755 44.78 0.30 57.57
C GLY H 755 45.86 -0.42 56.77
N GLN H 756 45.82 -1.75 56.73
CA GLN H 756 46.84 -2.57 56.11
C GLN H 756 46.23 -3.42 54.99
N PRO H 757 47.07 -3.97 54.11
CA PRO H 757 46.60 -5.00 53.18
C PRO H 757 46.31 -6.30 53.92
N TYR H 758 45.20 -6.94 53.55
CA TYR H 758 44.77 -8.16 54.21
C TYR H 758 45.86 -9.22 54.37
N PRO H 759 46.68 -9.54 53.36
CA PRO H 759 47.71 -10.56 53.56
C PRO H 759 48.73 -10.22 54.63
N THR H 760 49.06 -8.93 54.80
CA THR H 760 49.96 -8.55 55.88
C THR H 760 49.34 -8.89 57.24
N SER H 761 48.07 -8.52 57.44
CA SER H 761 47.36 -8.92 58.65
C SER H 761 47.41 -10.43 58.84
N LEU H 762 47.12 -11.19 57.80
CA LEU H 762 47.00 -12.64 57.96
C LEU H 762 48.36 -13.28 58.27
N VAL H 763 49.42 -12.80 57.64
CA VAL H 763 50.74 -13.36 57.93
C VAL H 763 51.18 -12.97 59.34
N LEU H 764 50.77 -11.79 59.81
CA LEU H 764 51.00 -11.44 61.20
C LEU H 764 50.28 -12.41 62.13
N LEU H 765 49.02 -12.73 61.81
CA LEU H 765 48.29 -13.72 62.60
C LEU H 765 49.04 -15.04 62.64
N LEU H 766 49.56 -15.49 61.50
CA LEU H 766 50.26 -16.78 61.46
C LEU H 766 51.56 -16.75 62.24
N ASN H 767 52.29 -15.63 62.19
CA ASN H 767 53.50 -15.51 63.00
C ASN H 767 53.15 -15.53 64.49
N SER H 768 52.10 -14.82 64.89
CA SER H 768 51.65 -14.89 66.27
C SER H 768 51.26 -16.32 66.66
N VAL H 769 50.64 -17.04 65.73
CA VAL H 769 50.29 -18.44 65.97
C VAL H 769 51.53 -19.27 66.24
N TYR H 770 52.58 -19.08 65.46
CA TYR H 770 53.80 -19.86 65.69
C TYR H 770 54.47 -19.48 67.00
N GLU H 771 54.48 -18.19 67.34
CA GLU H 771 55.04 -17.79 68.63
C GLU H 771 54.25 -18.41 69.77
N PHE H 772 52.93 -18.50 69.60
CA PHE H 772 52.08 -19.13 70.60
C PHE H 772 52.39 -20.62 70.73
N VAL H 773 52.61 -21.30 69.61
CA VAL H 773 52.92 -22.73 69.71
C VAL H 773 54.28 -22.91 70.38
N LYS H 774 55.20 -21.96 70.17
CA LYS H 774 56.48 -22.05 70.86
C LYS H 774 56.31 -21.92 72.38
N VAL H 775 55.62 -20.88 72.83
CA VAL H 775 55.44 -20.70 74.27
C VAL H 775 54.62 -21.84 74.85
N TYR H 776 53.70 -22.40 74.07
CA TYR H 776 52.83 -23.45 74.58
C TYR H 776 53.57 -24.79 74.65
N CYS H 777 54.52 -25.02 73.74
CA CYS H 777 55.37 -26.20 73.87
C CYS H 777 56.31 -26.05 75.06
N ASN H 778 56.81 -24.85 75.32
CA ASN H 778 57.60 -24.63 76.52
C ASN H 778 56.77 -24.90 77.78
N LEU H 779 55.51 -24.45 77.76
CA LEU H 779 54.62 -24.69 78.90
C LEU H 779 54.35 -26.18 79.09
N ASN H 780 54.14 -26.91 78.00
CA ASN H 780 53.93 -28.36 78.11
C ASN H 780 55.17 -29.06 78.64
N ASP H 781 56.35 -28.62 78.18
CA ASP H 781 57.60 -29.20 78.68
C ASP H 781 57.77 -28.97 80.18
N ILE H 782 57.54 -27.74 80.64
CA ILE H 782 57.74 -27.44 82.05
C ILE H 782 56.64 -28.08 82.89
N GLY H 783 55.46 -28.32 82.29
CA GLY H 783 54.45 -29.09 82.99
C GLY H 783 54.83 -30.54 83.16
N TYR H 784 55.37 -31.16 82.11
CA TYR H 784 55.94 -32.50 82.23
C TYR H 784 57.02 -32.52 83.31
N GLU H 785 57.82 -31.46 83.37
CA GLU H 785 58.86 -31.39 84.39
C GLU H 785 58.25 -31.36 85.79
N ILE H 786 57.28 -30.48 86.02
CA ILE H 786 56.61 -30.43 87.32
C ILE H 786 56.04 -31.79 87.69
N PHE H 787 55.36 -32.43 86.75
CA PHE H 787 54.71 -33.71 87.04
C PHE H 787 55.74 -34.78 87.39
N ILE H 788 56.82 -34.89 86.62
CA ILE H 788 57.76 -35.97 86.87
C ILE H 788 58.62 -35.67 88.10
N LYS H 789 58.81 -34.39 88.44
CA LYS H 789 59.54 -34.06 89.66
C LYS H 789 58.69 -34.31 90.89
N MET H 790 57.38 -34.05 90.82
CA MET H 790 56.51 -34.34 91.95
C MET H 790 56.10 -35.81 91.98
N ASN H 791 56.45 -36.56 90.93
CA ASN H 791 56.33 -38.01 91.02
C ASN H 791 57.62 -38.64 91.52
N LEU H 792 58.76 -37.97 91.32
CA LEU H 792 60.00 -38.41 91.94
C LEU H 792 60.02 -38.10 93.42
N ASN H 793 59.83 -36.82 93.78
CA ASN H 793 59.74 -36.38 95.17
C ASN H 793 58.39 -35.68 95.31
N ASP H 794 57.50 -36.27 96.11
CA ASP H 794 56.13 -35.77 96.17
C ASP H 794 56.11 -34.41 96.85
N HIS H 795 56.05 -33.35 96.05
CA HIS H 795 56.09 -31.97 96.53
C HIS H 795 57.31 -31.71 97.42
N GLU H 796 58.34 -32.55 97.27
CA GLU H 796 59.49 -32.51 98.17
C GLU H 796 60.75 -31.94 97.53
N ALA H 797 60.70 -31.54 96.27
CA ALA H 797 61.90 -31.06 95.60
C ALA H 797 61.54 -30.23 94.38
N SER H 798 62.24 -29.11 94.23
CA SER H 798 62.24 -28.33 92.98
C SER H 798 60.85 -27.77 92.66
N ASN H 799 60.08 -27.47 93.70
CA ASN H 799 58.78 -26.84 93.50
C ASN H 799 58.88 -25.45 92.90
N GLY H 800 60.07 -24.87 92.83
CA GLY H 800 60.28 -23.58 92.21
C GLY H 800 59.99 -23.53 90.72
N LEU H 801 59.72 -24.69 90.10
CA LEU H 801 59.33 -24.71 88.69
C LEU H 801 58.04 -23.92 88.46
N LEU H 802 57.19 -23.81 89.49
CA LEU H 802 55.92 -23.13 89.31
C LEU H 802 56.09 -21.64 89.08
N GLY H 803 57.25 -21.07 89.45
CA GLY H 803 57.51 -19.68 89.10
C GLY H 803 57.64 -19.48 87.59
N LYS H 804 58.53 -20.26 86.96
CA LYS H 804 58.60 -20.27 85.50
C LYS H 804 57.25 -20.62 84.90
N PHE H 805 56.53 -21.55 85.52
CA PHE H 805 55.22 -21.96 85.03
C PHE H 805 54.25 -20.78 84.98
N ASN H 806 54.19 -20.00 86.07
CA ASN H 806 53.27 -18.87 86.13
C ASN H 806 53.71 -17.74 85.20
N THR H 807 55.02 -17.53 85.05
CA THR H 807 55.49 -16.52 84.10
C THR H 807 55.08 -16.90 82.68
N ASN H 808 55.30 -18.16 82.31
CA ASN H 808 54.86 -18.63 81.00
C ASN H 808 53.34 -18.55 80.85
N LEU H 809 52.61 -18.76 81.94
CA LEU H 809 51.15 -18.61 81.89
C LEU H 809 50.76 -17.18 81.55
N LYS H 810 51.34 -16.21 82.26
CA LYS H 810 51.07 -14.81 81.94
C LYS H 810 51.44 -14.51 80.49
N GLU H 811 52.57 -15.04 80.03
CA GLU H 811 52.99 -14.82 78.65
C GLU H 811 51.96 -15.36 77.65
N ILE H 812 51.51 -16.60 77.86
CA ILE H 812 50.62 -17.23 76.88
C ILE H 812 49.24 -16.57 76.91
N VAL H 813 48.80 -16.12 78.08
CA VAL H 813 47.51 -15.44 78.14
C VAL H 813 47.58 -14.07 77.49
N SER H 814 48.70 -13.36 77.68
CA SER H 814 48.86 -12.07 76.99
C SER H 814 48.89 -12.27 75.48
N GLN H 815 49.58 -13.31 75.01
CA GLN H 815 49.64 -13.56 73.58
C GLN H 815 48.28 -13.99 73.04
N TYR H 816 47.50 -14.74 73.82
CA TYR H 816 46.15 -15.08 73.39
C TYR H 816 45.29 -13.82 73.30
N LYS H 817 45.49 -12.87 74.21
CA LYS H 817 44.73 -11.63 74.16
C LYS H 817 45.08 -10.84 72.90
N ASN H 818 46.38 -10.69 72.62
CA ASN H 818 46.80 -10.06 71.36
C ASN H 818 46.21 -10.80 70.16
N PHE H 819 46.15 -12.12 70.24
CA PHE H 819 45.59 -12.93 69.16
C PHE H 819 44.12 -12.57 68.92
N LYS H 820 43.33 -12.51 69.98
CA LYS H 820 41.91 -12.20 69.82
C LYS H 820 41.72 -10.78 69.32
N ASP H 821 42.55 -9.85 69.78
CA ASP H 821 42.52 -8.50 69.22
C ASP H 821 42.77 -8.52 67.72
N ARG H 822 43.82 -9.21 67.28
CA ARG H 822 44.15 -9.25 65.85
C ARG H 822 43.04 -9.93 65.05
N LEU H 823 42.42 -10.96 65.62
CA LEU H 823 41.29 -11.61 64.95
C LEU H 823 40.13 -10.66 64.76
N TYR H 824 39.83 -9.85 65.79
CA TYR H 824 38.76 -8.87 65.66
C TYR H 824 39.12 -7.82 64.61
N ILE H 825 40.39 -7.41 64.58
CA ILE H 825 40.85 -6.48 63.55
C ILE H 825 40.64 -7.05 62.16
N PHE H 826 41.05 -8.30 61.94
CA PHE H 826 40.93 -8.90 60.62
C PHE H 826 39.47 -9.07 60.22
N ARG H 827 38.61 -9.44 61.18
CA ARG H 827 37.19 -9.55 60.90
C ARG H 827 36.59 -8.20 60.50
N ALA H 828 36.99 -7.14 61.21
CA ALA H 828 36.52 -5.81 60.84
C ALA H 828 37.04 -5.40 59.47
N ASP H 829 38.29 -5.77 59.16
CA ASP H 829 38.83 -5.56 57.83
C ASP H 829 37.92 -6.17 56.76
N LEU H 830 37.64 -7.46 56.89
CA LEU H 830 36.87 -8.15 55.87
C LEU H 830 35.42 -7.65 55.79
N LYS H 831 34.78 -7.45 56.94
CA LYS H 831 33.36 -7.10 56.95
C LYS H 831 33.07 -5.75 56.27
N ASN H 832 34.05 -4.86 56.19
CA ASN H 832 33.85 -3.55 55.60
C ASN H 832 34.50 -3.42 54.23
N ASP H 833 34.90 -4.53 53.61
CA ASP H 833 35.45 -4.48 52.27
C ASP H 833 34.35 -4.28 51.23
N GLY H 834 33.37 -5.17 51.21
CA GLY H 834 32.27 -5.11 50.28
C GLY H 834 31.98 -6.41 49.56
N ASP H 835 33.01 -7.18 49.24
CA ASP H 835 32.80 -8.46 48.56
C ASP H 835 32.03 -9.42 49.45
N GLU H 836 31.02 -10.07 48.87
CA GLU H 836 30.17 -10.98 49.65
C GLU H 836 30.98 -12.09 50.30
N GLU H 837 31.91 -12.70 49.55
CA GLU H 837 32.68 -13.81 50.09
C GLU H 837 33.56 -13.37 51.25
N LEU H 838 34.11 -12.15 51.17
CA LEU H 838 34.91 -11.64 52.28
C LEU H 838 34.06 -11.41 53.52
N PHE H 839 32.88 -10.81 53.36
CA PHE H 839 31.95 -10.65 54.46
C PHE H 839 31.62 -12.00 55.10
N LEU H 840 31.35 -13.01 54.26
CA LEU H 840 30.98 -14.32 54.78
C LEU H 840 32.14 -15.00 55.49
N LEU H 841 33.36 -14.82 54.97
CA LEU H 841 34.54 -15.36 55.65
C LEU H 841 34.73 -14.71 57.01
N SER H 842 34.62 -13.39 57.06
CA SER H 842 34.70 -12.67 58.34
C SER H 842 33.66 -13.19 59.33
N LYS H 843 32.41 -13.30 58.88
CA LYS H 843 31.35 -13.76 59.77
C LYS H 843 31.62 -15.18 60.25
N SER H 844 32.04 -16.07 59.35
CA SER H 844 32.42 -17.42 59.74
C SER H 844 33.60 -17.44 60.69
N LEU H 845 34.50 -16.46 60.59
CA LEU H 845 35.64 -16.37 61.50
C LEU H 845 35.25 -15.97 62.91
N ARG H 846 34.02 -15.49 63.11
CA ARG H 846 33.59 -14.99 64.41
C ARG H 846 32.73 -16.01 65.14
N GLU I 164 64.04 28.67 -0.13
CA GLU I 164 64.70 28.23 -1.39
C GLU I 164 63.77 28.22 -2.62
N ILE I 165 62.69 27.43 -2.65
CA ILE I 165 61.91 27.19 -3.89
C ILE I 165 61.30 28.46 -4.50
N LYS I 166 60.87 29.44 -3.70
CA LYS I 166 60.28 30.68 -4.19
C LYS I 166 61.30 31.46 -5.00
N SER I 167 62.56 31.43 -4.55
CA SER I 167 63.62 32.16 -5.23
C SER I 167 63.88 31.52 -6.59
N LEU I 168 63.89 30.18 -6.66
CA LEU I 168 64.11 29.45 -7.91
C LEU I 168 62.99 29.75 -8.91
N LYS I 169 61.72 29.73 -8.47
CA LYS I 169 60.58 30.12 -9.30
C LYS I 169 60.68 31.56 -9.80
N HIS I 170 61.19 32.51 -9.00
CA HIS I 170 61.41 33.87 -9.45
C HIS I 170 62.42 33.91 -10.59
N GLU I 171 63.55 33.23 -10.40
CA GLU I 171 64.59 33.27 -11.42
C GLU I 171 64.08 32.67 -12.72
N ILE I 172 63.31 31.59 -12.65
CA ILE I 172 62.69 30.96 -13.82
C ILE I 172 61.81 31.98 -14.55
N LYS I 173 60.97 32.73 -13.83
CA LYS I 173 60.11 33.69 -14.48
C LYS I 173 60.91 34.79 -15.17
N GLU I 174 61.98 35.28 -14.53
CA GLU I 174 62.78 36.33 -15.17
C GLU I 174 63.46 35.81 -16.42
N LEU I 175 64.04 34.60 -16.36
CA LEU I 175 64.75 34.01 -17.49
C LEU I 175 63.80 33.70 -18.66
N ARG I 176 62.60 33.19 -18.38
CA ARG I 176 61.55 33.00 -19.40
C ARG I 176 61.19 34.31 -20.09
N LYS I 177 61.07 35.41 -19.35
CA LYS I 177 60.77 36.70 -19.97
C LYS I 177 61.90 37.14 -20.87
N GLU I 178 63.14 36.99 -20.41
CA GLU I 178 64.27 37.43 -21.22
C GLU I 178 64.33 36.62 -22.51
N LYS I 179 64.03 35.32 -22.40
CA LYS I 179 64.00 34.46 -23.57
C LYS I 179 62.97 34.93 -24.57
N ASN I 180 61.77 35.26 -24.10
CA ASN I 180 60.73 35.68 -25.02
C ASN I 180 61.07 37.00 -25.68
N ASP I 181 61.69 37.92 -24.93
CA ASP I 181 62.02 39.20 -25.52
C ASP I 181 63.14 39.03 -26.54
N THR I 182 64.09 38.15 -26.25
CA THR I 182 65.20 37.92 -27.14
C THR I 182 64.69 37.33 -28.45
N LEU I 183 63.79 36.36 -28.36
CA LEU I 183 63.24 35.74 -29.56
C LEU I 183 62.44 36.73 -30.39
N ASN I 184 61.68 37.62 -29.73
CA ASN I 184 60.91 38.59 -30.49
C ASN I 184 61.85 39.57 -31.19
N ASN I 185 62.97 39.91 -30.51
CA ASN I 185 63.94 40.84 -31.07
C ASN I 185 64.64 40.19 -32.25
N TYR I 186 64.90 38.89 -32.15
CA TYR I 186 65.56 38.14 -33.19
C TYR I 186 64.76 38.24 -34.47
N ASP I 187 63.44 38.01 -34.38
CA ASP I 187 62.64 38.07 -35.59
C ASP I 187 62.62 39.47 -36.18
N THR I 188 62.56 40.49 -35.34
CA THR I 188 62.54 41.85 -35.85
C THR I 188 63.84 42.13 -36.60
N LEU I 189 64.94 41.70 -36.01
CA LEU I 189 66.26 41.86 -36.57
C LEU I 189 66.42 41.07 -37.88
N GLU I 190 65.89 39.85 -37.93
CA GLU I 190 66.01 39.07 -39.13
C GLU I 190 65.29 39.79 -40.26
N GLU I 191 64.12 40.37 -39.98
CA GLU I 191 63.41 41.06 -41.04
C GLU I 191 64.24 42.23 -41.58
N GLU I 192 64.91 42.98 -40.69
CA GLU I 192 65.78 44.06 -41.16
C GLU I 192 66.89 43.49 -42.02
N THR I 193 67.47 42.38 -41.55
CA THR I 193 68.58 41.73 -42.23
C THR I 193 68.17 41.35 -43.64
N ASP I 194 66.97 40.76 -43.80
CA ASP I 194 66.53 40.36 -45.13
C ASP I 194 66.28 41.55 -46.04
N ASP I 195 65.73 42.66 -45.51
CA ASP I 195 65.52 43.80 -46.40
C ASP I 195 66.87 44.29 -46.91
N LEU I 196 67.88 44.27 -46.04
CA LEU I 196 69.19 44.72 -46.44
C LEU I 196 69.76 43.78 -47.49
N LYS I 197 69.53 42.47 -47.33
CA LYS I 197 70.04 41.52 -48.31
C LYS I 197 69.40 41.73 -49.66
N ASN I 198 68.11 42.03 -49.69
CA ASN I 198 67.45 42.21 -50.96
C ASN I 198 67.97 43.47 -51.66
N ARG I 199 68.23 44.52 -50.89
CA ARG I 199 68.75 45.75 -51.45
C ARG I 199 70.15 45.50 -52.00
N LEU I 200 70.93 44.71 -51.27
CA LEU I 200 72.28 44.45 -51.66
C LEU I 200 72.32 43.59 -52.90
N GLN I 201 71.45 42.60 -52.99
CA GLN I 201 71.45 41.75 -54.17
C GLN I 201 71.16 42.60 -55.39
N ALA I 202 70.26 43.58 -55.26
CA ALA I 202 69.99 44.47 -56.38
C ALA I 202 71.22 45.31 -56.76
N LEU I 203 71.96 45.77 -55.73
CA LEU I 203 73.16 46.60 -55.92
C LEU I 203 74.36 45.84 -56.49
N GLU I 204 74.51 44.58 -56.11
CA GLU I 204 75.62 43.73 -56.56
C GLU I 204 75.31 43.12 -57.91
N LYS I 205 74.10 43.37 -58.40
CA LYS I 205 73.61 42.82 -59.65
C LYS I 205 73.53 43.91 -60.70
N ASP J 112 -17.32 31.11 -1.07
CA ASP J 112 -18.07 32.27 -0.62
C ASP J 112 -17.61 32.75 0.75
N VAL J 113 -16.95 31.86 1.50
CA VAL J 113 -16.57 32.14 2.88
C VAL J 113 -15.16 31.63 3.12
N PRO J 114 -14.45 32.21 4.09
CA PRO J 114 -13.10 31.71 4.45
C PRO J 114 -13.16 30.56 5.43
N MET J 115 -13.54 29.39 4.92
CA MET J 115 -13.67 28.20 5.75
C MET J 115 -12.31 27.80 6.34
N SER J 116 -12.37 26.87 7.29
CA SER J 116 -11.16 26.44 7.97
C SER J 116 -10.54 25.25 7.25
N GLN J 117 -9.28 24.97 7.59
CA GLN J 117 -8.57 23.82 7.07
C GLN J 117 -9.24 22.55 7.60
N PRO J 118 -8.92 21.37 7.07
CA PRO J 118 -9.51 20.14 7.61
C PRO J 118 -9.24 20.01 9.10
N LEU J 119 -10.04 19.21 9.78
CA LEU J 119 -9.91 19.09 11.23
C LEU J 119 -9.15 17.84 11.61
N LYS J 120 -9.57 16.68 11.12
CA LYS J 120 -8.82 15.45 11.37
C LYS J 120 -7.38 15.58 10.89
N GLU J 121 -7.19 16.12 9.68
CA GLU J 121 -5.84 16.34 9.17
C GLU J 121 -5.07 17.32 10.04
N GLN J 122 -5.72 18.40 10.49
CA GLN J 122 -5.04 19.36 11.35
C GLN J 122 -4.53 18.71 12.62
N GLU J 123 -5.38 17.93 13.31
CA GLU J 123 -4.95 17.34 14.57
C GLU J 123 -3.92 16.24 14.35
N VAL J 124 -4.04 15.49 13.26
CA VAL J 124 -3.00 14.51 12.92
C VAL J 124 -1.67 15.21 12.70
N ARG J 125 -1.69 16.35 11.99
CA ARG J 125 -0.46 17.11 11.78
C ARG J 125 0.12 17.60 13.11
N GLU J 126 -0.75 18.05 14.02
CA GLU J 126 -0.25 18.51 15.32
C GLU J 126 0.44 17.38 16.09
N HIS J 127 -0.18 16.19 16.10
CA HIS J 127 0.43 15.06 16.79
C HIS J 127 1.76 14.67 16.13
N GLN J 128 1.78 14.62 14.79
CA GLN J 128 3.01 14.28 14.09
C GLN J 128 4.09 15.32 14.33
N MET J 129 3.71 16.59 14.45
CA MET J 129 4.68 17.64 14.73
C MET J 129 5.23 17.52 16.14
N LYS J 130 4.39 17.15 17.11
CA LYS J 130 4.90 16.86 18.46
C LYS J 130 5.93 15.74 18.41
N LYS J 131 5.59 14.65 17.73
CA LYS J 131 6.53 13.53 17.64
C LYS J 131 7.82 13.93 16.95
N GLU J 132 7.71 14.73 15.89
CA GLU J 132 8.89 15.13 15.13
C GLU J 132 9.77 16.07 15.94
N ARG J 133 9.17 17.01 16.67
CA ARG J 133 9.94 17.88 17.56
C ARG J 133 10.67 17.06 18.61
N PHE J 134 9.99 16.07 19.20
CA PHE J 134 10.66 15.21 20.16
C PHE J 134 11.84 14.49 19.55
N ASP J 135 11.65 13.92 18.36
CA ASP J 135 12.74 13.18 17.71
C ASP J 135 13.89 14.10 17.34
N ARG J 136 13.61 15.32 16.89
CA ARG J 136 14.68 16.24 16.54
C ARG J 136 15.47 16.67 17.77
N ALA J 137 14.78 16.95 18.87
CA ALA J 137 15.48 17.25 20.12
C ALA J 137 16.34 16.07 20.56
N LEU J 138 15.82 14.85 20.40
CA LEU J 138 16.59 13.67 20.79
C LEU J 138 17.84 13.51 19.92
N GLU J 139 17.72 13.75 18.62
CA GLU J 139 18.89 13.69 17.75
C GLU J 139 19.91 14.75 18.12
N SER J 140 19.46 16.00 18.27
CA SER J 140 20.36 17.09 18.65
C SER J 140 21.11 16.76 19.94
N LYS J 141 20.42 16.13 20.90
CA LYS J 141 21.10 15.74 22.13
C LYS J 141 22.14 14.66 21.88
N LEU J 142 22.00 13.91 20.79
CA LEU J 142 22.97 12.88 20.44
C LEU J 142 23.96 13.36 19.40
N LEU J 143 24.32 14.66 19.44
CA LEU J 143 25.28 15.26 18.53
C LEU J 143 24.86 15.11 17.08
N GLY J 144 23.60 14.74 16.84
CA GLY J 144 23.11 14.57 15.49
C GLY J 144 23.60 13.30 14.82
N LYS J 145 22.84 12.74 13.87
CA LYS J 145 23.31 11.53 13.16
C LYS J 145 24.02 11.83 11.84
N ARG J 146 23.85 13.06 11.34
CA ARG J 146 24.50 13.65 10.16
C ARG J 146 25.18 14.97 10.52
N HIS J 147 26.34 15.19 9.93
CA HIS J 147 27.21 16.35 10.13
C HIS J 147 27.85 16.74 8.78
N ILE J 148 28.83 17.63 8.79
CA ILE J 148 29.52 18.15 7.60
C ILE J 148 31.06 18.09 7.76
N THR J 149 31.78 17.83 6.68
CA THR J 149 33.24 17.63 6.69
C THR J 149 33.98 18.31 5.53
N TYR J 150 35.30 18.42 5.70
CA TYR J 150 36.31 18.78 4.70
C TYR J 150 37.49 17.80 4.80
N ALA J 151 38.13 17.43 3.68
CA ALA J 151 39.21 16.43 3.67
C ALA J 151 40.58 17.02 4.02
N ASN J 152 41.20 16.52 5.08
CA ASN J 152 42.48 17.03 5.63
C ASN J 152 43.75 16.41 5.03
N SER J 153 43.66 15.30 4.28
CA SER J 153 44.83 14.56 3.77
C SER J 153 44.56 13.87 2.41
N ASP J 154 45.62 13.65 1.63
CA ASP J 154 45.61 13.07 0.27
C ASP J 154 46.54 11.84 0.15
N ILE J 155 46.16 10.88 -0.69
CA ILE J 155 46.96 9.69 -0.99
C ILE J 155 48.24 9.99 -1.79
N SER J 156 49.24 9.13 -1.63
CA SER J 156 50.43 9.04 -2.49
C SER J 156 50.94 7.59 -2.49
N ASN J 157 51.72 7.23 -3.50
CA ASN J 157 52.12 5.84 -3.76
C ASN J 157 53.65 5.67 -3.63
N LYS J 158 54.11 4.67 -2.87
CA LYS J 158 55.55 4.43 -2.65
C LYS J 158 56.32 4.08 -3.92
N GLU J 159 55.63 3.63 -4.96
CA GLU J 159 56.22 3.44 -6.29
C GLU J 159 56.64 4.74 -6.99
N LEU J 160 56.13 5.89 -6.54
CA LEU J 160 56.22 7.20 -7.22
C LEU J 160 56.54 8.34 -6.23
N TYR J 161 57.24 8.02 -5.14
CA TYR J 161 57.35 8.88 -3.95
C TYR J 161 58.12 10.20 -4.19
N ILE J 162 57.82 11.22 -3.38
CA ILE J 162 58.37 12.59 -3.47
C ILE J 162 58.75 13.16 -2.10
N ASN J 163 59.67 14.13 -2.08
CA ASN J 163 60.13 14.81 -0.86
C ASN J 163 60.44 16.32 -1.04
N GLU J 164 60.90 16.77 -2.20
CA GLU J 164 61.31 18.15 -2.48
C GLU J 164 61.29 18.47 -3.99
N ILE J 165 61.30 19.75 -4.37
CA ILE J 165 61.26 20.23 -5.77
C ILE J 165 62.63 20.78 -6.23
N LYS J 166 63.73 20.16 -5.80
CA LYS J 166 65.11 20.64 -6.08
C LYS J 166 65.48 20.69 -7.57
N SER J 167 64.77 19.95 -8.42
CA SER J 167 64.99 19.88 -9.87
C SER J 167 64.89 21.25 -10.59
N LEU J 168 64.25 22.26 -10.00
CA LEU J 168 64.12 23.60 -10.59
C LEU J 168 65.47 24.24 -10.95
N LYS J 169 66.56 23.93 -10.24
CA LYS J 169 67.91 24.43 -10.59
C LYS J 169 68.39 23.99 -11.98
N HIS J 170 67.94 22.82 -12.45
CA HIS J 170 68.28 22.33 -13.79
C HIS J 170 67.46 23.03 -14.87
N GLU J 171 66.17 23.31 -14.64
CA GLU J 171 65.39 24.19 -15.53
C GLU J 171 66.00 25.60 -15.61
N ILE J 172 66.47 26.14 -14.47
CA ILE J 172 67.22 27.41 -14.44
C ILE J 172 68.47 27.33 -15.30
N LYS J 173 69.31 26.30 -15.15
CA LYS J 173 70.54 26.15 -15.95
C LYS J 173 70.25 25.98 -17.45
N GLU J 174 69.22 25.22 -17.81
CA GLU J 174 68.76 25.12 -19.20
C GLU J 174 68.29 26.47 -19.74
N LEU J 175 67.49 27.23 -18.99
CA LEU J 175 67.04 28.56 -19.40
C LEU J 175 68.21 29.56 -19.51
N ARG J 176 69.14 29.59 -18.55
CA ARG J 176 70.36 30.43 -18.60
C ARG J 176 71.21 30.08 -19.81
N LYS J 177 71.37 28.79 -20.12
CA LYS J 177 72.14 28.37 -21.27
C LYS J 177 71.42 28.74 -22.55
N GLU J 178 70.10 28.51 -22.61
CA GLU J 178 69.41 28.83 -23.84
C GLU J 178 69.50 30.33 -24.08
N LYS J 179 69.36 31.14 -23.03
CA LYS J 179 69.47 32.58 -23.22
C LYS J 179 70.76 32.92 -23.92
N ASN J 180 71.87 32.36 -23.46
CA ASN J 180 73.13 32.70 -24.08
C ASN J 180 73.25 32.16 -25.49
N ASP J 181 72.71 30.98 -25.77
CA ASP J 181 72.82 30.45 -27.12
C ASP J 181 71.91 31.23 -28.08
N THR J 182 70.76 31.66 -27.57
CA THR J 182 69.81 32.41 -28.36
C THR J 182 70.48 33.71 -28.73
N LEU J 183 71.14 34.33 -27.74
CA LEU J 183 71.86 35.56 -27.96
C LEU J 183 73.02 35.35 -28.89
N ASN J 184 73.73 34.22 -28.81
CA ASN J 184 74.83 34.08 -29.73
C ASN J 184 74.33 34.16 -31.17
N ASN J 185 73.15 33.58 -31.43
CA ASN J 185 72.60 33.67 -32.78
C ASN J 185 72.08 35.08 -33.07
N TYR J 186 71.48 35.72 -32.07
CA TYR J 186 70.99 37.09 -32.20
C TYR J 186 72.10 38.06 -32.55
N ASP J 187 73.21 37.97 -31.81
CA ASP J 187 74.36 38.85 -31.98
C ASP J 187 74.99 38.59 -33.34
N THR J 188 75.00 37.33 -33.77
CA THR J 188 75.54 36.96 -35.07
C THR J 188 74.70 37.66 -36.13
N LEU J 189 73.39 37.64 -35.93
CA LEU J 189 72.45 38.27 -36.84
C LEU J 189 72.66 39.80 -36.84
N GLU J 190 72.94 40.42 -35.67
CA GLU J 190 73.19 41.86 -35.71
C GLU J 190 74.45 42.13 -36.52
N GLU J 191 75.48 41.28 -36.39
CA GLU J 191 76.69 41.51 -37.16
C GLU J 191 76.42 41.38 -38.66
N GLU J 192 75.59 40.41 -39.05
CA GLU J 192 75.24 40.25 -40.47
C GLU J 192 74.53 41.50 -40.96
N THR J 193 73.63 42.01 -40.12
CA THR J 193 72.84 43.18 -40.46
C THR J 193 73.74 44.38 -40.72
N ASP J 194 74.72 44.59 -39.84
CA ASP J 194 75.62 45.72 -40.03
C ASP J 194 76.54 45.53 -41.22
N ASP J 195 76.95 44.29 -41.48
CA ASP J 195 77.83 44.02 -42.61
C ASP J 195 77.08 44.36 -43.89
N LEU J 196 75.80 44.01 -43.95
CA LEU J 196 75.02 44.30 -45.12
C LEU J 196 74.85 45.80 -45.26
N LYS J 197 74.64 46.53 -44.16
CA LYS J 197 74.49 47.98 -44.30
C LYS J 197 75.74 48.59 -44.91
N ASN J 198 76.92 48.14 -44.48
CA ASN J 198 78.14 48.72 -45.01
C ASN J 198 78.32 48.35 -46.49
N ARG J 199 77.95 47.11 -46.82
CA ARG J 199 78.04 46.61 -48.18
C ARG J 199 77.07 47.33 -49.11
N LEU J 200 75.91 47.73 -48.58
CA LEU J 200 74.95 48.47 -49.38
C LEU J 200 75.46 49.87 -49.63
N GLN J 201 76.03 50.49 -48.61
CA GLN J 201 76.47 51.87 -48.76
C GLN J 201 77.55 51.99 -49.81
N ALA J 202 78.41 50.98 -49.84
CA ALA J 202 79.53 50.90 -50.77
C ALA J 202 79.08 50.91 -52.23
N LEU J 203 77.87 50.43 -52.51
CA LEU J 203 77.38 50.35 -53.87
C LEU J 203 76.30 51.38 -54.19
N GLU J 204 75.47 51.70 -53.19
CA GLU J 204 74.34 52.60 -53.36
C GLU J 204 74.79 54.04 -53.48
N LYS J 205 75.77 54.45 -52.69
CA LYS J 205 76.23 55.83 -52.72
C LYS J 205 77.22 56.00 -53.87
N GLU J 206 76.70 55.82 -55.07
CA GLU J 206 77.49 55.81 -56.27
C GLU J 206 76.60 55.83 -57.50
N GLU K 164 8.14 57.77 -49.84
CA GLU K 164 9.51 57.41 -50.26
C GLU K 164 9.59 56.69 -51.62
N ILE K 165 8.92 55.54 -51.83
CA ILE K 165 9.14 54.66 -53.01
C ILE K 165 9.02 55.39 -54.35
N LYS K 166 7.98 56.21 -54.56
CA LYS K 166 7.76 56.96 -55.81
C LYS K 166 8.91 57.93 -56.13
N SER K 167 9.48 58.59 -55.12
CA SER K 167 10.65 59.46 -55.27
C SER K 167 11.92 58.67 -55.61
N LEU K 168 12.13 57.51 -54.98
CA LEU K 168 13.26 56.62 -55.30
C LEU K 168 13.17 56.11 -56.75
N LYS K 169 11.99 55.66 -57.18
CA LYS K 169 11.73 55.28 -58.58
C LYS K 169 11.95 56.44 -59.56
N HIS K 170 11.52 57.65 -59.21
CA HIS K 170 11.76 58.84 -60.05
C HIS K 170 13.25 59.17 -60.18
N GLU K 171 14.04 59.12 -59.10
CA GLU K 171 15.49 59.27 -59.20
C GLU K 171 16.12 58.20 -60.08
N ILE K 172 15.68 56.94 -59.98
CA ILE K 172 16.14 55.86 -60.87
C ILE K 172 15.82 56.18 -62.32
N LYS K 173 14.60 56.64 -62.65
CA LYS K 173 14.23 57.02 -64.02
C LYS K 173 15.11 58.15 -64.56
N GLU K 174 15.35 59.20 -63.78
CA GLU K 174 16.25 60.29 -64.18
C GLU K 174 17.70 59.81 -64.36
N LEU K 175 18.23 59.03 -63.42
CA LEU K 175 19.60 58.51 -63.49
C LEU K 175 19.79 57.54 -64.67
N ARG K 176 18.80 56.70 -64.99
CA ARG K 176 18.82 55.85 -66.20
C ARG K 176 18.83 56.68 -67.48
N LYS K 177 17.96 57.70 -67.59
CA LYS K 177 17.96 58.60 -68.75
C LYS K 177 19.31 59.33 -68.90
N GLU K 178 19.87 59.84 -67.81
CA GLU K 178 21.18 60.47 -67.79
C GLU K 178 22.31 59.50 -68.17
N LYS K 179 22.30 58.26 -67.70
CA LYS K 179 23.22 57.20 -68.14
C LYS K 179 23.11 56.97 -69.65
N ASN K 180 21.91 56.75 -70.17
CA ASN K 180 21.69 56.49 -71.60
C ASN K 180 22.17 57.67 -72.47
N ASP K 181 21.83 58.90 -72.08
CA ASP K 181 22.31 60.12 -72.74
C ASP K 181 23.84 60.24 -72.68
N THR K 182 24.45 59.99 -71.52
CA THR K 182 25.91 60.05 -71.35
C THR K 182 26.62 59.03 -72.24
N LEU K 183 26.09 57.81 -72.34
CA LEU K 183 26.65 56.77 -73.21
C LEU K 183 26.49 57.12 -74.70
N ASN K 184 25.35 57.63 -75.12
CA ASN K 184 25.16 58.11 -76.51
C ASN K 184 26.11 59.27 -76.82
N ASN K 185 26.31 60.20 -75.89
CA ASN K 185 27.29 61.27 -76.02
C ASN K 185 28.74 60.71 -76.08
N TYR K 186 29.08 59.71 -75.26
CA TYR K 186 30.40 59.08 -75.27
C TYR K 186 30.68 58.36 -76.59
N ASP K 187 29.71 57.61 -77.13
CA ASP K 187 29.80 57.02 -78.46
C ASP K 187 30.00 58.10 -79.54
N THR K 188 29.23 59.19 -79.47
CA THR K 188 29.35 60.31 -80.42
C THR K 188 30.72 60.99 -80.35
N LEU K 189 31.22 61.21 -79.13
CA LEU K 189 32.55 61.77 -78.89
C LEU K 189 33.66 60.82 -79.36
N GLU K 190 33.47 59.51 -79.25
CA GLU K 190 34.43 58.55 -79.81
C GLU K 190 34.43 58.57 -81.34
N GLU K 191 33.27 58.70 -82.01
CA GLU K 191 33.24 58.94 -83.45
C GLU K 191 33.97 60.23 -83.84
N GLU K 192 33.78 61.33 -83.09
CA GLU K 192 34.56 62.56 -83.28
C GLU K 192 36.06 62.33 -83.04
N THR K 193 36.43 61.60 -81.99
CA THR K 193 37.82 61.24 -81.68
C THR K 193 38.46 60.46 -82.83
N ASP K 194 37.75 59.47 -83.38
CA ASP K 194 38.21 58.68 -84.52
C ASP K 194 38.34 59.53 -85.80
N ASP K 195 37.39 60.44 -86.07
CA ASP K 195 37.51 61.38 -87.20
C ASP K 195 38.74 62.29 -87.06
N LEU K 196 39.01 62.81 -85.86
CA LEU K 196 40.21 63.61 -85.57
C LEU K 196 41.50 62.80 -85.74
N LYS K 197 41.54 61.55 -85.27
CA LYS K 197 42.68 60.64 -85.51
C LYS K 197 42.86 60.34 -87.00
N ASN K 198 41.79 60.10 -87.73
CA ASN K 198 41.84 59.83 -89.17
C ASN K 198 42.37 61.03 -89.98
N ARG K 199 42.06 62.27 -89.57
CA ARG K 199 42.71 63.49 -90.09
C ARG K 199 44.19 63.57 -89.71
N LEU K 200 44.50 63.38 -88.43
CA LEU K 200 45.82 63.65 -87.86
C LEU K 200 46.91 62.64 -88.27
N GLN K 201 46.57 61.35 -88.39
CA GLN K 201 47.57 60.31 -88.68
C GLN K 201 48.28 60.52 -90.02
N ALA K 202 47.60 61.06 -91.03
CA ALA K 202 48.21 61.44 -92.31
C ALA K 202 49.26 62.57 -92.19
N LEU K 203 49.19 63.38 -91.13
CA LEU K 203 50.15 64.46 -90.83
C LEU K 203 51.32 63.96 -89.95
N GLU K 204 51.03 63.16 -88.92
CA GLU K 204 52.05 62.67 -87.97
C GLU K 204 52.88 61.48 -88.49
N LYS K 205 52.37 60.68 -89.45
CA LYS K 205 53.10 59.55 -90.03
C LYS K 205 54.35 60.02 -90.81
N ASP L 112 -46.54 20.26 -98.37
CA ASP L 112 -48.00 20.17 -98.56
C ASP L 112 -48.76 21.15 -97.66
N VAL L 113 -48.80 20.91 -96.34
CA VAL L 113 -49.45 21.79 -95.33
C VAL L 113 -48.59 21.92 -94.06
N PRO L 114 -48.67 23.04 -93.32
CA PRO L 114 -47.88 23.25 -92.11
C PRO L 114 -48.46 22.48 -90.91
N MET L 115 -48.13 21.19 -90.81
CA MET L 115 -48.59 20.30 -89.74
C MET L 115 -47.97 20.64 -88.37
N SER L 116 -48.59 20.14 -87.29
CA SER L 116 -48.09 20.30 -85.92
C SER L 116 -46.78 19.56 -85.67
N GLN L 117 -46.09 19.93 -84.59
CA GLN L 117 -45.10 19.06 -83.95
C GLN L 117 -45.75 17.77 -83.41
N PRO L 118 -44.95 16.73 -83.08
CA PRO L 118 -45.48 15.48 -82.53
C PRO L 118 -46.15 15.69 -81.16
N LEU L 119 -47.37 15.20 -80.99
CA LEU L 119 -48.25 15.59 -79.90
C LEU L 119 -47.85 15.02 -78.54
N LYS L 120 -47.56 13.72 -78.43
CA LYS L 120 -47.03 13.10 -77.22
C LYS L 120 -45.68 13.72 -76.85
N GLU L 121 -44.81 13.94 -77.83
CA GLU L 121 -43.52 14.62 -77.59
C GLU L 121 -43.73 16.04 -77.03
N GLN L 122 -44.68 16.81 -77.56
CA GLN L 122 -45.04 18.11 -76.99
C GLN L 122 -45.52 17.96 -75.54
N GLU L 123 -46.49 17.10 -75.26
CA GLU L 123 -47.01 16.95 -73.89
C GLU L 123 -45.96 16.44 -72.89
N VAL L 124 -45.05 15.57 -73.31
CA VAL L 124 -43.91 15.15 -72.49
C VAL L 124 -42.96 16.33 -72.24
N ARG L 125 -42.64 17.13 -73.26
CA ARG L 125 -41.79 18.33 -73.08
C ARG L 125 -42.46 19.39 -72.20
N GLU L 126 -43.76 19.63 -72.35
CA GLU L 126 -44.53 20.50 -71.44
C GLU L 126 -44.42 20.02 -69.99
N HIS L 127 -44.60 18.71 -69.76
CA HIS L 127 -44.48 18.10 -68.43
C HIS L 127 -43.06 18.22 -67.87
N GLN L 128 -42.02 17.93 -68.64
CA GLN L 128 -40.62 18.10 -68.21
C GLN L 128 -40.28 19.58 -67.95
N MET L 129 -40.74 20.52 -68.79
CA MET L 129 -40.52 21.95 -68.56
C MET L 129 -41.23 22.45 -67.30
N LYS L 130 -42.40 21.90 -66.93
CA LYS L 130 -43.06 22.19 -65.64
C LYS L 130 -42.19 21.79 -64.44
N LYS L 131 -41.61 20.58 -64.47
CA LYS L 131 -40.63 20.11 -63.46
C LYS L 131 -39.38 21.00 -63.42
N GLU L 132 -38.86 21.36 -64.58
CA GLU L 132 -37.67 22.21 -64.73
C GLU L 132 -37.88 23.58 -64.11
N ARG L 133 -38.96 24.29 -64.45
CA ARG L 133 -39.29 25.61 -63.89
C ARG L 133 -39.40 25.56 -62.36
N PHE L 134 -40.08 24.55 -61.82
CA PHE L 134 -40.18 24.33 -60.39
C PHE L 134 -38.80 24.11 -59.72
N ASP L 135 -38.00 23.17 -60.20
CA ASP L 135 -36.74 22.81 -59.54
C ASP L 135 -35.67 23.92 -59.68
N ARG L 136 -35.68 24.66 -60.80
CA ARG L 136 -34.89 25.90 -60.96
C ARG L 136 -35.35 26.98 -59.98
N ALA L 137 -36.66 27.21 -59.83
CA ALA L 137 -37.17 28.19 -58.88
C ALA L 137 -36.77 27.84 -57.44
N LEU L 138 -36.85 26.55 -57.07
CA LEU L 138 -36.38 26.07 -55.77
C LEU L 138 -34.87 26.31 -55.57
N GLU L 139 -34.01 25.92 -56.51
CA GLU L 139 -32.57 26.17 -56.41
C GLU L 139 -32.23 27.68 -56.38
N SER L 140 -32.96 28.50 -57.13
CA SER L 140 -32.81 29.96 -57.12
C SER L 140 -33.17 30.58 -55.76
N LYS L 141 -34.29 30.13 -55.16
CA LYS L 141 -34.71 30.55 -53.82
C LYS L 141 -33.78 30.03 -52.72
N LEU L 142 -33.26 28.82 -52.87
CA LEU L 142 -32.31 28.17 -51.95
C LEU L 142 -30.88 28.71 -52.15
N LEU L 143 -30.68 29.99 -51.85
CA LEU L 143 -29.43 30.76 -51.95
C LEU L 143 -28.82 30.90 -53.37
N GLY L 144 -29.44 30.35 -54.41
CA GLY L 144 -29.00 30.49 -55.80
C GLY L 144 -27.63 29.86 -56.09
N LYS L 145 -27.28 28.79 -55.38
CA LYS L 145 -25.93 28.24 -55.14
C LYS L 145 -25.02 28.06 -56.38
N ARG L 146 -25.58 27.90 -57.57
CA ARG L 146 -24.90 27.85 -58.88
C ARG L 146 -24.31 29.24 -59.24
N HIS L 147 -23.24 29.62 -58.55
CA HIS L 147 -22.59 30.93 -58.63
C HIS L 147 -21.29 30.94 -59.47
N ILE L 148 -20.83 32.15 -59.75
CA ILE L 148 -19.46 32.45 -60.19
C ILE L 148 -18.76 33.32 -59.12
N THR L 149 -17.44 33.18 -58.97
CA THR L 149 -16.67 33.82 -57.89
C THR L 149 -15.26 34.26 -58.33
N TYR L 150 -14.62 35.12 -57.54
CA TYR L 150 -13.29 35.69 -57.81
C TYR L 150 -12.42 35.66 -56.54
N ALA L 151 -11.13 35.33 -56.67
CA ALA L 151 -10.19 35.12 -55.57
C ALA L 151 -9.70 36.42 -54.90
N ASN L 152 -9.44 36.37 -53.59
CA ASN L 152 -9.12 37.55 -52.77
C ASN L 152 -7.78 37.50 -52.01
N SER L 153 -6.95 36.46 -52.20
CA SER L 153 -5.69 36.25 -51.47
C SER L 153 -4.63 35.51 -52.32
N ASP L 154 -3.36 35.69 -51.99
CA ASP L 154 -2.17 35.12 -52.66
C ASP L 154 -1.22 34.43 -51.66
N ILE L 155 -0.49 33.41 -52.11
CA ILE L 155 0.48 32.67 -51.29
C ILE L 155 1.76 33.48 -50.99
N SER L 156 2.45 33.12 -49.91
CA SER L 156 3.78 33.64 -49.54
C SER L 156 4.58 32.63 -48.69
N ASN L 157 5.90 32.81 -48.59
CA ASN L 157 6.80 31.90 -47.88
C ASN L 157 7.75 32.67 -46.94
N LYS L 158 7.95 32.20 -45.71
CA LYS L 158 8.91 32.79 -44.75
C LYS L 158 10.36 32.70 -45.21
N GLU L 159 10.67 31.74 -46.08
CA GLU L 159 11.99 31.61 -46.70
C GLU L 159 12.33 32.73 -47.69
N LEU L 160 11.33 33.46 -48.19
CA LEU L 160 11.44 34.43 -49.29
C LEU L 160 10.62 35.70 -48.98
N TYR L 161 10.59 36.09 -47.70
CA TYR L 161 9.70 37.12 -47.16
C TYR L 161 10.00 38.54 -47.65
N ILE L 162 8.97 39.39 -47.71
CA ILE L 162 9.02 40.80 -48.15
C ILE L 162 8.20 41.70 -47.22
N ASN L 163 8.58 42.98 -47.12
CA ASN L 163 7.88 43.99 -46.31
C ASN L 163 8.00 45.41 -46.87
N GLU L 164 9.19 45.86 -47.30
CA GLU L 164 9.42 47.19 -47.89
C GLU L 164 10.58 47.20 -48.89
N ILE L 165 10.60 48.20 -49.78
CA ILE L 165 11.51 48.28 -50.95
C ILE L 165 12.43 49.51 -50.93
N LYS L 166 12.71 50.10 -49.76
CA LYS L 166 13.63 51.26 -49.62
C LYS L 166 15.03 50.99 -50.18
N SER L 167 15.39 49.72 -50.31
CA SER L 167 16.58 49.18 -51.01
C SER L 167 16.75 49.64 -52.46
N LEU L 168 15.75 50.28 -53.09
CA LEU L 168 15.92 51.03 -54.34
C LEU L 168 17.09 52.05 -54.27
N LYS L 169 17.43 52.54 -53.07
CA LYS L 169 18.63 53.36 -52.83
C LYS L 169 19.94 52.72 -53.29
N HIS L 170 20.05 51.39 -53.32
CA HIS L 170 21.24 50.72 -53.85
C HIS L 170 21.36 50.89 -55.38
N GLU L 171 20.28 50.75 -56.16
CA GLU L 171 20.32 51.09 -57.59
C GLU L 171 20.64 52.58 -57.81
N ILE L 172 20.10 53.48 -56.97
CA ILE L 172 20.45 54.91 -57.04
C ILE L 172 21.96 55.12 -56.85
N LYS L 173 22.55 54.56 -55.78
CA LYS L 173 24.00 54.69 -55.52
C LYS L 173 24.85 54.03 -56.60
N GLU L 174 24.45 52.85 -57.08
CA GLU L 174 25.12 52.16 -58.18
C GLU L 174 25.07 52.98 -59.48
N LEU L 175 23.91 53.52 -59.85
CA LEU L 175 23.77 54.39 -61.02
C LEU L 175 24.58 55.69 -60.87
N ARG L 176 24.57 56.33 -59.69
CA ARG L 176 25.37 57.54 -59.43
C ARG L 176 26.87 57.27 -59.57
N LYS L 177 27.39 56.19 -58.98
CA LYS L 177 28.79 55.77 -59.12
C LYS L 177 29.13 55.44 -60.59
N GLU L 178 28.30 54.64 -61.24
CA GLU L 178 28.49 54.24 -62.64
C GLU L 178 28.45 55.44 -63.60
N LYS L 179 27.55 56.39 -63.38
CA LYS L 179 27.50 57.70 -64.06
C LYS L 179 28.80 58.46 -63.85
N ASN L 180 29.28 58.62 -62.61
CA ASN L 180 30.51 59.34 -62.32
C ASN L 180 31.74 58.69 -62.98
N ASP L 181 31.85 57.36 -62.94
CA ASP L 181 32.89 56.63 -63.67
C ASP L 181 32.81 56.89 -65.18
N THR L 182 31.61 56.79 -65.75
CA THR L 182 31.37 57.06 -67.17
C THR L 182 31.70 58.50 -67.54
N LEU L 183 31.40 59.48 -66.68
CA LEU L 183 31.78 60.87 -66.85
C LEU L 183 33.29 61.09 -66.73
N ASN L 184 34.00 60.37 -65.87
CA ASN L 184 35.47 60.40 -65.86
C ASN L 184 36.05 59.88 -67.19
N ASN L 185 35.47 58.82 -67.78
CA ASN L 185 35.84 58.38 -69.11
C ASN L 185 35.53 59.47 -70.16
N TYR L 186 34.33 60.05 -70.13
CA TYR L 186 33.92 61.11 -71.04
C TYR L 186 34.84 62.34 -70.97
N ASP L 187 35.15 62.84 -69.77
CA ASP L 187 36.10 63.94 -69.57
C ASP L 187 37.50 63.58 -70.09
N THR L 188 37.97 62.36 -69.84
CA THR L 188 39.26 61.88 -70.36
C THR L 188 39.25 61.85 -71.89
N LEU L 189 38.15 61.43 -72.50
CA LEU L 189 38.00 61.42 -73.95
C LEU L 189 37.88 62.85 -74.52
N GLU L 190 37.29 63.80 -73.80
CA GLU L 190 37.34 65.21 -74.21
C GLU L 190 38.75 65.79 -74.09
N GLU L 191 39.54 65.43 -73.07
CA GLU L 191 40.95 65.82 -72.99
C GLU L 191 41.77 65.23 -74.15
N GLU L 192 41.52 63.97 -74.52
CA GLU L 192 42.10 63.36 -75.72
C GLU L 192 41.62 64.06 -77.01
N THR L 193 40.34 64.42 -77.08
CA THR L 193 39.77 65.21 -78.18
C THR L 193 40.48 66.56 -78.32
N ASP L 194 40.69 67.27 -77.20
CA ASP L 194 41.41 68.55 -77.18
C ASP L 194 42.88 68.40 -77.57
N ASP L 195 43.56 67.34 -77.12
CA ASP L 195 44.93 67.05 -77.54
C ASP L 195 45.03 66.83 -79.06
N LEU L 196 44.13 66.01 -79.62
CA LEU L 196 44.05 65.80 -81.07
C LEU L 196 43.77 67.11 -81.82
N LYS L 197 42.82 67.93 -81.34
CA LYS L 197 42.53 69.25 -81.94
C LYS L 197 43.74 70.19 -81.86
N ASN L 198 44.48 70.21 -80.76
CA ASN L 198 45.72 71.00 -80.66
C ASN L 198 46.79 70.51 -81.63
N ARG L 199 47.00 69.19 -81.75
CA ARG L 199 47.96 68.58 -82.69
C ARG L 199 47.57 68.83 -84.15
N LEU L 200 46.27 68.77 -84.48
CA LEU L 200 45.75 69.18 -85.79
C LEU L 200 46.00 70.66 -86.05
N GLN L 201 45.67 71.55 -85.12
CA GLN L 201 45.92 73.00 -85.26
C GLN L 201 47.41 73.35 -85.41
N ALA L 202 48.32 72.53 -84.90
CA ALA L 202 49.77 72.69 -85.09
C ALA L 202 50.27 72.23 -86.48
N LEU L 203 49.66 71.24 -87.09
CA LEU L 203 50.16 70.58 -88.31
C LEU L 203 49.31 70.82 -89.57
N GLU L 204 47.98 70.80 -89.46
CA GLU L 204 47.03 70.82 -90.58
C GLU L 204 47.01 72.16 -91.33
N LYS L 205 47.33 73.26 -90.63
CA LYS L 205 47.53 74.59 -91.20
C LYS L 205 48.84 74.73 -92.01
N GLU L 206 49.73 73.74 -91.96
CA GLU L 206 51.05 73.74 -92.61
C GLU L 206 51.42 72.34 -93.09
PG GTP M . -74.19 -21.38 -24.80
O1G GTP M . -74.71 -20.94 -23.47
O2G GTP M . -73.55 -22.74 -24.67
O3G GTP M . -73.18 -20.38 -25.32
O3B GTP M . -75.44 -21.45 -25.81
PB GTP M . -76.20 -20.12 -26.28
O1B GTP M . -77.38 -20.52 -27.14
O2B GTP M . -76.67 -19.29 -25.10
O3A GTP M . -75.11 -19.33 -27.15
PA GTP M . -74.74 -19.89 -28.61
O1A GTP M . -73.55 -19.12 -29.15
O2A GTP M . -74.50 -21.38 -28.59
O5' GTP M . -76.06 -19.53 -29.47
C5' GTP M . -76.66 -20.45 -30.34
C4' GTP M . -76.55 -19.92 -31.77
O4' GTP M . -75.29 -19.32 -31.94
C3' GTP M . -76.67 -21.04 -32.77
O3' GTP M . -77.95 -21.06 -33.37
C2' GTP M . -75.61 -20.74 -33.81
O2' GTP M . -76.19 -20.17 -34.96
C1' GTP M . -74.68 -19.73 -33.15
N9 GTP M . -73.39 -20.37 -32.82
C8 GTP M . -73.06 -20.94 -31.61
N7 GTP M . -71.79 -21.42 -31.70
C5 GTP M . -71.31 -21.15 -32.92
C6 GTP M . -70.08 -21.40 -33.52
O6 GTP M . -69.19 -21.98 -32.90
N1 GTP M . -69.86 -20.99 -34.82
C2 GTP M . -70.86 -20.35 -35.52
N2 GTP M . -70.65 -19.96 -36.77
N3 GTP M . -72.08 -20.10 -34.91
C4 GTP M . -72.31 -20.49 -33.64
PG GTP N . -51.32 -19.72 23.76
O1G GTP N . -51.05 -18.44 24.51
O2G GTP N . -50.04 -20.22 23.12
O3G GTP N . -51.83 -20.77 24.72
O3B GTP N . -52.42 -19.45 22.63
PB GTP N . -53.45 -18.21 22.72
O1B GTP N . -54.73 -18.57 22.00
O2B GTP N . -53.73 -17.84 24.17
O3A GTP N . -52.68 -17.02 21.98
PA GTP N . -52.36 -17.10 20.40
O1A GTP N . -51.04 -16.41 20.13
O2A GTP N . -52.33 -18.53 19.92
O5' GTP N . -53.54 -16.28 19.69
C5' GTP N . -54.66 -16.92 19.10
C4' GTP N . -54.99 -16.27 17.76
O4' GTP N . -53.79 -16.05 17.06
C3' GTP N . -55.87 -17.17 16.91
O3' GTP N . -57.15 -16.62 16.80
C2' GTP N . -55.19 -17.23 15.56
O2' GTP N . -55.93 -16.46 14.63
C1' GTP N . -53.83 -16.60 15.75
N9 GTP N . -52.76 -17.61 15.71
C8 GTP N . -52.48 -18.51 16.71
N7 GTP N . -51.43 -19.26 16.35
C5 GTP N . -51.01 -18.85 15.13
C6 GTP N . -49.98 -19.28 14.31
O6 GTP N . -49.24 -20.20 14.67
N1 GTP N . -49.79 -18.66 13.09
C2 GTP N . -50.61 -17.62 12.70
N2 GTP N . -50.41 -17.03 11.53
N3 GTP N . -51.64 -17.20 13.52
C4 GTP N . -51.84 -17.81 14.71
PG GTP O . -13.60 -33.43 59.02
O1G GTP O . -13.42 -33.38 60.52
O2G GTP O . -13.39 -34.84 58.54
O3G GTP O . -12.61 -32.50 58.35
O3B GTP O . -15.10 -32.95 58.69
PB GTP O . -15.54 -31.44 59.00
O1B GTP O . -17.05 -31.36 59.04
O2B GTP O . -14.94 -30.97 60.31
O3A GTP O . -14.97 -30.58 57.76
PA GTP O . -15.80 -30.46 56.39
O1A GTP O . -14.87 -30.12 55.26
O2A GTP O . -16.55 -31.74 56.10
O5' GTP O . -16.82 -29.24 56.65
C5' GTP O . -18.22 -29.44 56.57
C4' GTP O . -18.77 -28.62 55.41
O4' GTP O . -17.75 -28.37 54.48
C3' GTP O . -19.87 -29.38 54.67
O3' GTP O . -21.14 -28.92 55.07
C2' GTP O . -19.62 -29.05 53.22
O2' GTP O . -20.56 -28.11 52.76
C1' GTP O . -18.22 -28.49 53.15
N9 GTP O . -17.34 -29.44 52.44
C8 GTP O . -16.89 -30.63 52.94
N7 GTP O . -16.12 -31.22 52.01
C5 GTP O . -16.04 -30.42 50.93
C6 GTP O . -15.38 -30.54 49.72
O6 GTP O . -14.70 -31.54 49.49
N1 GTP O . -15.48 -29.54 48.78
C2 GTP O . -16.25 -28.42 49.05
N2 GTP O . -16.35 -27.46 48.15
N3 GTP O . -16.91 -28.31 50.26
C4 GTP O . -16.80 -29.29 51.19
PG GTP P . 28.43 -61.82 74.70
O1G GTP P . 29.18 -62.27 75.93
O2G GTP P . 29.38 -61.43 73.60
O3G GTP P . 27.56 -62.95 74.20
O3B GTP P . 27.49 -60.56 75.08
PB GTP P . 28.00 -59.34 76.00
O1B GTP P . 26.81 -58.66 76.62
O2B GTP P . 28.96 -59.80 77.06
O3A GTP P . 28.73 -58.36 74.95
PA GTP P . 27.91 -57.65 73.76
O1A GTP P . 28.88 -57.09 72.75
O2A GTP P . 26.94 -58.62 73.11
O5' GTP P . 27.13 -56.44 74.48
C5' GTP P . 25.72 -56.43 74.61
C4' GTP P . 25.16 -55.15 74.00
O4' GTP P . 25.54 -55.06 72.64
C3' GTP P . 23.65 -55.14 74.03
O3' GTP P . 23.19 -54.32 75.08
C2' GTP P . 23.23 -54.55 72.70
O2' GTP P . 22.82 -53.21 72.88
C1' GTP P . 24.48 -54.61 71.83
N9 GTP P . 24.29 -55.60 70.75
C8 GTP P . 24.00 -56.93 70.95
N7 GTP P . 23.93 -57.53 69.74
C5 GTP P . 24.16 -56.61 68.78
C6 GTP P . 24.19 -56.71 67.41
O6 GTP P . 23.98 -57.79 66.85
N1 GTP P . 24.46 -55.58 66.66
C2 GTP P . 24.69 -54.38 67.28
N2 GTP P . 24.95 -53.31 66.54
N3 GTP P . 24.65 -54.29 68.66
C4 GTP P . 24.39 -55.39 69.40
#